data_8C7E
#
_entry.id   8C7E
#
_cell.length_a   90.121
_cell.length_b   90.121
_cell.length_c   736.358
_cell.angle_alpha   90.00
_cell.angle_beta   90.00
_cell.angle_gamma   120.00
#
_symmetry.space_group_name_H-M   'P 65'
#
loop_
_entity.id
_entity.type
_entity.pdbx_description
1 polymer 'Cyanate hydratase'
2 non-polymer 'CHLORIDE ION'
3 water water
#
_entity_poly.entity_id   1
_entity_poly.type   'polypeptide(L)'
_entity_poly.pdbx_seq_one_letter_code
;THSLHNAAPREALTDTIMAAKIRHNLTFEALAQGTGLSLAFVTAALLGQHALPEPAARTVAAKLGLDEEAVLLLQTIPLR
GSIPGGVPTDPTIYRFYEMLQVYGSTLKALVHEQFGDGIISAINFKLDIKKVADPDGGERAVITLDGKYLPTKPF
;
_entity_poly.pdbx_strand_id   A,B,C,D,E,F,G,H,I,J,K,L,M,N,O,P,Q,R,S,T
#
loop_
_chem_comp.id
_chem_comp.type
_chem_comp.name
_chem_comp.formula
CL non-polymer 'CHLORIDE ION' 'Cl -1'
#
# COMPACT_ATOMS: atom_id res chain seq x y z
N THR A 1 -6.64 -4.51 29.54
CA THR A 1 -6.48 -3.58 28.42
C THR A 1 -5.61 -4.26 27.35
N HIS A 2 -5.70 -3.82 26.10
CA HIS A 2 -4.96 -4.44 25.02
C HIS A 2 -3.48 -4.05 25.07
N SER A 3 -2.62 -5.05 24.87
CA SER A 3 -1.18 -4.87 24.86
C SER A 3 -0.62 -5.22 23.49
N LEU A 4 0.52 -4.63 23.15
CA LEU A 4 1.23 -4.91 21.91
C LEU A 4 2.41 -5.84 22.20
N HIS A 5 2.66 -6.76 21.28
CA HIS A 5 3.72 -7.75 21.47
C HIS A 5 5.09 -7.30 20.97
N ASN A 6 5.14 -6.39 19.99
CA ASN A 6 6.42 -5.90 19.47
C ASN A 6 6.40 -4.38 19.49
N ALA A 7 7.56 -3.79 19.19
CA ALA A 7 7.70 -2.34 19.21
C ALA A 7 7.50 -1.69 17.84
N ALA A 8 7.55 -2.48 16.77
CA ALA A 8 7.41 -1.93 15.42
C ALA A 8 6.16 -1.08 15.23
N PRO A 9 4.97 -1.49 15.69
CA PRO A 9 3.80 -0.62 15.49
C PRO A 9 3.92 0.73 16.17
N ARG A 10 4.49 0.77 17.38
CA ARG A 10 4.61 2.05 18.08
C ARG A 10 5.79 2.89 17.57
N GLU A 11 6.80 2.25 16.98
CA GLU A 11 7.88 3.02 16.38
C GLU A 11 7.39 3.75 15.14
N ALA A 12 6.50 3.12 14.37
CA ALA A 12 5.91 3.77 13.20
C ALA A 12 4.98 4.90 13.64
N LEU A 13 4.20 4.69 14.70
CA LEU A 13 3.33 5.74 15.21
C LEU A 13 4.15 6.93 15.69
N THR A 14 5.27 6.68 16.37
CA THR A 14 6.12 7.77 16.83
C THR A 14 6.69 8.56 15.65
N ASP A 15 7.02 7.86 14.56
CA ASP A 15 7.52 8.55 13.38
C ASP A 15 6.46 9.44 12.75
N THR A 16 5.20 9.01 12.78
CA THR A 16 4.12 9.85 12.28
C THR A 16 3.82 11.00 13.24
N ILE A 17 3.83 10.71 14.55
CA ILE A 17 3.56 11.75 15.54
C ILE A 17 4.61 12.84 15.47
N MET A 18 5.88 12.45 15.36
CA MET A 18 6.95 13.45 15.29
C MET A 18 6.87 14.24 13.98
N ALA A 19 6.59 13.56 12.87
CA ALA A 19 6.45 14.26 11.59
C ALA A 19 5.31 15.29 11.65
N ALA A 20 4.17 14.90 12.19
CA ALA A 20 3.06 15.83 12.34
C ALA A 20 3.42 16.97 13.27
N LYS A 21 4.19 16.67 14.33
CA LYS A 21 4.59 17.69 15.29
C LYS A 21 5.45 18.76 14.62
N ILE A 22 6.34 18.36 13.71
CA ILE A 22 7.22 19.32 13.06
C ILE A 22 6.40 20.21 12.13
N ARG A 23 5.46 19.60 11.41
CA ARG A 23 4.70 20.30 10.39
C ARG A 23 3.69 21.28 10.98
N HIS A 24 3.13 20.96 12.14
CA HIS A 24 2.22 21.87 12.83
C HIS A 24 2.95 22.82 13.76
N ASN A 25 4.27 22.70 13.87
CA ASN A 25 5.06 23.53 14.77
C ASN A 25 4.45 23.55 16.18
N LEU A 26 4.20 22.37 16.71
CA LEU A 26 3.65 22.20 18.04
C LEU A 26 4.72 21.74 19.02
N THR A 27 4.49 22.02 20.29
CA THR A 27 5.36 21.59 21.36
C THR A 27 4.73 20.43 22.12
N PHE A 28 5.57 19.71 22.86
CA PHE A 28 5.04 18.67 23.75
C PHE A 28 4.19 19.29 24.85
N GLU A 29 4.48 20.54 25.21
CA GLU A 29 3.64 21.26 26.16
C GLU A 29 2.26 21.54 25.57
N ALA A 30 2.20 21.91 24.29
CA ALA A 30 0.91 22.16 23.66
C ALA A 30 0.11 20.88 23.48
N LEU A 31 0.79 19.78 23.14
CA LEU A 31 0.07 18.53 22.91
C LEU A 31 -0.46 17.97 24.23
N ALA A 32 0.28 18.13 25.31
CA ALA A 32 -0.14 17.60 26.60
C ALA A 32 -1.09 18.54 27.35
N GLN A 33 -1.25 19.76 26.86
CA GLN A 33 -2.08 20.73 27.58
C GLN A 33 -3.56 20.37 27.45
N GLY A 34 -4.28 20.49 28.56
CA GLY A 34 -5.68 20.14 28.60
C GLY A 34 -5.99 18.66 28.63
N THR A 35 -5.00 17.81 28.92
CA THR A 35 -5.22 16.38 29.06
C THR A 35 -5.31 15.92 30.51
N GLY A 36 -4.87 16.73 31.46
CA GLY A 36 -4.85 16.32 32.86
C GLY A 36 -3.64 15.50 33.27
N LEU A 37 -2.76 15.15 32.34
CA LEU A 37 -1.59 14.35 32.64
C LEU A 37 -0.33 15.22 32.62
N SER A 38 0.73 14.68 33.23
CA SER A 38 1.99 15.40 33.33
C SER A 38 2.72 15.39 31.98
N LEU A 39 3.58 16.39 31.80
CA LEU A 39 4.33 16.51 30.55
C LEU A 39 5.16 15.27 30.29
N ALA A 40 5.85 14.76 31.32
CA ALA A 40 6.71 13.60 31.13
C ALA A 40 5.90 12.37 30.70
N PHE A 41 4.69 12.22 31.24
CA PHE A 41 3.89 11.05 30.89
C PHE A 41 3.39 11.12 29.45
N VAL A 42 2.79 12.26 29.07
CA VAL A 42 2.23 12.35 27.72
C VAL A 42 3.33 12.27 26.68
N THR A 43 4.46 12.95 26.92
CA THR A 43 5.57 12.89 25.99
C THR A 43 6.09 11.46 25.85
N ALA A 44 6.23 10.76 26.98
CA ALA A 44 6.66 9.37 26.94
C ALA A 44 5.65 8.51 26.18
N ALA A 45 4.36 8.75 26.39
CA ALA A 45 3.33 7.97 25.69
C ALA A 45 3.39 8.21 24.19
N LEU A 46 3.59 9.47 23.78
CA LEU A 46 3.72 9.77 22.35
C LEU A 46 4.95 9.11 21.74
N LEU A 47 6.02 8.97 22.50
CA LEU A 47 7.21 8.27 22.04
C LEU A 47 7.10 6.75 22.22
N GLY A 48 5.89 6.24 22.44
CA GLY A 48 5.67 4.80 22.44
C GLY A 48 6.04 4.09 23.72
N GLN A 49 6.10 4.79 24.85
CA GLN A 49 6.51 4.18 26.11
C GLN A 49 5.40 4.09 27.14
N HIS A 50 4.21 4.58 26.82
CA HIS A 50 3.08 4.54 27.75
C HIS A 50 1.77 4.49 26.96
N ALA A 51 0.72 4.06 27.64
CA ALA A 51 -0.62 4.02 27.05
C ALA A 51 -1.40 5.27 27.49
N LEU A 52 -2.03 5.93 26.53
CA LEU A 52 -2.83 7.10 26.88
C LEU A 52 -4.28 6.70 27.10
N PRO A 53 -4.95 7.22 28.12
CA PRO A 53 -6.41 7.09 28.20
C PRO A 53 -7.05 7.79 27.01
N GLU A 54 -8.21 7.26 26.58
CA GLU A 54 -8.84 7.75 25.36
C GLU A 54 -9.13 9.25 25.36
N PRO A 55 -9.58 9.87 26.46
CA PRO A 55 -9.74 11.34 26.42
C PRO A 55 -8.43 12.06 26.09
N ALA A 56 -7.33 11.64 26.70
CA ALA A 56 -6.04 12.23 26.36
C ALA A 56 -5.61 11.84 24.95
N ALA A 57 -5.87 10.60 24.55
CA ALA A 57 -5.46 10.14 23.22
C ALA A 57 -6.18 10.91 22.11
N ARG A 58 -7.45 11.27 22.32
CA ARG A 58 -8.17 11.99 21.27
C ARG A 58 -7.79 13.46 21.21
N THR A 59 -7.49 14.09 22.35
CA THR A 59 -7.10 15.50 22.30
C THR A 59 -5.77 15.67 21.58
N VAL A 60 -4.82 14.76 21.81
CA VAL A 60 -3.51 14.90 21.17
C VAL A 60 -3.59 14.52 19.69
N ALA A 61 -4.41 13.51 19.36
CA ALA A 61 -4.55 13.10 17.97
C ALA A 61 -5.28 14.16 17.14
N ALA A 62 -6.19 14.91 17.76
CA ALA A 62 -6.86 15.98 17.05
C ALA A 62 -5.90 17.12 16.74
N LYS A 63 -4.99 17.43 17.67
CA LYS A 63 -4.05 18.52 17.47
C LYS A 63 -3.10 18.23 16.32
N LEU A 64 -2.71 16.96 16.16
CA LEU A 64 -1.80 16.55 15.09
C LEU A 64 -2.53 16.02 13.86
N GLY A 65 -3.83 15.79 13.93
CA GLY A 65 -4.54 15.24 12.80
C GLY A 65 -4.10 13.83 12.47
N LEU A 66 -4.13 12.95 13.47
CA LEU A 66 -3.66 11.58 13.30
C LEU A 66 -4.83 10.68 12.92
N ASP A 67 -4.52 9.58 12.25
CA ASP A 67 -5.58 8.69 11.80
C ASP A 67 -6.22 7.98 12.99
N GLU A 68 -7.24 7.19 12.69
CA GLU A 68 -7.96 6.51 13.75
C GLU A 68 -7.27 5.22 14.20
N GLU A 69 -6.31 4.70 13.42
CA GLU A 69 -5.46 3.64 13.94
C GLU A 69 -4.50 4.18 14.99
N ALA A 70 -4.18 5.48 14.93
CA ALA A 70 -3.23 6.06 15.88
C ALA A 70 -3.86 6.25 17.25
N VAL A 71 -5.14 6.64 17.29
CA VAL A 71 -5.79 6.83 18.58
C VAL A 71 -5.93 5.50 19.32
N LEU A 72 -6.21 4.42 18.60
CA LEU A 72 -6.25 3.11 19.24
C LEU A 72 -4.86 2.64 19.62
N LEU A 73 -3.87 2.89 18.74
CA LEU A 73 -2.51 2.47 19.03
C LEU A 73 -1.92 3.26 20.19
N LEU A 74 -2.34 4.51 20.36
CA LEU A 74 -1.89 5.32 21.49
C LEU A 74 -2.48 4.84 22.82
N GLN A 75 -3.55 4.06 22.79
CA GLN A 75 -4.18 3.58 24.01
C GLN A 75 -3.72 2.19 24.43
N THR A 76 -2.94 1.51 23.60
CA THR A 76 -2.48 0.16 23.88
C THR A 76 -1.20 0.19 24.71
N ILE A 77 -1.05 -0.82 25.56
CA ILE A 77 0.17 -0.99 26.36
C ILE A 77 1.32 -1.38 25.44
N PRO A 78 2.40 -0.61 25.38
CA PRO A 78 3.47 -0.90 24.44
C PRO A 78 4.52 -1.84 25.01
N LEU A 79 5.44 -2.26 24.13
CA LEU A 79 6.64 -2.97 24.55
C LEU A 79 7.73 -1.93 24.79
N ARG A 80 7.99 -1.65 26.08
CA ARG A 80 8.77 -0.50 26.46
C ARG A 80 10.26 -0.70 26.20
N GLY A 81 10.97 0.42 26.08
CA GLY A 81 12.37 0.43 25.71
C GLY A 81 12.65 1.50 24.67
N SER A 82 13.22 2.62 25.09
CA SER A 82 13.41 3.77 24.21
C SER A 82 14.84 3.90 23.69
N ILE A 83 15.81 3.24 24.33
CA ILE A 83 17.18 3.32 23.88
C ILE A 83 17.53 2.02 23.14
N PRO A 84 17.60 2.03 21.81
CA PRO A 84 17.96 0.81 21.07
C PRO A 84 19.40 0.39 21.40
N GLY A 85 19.54 -0.84 21.89
CA GLY A 85 20.84 -1.32 22.29
C GLY A 85 21.19 -1.09 23.75
N GLY A 86 20.35 -0.42 24.50
CA GLY A 86 20.57 -0.20 25.92
C GLY A 86 21.49 0.96 26.26
N VAL A 87 22.55 1.15 25.50
CA VAL A 87 23.52 2.22 25.75
C VAL A 87 23.41 3.24 24.62
N PRO A 88 23.15 4.51 24.92
CA PRO A 88 23.02 5.50 23.87
C PRO A 88 24.36 6.08 23.44
N THR A 89 24.37 6.65 22.24
CA THR A 89 25.50 7.40 21.71
C THR A 89 25.23 8.90 21.64
N ASP A 90 23.97 9.28 21.49
CA ASP A 90 23.61 10.69 21.46
C ASP A 90 24.04 11.38 22.74
N PRO A 91 24.75 12.51 22.66
CA PRO A 91 25.26 13.15 23.89
C PRO A 91 24.16 13.51 24.89
N THR A 92 23.02 14.01 24.42
CA THR A 92 21.96 14.43 25.33
C THR A 92 21.47 13.27 26.18
N ILE A 93 21.28 12.10 25.56
CA ILE A 93 20.83 10.93 26.31
C ILE A 93 21.97 10.34 27.13
N TYR A 94 23.20 10.35 26.59
CA TYR A 94 24.32 9.70 27.26
C TYR A 94 24.61 10.31 28.61
N ARG A 95 24.46 11.64 28.74
CA ARG A 95 24.76 12.30 30.01
C ARG A 95 23.98 11.68 31.15
N PHE A 96 22.73 11.30 30.90
CA PHE A 96 21.94 10.60 31.90
C PHE A 96 22.45 9.19 32.14
N TYR A 97 22.96 8.54 31.09
CA TYR A 97 23.62 7.25 31.27
C TYR A 97 24.89 7.40 32.10
N GLU A 98 25.64 8.48 31.85
CA GLU A 98 26.87 8.72 32.60
C GLU A 98 26.61 9.00 34.06
N MET A 99 25.54 9.74 34.36
CA MET A 99 25.15 9.94 35.77
C MET A 99 24.98 8.61 36.47
N LEU A 100 24.35 7.65 35.79
CA LEU A 100 24.19 6.32 36.35
C LEU A 100 25.53 5.61 36.52
N GLN A 101 26.48 5.86 35.62
CA GLN A 101 27.76 5.16 35.69
C GLN A 101 28.54 5.56 36.92
N VAL A 102 28.51 6.84 37.29
CA VAL A 102 29.27 7.30 38.44
C VAL A 102 28.48 7.11 39.74
N TYR A 103 27.19 7.38 39.76
CA TYR A 103 26.45 7.35 41.02
C TYR A 103 25.58 6.10 41.16
N GLY A 104 25.81 5.07 40.34
CA GLY A 104 25.09 3.83 40.52
C GLY A 104 25.37 3.19 41.86
N SER A 105 26.66 3.04 42.18
CA SER A 105 27.03 2.50 43.49
C SER A 105 26.50 3.37 44.62
N THR A 106 26.52 4.69 44.44
CA THR A 106 26.07 5.60 45.48
C THR A 106 24.56 5.47 45.71
N LEU A 107 23.79 5.33 44.64
CA LEU A 107 22.35 5.17 44.79
C LEU A 107 22.00 3.89 45.53
N LYS A 108 22.65 2.78 45.17
CA LYS A 108 22.40 1.52 45.88
C LYS A 108 22.81 1.62 47.34
N ALA A 109 23.99 2.18 47.60
CA ALA A 109 24.47 2.30 48.98
C ALA A 109 23.52 3.13 49.83
N LEU A 110 23.10 4.29 49.33
CA LEU A 110 22.27 5.18 50.13
C LEU A 110 20.83 4.70 50.26
N VAL A 111 20.31 3.97 49.26
CA VAL A 111 18.97 3.42 49.39
C VAL A 111 18.93 2.37 50.49
N HIS A 112 19.93 1.49 50.54
CA HIS A 112 19.98 0.48 51.60
C HIS A 112 20.23 1.09 52.97
N GLU A 113 20.83 2.28 53.02
CA GLU A 113 21.08 2.95 54.29
C GLU A 113 19.84 3.70 54.77
N GLN A 114 19.23 4.49 53.87
CA GLN A 114 18.10 5.32 54.25
C GLN A 114 16.78 4.55 54.26
N PHE A 115 16.64 3.53 53.43
CA PHE A 115 15.40 2.77 53.32
C PHE A 115 15.53 1.34 53.81
N GLY A 116 16.56 0.62 53.37
CA GLY A 116 16.79 -0.75 53.72
C GLY A 116 16.94 -1.61 52.49
N ASP A 117 16.95 -2.92 52.70
CA ASP A 117 17.09 -3.86 51.59
C ASP A 117 15.84 -3.78 50.71
N GLY A 118 16.06 -3.60 49.42
CA GLY A 118 14.97 -3.48 48.48
C GLY A 118 15.37 -2.62 47.30
N ILE A 119 14.35 -2.03 46.68
CA ILE A 119 14.54 -1.22 45.48
C ILE A 119 13.71 0.05 45.61
N ILE A 120 14.04 1.01 44.77
CA ILE A 120 13.19 2.17 44.51
C ILE A 120 12.49 1.92 43.19
N SER A 121 11.17 1.83 43.21
CA SER A 121 10.44 1.30 42.07
C SER A 121 10.55 2.21 40.86
N ALA A 122 10.57 1.60 39.68
CA ALA A 122 10.47 2.30 38.42
C ALA A 122 9.08 2.19 37.79
N ILE A 123 8.17 1.49 38.45
CA ILE A 123 6.78 1.39 37.99
C ILE A 123 5.86 2.29 38.80
N ASN A 124 5.98 2.24 40.12
CA ASN A 124 5.32 3.22 41.00
C ASN A 124 6.20 4.46 41.04
N PHE A 125 6.18 5.20 39.94
CA PHE A 125 7.23 6.16 39.65
C PHE A 125 6.66 7.37 38.94
N LYS A 126 7.17 8.56 39.29
CA LYS A 126 6.79 9.82 38.68
C LYS A 126 8.06 10.55 38.25
N LEU A 127 8.02 11.18 37.07
CA LEU A 127 9.15 11.91 36.52
C LEU A 127 8.75 13.33 36.16
N ASP A 128 9.63 14.28 36.46
CA ASP A 128 9.37 15.68 36.16
C ASP A 128 10.69 16.38 35.87
N ILE A 129 10.70 17.21 34.82
CA ILE A 129 11.86 18.04 34.48
C ILE A 129 11.45 19.50 34.59
N LYS A 130 12.26 20.28 35.29
CA LYS A 130 11.98 21.69 35.58
C LYS A 130 13.19 22.54 35.23
N LYS A 131 12.94 23.69 34.61
CA LYS A 131 14.00 24.61 34.21
C LYS A 131 14.19 25.68 35.29
N VAL A 132 15.41 25.78 35.81
CA VAL A 132 15.75 26.76 36.84
C VAL A 132 17.03 27.50 36.42
N ALA A 133 17.22 28.67 37.01
CA ALA A 133 18.34 29.54 36.70
C ALA A 133 19.57 29.17 37.51
N ASP A 134 20.72 29.24 36.87
CA ASP A 134 22.02 29.03 37.48
C ASP A 134 22.53 30.34 38.08
N PRO A 135 22.94 30.36 39.36
CA PRO A 135 23.37 31.63 39.96
C PRO A 135 24.52 32.32 39.23
N ASP A 136 25.37 31.56 38.52
CA ASP A 136 26.46 32.13 37.73
C ASP A 136 26.03 32.51 36.32
N GLY A 137 24.73 32.71 36.10
CA GLY A 137 24.21 32.95 34.76
C GLY A 137 24.01 31.65 34.00
N GLY A 138 22.92 31.55 33.25
CA GLY A 138 22.60 30.34 32.51
C GLY A 138 21.46 29.57 33.17
N GLU A 139 21.20 28.38 32.63
CA GLU A 139 20.07 27.57 33.04
C GLU A 139 20.52 26.21 33.56
N ARG A 140 19.61 25.58 34.32
CA ARG A 140 19.84 24.25 34.88
C ARG A 140 18.55 23.45 34.75
N ALA A 141 18.71 22.12 34.66
CA ALA A 141 17.59 21.20 34.66
C ALA A 141 17.51 20.51 36.01
N VAL A 142 16.31 20.44 36.56
CA VAL A 142 16.06 19.77 37.84
C VAL A 142 15.14 18.59 37.54
N ILE A 143 15.73 17.44 37.24
CA ILE A 143 14.98 16.22 36.98
C ILE A 143 14.70 15.53 38.30
N THR A 144 13.44 15.17 38.52
CA THR A 144 13.00 14.59 39.79
C THR A 144 12.52 13.16 39.56
N LEU A 145 13.08 12.22 40.33
CA LEU A 145 12.68 10.83 40.29
C LEU A 145 11.98 10.49 41.60
N ASP A 146 10.70 10.15 41.51
CA ASP A 146 9.87 9.87 42.69
C ASP A 146 9.38 8.43 42.59
N GLY A 147 10.04 7.53 43.31
CA GLY A 147 9.70 6.12 43.27
C GLY A 147 9.36 5.56 44.64
N LYS A 148 8.41 4.63 44.66
CA LYS A 148 8.02 3.97 45.90
C LYS A 148 9.11 3.00 46.34
N TYR A 149 9.35 2.92 47.65
CA TYR A 149 10.30 1.96 48.20
C TYR A 149 9.63 0.62 48.41
N LEU A 150 10.13 -0.41 47.73
CA LEU A 150 9.67 -1.79 47.91
C LEU A 150 10.72 -2.58 48.67
N PRO A 151 10.44 -3.06 49.87
CA PRO A 151 11.44 -3.79 50.63
C PRO A 151 11.53 -5.25 50.21
N THR A 152 12.74 -5.80 50.34
CA THR A 152 13.02 -7.23 50.21
C THR A 152 12.98 -7.84 51.60
N LYS A 153 11.92 -8.57 51.88
CA LYS A 153 11.69 -9.21 53.14
C LYS A 153 11.86 -10.71 53.02
N PRO A 154 12.41 -11.37 54.04
CA PRO A 154 12.57 -12.83 53.98
C PRO A 154 11.21 -13.51 53.88
N PHE A 155 11.18 -14.66 53.21
CA PHE A 155 9.95 -15.43 53.13
C PHE A 155 10.19 -16.89 53.53
N THR B 1 13.38 24.29 19.76
CA THR B 1 13.38 23.85 18.37
C THR B 1 13.08 22.36 18.31
N HIS B 2 12.69 21.88 17.14
CA HIS B 2 12.22 20.51 17.00
C HIS B 2 13.38 19.51 17.06
N SER B 3 13.15 18.41 17.78
CA SER B 3 14.13 17.34 17.93
C SER B 3 13.59 16.05 17.34
N LEU B 4 14.49 15.19 16.89
CA LEU B 4 14.12 13.88 16.37
C LEU B 4 14.45 12.80 17.39
N HIS B 5 13.59 11.79 17.48
CA HIS B 5 13.77 10.71 18.44
C HIS B 5 14.62 9.57 17.90
N ASN B 6 14.66 9.41 16.59
CA ASN B 6 15.47 8.38 15.94
C ASN B 6 16.33 9.01 14.86
N ALA B 7 17.26 8.23 14.33
CA ALA B 7 18.16 8.71 13.30
C ALA B 7 17.69 8.39 11.88
N ALA B 8 16.75 7.46 11.73
CA ALA B 8 16.27 7.06 10.41
C ALA B 8 15.80 8.23 9.55
N PRO B 9 15.02 9.21 10.04
CA PRO B 9 14.61 10.31 9.16
C PRO B 9 15.76 11.11 8.58
N ARG B 10 16.81 11.36 9.38
CA ARG B 10 17.97 12.11 8.88
C ARG B 10 18.92 11.25 8.06
N GLU B 11 18.89 9.93 8.24
CA GLU B 11 19.74 9.07 7.42
C GLU B 11 19.28 9.06 5.96
N ALA B 12 17.97 9.13 5.75
CA ALA B 12 17.46 9.21 4.37
C ALA B 12 17.82 10.54 3.73
N LEU B 13 17.71 11.63 4.49
CA LEU B 13 18.10 12.94 3.96
C LEU B 13 19.58 12.98 3.61
N THR B 14 20.42 12.36 4.44
CA THR B 14 21.85 12.32 4.14
C THR B 14 22.12 11.54 2.87
N ASP B 15 21.36 10.47 2.63
CA ASP B 15 21.53 9.71 1.39
C ASP B 15 21.10 10.52 0.17
N THR B 16 20.07 11.35 0.31
CA THR B 16 19.65 12.22 -0.79
C THR B 16 20.63 13.36 -0.99
N ILE B 17 21.13 13.94 0.10
CA ILE B 17 22.09 15.04 0.00
C ILE B 17 23.36 14.57 -0.69
N MET B 18 23.84 13.38 -0.35
CA MET B 18 25.06 12.87 -0.97
C MET B 18 24.85 12.56 -2.44
N ALA B 19 23.69 12.01 -2.80
CA ALA B 19 23.41 11.75 -4.21
C ALA B 19 23.42 13.05 -5.01
N ALA B 20 22.76 14.08 -4.49
CA ALA B 20 22.77 15.37 -5.17
C ALA B 20 24.17 15.96 -5.24
N LYS B 21 24.96 15.77 -4.18
CA LYS B 21 26.33 16.29 -4.17
C LYS B 21 27.18 15.64 -5.26
N ILE B 22 27.02 14.33 -5.46
CA ILE B 22 27.79 13.63 -6.47
C ILE B 22 27.32 13.99 -7.87
N ARG B 23 26.00 14.11 -8.05
CA ARG B 23 25.42 14.35 -9.37
C ARG B 23 25.73 15.74 -9.89
N HIS B 24 25.78 16.73 -9.00
CA HIS B 24 26.13 18.10 -9.36
C HIS B 24 27.62 18.39 -9.24
N ASN B 25 28.43 17.40 -8.85
CA ASN B 25 29.87 17.58 -8.64
C ASN B 25 30.16 18.78 -7.73
N LEU B 26 29.54 18.76 -6.56
CA LEU B 26 29.74 19.79 -5.56
C LEU B 26 30.66 19.30 -4.44
N THR B 27 31.32 20.25 -3.79
CA THR B 27 32.18 19.97 -2.65
C THR B 27 31.52 20.43 -1.37
N PHE B 28 32.02 19.89 -0.25
CA PHE B 28 31.60 20.39 1.05
C PHE B 28 32.08 21.83 1.25
N GLU B 29 33.19 22.18 0.62
CA GLU B 29 33.67 23.55 0.68
C GLU B 29 32.72 24.51 -0.06
N ALA B 30 32.15 24.07 -1.19
CA ALA B 30 31.17 24.88 -1.90
C ALA B 30 29.84 24.96 -1.14
N LEU B 31 29.42 23.87 -0.51
CA LEU B 31 28.14 23.89 0.21
C LEU B 31 28.20 24.77 1.45
N ALA B 32 29.35 24.85 2.13
CA ALA B 32 29.46 25.59 3.38
C ALA B 32 29.68 27.09 3.19
N GLN B 33 29.92 27.57 1.97
CA GLN B 33 30.19 28.99 1.76
C GLN B 33 28.92 29.81 1.97
N GLY B 34 29.08 30.98 2.56
CA GLY B 34 27.97 31.88 2.78
C GLY B 34 27.02 31.51 3.89
N THR B 35 27.38 30.55 4.73
CA THR B 35 26.57 30.26 5.90
C THR B 35 27.16 30.87 7.16
N GLY B 36 28.42 31.29 7.12
CA GLY B 36 29.09 31.83 8.29
C GLY B 36 29.66 30.77 9.20
N LEU B 37 29.43 29.50 8.91
CA LEU B 37 29.85 28.41 9.77
C LEU B 37 31.09 27.73 9.20
N SER B 38 31.76 26.97 10.07
CA SER B 38 32.97 26.29 9.69
C SER B 38 32.67 25.08 8.82
N LEU B 39 33.68 24.67 8.05
CA LEU B 39 33.52 23.53 7.15
C LEU B 39 33.08 22.29 7.91
N ALA B 40 33.71 22.04 9.08
CA ALA B 40 33.39 20.84 9.84
C ALA B 40 31.96 20.84 10.35
N PHE B 41 31.43 22.01 10.72
CA PHE B 41 30.08 22.07 11.26
C PHE B 41 29.03 21.75 10.20
N VAL B 42 29.09 22.45 9.06
CA VAL B 42 28.08 22.25 8.02
C VAL B 42 28.15 20.84 7.46
N THR B 43 29.37 20.34 7.25
CA THR B 43 29.53 18.97 6.75
C THR B 43 28.92 17.97 7.72
N ALA B 44 29.15 18.16 9.02
CA ALA B 44 28.53 17.29 10.01
C ALA B 44 27.01 17.39 9.95
N ALA B 45 26.50 18.61 9.77
CA ALA B 45 25.05 18.80 9.70
C ALA B 45 24.45 18.08 8.50
N LEU B 46 25.12 18.14 7.35
CA LEU B 46 24.63 17.42 6.18
C LEU B 46 24.66 15.92 6.41
N LEU B 47 25.64 15.43 7.17
CA LEU B 47 25.73 14.03 7.54
C LEU B 47 24.88 13.69 8.76
N GLY B 48 23.94 14.57 9.12
CA GLY B 48 22.96 14.25 10.14
C GLY B 48 23.41 14.38 11.58
N GLN B 49 24.44 15.18 11.86
CA GLN B 49 24.97 15.29 13.21
C GLN B 49 24.73 16.65 13.86
N HIS B 50 24.14 17.60 13.14
CA HIS B 50 23.91 18.93 13.71
C HIS B 50 22.68 19.54 13.08
N ALA B 51 22.14 20.55 13.75
CA ALA B 51 21.00 21.31 13.24
C ALA B 51 21.54 22.58 12.59
N LEU B 52 21.07 22.86 11.39
CA LEU B 52 21.50 24.06 10.71
C LEU B 52 20.58 25.22 11.05
N PRO B 53 21.13 26.41 11.25
CA PRO B 53 20.27 27.58 11.34
C PRO B 53 19.44 27.70 10.07
N GLU B 54 18.24 28.23 10.27
CA GLU B 54 17.23 28.19 9.23
C GLU B 54 17.69 28.84 7.92
N PRO B 55 18.38 30.00 7.92
CA PRO B 55 18.91 30.50 6.63
C PRO B 55 19.88 29.55 5.94
N ALA B 56 20.80 28.94 6.69
CA ALA B 56 21.77 28.04 6.08
C ALA B 56 21.10 26.82 5.47
N ALA B 57 20.04 26.33 6.11
CA ALA B 57 19.33 25.17 5.58
C ALA B 57 18.76 25.42 4.19
N ARG B 58 18.34 26.64 3.91
CA ARG B 58 17.76 26.90 2.60
C ARG B 58 18.80 26.99 1.50
N THR B 59 19.95 27.59 1.83
CA THR B 59 21.00 27.76 0.83
C THR B 59 21.59 26.43 0.38
N VAL B 60 21.78 25.50 1.33
CA VAL B 60 22.38 24.22 0.96
C VAL B 60 21.39 23.36 0.21
N ALA B 61 20.11 23.42 0.58
CA ALA B 61 19.10 22.67 -0.15
C ALA B 61 18.86 23.27 -1.53
N ALA B 62 19.01 24.59 -1.65
CA ALA B 62 18.89 25.24 -2.95
C ALA B 62 20.04 24.85 -3.87
N LYS B 63 21.26 24.78 -3.32
CA LYS B 63 22.41 24.39 -4.12
C LYS B 63 22.29 22.96 -4.62
N LEU B 64 21.68 22.09 -3.83
CA LEU B 64 21.49 20.69 -4.19
C LEU B 64 20.15 20.44 -4.88
N GLY B 65 19.27 21.44 -4.91
CA GLY B 65 17.96 21.29 -5.49
C GLY B 65 17.06 20.32 -4.75
N LEU B 66 16.96 20.49 -3.44
CA LEU B 66 16.15 19.64 -2.57
C LEU B 66 14.82 20.31 -2.29
N ASP B 67 13.81 19.50 -1.96
CA ASP B 67 12.51 20.08 -1.63
C ASP B 67 12.60 20.76 -0.27
N GLU B 68 11.51 21.40 0.16
CA GLU B 68 11.52 22.10 1.43
C GLU B 68 11.32 21.17 2.63
N GLU B 69 10.76 19.99 2.41
CA GLU B 69 10.73 19.00 3.49
C GLU B 69 12.13 18.67 3.97
N ALA B 70 13.14 18.90 3.12
CA ALA B 70 14.52 18.58 3.49
C ALA B 70 15.13 19.68 4.34
N VAL B 71 14.89 20.95 3.99
CA VAL B 71 15.44 22.03 4.80
C VAL B 71 14.72 22.07 6.14
N LEU B 72 13.44 21.69 6.17
CA LEU B 72 12.74 21.61 7.45
C LEU B 72 13.36 20.51 8.30
N LEU B 73 13.72 19.39 7.66
CA LEU B 73 14.40 18.31 8.35
C LEU B 73 15.84 18.68 8.69
N LEU B 74 16.46 19.54 7.86
CA LEU B 74 17.83 19.97 8.10
C LEU B 74 17.97 20.87 9.32
N GLN B 75 16.87 21.43 9.80
CA GLN B 75 16.87 22.32 10.95
C GLN B 75 16.58 21.60 12.25
N THR B 76 16.29 20.29 12.20
CA THR B 76 15.93 19.55 13.38
C THR B 76 17.18 19.06 14.11
N ILE B 77 17.09 19.04 15.44
CA ILE B 77 18.16 18.48 16.28
C ILE B 77 18.14 16.97 16.11
N PRO B 78 19.22 16.35 15.67
CA PRO B 78 19.20 14.92 15.38
C PRO B 78 19.56 14.07 16.58
N LEU B 79 19.42 12.75 16.39
CA LEU B 79 19.92 11.76 17.34
C LEU B 79 21.33 11.40 16.88
N ARG B 80 22.33 11.93 17.59
CA ARG B 80 23.69 11.91 17.10
C ARG B 80 24.33 10.53 17.22
N GLY B 81 25.38 10.33 16.41
CA GLY B 81 26.04 9.05 16.28
C GLY B 81 26.30 8.73 14.83
N SER B 82 27.54 8.90 14.37
CA SER B 82 27.89 8.71 12.97
C SER B 82 28.56 7.37 12.69
N ILE B 83 29.08 6.71 13.71
CA ILE B 83 29.70 5.39 13.54
C ILE B 83 28.73 4.33 14.03
N PRO B 84 28.06 3.61 13.13
CA PRO B 84 27.16 2.52 13.57
C PRO B 84 27.95 1.42 14.23
N GLY B 85 27.59 1.10 15.47
CA GLY B 85 28.30 0.11 16.25
C GLY B 85 29.41 0.66 17.12
N GLY B 86 29.69 1.97 17.04
CA GLY B 86 30.68 2.59 17.89
C GLY B 86 32.10 2.47 17.40
N VAL B 87 32.47 1.32 16.87
CA VAL B 87 33.82 1.04 16.39
C VAL B 87 33.76 0.95 14.87
N PRO B 88 34.54 1.74 14.15
CA PRO B 88 34.49 1.70 12.68
C PRO B 88 35.34 0.57 12.10
N THR B 89 35.01 0.22 10.86
CA THR B 89 35.81 -0.70 10.08
C THR B 89 36.55 -0.01 8.94
N ASP B 90 36.00 1.09 8.45
CA ASP B 90 36.67 1.86 7.40
C ASP B 90 38.01 2.35 7.91
N PRO B 91 39.11 2.11 7.18
CA PRO B 91 40.44 2.50 7.69
C PRO B 91 40.58 3.98 8.00
N THR B 92 40.01 4.85 7.16
CA THR B 92 40.16 6.29 7.39
C THR B 92 39.59 6.69 8.75
N ILE B 93 38.43 6.14 9.11
CA ILE B 93 37.84 6.45 10.41
C ILE B 93 38.57 5.71 11.52
N TYR B 94 39.04 4.49 11.25
CA TYR B 94 39.65 3.68 12.30
C TYR B 94 40.90 4.34 12.86
N ARG B 95 41.70 5.00 12.00
CA ARG B 95 42.93 5.64 12.48
C ARG B 95 42.66 6.61 13.61
N PHE B 96 41.56 7.34 13.54
CA PHE B 96 41.18 8.22 14.63
C PHE B 96 40.75 7.44 15.86
N TYR B 97 40.11 6.28 15.66
CA TYR B 97 39.81 5.38 16.77
C TYR B 97 41.09 4.84 17.39
N GLU B 98 42.08 4.54 16.54
CA GLU B 98 43.34 4.01 17.05
C GLU B 98 44.08 5.05 17.87
N MET B 99 44.05 6.31 17.44
CA MET B 99 44.63 7.40 18.23
C MET B 99 44.05 7.42 19.64
N LEU B 100 42.73 7.23 19.75
CA LEU B 100 42.08 7.20 21.05
C LEU B 100 42.56 6.02 21.89
N GLN B 101 42.85 4.89 21.25
CA GLN B 101 43.27 3.71 22.00
C GLN B 101 44.66 3.88 22.60
N VAL B 102 45.58 4.54 21.88
CA VAL B 102 46.95 4.66 22.37
C VAL B 102 47.10 5.82 23.34
N TYR B 103 46.50 6.97 23.03
CA TYR B 103 46.69 8.19 23.79
C TYR B 103 45.50 8.53 24.67
N GLY B 104 44.54 7.60 24.82
CA GLY B 104 43.41 7.86 25.70
C GLY B 104 43.82 8.05 27.14
N SER B 105 44.60 7.12 27.69
CA SER B 105 45.14 7.26 29.03
C SER B 105 46.01 8.51 29.15
N THR B 106 46.78 8.80 28.10
CA THR B 106 47.66 9.97 28.11
C THR B 106 46.87 11.26 28.13
N LEU B 107 45.78 11.33 27.38
CA LEU B 107 44.95 12.53 27.36
C LEU B 107 44.34 12.80 28.74
N LYS B 108 43.83 11.76 29.39
CA LYS B 108 43.26 11.94 30.72
C LYS B 108 44.33 12.40 31.71
N ALA B 109 45.52 11.78 31.66
CA ALA B 109 46.59 12.15 32.58
C ALA B 109 46.99 13.61 32.42
N LEU B 110 47.17 14.06 31.17
CA LEU B 110 47.62 15.43 30.95
C LEU B 110 46.51 16.45 31.17
N VAL B 111 45.25 16.07 30.93
CA VAL B 111 44.15 16.98 31.20
C VAL B 111 44.03 17.24 32.70
N HIS B 112 44.14 16.20 33.51
CA HIS B 112 44.08 16.38 34.96
C HIS B 112 45.31 17.08 35.51
N GLU B 113 46.44 17.02 34.81
CA GLU B 113 47.64 17.70 35.29
C GLU B 113 47.62 19.18 34.92
N GLN B 114 47.29 19.50 33.67
CA GLN B 114 47.32 20.88 33.22
C GLN B 114 46.06 21.66 33.60
N PHE B 115 44.92 20.99 33.71
CA PHE B 115 43.66 21.66 33.99
C PHE B 115 43.10 21.33 35.37
N GLY B 116 43.05 20.05 35.74
CA GLY B 116 42.51 19.63 37.00
C GLY B 116 41.42 18.60 36.82
N ASP B 117 40.71 18.30 37.90
CA ASP B 117 39.62 17.34 37.84
C ASP B 117 38.50 17.87 36.98
N GLY B 118 38.07 17.08 36.01
CA GLY B 118 37.02 17.49 35.11
C GLY B 118 37.16 16.81 33.76
N ILE B 119 36.60 17.47 32.75
CA ILE B 119 36.56 16.95 31.38
C ILE B 119 36.93 18.06 30.42
N ILE B 120 37.27 17.65 29.19
CA ILE B 120 37.34 18.57 28.06
C ILE B 120 36.09 18.34 27.23
N SER B 121 35.27 19.38 27.09
CA SER B 121 33.93 19.21 26.56
C SER B 121 33.95 18.79 25.10
N ALA B 122 32.97 17.97 24.73
CA ALA B 122 32.69 17.64 23.34
C ALA B 122 31.48 18.40 22.81
N ILE B 123 30.83 19.20 23.65
CA ILE B 123 29.70 20.03 23.25
C ILE B 123 30.12 21.48 23.08
N ASN B 124 30.83 22.03 24.06
CA ASN B 124 31.46 23.34 23.94
C ASN B 124 32.79 23.13 23.21
N PHE B 125 32.67 22.86 21.91
CA PHE B 125 33.73 22.21 21.15
C PHE B 125 33.77 22.72 19.72
N LYS B 126 34.98 22.85 19.19
CA LYS B 126 35.19 23.23 17.79
C LYS B 126 36.15 22.24 17.15
N LEU B 127 35.88 21.93 15.88
CA LEU B 127 36.70 20.99 15.11
C LEU B 127 37.20 21.67 13.84
N ASP B 128 38.46 21.41 13.49
CA ASP B 128 39.07 21.98 12.30
C ASP B 128 40.05 20.97 11.74
N ILE B 129 40.02 20.79 10.44
CA ILE B 129 41.02 19.99 9.73
C ILE B 129 41.73 20.90 8.75
N LYS B 130 43.06 20.88 8.79
CA LYS B 130 43.88 21.78 7.97
C LYS B 130 44.91 20.98 7.21
N LYS B 131 45.07 21.31 5.94
CA LYS B 131 46.05 20.66 5.08
C LYS B 131 47.34 21.47 5.10
N VAL B 132 48.45 20.83 5.48
CA VAL B 132 49.75 21.47 5.53
C VAL B 132 50.76 20.56 4.84
N ALA B 133 51.87 21.18 4.42
CA ALA B 133 52.91 20.45 3.70
C ALA B 133 53.85 19.77 4.67
N ASP B 134 54.25 18.56 4.32
CA ASP B 134 55.23 17.84 5.14
C ASP B 134 56.63 18.26 4.72
N PRO B 135 57.47 18.71 5.66
CA PRO B 135 58.83 19.14 5.27
C PRO B 135 59.63 18.05 4.60
N ASP B 136 59.35 16.79 4.91
CA ASP B 136 60.01 15.64 4.33
C ASP B 136 59.32 15.15 3.05
N GLY B 137 58.57 16.02 2.37
CA GLY B 137 57.79 15.60 1.22
C GLY B 137 56.50 14.93 1.59
N GLY B 138 55.43 15.26 0.89
CA GLY B 138 54.11 14.74 1.19
C GLY B 138 53.26 15.77 1.90
N GLU B 139 52.08 15.32 2.31
CA GLU B 139 51.11 16.20 2.96
C GLU B 139 50.77 15.65 4.35
N ARG B 140 50.24 16.53 5.18
CA ARG B 140 49.84 16.17 6.54
C ARG B 140 48.49 16.80 6.84
N ALA B 141 47.73 16.16 7.71
CA ALA B 141 46.48 16.69 8.24
C ALA B 141 46.72 17.15 9.67
N VAL B 142 46.27 18.34 9.99
CA VAL B 142 46.40 18.91 11.33
C VAL B 142 44.98 19.11 11.86
N ILE B 143 44.47 18.09 12.52
CA ILE B 143 43.13 18.16 13.12
C ILE B 143 43.25 18.79 14.49
N THR B 144 42.45 19.81 14.75
CA THR B 144 42.50 20.59 15.98
C THR B 144 41.20 20.39 16.76
N LEU B 145 41.32 19.99 18.02
CA LEU B 145 40.19 19.83 18.91
C LEU B 145 40.26 20.93 19.98
N ASP B 146 39.26 21.80 19.98
CA ASP B 146 39.21 22.94 20.89
C ASP B 146 37.98 22.76 21.77
N GLY B 147 38.19 22.30 23.00
CA GLY B 147 37.12 22.03 23.93
C GLY B 147 37.27 22.82 25.20
N LYS B 148 36.14 23.26 25.76
CA LYS B 148 36.14 23.99 27.02
C LYS B 148 36.44 23.04 28.18
N TYR B 149 37.20 23.52 29.15
CA TYR B 149 37.48 22.73 30.35
C TYR B 149 36.33 22.90 31.34
N LEU B 150 35.67 21.80 31.67
CA LEU B 150 34.62 21.79 32.69
C LEU B 150 35.14 21.13 33.95
N PRO B 151 35.28 21.84 35.07
CA PRO B 151 35.80 21.23 36.28
C PRO B 151 34.76 20.43 37.04
N THR B 152 35.25 19.40 37.74
CA THR B 152 34.46 18.64 38.70
C THR B 152 34.71 19.24 40.08
N LYS B 153 33.74 20.01 40.57
CA LYS B 153 33.90 20.63 41.87
C LYS B 153 32.96 19.99 42.88
N PRO B 154 33.40 19.85 44.13
CA PRO B 154 32.56 19.20 45.14
C PRO B 154 31.25 19.94 45.38
N PHE B 155 30.23 19.19 45.76
CA PHE B 155 28.96 19.78 46.15
C PHE B 155 28.53 19.23 47.51
N THR C 1 38.33 13.84 -4.57
CA THR C 1 37.33 13.00 -5.22
C THR C 1 36.18 12.69 -4.26
N HIS C 2 35.04 12.26 -4.80
CA HIS C 2 33.83 12.08 -4.01
C HIS C 2 33.90 10.84 -3.13
N SER C 3 33.41 10.99 -1.89
CA SER C 3 33.38 9.92 -0.91
C SER C 3 31.94 9.55 -0.57
N LEU C 4 31.74 8.29 -0.18
CA LEU C 4 30.45 7.80 0.29
C LEU C 4 30.49 7.63 1.80
N HIS C 5 29.38 8.00 2.45
CA HIS C 5 29.30 7.93 3.91
C HIS C 5 28.80 6.58 4.42
N ASN C 6 28.04 5.84 3.61
CA ASN C 6 27.53 4.54 3.97
C ASN C 6 27.89 3.54 2.89
N ALA C 7 27.63 2.26 3.17
CA ALA C 7 27.93 1.19 2.23
C ALA C 7 26.75 0.79 1.37
N ALA C 8 25.53 1.16 1.75
CA ALA C 8 24.33 0.79 1.00
C ALA C 8 24.40 1.16 -0.48
N PRO C 9 24.83 2.37 -0.87
CA PRO C 9 24.88 2.67 -2.31
C PRO C 9 25.81 1.74 -3.08
N ARG C 10 26.95 1.38 -2.49
CA ARG C 10 27.86 0.46 -3.15
C ARG C 10 27.41 -0.99 -2.99
N GLU C 11 26.63 -1.31 -1.95
CA GLU C 11 26.10 -2.66 -1.81
C GLU C 11 25.09 -2.96 -2.91
N ALA C 12 24.29 -1.96 -3.28
CA ALA C 12 23.35 -2.14 -4.38
C ALA C 12 24.08 -2.26 -5.71
N LEU C 13 25.12 -1.46 -5.91
CA LEU C 13 25.92 -1.55 -7.12
C LEU C 13 26.57 -2.93 -7.24
N THR C 14 27.07 -3.46 -6.11
CA THR C 14 27.68 -4.78 -6.13
C THR C 14 26.65 -5.85 -6.49
N ASP C 15 25.41 -5.68 -6.00
CA ASP C 15 24.34 -6.63 -6.33
C ASP C 15 23.99 -6.58 -7.82
N THR C 16 24.06 -5.39 -8.43
CA THR C 16 23.82 -5.29 -9.86
C THR C 16 25.00 -5.85 -10.65
N ILE C 17 26.23 -5.60 -10.19
CA ILE C 17 27.41 -6.12 -10.87
C ILE C 17 27.39 -7.64 -10.84
N MET C 18 27.06 -8.22 -9.69
CA MET C 18 27.05 -9.68 -9.59
C MET C 18 25.93 -10.29 -10.42
N ALA C 19 24.75 -9.68 -10.43
CA ALA C 19 23.65 -10.20 -11.23
C ALA C 19 23.99 -10.22 -12.72
N ALA C 20 24.55 -9.11 -13.22
CA ALA C 20 24.98 -9.06 -14.62
C ALA C 20 26.12 -10.05 -14.87
N LYS C 21 27.02 -10.20 -13.90
CA LYS C 21 28.16 -11.10 -14.06
C LYS C 21 27.70 -12.54 -14.26
N ILE C 22 26.64 -12.95 -13.56
CA ILE C 22 26.15 -14.32 -13.67
C ILE C 22 25.48 -14.54 -15.03
N ARG C 23 24.68 -13.57 -15.49
CA ARG C 23 23.87 -13.77 -16.69
C ARG C 23 24.71 -13.80 -17.96
N HIS C 24 25.78 -13.02 -18.03
CA HIS C 24 26.70 -13.10 -19.15
C HIS C 24 27.81 -14.12 -18.91
N ASN C 25 27.81 -14.78 -17.76
CA ASN C 25 28.84 -15.77 -17.39
C ASN C 25 30.25 -15.22 -17.62
N LEU C 26 30.53 -14.08 -17.00
CA LEU C 26 31.85 -13.48 -17.08
C LEU C 26 32.62 -13.77 -15.79
N THR C 27 33.94 -13.75 -15.88
CA THR C 27 34.82 -13.96 -14.75
C THR C 27 35.44 -12.64 -14.29
N PHE C 28 35.94 -12.63 -13.05
CA PHE C 28 36.65 -11.45 -12.57
C PHE C 28 37.93 -11.22 -13.35
N GLU C 29 38.55 -12.29 -13.84
CA GLU C 29 39.71 -12.14 -14.70
C GLU C 29 39.32 -11.50 -16.03
N ALA C 30 38.17 -11.89 -16.57
CA ALA C 30 37.71 -11.29 -17.82
C ALA C 30 37.35 -9.81 -17.61
N LEU C 31 36.77 -9.49 -16.46
CA LEU C 31 36.40 -8.10 -16.18
C LEU C 31 37.63 -7.23 -16.00
N ALA C 32 38.71 -7.81 -15.48
CA ALA C 32 39.93 -7.06 -15.20
C ALA C 32 40.86 -6.90 -16.40
N GLN C 33 40.61 -7.59 -17.51
CA GLN C 33 41.53 -7.52 -18.63
C GLN C 33 41.51 -6.14 -19.29
N GLY C 34 42.69 -5.64 -19.63
CA GLY C 34 42.80 -4.36 -20.29
C GLY C 34 42.56 -3.15 -19.41
N THR C 35 42.57 -3.31 -18.08
CA THR C 35 42.41 -2.18 -17.18
C THR C 35 43.73 -1.68 -16.62
N GLY C 36 44.80 -2.48 -16.69
CA GLY C 36 46.07 -2.11 -16.12
C GLY C 36 46.21 -2.35 -14.64
N LEU C 37 45.15 -2.76 -13.95
CA LEU C 37 45.17 -2.97 -12.51
C LEU C 37 45.20 -4.47 -12.20
N SER C 38 45.60 -4.79 -10.97
CA SER C 38 45.73 -6.18 -10.56
C SER C 38 44.37 -6.80 -10.31
N LEU C 39 44.33 -8.14 -10.42
CA LEU C 39 43.08 -8.87 -10.23
C LEU C 39 42.48 -8.61 -8.85
N ALA C 40 43.31 -8.66 -7.81
CA ALA C 40 42.81 -8.48 -6.45
C ALA C 40 42.21 -7.10 -6.25
N PHE C 41 42.83 -6.08 -6.87
CA PHE C 41 42.32 -4.71 -6.72
C PHE C 41 40.98 -4.56 -7.41
N VAL C 42 40.89 -4.96 -8.68
CA VAL C 42 39.68 -4.76 -9.46
C VAL C 42 38.52 -5.54 -8.85
N THR C 43 38.79 -6.77 -8.40
CA THR C 43 37.74 -7.56 -7.75
C THR C 43 37.27 -6.86 -6.48
N ALA C 44 38.21 -6.33 -5.68
CA ALA C 44 37.84 -5.60 -4.48
C ALA C 44 36.98 -4.38 -4.80
N ALA C 45 37.31 -3.65 -5.87
CA ALA C 45 36.53 -2.48 -6.24
C ALA C 45 35.10 -2.86 -6.62
N LEU C 46 34.94 -3.95 -7.38
CA LEU C 46 33.60 -4.41 -7.74
C LEU C 46 32.81 -4.86 -6.52
N LEU C 47 33.49 -5.44 -5.52
CA LEU C 47 32.86 -5.83 -4.27
C LEU C 47 32.75 -4.67 -3.29
N GLY C 48 32.92 -3.44 -3.77
CA GLY C 48 32.64 -2.25 -2.97
C GLY C 48 33.71 -1.82 -2.00
N GLN C 49 34.96 -2.23 -2.22
CA GLN C 49 36.03 -1.92 -1.29
C GLN C 49 37.07 -0.96 -1.83
N HIS C 50 36.96 -0.53 -3.10
CA HIS C 50 37.92 0.37 -3.69
C HIS C 50 37.24 1.23 -4.73
N ALA C 51 37.90 2.34 -5.07
CA ALA C 51 37.44 3.24 -6.12
C ALA C 51 38.20 2.94 -7.40
N LEU C 52 37.46 2.81 -8.50
CA LEU C 52 38.16 2.56 -9.76
C LEU C 52 38.47 3.87 -10.48
N PRO C 53 39.66 4.00 -11.04
CA PRO C 53 39.91 5.13 -11.95
C PRO C 53 38.99 5.06 -13.16
N GLU C 54 38.69 6.23 -13.71
CA GLU C 54 37.67 6.33 -14.75
C GLU C 54 37.90 5.41 -15.95
N PRO C 55 39.11 5.24 -16.48
CA PRO C 55 39.26 4.26 -17.59
C PRO C 55 38.88 2.85 -17.20
N ALA C 56 39.31 2.39 -16.03
CA ALA C 56 38.95 1.04 -15.59
C ALA C 56 37.45 0.94 -15.31
N ALA C 57 36.86 1.99 -14.74
CA ALA C 57 35.44 1.95 -14.42
C ALA C 57 34.59 1.84 -15.69
N ARG C 58 35.01 2.48 -16.78
CA ARG C 58 34.23 2.38 -18.01
C ARG C 58 34.45 1.06 -18.74
N THR C 59 35.66 0.50 -18.71
CA THR C 59 35.88 -0.78 -19.38
C THR C 59 35.05 -1.88 -18.72
N VAL C 60 34.96 -1.87 -17.39
CA VAL C 60 34.19 -2.90 -16.69
C VAL C 60 32.70 -2.65 -16.83
N ALA C 61 32.26 -1.39 -16.83
CA ALA C 61 30.83 -1.11 -16.98
C ALA C 61 30.34 -1.44 -18.37
N ALA C 62 31.19 -1.32 -19.39
CA ALA C 62 30.79 -1.70 -20.73
C ALA C 62 30.62 -3.22 -20.84
N LYS C 63 31.52 -3.97 -20.21
CA LYS C 63 31.47 -5.43 -20.28
C LYS C 63 30.21 -6.00 -19.66
N LEU C 64 29.69 -5.37 -18.60
CA LEU C 64 28.48 -5.82 -17.95
C LEU C 64 27.23 -5.10 -18.45
N GLY C 65 27.39 -4.09 -19.30
CA GLY C 65 26.26 -3.33 -19.79
C GLY C 65 25.54 -2.54 -18.72
N LEU C 66 26.30 -1.75 -17.97
CA LEU C 66 25.78 -0.96 -16.87
C LEU C 66 25.57 0.49 -17.30
N ASP C 67 24.64 1.15 -16.62
CA ASP C 67 24.29 2.53 -16.92
C ASP C 67 25.42 3.48 -16.48
N GLU C 68 25.20 4.78 -16.66
CA GLU C 68 26.20 5.77 -16.27
C GLU C 68 26.24 6.01 -14.76
N GLU C 69 25.14 5.77 -14.06
CA GLU C 69 25.18 5.86 -12.61
C GLU C 69 26.11 4.82 -12.01
N ALA C 70 26.24 3.66 -12.68
CA ALA C 70 27.16 2.64 -12.20
C ALA C 70 28.61 3.04 -12.41
N VAL C 71 28.91 3.69 -13.53
CA VAL C 71 30.29 4.13 -13.76
C VAL C 71 30.68 5.24 -12.80
N LEU C 72 29.73 6.11 -12.46
CA LEU C 72 30.02 7.18 -11.50
C LEU C 72 30.18 6.61 -10.10
N LEU C 73 29.34 5.64 -9.73
CA LEU C 73 29.41 5.03 -8.41
C LEU C 73 30.66 4.17 -8.25
N LEU C 74 31.16 3.58 -9.33
CA LEU C 74 32.36 2.77 -9.25
C LEU C 74 33.61 3.60 -8.97
N GLN C 75 33.56 4.91 -9.20
CA GLN C 75 34.71 5.78 -9.01
C GLN C 75 34.71 6.47 -7.65
N THR C 76 33.66 6.33 -6.86
CA THR C 76 33.60 6.98 -5.55
C THR C 76 34.29 6.12 -4.49
N ILE C 77 34.92 6.78 -3.54
CA ILE C 77 35.56 6.11 -2.41
C ILE C 77 34.50 5.52 -1.51
N PRO C 78 34.51 4.22 -1.25
CA PRO C 78 33.45 3.59 -0.46
C PRO C 78 33.77 3.64 1.03
N LEU C 79 32.78 3.22 1.82
CA LEU C 79 32.97 3.00 3.25
C LEU C 79 33.42 1.55 3.40
N ARG C 80 34.71 1.36 3.65
CA ARG C 80 35.30 0.03 3.53
C ARG C 80 34.90 -0.87 4.69
N GLY C 81 34.96 -2.17 4.41
CA GLY C 81 34.49 -3.18 5.34
C GLY C 81 33.64 -4.20 4.60
N SER C 82 34.20 -5.38 4.33
CA SER C 82 33.51 -6.39 3.54
C SER C 82 32.91 -7.51 4.39
N ILE C 83 33.35 -7.66 5.63
CA ILE C 83 32.82 -8.69 6.52
C ILE C 83 31.84 -8.05 7.50
N PRO C 84 30.53 -8.23 7.32
CA PRO C 84 29.57 -7.67 8.29
C PRO C 84 29.75 -8.32 9.65
N GLY C 85 29.97 -7.48 10.66
CA GLY C 85 30.20 -7.94 12.01
C GLY C 85 31.65 -8.17 12.39
N GLY C 86 32.58 -8.00 11.46
CA GLY C 86 34.00 -8.14 11.75
C GLY C 86 34.52 -9.57 11.74
N VAL C 87 33.72 -10.51 12.24
CA VAL C 87 34.08 -11.92 12.30
C VAL C 87 33.18 -12.68 11.33
N PRO C 88 33.75 -13.41 10.37
CA PRO C 88 32.92 -14.13 9.40
C PRO C 88 32.46 -15.49 9.92
N THR C 89 31.41 -15.99 9.28
CA THR C 89 30.95 -17.36 9.49
C THR C 89 31.18 -18.24 8.27
N ASP C 90 31.23 -17.66 7.09
CA ASP C 90 31.50 -18.42 5.88
C ASP C 90 32.84 -19.14 5.99
N PRO C 91 32.90 -20.44 5.74
CA PRO C 91 34.16 -21.18 5.95
C PRO C 91 35.34 -20.65 5.14
N THR C 92 35.12 -20.28 3.87
CA THR C 92 36.22 -19.81 3.04
C THR C 92 36.87 -18.56 3.62
N ILE C 93 36.06 -17.61 4.09
CA ILE C 93 36.60 -16.39 4.67
C ILE C 93 37.16 -16.65 6.06
N TYR C 94 36.51 -17.51 6.84
CA TYR C 94 36.94 -17.70 8.22
C TYR C 94 38.35 -18.26 8.31
N ARG C 95 38.74 -19.12 7.37
CA ARG C 95 40.09 -19.70 7.41
C ARG C 95 41.15 -18.62 7.49
N PHE C 96 40.95 -17.50 6.79
CA PHE C 96 41.88 -16.38 6.87
C PHE C 96 41.81 -15.68 8.23
N TYR C 97 40.62 -15.64 8.84
CA TYR C 97 40.48 -15.12 10.19
C TYR C 97 41.22 -16.01 11.19
N GLU C 98 41.15 -17.33 10.99
CA GLU C 98 41.84 -18.26 11.87
C GLU C 98 43.35 -18.11 11.75
N MET C 99 43.84 -17.91 10.52
CA MET C 99 45.26 -17.62 10.33
C MET C 99 45.68 -16.43 11.18
N LEU C 100 44.84 -15.40 11.23
CA LEU C 100 45.13 -14.25 12.07
C LEU C 100 45.10 -14.61 13.55
N GLN C 101 44.21 -15.52 13.94
CA GLN C 101 44.07 -15.86 15.36
C GLN C 101 45.27 -16.62 15.90
N VAL C 102 45.85 -17.52 15.10
CA VAL C 102 46.95 -18.34 15.59
C VAL C 102 48.28 -17.60 15.49
N TYR C 103 48.51 -16.91 14.38
CA TYR C 103 49.79 -16.29 14.09
C TYR C 103 49.81 -14.79 14.32
N GLY C 104 48.78 -14.25 14.97
CA GLY C 104 48.75 -12.83 15.27
C GLY C 104 49.88 -12.41 16.21
N SER C 105 50.00 -13.10 17.34
CA SER C 105 51.12 -12.85 18.24
C SER C 105 52.45 -13.09 17.56
N THR C 106 52.52 -14.13 16.71
CA THR C 106 53.75 -14.45 16.03
C THR C 106 54.12 -13.36 15.03
N LEU C 107 53.13 -12.81 14.33
CA LEU C 107 53.41 -11.75 13.37
C LEU C 107 53.95 -10.50 14.07
N LYS C 108 53.35 -10.10 15.19
CA LYS C 108 53.83 -8.93 15.90
C LYS C 108 55.25 -9.13 16.42
N ALA C 109 55.51 -10.28 17.04
CA ALA C 109 56.84 -10.54 17.60
C ALA C 109 57.92 -10.48 16.52
N LEU C 110 57.68 -11.14 15.39
CA LEU C 110 58.68 -11.19 14.32
C LEU C 110 58.78 -9.87 13.55
N VAL C 111 57.69 -9.09 13.48
CA VAL C 111 57.77 -7.79 12.82
C VAL C 111 58.66 -6.85 13.62
N HIS C 112 58.52 -6.86 14.95
CA HIS C 112 59.36 -5.99 15.77
C HIS C 112 60.81 -6.43 15.78
N GLU C 113 61.08 -7.71 15.54
CA GLU C 113 62.46 -8.18 15.52
C GLU C 113 63.13 -7.92 14.17
N GLN C 114 62.44 -8.25 13.08
CA GLN C 114 63.04 -8.12 11.76
C GLN C 114 63.00 -6.68 11.23
N PHE C 115 61.99 -5.92 11.62
CA PHE C 115 61.81 -4.55 11.13
C PHE C 115 62.00 -3.50 12.21
N GLY C 116 61.37 -3.69 13.37
CA GLY C 116 61.45 -2.75 14.47
C GLY C 116 60.07 -2.31 14.91
N ASP C 117 60.06 -1.31 15.79
CA ASP C 117 58.79 -0.76 16.28
C ASP C 117 58.06 -0.06 15.14
N GLY C 118 56.82 -0.43 14.93
CA GLY C 118 56.03 0.12 13.85
C GLY C 118 54.99 -0.88 13.39
N ILE C 119 54.57 -0.72 12.14
CA ILE C 119 53.51 -1.52 11.57
C ILE C 119 53.92 -1.98 10.17
N ILE C 120 53.22 -2.99 9.68
CA ILE C 120 53.23 -3.35 8.28
C ILE C 120 51.93 -2.83 7.68
N SER C 121 52.06 -1.93 6.71
CA SER C 121 50.91 -1.15 6.27
C SER C 121 49.85 -2.02 5.60
N ALA C 122 48.59 -1.64 5.81
CA ALA C 122 47.46 -2.20 5.08
C ALA C 122 46.95 -1.23 4.02
N ILE C 123 47.55 -0.05 3.92
CA ILE C 123 47.20 0.93 2.90
C ILE C 123 48.24 0.94 1.79
N ASN C 124 49.53 1.01 2.16
CA ASN C 124 50.62 0.80 1.20
C ASN C 124 50.83 -0.71 1.07
N PHE C 125 49.87 -1.34 0.41
CA PHE C 125 49.70 -2.78 0.52
C PHE C 125 49.21 -3.33 -0.82
N LYS C 126 49.74 -4.49 -1.19
CA LYS C 126 49.33 -5.21 -2.39
C LYS C 126 49.00 -6.65 -2.04
N LEU C 127 47.96 -7.17 -2.69
CA LEU C 127 47.48 -8.52 -2.44
C LEU C 127 47.49 -9.32 -3.73
N ASP C 128 47.89 -10.59 -3.62
CA ASP C 128 47.97 -11.47 -4.78
C ASP C 128 47.60 -12.87 -4.35
N ILE C 129 46.79 -13.53 -5.17
CA ILE C 129 46.46 -14.94 -4.97
C ILE C 129 46.96 -15.71 -6.19
N LYS C 130 47.72 -16.78 -5.93
CA LYS C 130 48.36 -17.55 -6.98
C LYS C 130 48.08 -19.03 -6.76
N LYS C 131 47.71 -19.72 -7.85
CA LYS C 131 47.43 -21.15 -7.81
C LYS C 131 48.67 -21.93 -8.22
N VAL C 132 49.12 -22.82 -7.33
CA VAL C 132 50.27 -23.68 -7.60
C VAL C 132 49.89 -25.11 -7.23
N ALA C 133 50.60 -26.06 -7.83
CA ALA C 133 50.29 -27.47 -7.63
C ALA C 133 50.94 -28.01 -6.38
N ASP C 134 50.20 -28.89 -5.66
CA ASP C 134 50.67 -29.55 -4.46
C ASP C 134 51.42 -30.82 -4.86
N PRO C 135 52.68 -30.99 -4.45
CA PRO C 135 53.41 -32.19 -4.89
C PRO C 135 52.77 -33.50 -4.45
N ASP C 136 52.02 -33.54 -3.35
CA ASP C 136 51.33 -34.77 -2.94
C ASP C 136 49.96 -34.90 -3.58
N GLY C 137 49.75 -34.29 -4.74
CA GLY C 137 48.45 -34.26 -5.38
C GLY C 137 47.53 -33.17 -4.83
N GLY C 138 46.81 -32.51 -5.72
CA GLY C 138 45.93 -31.41 -5.38
C GLY C 138 46.52 -30.06 -5.74
N GLU C 139 45.78 -29.01 -5.35
CA GLU C 139 46.17 -27.64 -5.62
C GLU C 139 46.34 -26.88 -4.32
N ARG C 140 47.08 -25.79 -4.40
CA ARG C 140 47.34 -24.94 -3.25
C ARG C 140 47.18 -23.49 -3.66
N ALA C 141 46.82 -22.66 -2.69
CA ALA C 141 46.75 -21.22 -2.89
C ALA C 141 47.94 -20.58 -2.21
N VAL C 142 48.60 -19.67 -2.91
CA VAL C 142 49.74 -18.92 -2.37
C VAL C 142 49.33 -17.46 -2.34
N ILE C 143 48.74 -17.03 -1.23
CA ILE C 143 48.35 -15.65 -1.04
C ILE C 143 49.53 -14.89 -0.44
N THR C 144 49.88 -13.77 -1.07
CA THR C 144 51.03 -12.97 -0.67
C THR C 144 50.55 -11.60 -0.19
N LEU C 145 51.01 -11.21 0.99
CA LEU C 145 50.71 -9.90 1.57
C LEU C 145 51.97 -9.07 1.52
N ASP C 146 51.94 -7.98 0.76
CA ASP C 146 53.10 -7.11 0.55
C ASP C 146 52.78 -5.73 1.11
N GLY C 147 53.28 -5.45 2.31
CA GLY C 147 53.00 -4.19 2.98
C GLY C 147 54.28 -3.44 3.32
N LYS C 148 54.22 -2.11 3.21
CA LYS C 148 55.36 -1.28 3.59
C LYS C 148 55.53 -1.25 5.10
N TYR C 149 56.78 -1.26 5.55
CA TYR C 149 57.07 -1.13 6.97
C TYR C 149 57.09 0.35 7.33
N LEU C 150 56.18 0.76 8.21
CA LEU C 150 56.15 2.12 8.73
C LEU C 150 56.61 2.13 10.18
N PRO C 151 57.73 2.74 10.50
CA PRO C 151 58.22 2.74 11.88
C PRO C 151 57.50 3.78 12.73
N THR C 152 57.35 3.46 14.03
CA THR C 152 56.84 4.40 15.03
C THR C 152 58.03 5.09 15.70
N LYS C 153 58.32 6.31 15.28
CA LYS C 153 59.47 6.94 15.85
C LYS C 153 59.06 8.10 16.77
N PRO C 154 59.81 8.33 17.85
CA PRO C 154 59.42 9.37 18.83
C PRO C 154 59.30 10.75 18.21
N PHE C 155 58.44 11.57 18.81
CA PHE C 155 58.26 12.96 18.40
C PHE C 155 58.44 13.88 19.61
N THR D 1 32.80 -21.99 -10.62
CA THR D 1 31.38 -21.71 -10.78
C THR D 1 31.15 -20.39 -10.04
N HIS D 2 30.05 -19.71 -10.33
CA HIS D 2 29.79 -18.39 -9.80
C HIS D 2 29.43 -18.45 -8.32
N SER D 3 29.96 -17.50 -7.55
CA SER D 3 29.72 -17.39 -6.12
C SER D 3 28.98 -16.09 -5.78
N LEU D 4 28.29 -16.10 -4.64
CA LEU D 4 27.60 -14.92 -4.12
C LEU D 4 28.38 -14.28 -2.98
N HIS D 5 28.38 -12.95 -2.93
CA HIS D 5 29.14 -12.23 -1.92
C HIS D 5 28.37 -11.98 -0.63
N ASN D 6 27.04 -11.95 -0.69
CA ASN D 6 26.20 -11.76 0.49
C ASN D 6 25.16 -12.88 0.52
N ALA D 7 24.41 -12.92 1.63
CA ALA D 7 23.41 -13.97 1.82
C ALA D 7 22.01 -13.57 1.41
N ALA D 8 21.74 -12.27 1.22
CA ALA D 8 20.40 -11.80 0.87
C ALA D 8 19.82 -12.47 -0.37
N PRO D 9 20.55 -12.66 -1.48
CA PRO D 9 19.93 -13.33 -2.63
C PRO D 9 19.47 -14.75 -2.35
N ARG D 10 20.25 -15.52 -1.57
CA ARG D 10 19.85 -16.89 -1.27
C ARG D 10 18.79 -16.97 -0.18
N GLU D 11 18.69 -15.94 0.67
CA GLU D 11 17.63 -15.92 1.67
C GLU D 11 16.26 -15.74 1.04
N ALA D 12 16.18 -14.95 -0.03
CA ALA D 12 14.91 -14.77 -0.73
C ALA D 12 14.48 -16.05 -1.44
N LEU D 13 15.42 -16.75 -2.07
CA LEU D 13 15.09 -18.01 -2.72
C LEU D 13 14.61 -19.04 -1.69
N THR D 14 15.26 -19.08 -0.52
CA THR D 14 14.85 -20.03 0.51
C THR D 14 13.43 -19.72 0.98
N ASP D 15 13.09 -18.44 1.10
CA ASP D 15 11.72 -18.08 1.46
C ASP D 15 10.74 -18.46 0.36
N THR D 16 11.19 -18.39 -0.91
CA THR D 16 10.36 -18.83 -2.02
C THR D 16 10.28 -20.35 -2.08
N ILE D 17 11.42 -21.03 -1.86
CA ILE D 17 11.44 -22.48 -1.89
C ILE D 17 10.56 -23.06 -0.78
N MET D 18 10.64 -22.48 0.43
CA MET D 18 9.83 -22.98 1.52
C MET D 18 8.34 -22.71 1.29
N ALA D 19 8.02 -21.56 0.70
CA ALA D 19 6.62 -21.26 0.39
C ALA D 19 6.03 -22.29 -0.56
N ALA D 20 6.76 -22.65 -1.61
CA ALA D 20 6.28 -23.68 -2.53
C ALA D 20 6.21 -25.04 -1.83
N LYS D 21 7.17 -25.33 -0.95
CA LYS D 21 7.17 -26.62 -0.26
C LYS D 21 5.93 -26.78 0.62
N ILE D 22 5.53 -25.73 1.33
CA ILE D 22 4.36 -25.82 2.19
C ILE D 22 3.09 -25.85 1.35
N ARG D 23 3.02 -25.03 0.30
CA ARG D 23 1.80 -24.94 -0.49
C ARG D 23 1.54 -26.20 -1.30
N HIS D 24 2.59 -26.87 -1.76
CA HIS D 24 2.50 -28.14 -2.47
C HIS D 24 2.56 -29.35 -1.55
N ASN D 25 2.68 -29.13 -0.23
CA ASN D 25 2.79 -30.19 0.77
C ASN D 25 3.84 -31.23 0.40
N LEU D 26 5.06 -30.75 0.13
CA LEU D 26 6.16 -31.63 -0.20
C LEU D 26 7.12 -31.78 0.98
N THR D 27 7.84 -32.89 0.99
CA THR D 27 8.85 -33.19 1.99
C THR D 27 10.23 -33.03 1.40
N PHE D 28 11.22 -32.88 2.29
CA PHE D 28 12.60 -32.86 1.83
C PHE D 28 13.03 -34.21 1.27
N GLU D 29 12.43 -35.31 1.76
CA GLU D 29 12.71 -36.61 1.19
C GLU D 29 12.23 -36.69 -0.25
N ALA D 30 11.06 -36.11 -0.54
CA ALA D 30 10.55 -36.09 -1.90
C ALA D 30 11.40 -35.21 -2.80
N LEU D 31 11.90 -34.09 -2.27
CA LEU D 31 12.71 -33.18 -3.07
C LEU D 31 14.07 -33.76 -3.39
N ALA D 32 14.64 -34.56 -2.49
CA ALA D 32 15.98 -35.10 -2.75
C ALA D 32 15.99 -36.39 -3.57
N GLN D 33 14.86 -37.06 -3.75
CA GLN D 33 14.86 -38.31 -4.50
C GLN D 33 14.99 -38.02 -5.99
N GLY D 34 15.78 -38.85 -6.68
CA GLY D 34 16.06 -38.67 -8.08
C GLY D 34 17.08 -37.60 -8.39
N THR D 35 17.79 -37.13 -7.36
CA THR D 35 18.91 -36.21 -7.55
C THR D 35 20.26 -36.90 -7.43
N GLY D 36 20.29 -38.10 -6.83
CA GLY D 36 21.52 -38.82 -6.62
C GLY D 36 22.32 -38.38 -5.41
N LEU D 37 21.91 -37.32 -4.74
CA LEU D 37 22.62 -36.75 -3.60
C LEU D 37 21.91 -37.09 -2.29
N SER D 38 22.64 -36.92 -1.19
CA SER D 38 22.13 -37.27 0.12
C SER D 38 21.09 -36.25 0.61
N LEU D 39 20.24 -36.71 1.54
CA LEU D 39 19.18 -35.85 2.08
C LEU D 39 19.76 -34.61 2.74
N ALA D 40 20.81 -34.78 3.56
CA ALA D 40 21.37 -33.64 4.29
C ALA D 40 21.95 -32.59 3.34
N PHE D 41 22.55 -33.04 2.24
CA PHE D 41 23.14 -32.09 1.30
C PHE D 41 22.07 -31.29 0.58
N VAL D 42 21.06 -31.98 0.02
CA VAL D 42 20.04 -31.30 -0.78
C VAL D 42 19.24 -30.32 0.10
N THR D 43 18.91 -30.74 1.32
CA THR D 43 18.18 -29.85 2.22
C THR D 43 18.98 -28.60 2.55
N ALA D 44 20.29 -28.76 2.82
CA ALA D 44 21.15 -27.62 3.10
C ALA D 44 21.22 -26.68 1.90
N ALA D 45 21.29 -27.23 0.69
CA ALA D 45 21.35 -26.39 -0.50
C ALA D 45 20.08 -25.57 -0.66
N LEU D 46 18.92 -26.17 -0.38
CA LEU D 46 17.67 -25.42 -0.43
C LEU D 46 17.63 -24.32 0.62
N LEU D 47 18.27 -24.55 1.77
CA LEU D 47 18.36 -23.55 2.83
C LEU D 47 19.51 -22.57 2.61
N GLY D 48 20.09 -22.52 1.42
CA GLY D 48 21.07 -21.51 1.07
C GLY D 48 22.46 -21.75 1.58
N GLN D 49 22.81 -23.00 1.92
CA GLN D 49 24.11 -23.31 2.49
C GLN D 49 25.00 -24.14 1.57
N HIS D 50 24.51 -24.52 0.40
CA HIS D 50 25.30 -25.32 -0.53
C HIS D 50 24.86 -25.01 -1.96
N ALA D 51 25.74 -25.33 -2.90
CA ALA D 51 25.46 -25.19 -4.32
C ALA D 51 25.03 -26.54 -4.89
N LEU D 52 23.93 -26.53 -5.63
CA LEU D 52 23.49 -27.79 -6.22
C LEU D 52 24.10 -27.96 -7.61
N PRO D 53 24.51 -29.18 -7.94
CA PRO D 53 24.86 -29.47 -9.33
C PRO D 53 23.66 -29.23 -10.23
N GLU D 54 23.96 -28.85 -11.48
CA GLU D 54 22.91 -28.39 -12.40
C GLU D 54 21.74 -29.37 -12.59
N PRO D 55 21.94 -30.68 -12.72
CA PRO D 55 20.76 -31.55 -12.81
C PRO D 55 19.87 -31.50 -11.59
N ALA D 56 20.46 -31.47 -10.38
CA ALA D 56 19.63 -31.42 -9.17
C ALA D 56 18.85 -30.12 -9.10
N ALA D 57 19.45 -29.02 -9.57
CA ALA D 57 18.75 -27.74 -9.55
C ALA D 57 17.50 -27.78 -10.42
N ARG D 58 17.55 -28.49 -11.55
CA ARG D 58 16.38 -28.58 -12.42
C ARG D 58 15.36 -29.58 -11.87
N THR D 59 15.85 -30.66 -11.24
CA THR D 59 14.94 -31.66 -10.67
C THR D 59 14.14 -31.08 -9.51
N VAL D 60 14.79 -30.28 -8.65
CA VAL D 60 14.09 -29.71 -7.52
C VAL D 60 13.20 -28.55 -7.95
N ALA D 61 13.64 -27.77 -8.94
CA ALA D 61 12.83 -26.66 -9.41
C ALA D 61 11.58 -27.14 -10.13
N ALA D 62 11.65 -28.30 -10.79
CA ALA D 62 10.46 -28.85 -11.43
C ALA D 62 9.43 -29.30 -10.41
N LYS D 63 9.87 -29.94 -9.33
CA LYS D 63 8.96 -30.41 -8.30
C LYS D 63 8.28 -29.25 -7.58
N LEU D 64 8.97 -28.14 -7.39
CA LEU D 64 8.39 -26.98 -6.72
C LEU D 64 7.81 -25.96 -7.70
N GLY D 65 8.02 -26.14 -9.00
CA GLY D 65 7.54 -25.19 -9.99
C GLY D 65 8.24 -23.85 -9.88
N LEU D 66 9.57 -23.88 -9.93
CA LEU D 66 10.39 -22.69 -9.77
C LEU D 66 10.82 -22.08 -11.10
N ASP D 67 11.16 -20.79 -11.02
CA ASP D 67 11.56 -19.97 -12.16
C ASP D 67 12.92 -20.42 -12.67
N GLU D 68 13.35 -19.79 -13.77
CA GLU D 68 14.67 -20.10 -14.31
C GLU D 68 15.74 -19.33 -13.55
N GLU D 69 15.39 -18.19 -12.95
CA GLU D 69 16.30 -17.54 -12.01
C GLU D 69 16.56 -18.42 -10.80
N ALA D 70 15.54 -19.19 -10.38
CA ALA D 70 15.69 -20.08 -9.24
C ALA D 70 16.67 -21.22 -9.54
N VAL D 71 16.66 -21.73 -10.77
CA VAL D 71 17.60 -22.78 -11.14
C VAL D 71 19.02 -22.24 -11.18
N LEU D 72 19.19 -20.99 -11.59
CA LEU D 72 20.51 -20.38 -11.61
C LEU D 72 21.03 -20.08 -10.21
N LEU D 73 20.16 -19.57 -9.33
CA LEU D 73 20.59 -19.22 -7.97
C LEU D 73 20.91 -20.45 -7.14
N LEU D 74 20.26 -21.58 -7.42
CA LEU D 74 20.51 -22.81 -6.68
C LEU D 74 21.89 -23.39 -6.97
N GLN D 75 22.52 -22.99 -8.08
CA GLN D 75 23.82 -23.50 -8.47
C GLN D 75 24.98 -22.65 -7.99
N THR D 76 24.71 -21.50 -7.37
CA THR D 76 25.77 -20.59 -6.96
C THR D 76 26.34 -20.98 -5.60
N ILE D 77 27.64 -20.73 -5.43
CA ILE D 77 28.30 -20.94 -4.16
C ILE D 77 27.81 -19.86 -3.19
N PRO D 78 27.23 -20.22 -2.06
CA PRO D 78 26.66 -19.22 -1.16
C PRO D 78 27.67 -18.70 -0.14
N LEU D 79 27.25 -17.66 0.57
CA LEU D 79 27.95 -17.18 1.76
C LEU D 79 27.31 -17.89 2.95
N ARG D 80 28.00 -18.91 3.46
CA ARG D 80 27.37 -19.84 4.39
C ARG D 80 27.18 -19.23 5.78
N GLY D 81 26.25 -19.82 6.53
CA GLY D 81 25.85 -19.32 7.82
C GLY D 81 24.35 -19.34 8.00
N SER D 82 23.86 -20.32 8.75
CA SER D 82 22.43 -20.51 8.91
C SER D 82 21.87 -19.99 10.23
N ILE D 83 22.71 -19.75 11.23
CA ILE D 83 22.26 -19.23 12.51
C ILE D 83 22.60 -17.75 12.61
N PRO D 84 21.63 -16.84 12.45
CA PRO D 84 21.91 -15.40 12.59
C PRO D 84 22.28 -15.08 14.03
N GLY D 85 23.44 -14.46 14.21
CA GLY D 85 23.95 -14.15 15.53
C GLY D 85 24.87 -15.22 16.11
N GLY D 86 25.06 -16.32 15.42
CA GLY D 86 25.98 -17.35 15.84
C GLY D 86 25.43 -18.31 16.88
N VAL D 87 24.69 -17.77 17.85
CA VAL D 87 24.12 -18.56 18.94
C VAL D 87 22.60 -18.56 18.77
N PRO D 88 21.97 -19.72 18.64
CA PRO D 88 20.51 -19.76 18.45
C PRO D 88 19.76 -19.69 19.77
N THR D 89 18.49 -19.32 19.65
CA THR D 89 17.55 -19.39 20.76
C THR D 89 16.51 -20.48 20.57
N ASP D 90 16.24 -20.86 19.33
CA ASP D 90 15.28 -21.93 19.05
C ASP D 90 15.73 -23.22 19.72
N PRO D 91 14.87 -23.87 20.51
CA PRO D 91 15.31 -25.05 21.28
C PRO D 91 15.87 -26.18 20.43
N THR D 92 15.28 -26.46 19.27
CA THR D 92 15.75 -27.58 18.46
C THR D 92 17.20 -27.39 18.04
N ILE D 93 17.56 -26.18 17.62
CA ILE D 93 18.94 -25.92 17.21
C ILE D 93 19.85 -25.78 18.42
N TYR D 94 19.35 -25.21 19.51
CA TYR D 94 20.22 -24.95 20.67
C TYR D 94 20.78 -26.24 21.25
N ARG D 95 19.99 -27.32 21.25
CA ARG D 95 20.47 -28.58 21.82
C ARG D 95 21.79 -29.03 21.21
N PHE D 96 21.96 -28.80 19.91
CA PHE D 96 23.23 -29.09 19.25
C PHE D 96 24.33 -28.12 19.68
N TYR D 97 23.97 -26.87 19.94
CA TYR D 97 24.93 -25.91 20.52
C TYR D 97 25.30 -26.34 21.93
N GLU D 98 24.34 -26.84 22.70
CA GLU D 98 24.64 -27.29 24.06
C GLU D 98 25.56 -28.51 24.05
N MET D 99 25.33 -29.45 23.12
CA MET D 99 26.24 -30.57 22.98
C MET D 99 27.67 -30.10 22.79
N LEU D 100 27.86 -29.04 21.98
CA LEU D 100 29.18 -28.48 21.78
C LEU D 100 29.73 -27.87 23.06
N GLN D 101 28.85 -27.32 23.91
CA GLN D 101 29.31 -26.68 25.14
C GLN D 101 29.85 -27.70 26.14
N VAL D 102 29.24 -28.87 26.25
CA VAL D 102 29.67 -29.84 27.25
C VAL D 102 30.83 -30.69 26.75
N TYR D 103 30.77 -31.13 25.50
CA TYR D 103 31.72 -32.06 24.91
C TYR D 103 32.73 -31.39 23.99
N GLY D 104 32.80 -30.06 24.00
CA GLY D 104 33.78 -29.36 23.18
C GLY D 104 35.20 -29.69 23.57
N SER D 105 35.52 -29.56 24.86
CA SER D 105 36.84 -29.96 25.33
C SER D 105 37.10 -31.45 25.08
N THR D 106 36.06 -32.28 25.26
CA THR D 106 36.24 -33.72 25.09
C THR D 106 36.56 -34.09 23.65
N LEU D 107 35.91 -33.44 22.68
CA LEU D 107 36.19 -33.72 21.28
C LEU D 107 37.62 -33.36 20.92
N LYS D 108 38.10 -32.21 21.38
CA LYS D 108 39.48 -31.82 21.11
C LYS D 108 40.45 -32.80 21.74
N ALA D 109 40.21 -33.18 23.01
CA ALA D 109 41.11 -34.09 23.70
C ALA D 109 41.21 -35.43 22.98
N LEU D 110 40.06 -36.00 22.59
CA LEU D 110 40.08 -37.32 21.98
C LEU D 110 40.57 -37.30 20.54
N VAL D 111 40.38 -36.19 19.82
CA VAL D 111 40.93 -36.09 18.48
C VAL D 111 42.45 -36.06 18.53
N HIS D 112 43.01 -35.29 19.46
CA HIS D 112 44.47 -35.25 19.60
C HIS D 112 45.02 -36.57 20.14
N GLU D 113 44.21 -37.36 20.84
CA GLU D 113 44.68 -38.64 21.35
C GLU D 113 44.60 -39.73 20.28
N GLN D 114 43.46 -39.84 19.59
CA GLN D 114 43.28 -40.91 18.61
C GLN D 114 43.88 -40.59 17.25
N PHE D 115 43.95 -39.31 16.88
CA PHE D 115 44.44 -38.90 15.57
C PHE D 115 45.77 -38.16 15.64
N GLY D 116 45.88 -37.17 16.52
CA GLY D 116 47.06 -36.37 16.68
C GLY D 116 46.71 -34.91 16.55
N ASP D 117 47.76 -34.09 16.46
CA ASP D 117 47.56 -32.65 16.30
C ASP D 117 46.92 -32.37 14.95
N GLY D 118 45.84 -31.61 14.96
CA GLY D 118 45.13 -31.28 13.75
C GLY D 118 43.67 -31.02 14.03
N ILE D 119 42.86 -31.22 13.00
CA ILE D 119 41.43 -30.96 13.05
C ILE D 119 40.69 -32.10 12.40
N ILE D 120 39.39 -32.17 12.68
CA ILE D 120 38.46 -32.98 11.90
C ILE D 120 37.71 -32.03 10.98
N SER D 121 37.86 -32.23 9.68
CA SER D 121 37.43 -31.25 8.71
C SER D 121 35.90 -31.08 8.71
N ALA D 122 35.47 -29.84 8.48
CA ALA D 122 34.06 -29.55 8.24
C ALA D 122 33.77 -29.30 6.77
N ILE D 123 34.78 -29.35 5.91
CA ILE D 123 34.60 -29.22 4.47
C ILE D 123 34.69 -30.57 3.78
N ASN D 124 35.73 -31.35 4.11
CA ASN D 124 35.79 -32.75 3.70
C ASN D 124 34.97 -33.55 4.71
N PHE D 125 33.66 -33.39 4.60
CA PHE D 125 32.74 -33.70 5.68
C PHE D 125 31.43 -34.20 5.12
N LYS D 126 30.85 -35.21 5.77
CA LYS D 126 29.54 -35.73 5.42
C LYS D 126 28.69 -35.79 6.68
N LEU D 127 27.42 -35.44 6.53
CA LEU D 127 26.46 -35.42 7.63
C LEU D 127 25.26 -36.28 7.27
N ASP D 128 24.79 -37.06 8.25
CA ASP D 128 23.68 -37.97 8.01
C ASP D 128 22.86 -38.06 9.29
N ILE D 129 21.54 -38.03 9.14
CA ILE D 129 20.61 -38.19 10.25
C ILE D 129 19.77 -39.44 10.01
N LYS D 130 19.68 -40.29 11.02
CA LYS D 130 18.95 -41.56 10.94
C LYS D 130 18.01 -41.66 12.13
N LYS D 131 16.78 -42.10 11.87
CA LYS D 131 15.79 -42.27 12.94
C LYS D 131 15.82 -43.72 13.40
N VAL D 132 16.05 -43.94 14.69
CA VAL D 132 16.11 -45.27 15.27
C VAL D 132 15.22 -45.34 16.49
N ALA D 133 14.82 -46.56 16.83
CA ALA D 133 13.93 -46.81 17.95
C ALA D 133 14.74 -46.96 19.22
N ASP D 134 14.24 -46.42 20.28
CA ASP D 134 14.91 -46.54 21.56
C ASP D 134 14.49 -47.85 22.23
N PRO D 135 15.43 -48.69 22.63
CA PRO D 135 15.04 -49.95 23.30
C PRO D 135 14.23 -49.72 24.56
N ASP D 136 14.40 -48.58 25.21
CA ASP D 136 13.63 -48.19 26.38
C ASP D 136 12.35 -47.44 26.03
N GLY D 137 11.82 -47.64 24.82
CA GLY D 137 10.65 -46.91 24.36
C GLY D 137 10.97 -45.52 23.84
N GLY D 138 10.32 -45.14 22.74
CA GLY D 138 10.56 -43.86 22.11
C GLY D 138 11.43 -43.99 20.87
N GLU D 139 11.81 -42.82 20.35
CA GLU D 139 12.63 -42.74 19.16
C GLU D 139 13.91 -41.99 19.48
N ARG D 140 14.94 -42.20 18.66
CA ARG D 140 16.22 -41.55 18.84
C ARG D 140 16.74 -41.07 17.50
N ALA D 141 17.56 -40.02 17.55
CA ALA D 141 18.25 -39.52 16.37
C ALA D 141 19.71 -39.93 16.46
N VAL D 142 20.24 -40.48 15.38
CA VAL D 142 21.65 -40.86 15.30
C VAL D 142 22.27 -40.01 14.21
N ILE D 143 22.79 -38.85 14.61
CA ILE D 143 23.46 -37.93 13.69
C ILE D 143 24.93 -38.34 13.59
N THR D 144 25.42 -38.47 12.36
CA THR D 144 26.78 -38.92 12.11
C THR D 144 27.58 -37.80 11.47
N LEU D 145 28.74 -37.51 12.06
CA LEU D 145 29.67 -36.52 11.55
C LEU D 145 30.90 -37.26 11.03
N ASP D 146 31.13 -37.20 9.73
CA ASP D 146 32.24 -37.92 9.08
C ASP D 146 33.18 -36.89 8.45
N GLY D 147 34.28 -36.59 9.11
CA GLY D 147 35.24 -35.60 8.64
C GLY D 147 36.60 -36.21 8.45
N LYS D 148 37.30 -35.75 7.41
CA LYS D 148 38.66 -36.20 7.16
C LYS D 148 39.60 -35.58 8.19
N TYR D 149 40.58 -36.35 8.63
CA TYR D 149 41.57 -35.86 9.58
C TYR D 149 42.67 -35.10 8.84
N LEU D 150 42.82 -33.82 9.17
CA LEU D 150 43.92 -33.01 8.65
C LEU D 150 44.94 -32.80 9.76
N PRO D 151 46.14 -33.34 9.65
CA PRO D 151 47.12 -33.15 10.73
C PRO D 151 47.82 -31.81 10.64
N THR D 152 48.17 -31.28 11.82
CA THR D 152 49.05 -30.11 11.92
C THR D 152 50.46 -30.63 12.12
N LYS D 153 51.27 -30.57 11.07
CA LYS D 153 52.62 -31.06 11.23
C LYS D 153 53.61 -29.89 11.21
N PRO D 154 54.71 -30.00 11.97
CA PRO D 154 55.65 -28.89 12.03
C PRO D 154 56.23 -28.56 10.67
N PHE D 155 56.52 -27.28 10.46
CA PHE D 155 57.15 -26.84 9.23
C PHE D 155 58.35 -25.96 9.52
N THR E 1 5.66 -32.77 10.15
CA THR E 1 4.83 -31.58 9.98
C THR E 1 5.72 -30.51 9.34
N HIS E 2 5.14 -29.49 8.71
CA HIS E 2 5.94 -28.48 8.03
C HIS E 2 6.59 -27.56 9.05
N SER E 3 7.86 -27.24 8.82
CA SER E 3 8.62 -26.39 9.72
C SER E 3 9.01 -25.10 9.02
N LEU E 4 9.20 -24.05 9.81
CA LEU E 4 9.65 -22.76 9.32
C LEU E 4 11.12 -22.55 9.63
N HIS E 5 11.85 -21.97 8.68
CA HIS E 5 13.28 -21.74 8.85
C HIS E 5 13.60 -20.40 9.47
N ASN E 6 12.72 -19.40 9.30
CA ASN E 6 12.90 -18.09 9.88
C ASN E 6 11.64 -17.70 10.63
N ALA E 7 11.70 -16.58 11.33
CA ALA E 7 10.58 -16.09 12.13
C ALA E 7 9.71 -15.09 11.40
N ALA E 8 10.17 -14.53 10.29
CA ALA E 8 9.41 -13.53 9.55
C ALA E 8 7.99 -13.97 9.19
N PRO E 9 7.74 -15.19 8.69
CA PRO E 9 6.35 -15.56 8.38
C PRO E 9 5.43 -15.58 9.59
N ARG E 10 5.89 -16.09 10.75
CA ARG E 10 5.04 -16.12 11.92
C ARG E 10 4.95 -14.77 12.63
N GLU E 11 5.94 -13.91 12.45
CA GLU E 11 5.85 -12.57 13.00
C GLU E 11 4.81 -11.75 12.26
N ALA E 12 4.66 -11.96 10.95
CA ALA E 12 3.61 -11.28 10.20
C ALA E 12 2.23 -11.78 10.60
N LEU E 13 2.10 -13.10 10.78
CA LEU E 13 0.84 -13.68 11.23
C LEU E 13 0.44 -13.15 12.60
N THR E 14 1.42 -13.00 13.50
CA THR E 14 1.11 -12.49 14.84
C THR E 14 0.57 -11.07 14.77
N ASP E 15 1.10 -10.25 13.86
CA ASP E 15 0.56 -8.91 13.71
C ASP E 15 -0.86 -8.95 13.15
N THR E 16 -1.14 -9.92 12.27
CA THR E 16 -2.50 -10.08 11.75
C THR E 16 -3.43 -10.66 12.79
N ILE E 17 -2.98 -11.67 13.55
CA ILE E 17 -3.81 -12.25 14.59
C ILE E 17 -4.10 -11.24 15.68
N MET E 18 -3.08 -10.48 16.11
CA MET E 18 -3.29 -9.49 17.16
C MET E 18 -4.17 -8.34 16.68
N ALA E 19 -4.00 -7.93 15.42
CA ALA E 19 -4.87 -6.88 14.88
C ALA E 19 -6.32 -7.31 14.91
N ALA E 20 -6.60 -8.55 14.49
CA ALA E 20 -7.96 -9.06 14.54
C ALA E 20 -8.45 -9.17 15.98
N LYS E 21 -7.57 -9.55 16.92
CA LYS E 21 -7.97 -9.68 18.31
C LYS E 21 -8.44 -8.36 18.89
N ILE E 22 -7.74 -7.27 18.57
CA ILE E 22 -8.12 -5.96 19.08
C ILE E 22 -9.40 -5.49 18.41
N ARG E 23 -9.53 -5.74 17.10
CA ARG E 23 -10.65 -5.25 16.32
C ARG E 23 -11.94 -5.98 16.68
N HIS E 24 -11.84 -7.24 17.08
CA HIS E 24 -12.95 -8.02 17.59
C HIS E 24 -13.15 -7.85 19.08
N ASN E 25 -12.28 -7.07 19.73
CA ASN E 25 -12.26 -6.86 21.18
C ASN E 25 -12.38 -8.18 21.93
N LEU E 26 -11.50 -9.11 21.58
CA LEU E 26 -11.45 -10.43 22.19
C LEU E 26 -10.27 -10.54 23.16
N THR E 27 -10.40 -11.46 24.10
CA THR E 27 -9.35 -11.78 25.05
C THR E 27 -8.70 -13.09 24.64
N PHE E 28 -7.50 -13.33 25.17
CA PHE E 28 -6.86 -14.62 24.94
C PHE E 28 -7.65 -15.76 25.58
N GLU E 29 -8.38 -15.47 26.66
CA GLU E 29 -9.25 -16.49 27.24
C GLU E 29 -10.40 -16.84 26.31
N ALA E 30 -10.98 -15.83 25.64
CA ALA E 30 -12.06 -16.09 24.69
C ALA E 30 -11.56 -16.84 23.47
N LEU E 31 -10.35 -16.51 23.00
CA LEU E 31 -9.80 -17.22 21.85
C LEU E 31 -9.43 -18.66 22.21
N ALA E 32 -9.04 -18.90 23.45
CA ALA E 32 -8.65 -20.23 23.90
C ALA E 32 -9.84 -21.10 24.27
N GLN E 33 -11.04 -20.53 24.34
CA GLN E 33 -12.20 -21.32 24.75
C GLN E 33 -12.60 -22.29 23.65
N GLY E 34 -12.93 -23.52 24.04
CA GLY E 34 -13.32 -24.52 23.08
C GLY E 34 -12.18 -25.10 22.27
N THR E 35 -10.92 -24.90 22.68
CA THR E 35 -9.81 -25.51 21.98
C THR E 35 -9.27 -26.76 22.66
N GLY E 36 -9.58 -26.97 23.95
CA GLY E 36 -9.05 -28.09 24.67
C GLY E 36 -7.65 -27.89 25.19
N LEU E 37 -6.99 -26.80 24.83
CA LEU E 37 -5.63 -26.50 25.23
C LEU E 37 -5.61 -25.42 26.30
N SER E 38 -4.48 -25.31 26.99
CA SER E 38 -4.34 -24.36 28.07
C SER E 38 -4.16 -22.94 27.53
N LEU E 39 -4.52 -21.96 28.39
CA LEU E 39 -4.42 -20.55 28.00
C LEU E 39 -2.99 -20.18 27.62
N ALA E 40 -2.00 -20.60 28.41
CA ALA E 40 -0.63 -20.23 28.13
C ALA E 40 -0.16 -20.82 26.80
N PHE E 41 -0.60 -22.04 26.47
CA PHE E 41 -0.18 -22.68 25.24
C PHE E 41 -0.76 -21.96 24.01
N VAL E 42 -2.08 -21.73 24.01
CA VAL E 42 -2.72 -21.13 22.84
C VAL E 42 -2.19 -19.72 22.62
N THR E 43 -2.00 -18.96 23.69
CA THR E 43 -1.46 -17.61 23.57
C THR E 43 -0.05 -17.64 22.98
N ALA E 44 0.78 -18.57 23.44
CA ALA E 44 2.12 -18.70 22.87
C ALA E 44 2.07 -19.04 21.39
N ALA E 45 1.15 -19.93 21.00
CA ALA E 45 1.02 -20.30 19.59
C ALA E 45 0.60 -19.10 18.75
N LEU E 46 -0.33 -18.28 19.25
CA LEU E 46 -0.74 -17.09 18.52
C LEU E 46 0.41 -16.10 18.38
N LEU E 47 1.29 -16.03 19.37
CA LEU E 47 2.48 -15.17 19.31
C LEU E 47 3.65 -15.84 18.60
N GLY E 48 3.40 -16.92 17.85
CA GLY E 48 4.42 -17.50 16.99
C GLY E 48 5.44 -18.39 17.65
N GLN E 49 5.13 -18.96 18.81
CA GLN E 49 6.07 -19.80 19.54
C GLN E 49 5.66 -21.26 19.59
N HIS E 50 4.49 -21.60 19.04
CA HIS E 50 3.99 -22.97 19.07
C HIS E 50 3.14 -23.22 17.84
N ALA E 51 2.92 -24.50 17.54
CA ALA E 51 2.05 -24.94 16.47
C ALA E 51 0.70 -25.33 17.07
N LEU E 52 -0.38 -24.84 16.46
CA LEU E 52 -1.71 -25.22 16.94
C LEU E 52 -2.21 -26.45 16.18
N PRO E 53 -2.85 -27.40 16.88
CA PRO E 53 -3.58 -28.45 16.16
C PRO E 53 -4.70 -27.85 15.32
N GLU E 54 -5.00 -28.51 14.20
CA GLU E 54 -5.91 -27.92 13.22
C GLU E 54 -7.29 -27.56 13.77
N PRO E 55 -7.95 -28.37 14.60
CA PRO E 55 -9.23 -27.92 15.17
C PRO E 55 -9.11 -26.63 15.96
N ALA E 56 -8.06 -26.49 16.80
CA ALA E 56 -7.86 -25.26 17.54
C ALA E 56 -7.55 -24.09 16.60
N ALA E 57 -6.77 -24.35 15.55
CA ALA E 57 -6.45 -23.30 14.58
C ALA E 57 -7.68 -22.79 13.87
N ARG E 58 -8.66 -23.67 13.60
CA ARG E 58 -9.87 -23.25 12.92
C ARG E 58 -10.81 -22.50 13.85
N THR E 59 -10.84 -22.85 15.14
CA THR E 59 -11.68 -22.13 16.08
C THR E 59 -11.22 -20.69 16.25
N VAL E 60 -9.91 -20.46 16.31
CA VAL E 60 -9.40 -19.10 16.50
C VAL E 60 -9.52 -18.30 15.21
N ALA E 61 -9.32 -18.94 14.05
CA ALA E 61 -9.47 -18.21 12.79
C ALA E 61 -10.92 -17.88 12.51
N ALA E 62 -11.85 -18.72 12.97
CA ALA E 62 -13.27 -18.40 12.82
C ALA E 62 -13.65 -17.22 13.70
N LYS E 63 -13.15 -17.19 14.94
CA LYS E 63 -13.47 -16.08 15.84
C LYS E 63 -12.90 -14.76 15.31
N LEU E 64 -11.74 -14.80 14.69
CA LEU E 64 -11.09 -13.60 14.16
C LEU E 64 -11.38 -13.37 12.68
N GLY E 65 -12.00 -14.31 12.00
CA GLY E 65 -12.28 -14.16 10.58
C GLY E 65 -11.02 -14.11 9.73
N LEU E 66 -10.13 -15.07 9.92
CA LEU E 66 -8.87 -15.12 9.21
C LEU E 66 -8.99 -16.09 8.04
N ASP E 67 -8.18 -15.86 7.00
CA ASP E 67 -8.25 -16.71 5.82
C ASP E 67 -7.67 -18.10 6.12
N GLU E 68 -7.70 -18.96 5.10
CA GLU E 68 -7.23 -20.33 5.24
C GLU E 68 -5.71 -20.40 5.19
N GLU E 69 -5.05 -19.34 4.72
CA GLU E 69 -3.60 -19.26 4.86
C GLU E 69 -3.19 -19.14 6.33
N ALA E 70 -4.04 -18.50 7.13
CA ALA E 70 -3.72 -18.29 8.53
C ALA E 70 -3.80 -19.58 9.33
N VAL E 71 -4.78 -20.44 9.02
CA VAL E 71 -4.87 -21.71 9.73
C VAL E 71 -3.70 -22.62 9.35
N LEU E 72 -3.21 -22.53 8.11
CA LEU E 72 -2.07 -23.36 7.72
C LEU E 72 -0.79 -22.88 8.40
N LEU E 73 -0.59 -21.57 8.50
CA LEU E 73 0.62 -21.06 9.17
C LEU E 73 0.58 -21.31 10.66
N LEU E 74 -0.61 -21.34 11.27
CA LEU E 74 -0.71 -21.59 12.70
C LEU E 74 -0.35 -23.03 13.06
N GLN E 75 -0.37 -23.94 12.09
CA GLN E 75 -0.06 -25.34 12.33
C GLN E 75 1.39 -25.69 12.03
N THR E 76 2.17 -24.74 11.50
CA THR E 76 3.55 -25.01 11.17
C THR E 76 4.43 -24.84 12.41
N ILE E 77 5.46 -25.68 12.50
CA ILE E 77 6.42 -25.60 13.59
C ILE E 77 7.28 -24.35 13.40
N PRO E 78 7.30 -23.44 14.37
CA PRO E 78 8.02 -22.18 14.19
C PRO E 78 9.48 -22.27 14.63
N LEU E 79 10.21 -21.20 14.35
CA LEU E 79 11.55 -20.98 14.90
C LEU E 79 11.36 -20.18 16.18
N ARG E 80 11.48 -20.84 17.32
CA ARG E 80 11.07 -20.25 18.59
C ARG E 80 12.07 -19.22 19.07
N GLY E 81 11.59 -18.33 19.93
CA GLY E 81 12.35 -17.19 20.42
C GLY E 81 11.52 -15.93 20.39
N SER E 82 11.02 -15.50 21.54
CA SER E 82 10.10 -14.37 21.60
C SER E 82 10.74 -13.06 22.04
N ILE E 83 11.93 -13.10 22.65
CA ILE E 83 12.62 -11.89 23.10
C ILE E 83 13.73 -11.59 22.10
N PRO E 84 13.59 -10.59 21.24
CA PRO E 84 14.69 -10.24 20.32
C PRO E 84 15.89 -9.73 21.10
N GLY E 85 17.02 -10.40 20.91
CA GLY E 85 18.23 -10.08 21.64
C GLY E 85 18.44 -10.87 22.91
N GLY E 86 17.51 -11.74 23.27
CA GLY E 86 17.71 -12.61 24.42
C GLY E 86 17.42 -11.97 25.76
N VAL E 87 17.78 -10.71 25.92
CA VAL E 87 17.58 -9.97 27.16
C VAL E 87 16.51 -8.91 26.91
N PRO E 88 15.43 -8.89 27.67
CA PRO E 88 14.36 -7.91 27.42
C PRO E 88 14.67 -6.56 28.04
N THR E 89 14.00 -5.55 27.49
CA THR E 89 14.00 -4.20 28.06
C THR E 89 12.66 -3.81 28.65
N ASP E 90 11.57 -4.38 28.14
CA ASP E 90 10.26 -4.12 28.69
C ASP E 90 10.21 -4.55 30.15
N PRO E 91 9.77 -3.68 31.07
CA PRO E 91 9.82 -4.02 32.49
C PRO E 91 9.05 -5.28 32.84
N THR E 92 7.88 -5.49 32.23
CA THR E 92 7.06 -6.65 32.57
C THR E 92 7.81 -7.95 32.29
N ILE E 93 8.49 -8.02 31.15
CA ILE E 93 9.25 -9.23 30.82
C ILE E 93 10.54 -9.29 31.63
N TYR E 94 11.18 -8.13 31.87
CA TYR E 94 12.47 -8.13 32.56
C TYR E 94 12.35 -8.68 33.97
N ARG E 95 11.24 -8.42 34.65
CA ARG E 95 11.07 -8.92 36.01
C ARG E 95 11.27 -10.42 36.07
N PHE E 96 10.80 -11.13 35.03
CA PHE E 96 11.03 -12.56 34.92
C PHE E 96 12.49 -12.88 34.61
N TYR E 97 13.15 -12.02 33.84
CA TYR E 97 14.59 -12.17 33.64
C TYR E 97 15.35 -11.94 34.94
N GLU E 98 14.91 -10.96 35.74
CA GLU E 98 15.55 -10.68 37.01
C GLU E 98 15.38 -11.84 37.99
N MET E 99 14.19 -12.46 38.01
CA MET E 99 13.99 -13.64 38.83
C MET E 99 15.03 -14.71 38.53
N LEU E 100 15.32 -14.92 37.24
CA LEU E 100 16.34 -15.89 36.85
C LEU E 100 17.73 -15.47 37.31
N GLN E 101 18.01 -14.16 37.33
CA GLN E 101 19.33 -13.69 37.71
C GLN E 101 19.62 -13.93 39.19
N VAL E 102 18.61 -13.77 40.05
CA VAL E 102 18.84 -13.93 41.49
C VAL E 102 18.75 -15.39 41.89
N TYR E 103 17.76 -16.11 41.36
CA TYR E 103 17.48 -17.47 41.79
C TYR E 103 17.97 -18.51 40.80
N GLY E 104 18.81 -18.11 39.84
CA GLY E 104 19.36 -19.09 38.90
C GLY E 104 20.24 -20.12 39.59
N SER E 105 21.23 -19.66 40.36
CA SER E 105 22.05 -20.57 41.14
C SER E 105 21.21 -21.36 42.13
N THR E 106 20.21 -20.72 42.73
CA THR E 106 19.39 -21.38 43.73
C THR E 106 18.57 -22.51 43.12
N LEU E 107 18.02 -22.28 41.92
CA LEU E 107 17.24 -23.31 41.25
C LEU E 107 18.10 -24.52 40.91
N LYS E 108 19.33 -24.29 40.41
CA LYS E 108 20.22 -25.40 40.09
C LYS E 108 20.56 -26.20 41.34
N ALA E 109 20.90 -25.50 42.44
CA ALA E 109 21.26 -26.20 43.67
C ALA E 109 20.12 -27.09 44.16
N LEU E 110 18.90 -26.55 44.18
CA LEU E 110 17.77 -27.32 44.70
C LEU E 110 17.29 -28.39 43.73
N VAL E 111 17.48 -28.19 42.42
CA VAL E 111 17.14 -29.23 41.46
C VAL E 111 18.08 -30.42 41.62
N HIS E 112 19.37 -30.16 41.78
CA HIS E 112 20.33 -31.23 42.01
C HIS E 112 20.18 -31.87 43.39
N GLU E 113 19.60 -31.14 44.34
CA GLU E 113 19.40 -31.68 45.68
C GLU E 113 18.14 -32.54 45.75
N GLN E 114 17.02 -32.03 45.24
CA GLN E 114 15.76 -32.75 45.36
C GLN E 114 15.60 -33.82 44.28
N PHE E 115 16.18 -33.62 43.10
CA PHE E 115 16.01 -34.54 41.98
C PHE E 115 17.28 -35.29 41.64
N GLY E 116 18.40 -34.60 41.52
CA GLY E 116 19.66 -35.20 41.15
C GLY E 116 20.26 -34.52 39.94
N ASP E 117 21.30 -35.15 39.41
CA ASP E 117 21.96 -34.63 38.22
C ASP E 117 21.01 -34.71 37.02
N GLY E 118 20.83 -33.59 36.34
CA GLY E 118 19.93 -33.54 35.21
C GLY E 118 19.37 -32.14 35.02
N ILE E 119 18.19 -32.08 34.39
CA ILE E 119 17.54 -30.83 34.05
C ILE E 119 16.05 -30.95 34.39
N ILE E 120 15.41 -29.79 34.49
CA ILE E 120 13.96 -29.70 34.49
C ILE E 120 13.53 -29.20 33.12
N SER E 121 12.76 -30.02 32.41
CA SER E 121 12.55 -29.80 30.98
C SER E 121 11.77 -28.53 30.71
N ALA E 122 12.13 -27.89 29.59
CA ALA E 122 11.36 -26.80 29.01
C ALA E 122 10.55 -27.25 27.80
N ILE E 123 10.64 -28.53 27.44
CA ILE E 123 9.86 -29.10 26.37
C ILE E 123 8.71 -29.94 26.91
N ASN E 124 8.99 -30.82 27.85
CA ASN E 124 7.96 -31.52 28.63
C ASN E 124 7.53 -30.59 29.77
N PHE E 125 6.80 -29.54 29.40
CA PHE E 125 6.69 -28.38 30.25
C PHE E 125 5.29 -27.77 30.12
N LYS E 126 4.76 -27.33 31.26
CA LYS E 126 3.46 -26.67 31.33
C LYS E 126 3.59 -25.36 32.07
N LEU E 127 2.88 -24.33 31.61
CA LEU E 127 2.91 -23.01 32.20
C LEU E 127 1.50 -22.57 32.57
N ASP E 128 1.37 -21.93 33.72
CA ASP E 128 0.07 -21.46 34.20
C ASP E 128 0.26 -20.18 35.00
N ILE E 129 -0.57 -19.18 34.73
CA ILE E 129 -0.59 -17.93 35.48
C ILE E 129 -1.97 -17.79 36.14
N LYS E 130 -1.98 -17.54 37.43
CA LYS E 130 -3.21 -17.47 38.21
C LYS E 130 -3.23 -16.18 39.02
N LYS E 131 -4.36 -15.50 39.02
CA LYS E 131 -4.53 -14.26 39.77
C LYS E 131 -5.15 -14.58 41.13
N VAL E 132 -4.48 -14.15 42.19
CA VAL E 132 -4.96 -14.35 43.56
C VAL E 132 -4.91 -13.02 44.28
N ALA E 133 -5.70 -12.91 45.34
CA ALA E 133 -5.82 -11.67 46.09
C ALA E 133 -4.70 -11.59 47.10
N ASP E 134 -4.14 -10.42 47.23
CA ASP E 134 -3.11 -10.20 48.23
C ASP E 134 -3.71 -9.81 49.57
N PRO E 135 -3.33 -10.48 50.66
CA PRO E 135 -3.88 -10.14 51.98
C PRO E 135 -3.63 -8.71 52.44
N ASP E 136 -2.54 -8.02 52.00
CA ASP E 136 -2.34 -6.61 52.38
C ASP E 136 -3.06 -5.67 51.45
N GLY E 137 -4.08 -6.14 50.74
CA GLY E 137 -4.74 -5.37 49.71
C GLY E 137 -4.00 -5.44 48.38
N GLY E 138 -4.76 -5.58 47.29
CA GLY E 138 -4.20 -5.73 45.97
C GLY E 138 -4.25 -7.18 45.50
N GLU E 139 -3.63 -7.41 44.34
CA GLU E 139 -3.64 -8.72 43.72
C GLU E 139 -2.21 -9.21 43.48
N ARG E 140 -2.10 -10.52 43.29
CA ARG E 140 -0.82 -11.19 43.07
C ARG E 140 -0.93 -12.15 41.91
N ALA E 141 0.20 -12.40 41.24
CA ALA E 141 0.28 -13.40 40.19
C ALA E 141 1.01 -14.63 40.70
N VAL E 142 0.44 -15.80 40.44
CA VAL E 142 1.03 -17.08 40.82
C VAL E 142 1.31 -17.85 39.54
N ILE E 143 2.52 -17.68 39.00
CA ILE E 143 2.96 -18.39 37.80
C ILE E 143 3.56 -19.73 38.21
N THR E 144 3.12 -20.79 37.54
CA THR E 144 3.52 -22.15 37.86
C THR E 144 4.33 -22.73 36.71
N LEU E 145 5.52 -23.27 37.03
CA LEU E 145 6.38 -23.93 36.05
C LEU E 145 6.38 -25.43 36.38
N ASP E 146 5.84 -26.23 35.46
CA ASP E 146 5.71 -27.68 35.65
C ASP E 146 6.52 -28.38 34.57
N GLY E 147 7.72 -28.83 34.91
CA GLY E 147 8.61 -29.48 33.96
C GLY E 147 8.99 -30.88 34.41
N LYS E 148 9.14 -31.78 33.43
CA LYS E 148 9.59 -33.13 33.72
C LYS E 148 11.07 -33.14 34.05
N TYR E 149 11.45 -33.98 35.02
CA TYR E 149 12.85 -34.13 35.40
C TYR E 149 13.52 -35.13 34.45
N LEU E 150 14.54 -34.65 33.74
CA LEU E 150 15.36 -35.53 32.90
C LEU E 150 16.71 -35.74 33.57
N PRO E 151 17.04 -36.94 34.00
CA PRO E 151 18.34 -37.16 34.62
C PRO E 151 19.43 -37.31 33.57
N THR E 152 20.63 -36.90 33.93
CA THR E 152 21.81 -37.14 33.10
C THR E 152 22.37 -38.48 33.54
N LYS E 153 22.20 -39.49 32.72
CA LYS E 153 22.72 -40.74 33.19
C LYS E 153 23.97 -41.12 32.41
N PRO E 154 24.96 -41.71 33.07
CA PRO E 154 26.23 -42.02 32.40
C PRO E 154 26.04 -42.98 31.24
N PHE E 155 26.92 -42.86 30.25
CA PHE E 155 26.91 -43.77 29.12
C PHE E 155 28.29 -44.37 28.89
N THR F 1 64.55 -4.69 18.42
CA THR F 1 64.40 -4.42 19.84
C THR F 1 63.37 -5.41 20.42
N HIS F 2 63.40 -5.61 21.73
CA HIS F 2 62.53 -6.61 22.35
C HIS F 2 61.09 -6.11 22.40
N SER F 3 60.16 -7.00 22.08
CA SER F 3 58.74 -6.69 22.10
C SER F 3 58.06 -7.54 23.14
N LEU F 4 56.95 -7.04 23.67
CA LEU F 4 56.15 -7.75 24.65
C LEU F 4 54.89 -8.33 23.99
N HIS F 5 54.51 -9.52 24.41
CA HIS F 5 53.35 -10.20 23.84
C HIS F 5 52.06 -9.83 24.56
N ASN F 6 52.14 -9.43 25.84
CA ASN F 6 50.99 -9.04 26.63
C ASN F 6 51.24 -7.68 27.24
N ALA F 7 50.21 -7.13 27.89
CA ALA F 7 50.30 -5.82 28.50
C ALA F 7 50.62 -5.87 29.99
N ALA F 8 50.45 -7.02 30.63
CA ALA F 8 50.70 -7.14 32.07
C ALA F 8 52.07 -6.64 32.50
N PRO F 9 53.19 -6.97 31.82
CA PRO F 9 54.48 -6.43 32.29
C PRO F 9 54.54 -4.91 32.29
N ARG F 10 53.98 -4.25 31.28
CA ARG F 10 53.99 -2.79 31.25
C ARG F 10 52.94 -2.17 32.15
N GLU F 11 51.88 -2.93 32.48
CA GLU F 11 50.91 -2.42 33.44
C GLU F 11 51.48 -2.37 34.84
N ALA F 12 52.33 -3.34 35.19
CA ALA F 12 53.01 -3.31 36.48
C ALA F 12 54.04 -2.19 36.53
N LEU F 13 54.79 -2.00 35.45
CA LEU F 13 55.76 -0.90 35.40
C LEU F 13 55.05 0.45 35.51
N THR F 14 53.89 0.58 34.86
CA THR F 14 53.14 1.83 34.91
C THR F 14 52.69 2.14 36.33
N ASP F 15 52.31 1.11 37.09
CA ASP F 15 51.86 1.33 38.47
C ASP F 15 53.00 1.80 39.36
N THR F 16 54.21 1.29 39.12
CA THR F 16 55.37 1.72 39.91
C THR F 16 55.83 3.11 39.50
N ILE F 17 55.84 3.40 38.20
CA ILE F 17 56.25 4.72 37.73
C ILE F 17 55.29 5.80 38.23
N MET F 18 53.98 5.52 38.18
CA MET F 18 53.01 6.50 38.65
C MET F 18 53.11 6.71 40.15
N ALA F 19 53.35 5.64 40.91
CA ALA F 19 53.58 5.79 42.35
C ALA F 19 54.79 6.66 42.62
N ALA F 20 55.89 6.43 41.90
CA ALA F 20 57.09 7.25 42.08
C ALA F 20 56.83 8.70 41.72
N LYS F 21 56.03 8.95 40.67
CA LYS F 21 55.76 10.32 40.26
C LYS F 21 55.04 11.10 41.37
N ILE F 22 54.08 10.46 42.03
CA ILE F 22 53.34 11.13 43.09
C ILE F 22 54.23 11.31 44.31
N ARG F 23 55.03 10.31 44.63
CA ARG F 23 55.87 10.33 45.83
C ARG F 23 56.99 11.35 45.72
N HIS F 24 57.47 11.58 44.50
CA HIS F 24 58.45 12.64 44.25
C HIS F 24 57.78 13.97 43.95
N ASN F 25 56.44 13.99 43.93
CA ASN F 25 55.65 15.16 43.57
C ASN F 25 56.14 15.79 42.27
N LEU F 26 56.26 14.97 41.24
CA LEU F 26 56.68 15.39 39.92
C LEU F 26 55.50 15.43 38.96
N THR F 27 55.66 16.22 37.90
CA THR F 27 54.69 16.32 36.83
C THR F 27 55.21 15.57 35.61
N PHE F 28 54.29 15.27 34.69
CA PHE F 28 54.72 14.70 33.41
C PHE F 28 55.57 15.72 32.66
N GLU F 29 55.34 17.01 32.90
CA GLU F 29 56.19 18.02 32.29
C GLU F 29 57.62 17.93 32.83
N ALA F 30 57.77 17.72 34.14
CA ALA F 30 59.10 17.60 34.71
C ALA F 30 59.80 16.33 34.25
N LEU F 31 59.06 15.23 34.14
CA LEU F 31 59.66 13.97 33.73
C LEU F 31 60.11 14.02 32.27
N ALA F 32 59.39 14.76 31.42
CA ALA F 32 59.74 14.85 30.02
C ALA F 32 60.83 15.87 29.74
N GLN F 33 61.16 16.71 30.73
CA GLN F 33 62.20 17.71 30.55
C GLN F 33 63.57 17.06 30.51
N GLY F 34 64.40 17.53 29.59
CA GLY F 34 65.72 16.97 29.42
C GLY F 34 65.75 15.63 28.72
N THR F 35 64.64 15.21 28.12
CA THR F 35 64.62 13.98 27.34
C THR F 35 64.68 14.24 25.84
N GLY F 36 64.40 15.47 25.40
CA GLY F 36 64.37 15.79 23.99
C GLY F 36 63.09 15.41 23.28
N LEU F 37 62.17 14.72 23.95
CA LEU F 37 60.94 14.25 23.36
C LEU F 37 59.76 15.09 23.83
N SER F 38 58.64 14.98 23.11
CA SER F 38 57.45 15.75 23.41
C SER F 38 56.74 15.20 24.65
N LEU F 39 55.94 16.08 25.27
CA LEU F 39 55.20 15.70 26.47
C LEU F 39 54.28 14.52 26.21
N ALA F 40 53.55 14.54 25.09
CA ALA F 40 52.59 13.48 24.80
C ALA F 40 53.28 12.13 24.58
N PHE F 41 54.46 12.14 23.96
CA PHE F 41 55.14 10.88 23.69
C PHE F 41 55.65 10.24 24.98
N VAL F 42 56.38 11.00 25.79
CA VAL F 42 56.95 10.44 27.01
C VAL F 42 55.86 10.01 27.97
N THR F 43 54.79 10.80 28.06
CA THR F 43 53.67 10.44 28.93
C THR F 43 53.02 9.13 28.48
N ALA F 44 52.82 8.97 27.16
CA ALA F 44 52.27 7.73 26.64
C ALA F 44 53.18 6.54 26.93
N ALA F 45 54.49 6.74 26.80
CA ALA F 45 55.44 5.64 27.06
C ALA F 45 55.37 5.20 28.51
N LEU F 46 55.29 6.14 29.45
CA LEU F 46 55.15 5.77 30.85
C LEU F 46 53.85 5.03 31.11
N LEU F 47 52.80 5.37 30.37
CA LEU F 47 51.53 4.66 30.46
C LEU F 47 51.49 3.39 29.63
N GLY F 48 52.65 2.91 29.20
CA GLY F 48 52.77 1.61 28.55
C GLY F 48 52.37 1.56 27.10
N GLN F 49 52.38 2.69 26.40
CA GLN F 49 51.95 2.75 25.01
C GLN F 49 53.08 3.04 24.04
N HIS F 50 54.29 3.27 24.53
CA HIS F 50 55.41 3.58 23.65
C HIS F 50 56.70 3.10 24.27
N ALA F 51 57.71 2.94 23.42
CA ALA F 51 59.05 2.56 23.84
C ALA F 51 59.92 3.81 23.91
N LEU F 52 60.64 3.96 25.03
CA LEU F 52 61.55 5.09 25.18
C LEU F 52 62.95 4.69 24.74
N PRO F 53 63.67 5.55 24.02
CA PRO F 53 65.09 5.31 23.82
C PRO F 53 65.81 5.32 25.16
N GLU F 54 66.89 4.53 25.24
CA GLU F 54 67.55 4.33 26.53
C GLU F 54 68.01 5.62 27.20
N PRO F 55 68.51 6.65 26.49
CA PRO F 55 68.82 7.90 27.22
C PRO F 55 67.61 8.49 27.90
N ALA F 56 66.46 8.53 27.22
CA ALA F 56 65.24 9.02 27.85
C ALA F 56 64.79 8.12 28.98
N ALA F 57 64.95 6.80 28.81
CA ALA F 57 64.56 5.87 29.86
C ALA F 57 65.42 6.05 31.12
N ARG F 58 66.71 6.39 30.95
CA ARG F 58 67.57 6.55 32.12
C ARG F 58 67.35 7.86 32.85
N THR F 59 67.04 8.95 32.14
CA THR F 59 66.73 10.20 32.84
C THR F 59 65.44 10.06 33.64
N VAL F 60 64.46 9.34 33.10
CA VAL F 60 63.20 9.18 33.81
C VAL F 60 63.36 8.21 34.98
N ALA F 61 64.16 7.16 34.80
CA ALA F 61 64.38 6.23 35.89
C ALA F 61 65.21 6.85 37.00
N ALA F 62 66.11 7.77 36.65
CA ALA F 62 66.90 8.47 37.65
C ALA F 62 66.04 9.43 38.47
N LYS F 63 65.14 10.16 37.82
CA LYS F 63 64.30 11.12 38.54
C LYS F 63 63.37 10.42 39.51
N LEU F 64 62.89 9.23 39.15
CA LEU F 64 61.97 8.48 39.98
C LEU F 64 62.66 7.48 40.89
N GLY F 65 63.98 7.30 40.74
CA GLY F 65 64.74 6.37 41.56
C GLY F 65 64.36 4.93 41.33
N LEU F 66 64.31 4.53 40.06
CA LEU F 66 63.89 3.18 39.68
C LEU F 66 65.11 2.29 39.42
N ASP F 67 64.89 0.99 39.58
CA ASP F 67 65.93 0.00 39.36
C ASP F 67 66.23 -0.14 37.86
N GLU F 68 67.11 -1.09 37.58
CA GLU F 68 67.54 -1.38 36.22
C GLU F 68 66.49 -2.13 35.41
N GLU F 69 65.62 -2.89 36.10
CA GLU F 69 64.53 -3.56 35.41
C GLU F 69 63.56 -2.56 34.81
N ALA F 70 63.46 -1.37 35.41
CA ALA F 70 62.61 -0.33 34.85
C ALA F 70 63.21 0.28 33.60
N VAL F 71 64.55 0.44 33.57
CA VAL F 71 65.20 1.01 32.40
C VAL F 71 65.07 0.10 31.20
N LEU F 72 65.15 -1.21 31.44
CA LEU F 72 64.98 -2.18 30.35
C LEU F 72 63.54 -2.25 29.87
N LEU F 73 62.59 -2.25 30.80
CA LEU F 73 61.18 -2.38 30.43
C LEU F 73 60.63 -1.16 29.70
N LEU F 74 61.15 0.04 29.99
CA LEU F 74 60.68 1.23 29.30
C LEU F 74 61.13 1.27 27.84
N GLN F 75 62.13 0.48 27.47
CA GLN F 75 62.64 0.45 26.10
C GLN F 75 62.00 -0.62 25.25
N THR F 76 61.17 -1.49 25.84
CA THR F 76 60.58 -2.58 25.09
C THR F 76 59.32 -2.12 24.37
N ILE F 77 59.10 -2.69 23.20
CA ILE F 77 57.90 -2.43 22.41
C ILE F 77 56.72 -3.08 23.10
N PRO F 78 55.69 -2.33 23.47
CA PRO F 78 54.57 -2.90 24.22
C PRO F 78 53.46 -3.43 23.30
N LEU F 79 52.49 -4.08 23.93
CA LEU F 79 51.23 -4.44 23.28
C LEU F 79 50.26 -3.30 23.54
N ARG F 80 50.03 -2.47 22.52
CA ARG F 80 49.34 -1.20 22.71
C ARG F 80 47.84 -1.38 22.91
N GLY F 81 47.24 -0.37 23.55
CA GLY F 81 45.84 -0.39 23.93
C GLY F 81 45.65 0.12 25.35
N SER F 82 45.21 1.37 25.50
CA SER F 82 45.09 1.98 26.81
C SER F 82 43.67 1.99 27.36
N ILE F 83 42.66 1.79 26.52
CA ILE F 83 41.28 1.77 26.99
C ILE F 83 40.84 0.31 27.05
N PRO F 84 40.77 -0.29 28.24
CA PRO F 84 40.30 -1.68 28.33
C PRO F 84 38.84 -1.78 27.90
N GLY F 85 38.58 -2.64 26.92
CA GLY F 85 37.26 -2.79 26.36
C GLY F 85 36.99 -1.94 25.14
N GLY F 86 37.93 -1.09 24.73
CA GLY F 86 37.78 -0.30 23.53
C GLY F 86 36.97 0.97 23.73
N VAL F 87 35.92 0.88 24.52
CA VAL F 87 35.03 2.00 24.80
C VAL F 87 35.21 2.39 26.26
N PRO F 88 35.55 3.64 26.56
CA PRO F 88 35.77 4.03 27.95
C PRO F 88 34.46 4.36 28.65
N THR F 89 34.52 4.30 29.98
CA THR F 89 33.43 4.76 30.83
C THR F 89 33.78 6.03 31.59
N ASP F 90 35.06 6.26 31.88
CA ASP F 90 35.47 7.48 32.55
C ASP F 90 35.09 8.68 31.70
N PRO F 91 34.42 9.68 32.28
CA PRO F 91 33.95 10.82 31.47
C PRO F 91 35.06 11.54 30.73
N THR F 92 36.23 11.72 31.36
CA THR F 92 37.31 12.47 30.72
C THR F 92 37.73 11.83 29.40
N ILE F 93 37.88 10.50 29.38
CA ILE F 93 38.26 9.82 28.16
C ILE F 93 37.09 9.73 27.19
N TYR F 94 35.87 9.54 27.72
CA TYR F 94 34.71 9.33 26.86
C TYR F 94 34.44 10.54 25.97
N ARG F 95 34.67 11.75 26.47
CA ARG F 95 34.43 12.94 25.66
C ARG F 95 35.18 12.85 24.33
N PHE F 96 36.40 12.31 24.35
CA PHE F 96 37.13 12.09 23.11
C PHE F 96 36.52 10.96 22.31
N TYR F 97 35.96 9.96 22.98
CA TYR F 97 35.20 8.93 22.27
C TYR F 97 33.95 9.51 21.63
N GLU F 98 33.29 10.43 22.35
CA GLU F 98 32.09 11.08 21.82
C GLU F 98 32.41 11.96 20.63
N MET F 99 33.54 12.68 20.67
CA MET F 99 33.97 13.47 19.52
C MET F 99 34.07 12.61 18.27
N LEU F 100 34.64 11.41 18.40
CA LEU F 100 34.76 10.51 17.26
C LEU F 100 33.39 10.04 16.78
N GLN F 101 32.43 9.86 17.70
CA GLN F 101 31.12 9.37 17.31
C GLN F 101 30.37 10.38 16.46
N VAL F 102 30.51 11.68 16.77
CA VAL F 102 29.77 12.71 16.06
C VAL F 102 30.46 13.11 14.75
N TYR F 103 31.78 13.31 14.81
CA TYR F 103 32.54 13.84 13.69
C TYR F 103 33.32 12.78 12.95
N GLY F 104 33.05 11.50 13.20
CA GLY F 104 33.73 10.44 12.48
C GLY F 104 33.45 10.47 10.99
N SER F 105 32.16 10.51 10.62
CA SER F 105 31.78 10.63 9.21
C SER F 105 32.34 11.90 8.60
N THR F 106 32.33 13.00 9.36
CA THR F 106 32.81 14.28 8.84
C THR F 106 34.30 14.23 8.56
N LEU F 107 35.07 13.57 9.43
CA LEU F 107 36.51 13.47 9.22
C LEU F 107 36.83 12.69 7.95
N LYS F 108 36.13 11.58 7.72
CA LYS F 108 36.35 10.80 6.50
C LYS F 108 36.01 11.62 5.27
N ALA F 109 34.86 12.29 5.29
CA ALA F 109 34.42 13.08 4.15
C ALA F 109 35.42 14.18 3.81
N LEU F 110 35.89 14.91 4.83
CA LEU F 110 36.79 16.02 4.58
C LEU F 110 38.21 15.55 4.25
N VAL F 111 38.61 14.39 4.77
CA VAL F 111 39.92 13.84 4.40
C VAL F 111 39.94 13.45 2.93
N HIS F 112 38.88 12.80 2.46
CA HIS F 112 38.81 12.42 1.05
C HIS F 112 38.62 13.62 0.14
N GLU F 113 38.07 14.72 0.66
CA GLU F 113 37.87 15.91 -0.15
C GLU F 113 39.16 16.72 -0.26
N GLN F 114 39.83 16.96 0.87
CA GLN F 114 41.02 17.80 0.85
C GLN F 114 42.27 17.04 0.42
N PHE F 115 42.34 15.75 0.70
CA PHE F 115 43.53 14.95 0.40
C PHE F 115 43.29 13.92 -0.69
N GLY F 116 42.22 13.14 -0.59
CA GLY F 116 41.91 12.08 -1.52
C GLY F 116 41.74 10.75 -0.82
N ASP F 117 41.69 9.70 -1.62
CA ASP F 117 41.52 8.35 -1.07
C ASP F 117 42.75 7.97 -0.24
N GLY F 118 42.52 7.54 0.98
CA GLY F 118 43.60 7.17 1.87
C GLY F 118 43.20 7.37 3.32
N ILE F 119 44.22 7.54 4.16
CA ILE F 119 44.05 7.67 5.60
C ILE F 119 44.92 8.80 6.10
N ILE F 120 44.63 9.25 7.32
CA ILE F 120 45.53 10.10 8.08
C ILE F 120 46.21 9.20 9.10
N SER F 121 47.53 9.07 8.99
CA SER F 121 48.24 8.03 9.71
C SER F 121 48.18 8.25 11.21
N ALA F 122 48.12 7.13 11.95
CA ALA F 122 48.24 7.14 13.40
C ALA F 122 49.61 6.69 13.87
N ILE F 123 50.51 6.37 12.94
CA ILE F 123 51.89 6.02 13.25
C ILE F 123 52.83 7.18 12.97
N ASN F 124 52.70 7.77 11.78
CA ASN F 124 53.36 9.03 11.46
C ASN F 124 52.49 10.16 11.99
N PHE F 125 52.52 10.33 13.32
CA PHE F 125 51.49 11.05 14.02
C PHE F 125 52.09 11.81 15.20
N LYS F 126 51.58 13.01 15.44
CA LYS F 126 52.01 13.86 16.54
C LYS F 126 50.79 14.29 17.34
N LEU F 127 50.91 14.29 18.66
CA LEU F 127 49.85 14.73 19.55
C LEU F 127 50.37 15.82 20.47
N ASP F 128 49.57 16.86 20.67
CA ASP F 128 49.97 17.97 21.52
C ASP F 128 48.73 18.59 22.16
N ILE F 129 48.81 18.89 23.45
CA ILE F 129 47.74 19.55 24.19
C ILE F 129 48.24 20.90 24.69
N LYS F 130 47.46 21.95 24.43
CA LYS F 130 47.80 23.33 24.79
C LYS F 130 46.63 23.97 25.52
N LYS F 131 46.94 24.71 26.58
CA LYS F 131 45.94 25.38 27.39
C LYS F 131 45.77 26.83 26.94
N VAL F 132 44.52 27.21 26.64
CA VAL F 132 44.17 28.56 26.22
C VAL F 132 42.98 29.02 27.05
N ALA F 133 42.83 30.33 27.16
CA ALA F 133 41.76 30.95 27.95
C ALA F 133 40.50 31.10 27.10
N ASP F 134 39.36 30.89 27.74
CA ASP F 134 38.08 31.08 27.05
C ASP F 134 37.71 32.55 27.12
N PRO F 135 37.40 33.18 25.98
CA PRO F 135 37.18 34.65 26.01
C PRO F 135 36.10 35.13 26.96
N ASP F 136 35.04 34.35 27.19
CA ASP F 136 34.03 34.71 28.18
C ASP F 136 34.31 34.12 29.56
N GLY F 137 35.58 33.88 29.87
CA GLY F 137 35.96 33.22 31.11
C GLY F 137 36.02 31.71 31.08
N GLY F 138 37.03 31.19 31.76
CA GLY F 138 37.34 29.77 31.82
C GLY F 138 38.53 29.44 30.95
N GLU F 139 38.83 28.15 30.88
CA GLU F 139 39.98 27.65 30.15
C GLU F 139 39.54 26.65 29.10
N ARG F 140 40.40 26.44 28.11
CA ARG F 140 40.11 25.52 27.02
C ARG F 140 41.34 24.68 26.72
N ALA F 141 41.11 23.48 26.21
CA ALA F 141 42.17 22.61 25.73
C ALA F 141 42.17 22.63 24.21
N VAL F 142 43.34 22.78 23.63
CA VAL F 142 43.51 22.78 22.17
C VAL F 142 44.38 21.57 21.85
N ILE F 143 43.73 20.44 21.60
CA ILE F 143 44.42 19.20 21.23
C ILE F 143 44.65 19.21 19.73
N THR F 144 45.89 18.95 19.33
CA THR F 144 46.28 18.98 17.93
C THR F 144 46.68 17.58 17.50
N LEU F 145 46.07 17.11 16.41
CA LEU F 145 46.38 15.82 15.82
C LEU F 145 47.08 16.07 14.50
N ASP F 146 48.34 15.67 14.40
CA ASP F 146 49.15 15.91 13.21
C ASP F 146 49.53 14.55 12.62
N GLY F 147 48.83 14.13 11.59
CA GLY F 147 49.07 12.85 10.96
C GLY F 147 49.41 13.01 9.49
N LYS F 148 50.32 12.17 9.02
CA LYS F 148 50.71 12.17 7.62
C LYS F 148 49.59 11.56 6.77
N TYR F 149 49.36 12.14 5.59
CA TYR F 149 48.37 11.59 4.68
C TYR F 149 49.00 10.44 3.89
N LEU F 150 48.44 9.25 4.06
CA LEU F 150 48.89 8.09 3.30
C LEU F 150 47.84 7.76 2.26
N PRO F 151 48.12 7.92 0.97
CA PRO F 151 47.08 7.66 -0.04
C PRO F 151 46.93 6.18 -0.34
N THR F 152 45.71 5.82 -0.71
CA THR F 152 45.40 4.48 -1.22
C THR F 152 45.54 4.53 -2.74
N LYS F 153 46.61 3.94 -3.26
CA LYS F 153 46.77 4.01 -4.70
C LYS F 153 46.50 2.65 -5.33
N PRO F 154 45.91 2.64 -6.52
CA PRO F 154 45.59 1.36 -7.16
C PRO F 154 46.84 0.54 -7.44
N PHE F 155 46.68 -0.78 -7.41
CA PHE F 155 47.80 -1.65 -7.73
C PHE F 155 47.37 -2.67 -8.78
N THR G 1 49.62 -37.50 21.05
CA THR G 1 50.44 -36.71 21.95
C THR G 1 49.50 -35.94 22.89
N HIS G 2 50.03 -35.49 24.04
CA HIS G 2 49.20 -34.86 25.05
C HIS G 2 48.78 -33.46 24.61
N SER G 3 47.52 -33.13 24.79
CA SER G 3 47.00 -31.83 24.46
C SER G 3 46.45 -31.16 25.72
N LEU G 4 46.39 -29.84 25.70
CA LEU G 4 45.88 -29.05 26.81
C LEU G 4 44.45 -28.57 26.56
N HIS G 5 43.64 -28.55 27.63
CA HIS G 5 42.24 -28.17 27.53
C HIS G 5 42.01 -26.67 27.66
N ASN G 6 42.90 -25.95 28.35
CA ASN G 6 42.78 -24.51 28.50
C ASN G 6 44.09 -23.84 28.09
N ALA G 7 44.06 -22.51 28.03
CA ALA G 7 45.22 -21.74 27.61
C ALA G 7 46.05 -21.22 28.78
N ALA G 8 45.50 -21.22 30.01
CA ALA G 8 46.21 -20.70 31.17
C ALA G 8 47.59 -21.31 31.38
N PRO G 9 47.79 -22.63 31.32
CA PRO G 9 49.14 -23.16 31.53
C PRO G 9 50.17 -22.70 30.51
N ARG G 10 49.79 -22.59 29.24
CA ARG G 10 50.76 -22.16 28.22
C ARG G 10 51.01 -20.67 28.25
N GLU G 11 50.06 -19.87 28.75
CA GLU G 11 50.30 -18.44 28.88
C GLU G 11 51.32 -18.17 29.97
N ALA G 12 51.33 -18.96 31.04
CA ALA G 12 52.35 -18.82 32.07
C ALA G 12 53.71 -19.23 31.53
N LEU G 13 53.77 -20.32 30.76
CA LEU G 13 55.01 -20.71 30.13
C LEU G 13 55.49 -19.66 29.13
N THR G 14 54.57 -19.07 28.36
CA THR G 14 54.96 -18.06 27.38
C THR G 14 55.54 -16.82 28.05
N ASP G 15 54.96 -16.38 29.17
CA ASP G 15 55.51 -15.22 29.85
C ASP G 15 56.85 -15.52 30.48
N THR G 16 57.07 -16.76 30.92
CA THR G 16 58.38 -17.15 31.44
C THR G 16 59.40 -17.24 30.31
N ILE G 17 58.98 -17.77 29.15
CA ILE G 17 59.87 -17.83 27.99
C ILE G 17 60.26 -16.43 27.55
N MET G 18 59.30 -15.52 27.50
CA MET G 18 59.58 -14.15 27.09
C MET G 18 60.43 -13.43 28.14
N ALA G 19 60.17 -13.70 29.43
CA ALA G 19 61.00 -13.12 30.47
C ALA G 19 62.45 -13.56 30.31
N ALA G 20 62.67 -14.86 30.10
CA ALA G 20 64.02 -15.37 29.89
C ALA G 20 64.63 -14.81 28.61
N LYS G 21 63.82 -14.65 27.56
CA LYS G 21 64.34 -14.12 26.30
C LYS G 21 64.85 -12.70 26.45
N ILE G 22 64.09 -11.85 27.14
CA ILE G 22 64.51 -10.48 27.35
C ILE G 22 65.65 -10.43 28.37
N ARG G 23 65.58 -11.25 29.41
CA ARG G 23 66.60 -11.19 30.45
C ARG G 23 67.96 -11.71 29.95
N HIS G 24 67.95 -12.70 29.07
CA HIS G 24 69.19 -13.22 28.49
C HIS G 24 69.59 -12.53 27.19
N ASN G 25 68.82 -11.53 26.75
CA ASN G 25 69.07 -10.81 25.50
C ASN G 25 69.24 -11.77 24.31
N LEU G 26 68.24 -12.61 24.13
CA LEU G 26 68.18 -13.58 23.05
C LEU G 26 67.23 -13.11 21.95
N THR G 27 67.45 -13.63 20.75
CA THR G 27 66.60 -13.36 19.60
C THR G 27 65.73 -14.57 19.31
N PHE G 28 64.63 -14.32 18.60
CA PHE G 28 63.84 -15.43 18.07
C PHE G 28 64.61 -16.16 16.99
N GLU G 29 65.52 -15.47 16.31
CA GLU G 29 66.35 -16.10 15.30
C GLU G 29 67.27 -17.13 15.93
N ALA G 30 67.84 -16.80 17.10
CA ALA G 30 68.72 -17.74 17.80
C ALA G 30 67.95 -18.92 18.37
N LEU G 31 66.74 -18.68 18.89
CA LEU G 31 65.96 -19.74 19.50
C LEU G 31 65.53 -20.78 18.49
N ALA G 32 65.25 -20.37 17.26
CA ALA G 32 64.81 -21.32 16.25
C ALA G 32 65.96 -22.05 15.57
N GLN G 33 67.19 -21.58 15.75
CA GLN G 33 68.32 -22.21 15.09
C GLN G 33 68.66 -23.54 15.74
N GLY G 34 69.00 -24.53 14.90
CA GLY G 34 69.33 -25.86 15.39
C GLY G 34 68.14 -26.69 15.80
N THR G 35 66.93 -26.28 15.43
CA THR G 35 65.74 -27.08 15.67
C THR G 35 65.28 -27.82 14.42
N GLY G 36 65.75 -27.40 13.24
CA GLY G 36 65.30 -27.98 11.99
C GLY G 36 63.98 -27.45 11.49
N LEU G 37 63.30 -26.61 12.27
CA LEU G 37 62.01 -26.05 11.94
C LEU G 37 62.15 -24.59 11.55
N SER G 38 61.13 -24.06 10.90
CA SER G 38 61.13 -22.69 10.41
C SER G 38 60.92 -21.70 11.56
N LEU G 39 61.37 -20.46 11.32
CA LEU G 39 61.26 -19.41 12.33
C LEU G 39 59.81 -19.18 12.74
N ALA G 40 58.90 -19.13 11.76
CA ALA G 40 57.50 -18.84 12.04
C ALA G 40 56.88 -19.91 12.93
N PHE G 41 57.27 -21.18 12.71
CA PHE G 41 56.70 -22.26 13.51
C PHE G 41 57.19 -22.20 14.96
N VAL G 42 58.50 -22.10 15.16
CA VAL G 42 59.06 -22.15 16.52
C VAL G 42 58.59 -20.95 17.32
N THR G 43 58.56 -19.76 16.71
CA THR G 43 58.08 -18.58 17.40
C THR G 43 56.62 -18.75 17.82
N ALA G 44 55.79 -19.31 16.93
CA ALA G 44 54.41 -19.60 17.29
C ALA G 44 54.33 -20.57 18.45
N ALA G 45 55.21 -21.59 18.45
CA ALA G 45 55.21 -22.56 19.54
C ALA G 45 55.58 -21.91 20.86
N LEU G 46 56.56 -21.00 20.86
CA LEU G 46 56.92 -20.31 22.09
C LEU G 46 55.80 -19.43 22.59
N LEU G 47 55.01 -18.83 21.69
CA LEU G 47 53.86 -18.04 22.07
C LEU G 47 52.62 -18.89 22.33
N GLY G 48 52.78 -20.20 22.49
CA GLY G 48 51.71 -21.08 22.90
C GLY G 48 50.75 -21.49 21.81
N GLN G 49 51.16 -21.45 20.55
CA GLN G 49 50.27 -21.76 19.44
C GLN G 49 50.62 -23.05 18.72
N HIS G 50 51.70 -23.72 19.11
CA HIS G 50 52.09 -24.95 18.44
C HIS G 50 52.83 -25.83 19.45
N ALA G 51 52.90 -27.11 19.12
CA ALA G 51 53.63 -28.08 19.93
C ALA G 51 55.01 -28.31 19.32
N LEU G 52 56.03 -28.26 20.15
CA LEU G 52 57.36 -28.55 19.63
C LEU G 52 57.69 -30.03 19.80
N PRO G 53 58.30 -30.66 18.79
CA PRO G 53 58.87 -31.99 19.01
C PRO G 53 60.00 -31.93 20.03
N GLU G 54 60.19 -33.05 20.74
CA GLU G 54 61.11 -33.07 21.87
C GLU G 54 62.53 -32.61 21.57
N PRO G 55 63.17 -32.95 20.45
CA PRO G 55 64.51 -32.38 20.19
C PRO G 55 64.50 -30.87 20.16
N ALA G 56 63.54 -30.27 19.45
CA ALA G 56 63.45 -28.82 19.41
C ALA G 56 63.09 -28.25 20.77
N ALA G 57 62.24 -28.96 21.53
CA ALA G 57 61.81 -28.48 22.83
C ALA G 57 62.98 -28.36 23.82
N ARG G 58 63.95 -29.27 23.74
CA ARG G 58 65.08 -29.17 24.67
C ARG G 58 66.09 -28.12 24.23
N THR G 59 66.30 -27.94 22.92
CA THR G 59 67.24 -26.93 22.46
C THR G 59 66.76 -25.53 22.84
N VAL G 60 65.45 -25.27 22.76
CA VAL G 60 64.95 -23.96 23.13
C VAL G 60 64.95 -23.80 24.64
N ALA G 61 64.64 -24.87 25.39
CA ALA G 61 64.65 -24.77 26.85
C ALA G 61 66.06 -24.66 27.40
N ALA G 62 67.04 -25.26 26.73
CA ALA G 62 68.43 -25.12 27.19
C ALA G 62 68.92 -23.69 27.01
N LYS G 63 68.59 -23.06 25.89
CA LYS G 63 69.03 -21.69 25.65
C LYS G 63 68.44 -20.71 26.66
N LEU G 64 67.21 -20.96 27.10
CA LEU G 64 66.56 -20.11 28.10
C LEU G 64 66.76 -20.60 29.52
N GLY G 65 67.34 -21.79 29.70
CA GLY G 65 67.56 -22.36 31.02
C GLY G 65 66.27 -22.68 31.74
N LEU G 66 65.38 -23.41 31.09
CA LEU G 66 64.08 -23.75 31.66
C LEU G 66 64.09 -25.16 32.23
N ASP G 67 63.20 -25.39 33.19
CA ASP G 67 63.08 -26.67 33.89
C ASP G 67 62.46 -27.73 32.98
N GLU G 68 62.31 -28.94 33.53
CA GLU G 68 61.72 -30.05 32.81
C GLU G 68 60.19 -29.98 32.73
N GLU G 69 59.56 -29.19 33.60
CA GLU G 69 58.14 -28.91 33.41
C GLU G 69 57.89 -28.00 32.22
N ALA G 70 58.93 -27.36 31.67
CA ALA G 70 58.81 -26.52 30.50
C ALA G 70 58.97 -27.32 29.21
N VAL G 71 59.89 -28.29 29.19
CA VAL G 71 60.05 -29.11 27.99
C VAL G 71 58.82 -29.97 27.78
N LEU G 72 58.18 -30.41 28.86
CA LEU G 72 56.95 -31.19 28.74
C LEU G 72 55.81 -30.32 28.26
N LEU G 73 55.71 -29.09 28.77
CA LEU G 73 54.65 -28.19 28.33
C LEU G 73 54.86 -27.71 26.90
N LEU G 74 56.12 -27.59 26.46
CA LEU G 74 56.40 -27.15 25.10
C LEU G 74 56.01 -28.19 24.06
N GLN G 75 55.88 -29.45 24.45
CA GLN G 75 55.53 -30.51 23.52
C GLN G 75 54.04 -30.80 23.46
N THR G 76 53.24 -30.16 24.31
CA THR G 76 51.82 -30.43 24.34
C THR G 76 51.09 -29.59 23.30
N ILE G 77 50.04 -30.18 22.73
CA ILE G 77 49.18 -29.48 21.78
C ILE G 77 48.37 -28.47 22.57
N PRO G 78 48.47 -27.18 22.26
CA PRO G 78 47.80 -26.16 23.08
C PRO G 78 46.37 -25.89 22.60
N LEU G 79 45.67 -25.07 23.39
CA LEU G 79 44.37 -24.52 23.00
C LEU G 79 44.66 -23.22 22.27
N ARG G 80 44.56 -23.25 20.94
CA ARG G 80 45.08 -22.17 20.11
C ARG G 80 44.17 -20.94 20.15
N GLY G 81 44.77 -19.79 19.82
CA GLY G 81 44.12 -18.50 19.91
C GLY G 81 45.04 -17.48 20.55
N SER G 82 45.63 -16.60 19.73
CA SER G 82 46.63 -15.65 20.23
C SER G 82 46.08 -14.24 20.44
N ILE G 83 44.95 -13.90 19.84
CA ILE G 83 44.35 -12.58 20.01
C ILE G 83 43.20 -12.68 21.00
N PRO G 84 43.36 -12.23 22.24
CA PRO G 84 42.25 -12.28 23.21
C PRO G 84 41.11 -11.37 22.78
N GLY G 85 39.93 -11.95 22.64
CA GLY G 85 38.78 -11.20 22.18
C GLY G 85 38.56 -11.25 20.68
N GLY G 86 39.44 -11.90 19.93
CA GLY G 86 39.26 -12.04 18.50
C GLY G 86 39.73 -10.85 17.68
N VAL G 87 39.48 -9.64 18.17
CA VAL G 87 39.85 -8.40 17.47
C VAL G 87 40.94 -7.71 18.26
N PRO G 88 42.09 -7.41 17.66
CA PRO G 88 43.18 -6.77 18.41
C PRO G 88 43.02 -5.26 18.49
N THR G 89 43.72 -4.67 19.45
CA THR G 89 43.83 -3.22 19.56
C THR G 89 45.22 -2.69 19.21
N ASP G 90 46.26 -3.50 19.43
CA ASP G 90 47.61 -3.10 19.07
C ASP G 90 47.70 -2.86 17.56
N PRO G 91 48.25 -1.71 17.13
CA PRO G 91 48.26 -1.40 15.69
C PRO G 91 48.97 -2.43 14.83
N THR G 92 50.08 -2.98 15.30
CA THR G 92 50.84 -3.94 14.49
C THR G 92 49.99 -5.15 14.14
N ILE G 93 49.25 -5.68 15.11
CA ILE G 93 48.38 -6.82 14.83
C ILE G 93 47.14 -6.39 14.05
N TYR G 94 46.60 -5.20 14.34
CA TYR G 94 45.35 -4.78 13.71
C TYR G 94 45.49 -4.65 12.20
N ARG G 95 46.65 -4.19 11.71
CA ARG G 95 46.83 -4.00 10.27
C ARG G 95 46.49 -5.27 9.50
N PHE G 96 46.82 -6.43 10.07
CA PHE G 96 46.46 -7.70 9.45
C PHE G 96 44.96 -7.96 9.53
N TYR G 97 44.31 -7.53 10.62
CA TYR G 97 42.86 -7.62 10.70
C TYR G 97 42.20 -6.75 9.64
N GLU G 98 42.76 -5.56 9.40
CA GLU G 98 42.19 -4.66 8.41
C GLU G 98 42.30 -5.25 7.00
N MET G 99 43.41 -5.92 6.70
CA MET G 99 43.53 -6.61 5.42
C MET G 99 42.38 -7.58 5.20
N LEU G 100 42.01 -8.31 6.27
CA LEU G 100 40.88 -9.23 6.18
C LEU G 100 39.57 -8.48 5.97
N GLN G 101 39.42 -7.29 6.57
CA GLN G 101 38.18 -6.55 6.44
C GLN G 101 37.96 -6.03 5.03
N VAL G 102 39.04 -5.63 4.35
CA VAL G 102 38.87 -5.06 3.00
C VAL G 102 38.83 -6.16 1.94
N TYR G 103 39.70 -7.16 2.05
CA TYR G 103 39.87 -8.19 1.03
C TYR G 103 39.23 -9.53 1.41
N GLY G 104 38.41 -9.56 2.46
CA GLY G 104 37.72 -10.79 2.81
C GLY G 104 36.78 -11.26 1.72
N SER G 105 35.90 -10.37 1.25
CA SER G 105 35.01 -10.70 0.14
C SER G 105 35.81 -11.06 -1.11
N THR G 106 36.91 -10.34 -1.37
CA THR G 106 37.70 -10.58 -2.56
C THR G 106 38.37 -11.96 -2.51
N LEU G 107 38.86 -12.35 -1.34
CA LEU G 107 39.49 -13.67 -1.21
C LEU G 107 38.50 -14.78 -1.49
N LYS G 108 37.28 -14.67 -0.94
CA LYS G 108 36.27 -15.68 -1.20
C LYS G 108 35.91 -15.72 -2.68
N ALA G 109 35.71 -14.54 -3.28
CA ALA G 109 35.34 -14.48 -4.69
C ALA G 109 36.40 -15.12 -5.57
N LEU G 110 37.67 -14.78 -5.35
CA LEU G 110 38.72 -15.29 -6.21
C LEU G 110 39.07 -16.75 -5.94
N VAL G 111 38.87 -17.21 -4.70
CA VAL G 111 39.09 -18.63 -4.42
C VAL G 111 38.07 -19.48 -5.16
N HIS G 112 36.81 -19.05 -5.16
CA HIS G 112 35.77 -19.79 -5.88
C HIS G 112 35.95 -19.69 -7.39
N GLU G 113 36.60 -18.64 -7.88
CA GLU G 113 36.81 -18.50 -9.32
C GLU G 113 38.01 -19.32 -9.78
N GLN G 114 39.14 -19.21 -9.07
CA GLN G 114 40.36 -19.89 -9.48
C GLN G 114 40.40 -21.36 -9.05
N PHE G 115 39.75 -21.70 -7.94
CA PHE G 115 39.79 -23.06 -7.42
C PHE G 115 38.45 -23.76 -7.48
N GLY G 116 37.38 -23.11 -7.03
CA GLY G 116 36.07 -23.68 -7.00
C GLY G 116 35.49 -23.59 -5.60
N ASP G 117 34.36 -24.27 -5.40
CA ASP G 117 33.72 -24.28 -4.10
C ASP G 117 34.59 -25.02 -3.09
N GLY G 118 34.84 -24.40 -1.96
CA GLY G 118 35.67 -24.97 -0.92
C GLY G 118 36.35 -23.90 -0.10
N ILE G 119 37.47 -24.28 0.50
CA ILE G 119 38.22 -23.40 1.38
C ILE G 119 39.70 -23.51 1.02
N ILE G 120 40.46 -22.53 1.49
CA ILE G 120 41.91 -22.60 1.52
C ILE G 120 42.30 -22.91 2.96
N SER G 121 42.95 -24.06 3.16
CA SER G 121 43.14 -24.60 4.50
C SER G 121 44.05 -23.71 5.34
N ALA G 122 43.73 -23.65 6.64
CA ALA G 122 44.59 -23.02 7.62
C ALA G 122 45.33 -24.04 8.48
N ILE G 123 45.11 -25.33 8.26
CA ILE G 123 45.81 -26.39 8.97
C ILE G 123 46.89 -27.02 8.09
N ASN G 124 46.54 -27.35 6.84
CA ASN G 124 47.53 -27.72 5.83
C ASN G 124 48.09 -26.42 5.26
N PHE G 125 48.87 -25.74 6.10
CA PHE G 125 49.14 -24.33 5.94
C PHE G 125 50.55 -24.00 6.41
N LYS G 126 51.23 -23.14 5.66
CA LYS G 126 52.55 -22.63 6.03
C LYS G 126 52.55 -21.12 5.95
N LEU G 127 53.28 -20.50 6.88
CA LEU G 127 53.37 -19.05 6.99
C LEU G 127 54.83 -18.64 6.87
N ASP G 128 55.07 -17.53 6.17
CA ASP G 128 56.43 -17.04 5.96
C ASP G 128 56.41 -15.52 5.93
N ILE G 129 57.36 -14.92 6.64
CA ILE G 129 57.56 -13.48 6.61
C ILE G 129 58.96 -13.22 6.10
N LYS G 130 59.08 -12.37 5.09
CA LYS G 130 60.35 -12.08 4.45
C LYS G 130 60.54 -10.57 4.34
N LYS G 131 61.74 -10.11 4.65
CA LYS G 131 62.09 -8.70 4.55
C LYS G 131 62.70 -8.46 3.18
N VAL G 132 62.13 -7.52 2.43
CA VAL G 132 62.62 -7.16 1.10
C VAL G 132 62.75 -5.65 1.03
N ALA G 133 63.57 -5.19 0.10
CA ALA G 133 63.81 -3.76 -0.03
C ALA G 133 62.70 -3.13 -0.85
N ASP G 134 62.23 -1.98 -0.39
CA ASP G 134 61.18 -1.30 -1.15
C ASP G 134 61.83 -0.37 -2.18
N PRO G 135 61.48 -0.49 -3.47
CA PRO G 135 62.13 0.37 -4.48
C PRO G 135 61.97 1.85 -4.22
N ASP G 136 60.95 2.27 -3.47
CA ASP G 136 60.76 3.67 -3.14
C ASP G 136 61.56 4.10 -1.91
N GLY G 137 62.61 3.36 -1.57
CA GLY G 137 63.36 3.59 -0.34
C GLY G 137 62.59 2.99 0.81
N GLY G 138 63.28 2.33 1.74
CA GLY G 138 62.59 1.69 2.84
C GLY G 138 62.50 0.19 2.68
N GLU G 139 61.75 -0.42 3.61
CA GLU G 139 61.60 -1.86 3.69
C GLU G 139 60.14 -2.25 3.58
N ARG G 140 59.91 -3.51 3.21
CA ARG G 140 58.59 -4.08 3.08
C ARG G 140 58.59 -5.47 3.70
N ALA G 141 57.42 -5.89 4.16
CA ALA G 141 57.23 -7.25 4.64
C ALA G 141 56.46 -8.04 3.58
N VAL G 142 56.92 -9.24 3.30
CA VAL G 142 56.26 -10.14 2.35
C VAL G 142 55.80 -11.35 3.14
N ILE G 143 54.58 -11.28 3.66
CA ILE G 143 53.98 -12.39 4.38
C ILE G 143 53.28 -13.29 3.36
N THR G 144 53.59 -14.58 3.40
CA THR G 144 53.07 -15.54 2.43
C THR G 144 52.20 -16.56 3.16
N LEU G 145 51.00 -16.76 2.65
CA LEU G 145 50.08 -17.77 3.16
C LEU G 145 49.98 -18.87 2.13
N ASP G 146 50.42 -20.07 2.49
CA ASP G 146 50.45 -21.23 1.60
C ASP G 146 49.52 -22.27 2.19
N GLY G 147 48.30 -22.34 1.66
CA GLY G 147 47.28 -23.26 2.16
C GLY G 147 46.78 -24.19 1.08
N LYS G 148 46.50 -25.43 1.46
CA LYS G 148 45.96 -26.40 0.53
C LYS G 148 44.50 -26.09 0.21
N TYR G 149 44.13 -26.28 -1.06
CA TYR G 149 42.74 -26.08 -1.47
C TYR G 149 41.93 -27.34 -1.17
N LEU G 150 40.92 -27.20 -0.33
CA LEU G 150 40.01 -28.30 -0.01
C LEU G 150 38.67 -28.02 -0.66
N PRO G 151 38.22 -28.80 -1.64
CA PRO G 151 36.94 -28.51 -2.29
C PRO G 151 35.75 -29.00 -1.47
N THR G 152 34.64 -28.27 -1.61
CA THR G 152 33.34 -28.72 -1.10
C THR G 152 32.63 -29.41 -2.27
N LYS G 153 32.60 -30.74 -2.23
CA LYS G 153 31.97 -31.50 -3.29
C LYS G 153 30.67 -32.14 -2.81
N PRO G 154 29.67 -32.28 -3.68
CA PRO G 154 28.38 -32.81 -3.25
C PRO G 154 28.50 -34.22 -2.69
N PHE G 155 27.64 -34.52 -1.72
CA PHE G 155 27.56 -35.86 -1.13
C PHE G 155 26.13 -36.35 -1.12
N THR H 1 22.60 -35.68 45.03
CA THR H 1 24.04 -35.65 45.19
C THR H 1 24.53 -34.21 45.17
N HIS H 2 25.75 -33.99 45.63
CA HIS H 2 26.27 -32.63 45.78
C HIS H 2 26.59 -31.99 44.43
N SER H 3 26.21 -30.72 44.30
CA SER H 3 26.45 -29.94 43.09
C SER H 3 27.38 -28.77 43.41
N LEU H 4 28.09 -28.31 42.39
CA LEU H 4 28.96 -27.15 42.50
C LEU H 4 28.29 -25.95 41.84
N HIS H 5 28.44 -24.78 42.46
CA HIS H 5 27.81 -23.57 41.93
C HIS H 5 28.67 -22.85 40.91
N ASN H 6 29.99 -23.03 40.97
CA ASN H 6 30.91 -22.41 40.03
C ASN H 6 31.80 -23.49 39.43
N ALA H 7 32.58 -23.10 38.42
CA ALA H 7 33.45 -24.03 37.72
C ALA H 7 34.88 -24.05 38.25
N ALA H 8 35.27 -23.03 39.02
CA ALA H 8 36.64 -22.93 39.53
C ALA H 8 37.12 -24.18 40.28
N PRO H 9 36.33 -24.80 41.17
CA PRO H 9 36.85 -26.00 41.85
C PRO H 9 37.20 -27.14 40.91
N ARG H 10 36.39 -27.36 39.87
CA ARG H 10 36.69 -28.43 38.91
C ARG H 10 37.76 -28.04 37.92
N GLU H 11 37.96 -26.74 37.67
CA GLU H 11 39.06 -26.32 36.82
C GLU H 11 40.40 -26.59 37.50
N ALA H 12 40.46 -26.42 38.81
CA ALA H 12 41.67 -26.75 39.54
C ALA H 12 41.92 -28.26 39.53
N LEU H 13 40.86 -29.04 39.70
CA LEU H 13 41.00 -30.49 39.61
C LEU H 13 41.43 -30.92 38.22
N THR H 14 40.87 -30.29 37.19
CA THR H 14 41.23 -30.64 35.81
C THR H 14 42.67 -30.30 35.51
N ASP H 15 43.17 -29.16 36.03
CA ASP H 15 44.58 -28.83 35.82
C ASP H 15 45.49 -29.80 36.56
N THR H 16 45.05 -30.29 37.72
CA THR H 16 45.83 -31.30 38.44
C THR H 16 45.77 -32.64 37.73
N ILE H 17 44.60 -33.02 37.21
CA ILE H 17 44.45 -34.27 36.49
C ILE H 17 45.31 -34.27 35.22
N MET H 18 45.32 -33.16 34.50
CA MET H 18 46.08 -33.09 33.26
C MET H 18 47.58 -33.14 33.55
N ALA H 19 48.03 -32.49 34.62
CA ALA H 19 49.44 -32.56 35.00
C ALA H 19 49.85 -34.00 35.28
N ALA H 20 49.04 -34.73 36.04
CA ALA H 20 49.33 -36.13 36.32
C ALA H 20 49.29 -36.97 35.05
N LYS H 21 48.35 -36.66 34.14
CA LYS H 21 48.22 -37.44 32.91
C LYS H 21 49.47 -37.33 32.03
N ILE H 22 50.07 -36.14 31.96
CA ILE H 22 51.26 -35.95 31.13
C ILE H 22 52.48 -36.62 31.76
N ARG H 23 52.62 -36.52 33.08
CA ARG H 23 53.82 -37.05 33.74
C ARG H 23 53.85 -38.57 33.74
N HIS H 24 52.69 -39.21 33.84
CA HIS H 24 52.60 -40.66 33.80
C HIS H 24 52.42 -41.20 32.38
N ASN H 25 52.40 -40.33 31.37
CA ASN H 25 52.21 -40.73 29.98
C ASN H 25 50.98 -41.64 29.84
N LEU H 26 49.85 -41.13 30.31
CA LEU H 26 48.59 -41.87 30.25
C LEU H 26 47.71 -41.33 29.13
N THR H 27 46.83 -42.20 28.62
CA THR H 27 45.84 -41.83 27.63
C THR H 27 44.46 -41.80 28.28
N PHE H 28 43.54 -41.09 27.63
CA PHE H 28 42.15 -41.15 28.07
C PHE H 28 41.56 -42.53 27.86
N GLU H 29 42.05 -43.26 26.86
CA GLU H 29 41.63 -44.65 26.67
C GLU H 29 42.06 -45.51 27.86
N ALA H 30 43.27 -45.26 28.37
CA ALA H 30 43.77 -45.98 29.54
C ALA H 30 43.05 -45.54 30.81
N LEU H 31 42.68 -44.27 30.92
CA LEU H 31 41.95 -43.84 32.11
C LEU H 31 40.55 -44.41 32.16
N ALA H 32 39.90 -44.62 31.01
CA ALA H 32 38.52 -45.11 30.96
C ALA H 32 38.41 -46.62 31.06
N GLN H 33 39.51 -47.38 30.94
CA GLN H 33 39.41 -48.83 30.97
C GLN H 33 39.06 -49.29 32.39
N GLY H 34 38.14 -50.25 32.48
CA GLY H 34 37.69 -50.77 33.75
C GLY H 34 36.76 -49.89 34.52
N THR H 35 36.20 -48.85 33.91
CA THR H 35 35.21 -48.02 34.58
C THR H 35 33.79 -48.37 34.19
N GLY H 36 33.60 -49.10 33.10
CA GLY H 36 32.27 -49.44 32.62
C GLY H 36 31.59 -48.35 31.83
N LEU H 37 32.18 -47.16 31.75
CA LEU H 37 31.58 -46.04 31.05
C LEU H 37 32.30 -45.79 29.73
N SER H 38 31.64 -45.04 28.85
CA SER H 38 32.20 -44.77 27.54
C SER H 38 33.33 -43.74 27.64
N LEU H 39 34.20 -43.75 26.63
CA LEU H 39 35.34 -42.84 26.61
C LEU H 39 34.90 -41.39 26.68
N ALA H 40 33.88 -41.03 25.90
CA ALA H 40 33.43 -39.63 25.86
C ALA H 40 32.89 -39.18 27.21
N PHE H 41 32.21 -40.07 27.93
CA PHE H 41 31.68 -39.69 29.24
C PHE H 41 32.80 -39.49 30.25
N VAL H 42 33.70 -40.47 30.37
CA VAL H 42 34.75 -40.39 31.38
C VAL H 42 35.67 -39.20 31.11
N THR H 43 36.02 -38.98 29.85
CA THR H 43 36.87 -37.84 29.51
C THR H 43 36.18 -36.52 29.86
N ALA H 44 34.88 -36.41 29.56
CA ALA H 44 34.13 -35.20 29.90
C ALA H 44 34.15 -34.96 31.41
N ALA H 45 34.02 -36.01 32.20
CA ALA H 45 34.05 -35.86 33.66
C ALA H 45 35.41 -35.35 34.12
N LEU H 46 36.49 -35.88 33.54
CA LEU H 46 37.83 -35.43 33.90
C LEU H 46 38.04 -33.96 33.53
N LEU H 47 37.44 -33.53 32.42
CA LEU H 47 37.51 -32.14 31.99
C LEU H 47 36.44 -31.27 32.66
N GLY H 48 35.84 -31.75 33.73
CA GLY H 48 34.96 -30.93 34.54
C GLY H 48 33.56 -30.74 33.99
N GLN H 49 33.08 -31.65 33.14
CA GLN H 49 31.77 -31.51 32.52
C GLN H 49 30.76 -32.56 32.96
N HIS H 50 31.17 -33.53 33.78
CA HIS H 50 30.26 -34.56 34.24
C HIS H 50 30.71 -35.05 35.61
N ALA H 51 29.79 -35.68 36.32
CA ALA H 51 30.06 -36.29 37.61
C ALA H 51 30.30 -37.78 37.43
N LEU H 52 31.39 -38.29 37.99
CA LEU H 52 31.61 -39.72 37.90
C LEU H 52 31.00 -40.42 39.11
N PRO H 53 30.37 -41.58 38.91
CA PRO H 53 29.99 -42.41 40.05
C PRO H 53 31.22 -42.81 40.84
N GLU H 54 31.01 -43.03 42.15
CA GLU H 54 32.14 -43.25 43.06
C GLU H 54 33.10 -44.35 42.61
N PRO H 55 32.64 -45.49 42.08
CA PRO H 55 33.62 -46.48 41.58
C PRO H 55 34.49 -45.96 40.44
N ALA H 56 33.90 -45.29 39.46
CA ALA H 56 34.69 -44.76 38.35
C ALA H 56 35.64 -43.67 38.82
N ALA H 57 35.21 -42.82 39.75
CA ALA H 57 36.06 -41.75 40.26
C ALA H 57 37.28 -42.31 40.98
N ARG H 58 37.12 -43.44 41.68
CA ARG H 58 38.23 -44.06 42.38
C ARG H 58 39.18 -44.80 41.44
N THR H 59 38.67 -45.35 40.31
CA THR H 59 39.56 -46.01 39.36
C THR H 59 40.50 -45.03 38.69
N VAL H 60 40.01 -43.86 38.29
CA VAL H 60 40.84 -42.90 37.56
C VAL H 60 41.81 -42.19 38.51
N ALA H 61 41.39 -41.92 39.75
CA ALA H 61 42.29 -41.27 40.69
C ALA H 61 43.42 -42.19 41.11
N ALA H 62 43.17 -43.50 41.15
CA ALA H 62 44.25 -44.44 41.45
C ALA H 62 45.28 -44.47 40.32
N LYS H 63 44.81 -44.46 39.08
CA LYS H 63 45.72 -44.46 37.93
C LYS H 63 46.54 -43.17 37.88
N LEU H 64 45.96 -42.05 38.32
CA LEU H 64 46.65 -40.77 38.33
C LEU H 64 47.35 -40.47 39.64
N GLY H 65 47.15 -41.28 40.67
CA GLY H 65 47.75 -41.06 41.97
C GLY H 65 47.25 -39.79 42.61
N LEU H 66 45.93 -39.64 42.66
CA LEU H 66 45.28 -38.46 43.21
C LEU H 66 44.75 -38.71 44.63
N ASP H 67 44.55 -37.61 45.35
CA ASP H 67 44.08 -37.62 46.73
C ASP H 67 42.60 -38.04 46.77
N GLU H 68 42.06 -38.14 47.99
CA GLU H 68 40.65 -38.45 48.18
C GLU H 68 39.77 -37.23 47.97
N GLU H 69 40.31 -36.03 48.13
CA GLU H 69 39.60 -34.84 47.72
C GLU H 69 39.34 -34.83 46.22
N ALA H 70 40.15 -35.56 45.45
CA ALA H 70 39.93 -35.62 44.01
C ALA H 70 38.77 -36.54 43.64
N VAL H 71 38.63 -37.67 44.35
CA VAL H 71 37.52 -38.57 44.05
C VAL H 71 36.19 -37.95 44.45
N LEU H 72 36.17 -37.19 45.55
CA LEU H 72 34.94 -36.55 45.97
C LEU H 72 34.55 -35.43 45.02
N LEU H 73 35.53 -34.65 44.57
CA LEU H 73 35.25 -33.57 43.63
C LEU H 73 34.85 -34.13 42.27
N LEU H 74 35.37 -35.30 41.91
CA LEU H 74 35.01 -35.92 40.64
C LEU H 74 33.56 -36.42 40.62
N GLN H 75 32.95 -36.60 41.79
CA GLN H 75 31.58 -37.10 41.89
C GLN H 75 30.54 -36.00 42.00
N THR H 76 30.95 -34.74 42.10
CA THR H 76 30.02 -33.64 42.25
C THR H 76 29.51 -33.18 40.89
N ILE H 77 28.26 -32.72 40.87
CA ILE H 77 27.68 -32.16 39.65
C ILE H 77 28.36 -30.82 39.38
N PRO H 78 28.97 -30.64 38.21
CA PRO H 78 29.69 -29.40 37.93
C PRO H 78 28.77 -28.35 37.33
N LEU H 79 29.31 -27.15 37.19
CA LEU H 79 28.66 -26.08 36.43
C LEU H 79 29.17 -26.20 35.01
N ARG H 80 28.32 -26.75 34.13
CA ARG H 80 28.80 -27.19 32.82
C ARG H 80 29.07 -26.01 31.89
N GLY H 81 29.94 -26.28 30.91
CA GLY H 81 30.43 -25.26 30.00
C GLY H 81 31.93 -25.38 29.80
N SER H 82 32.33 -25.95 28.66
CA SER H 82 33.75 -26.19 28.37
C SER H 82 34.34 -25.14 27.44
N ILE H 83 33.51 -24.38 26.75
CA ILE H 83 33.96 -23.34 25.83
C ILE H 83 33.80 -21.98 26.48
N PRO H 84 34.88 -21.34 26.93
CA PRO H 84 34.75 -19.99 27.50
C PRO H 84 34.30 -19.00 26.43
N GLY H 85 33.19 -18.32 26.68
CA GLY H 85 32.65 -17.38 25.73
C GLY H 85 31.65 -17.97 24.74
N GLY H 86 31.42 -19.29 24.79
CA GLY H 86 30.43 -19.91 23.95
C GLY H 86 30.91 -20.25 22.54
N VAL H 87 31.70 -19.37 21.94
CA VAL H 87 32.22 -19.57 20.59
C VAL H 87 33.72 -19.82 20.70
N PRO H 88 34.21 -20.95 20.18
CA PRO H 88 35.64 -21.25 20.31
C PRO H 88 36.47 -20.57 19.25
N THR H 89 37.76 -20.44 19.56
CA THR H 89 38.76 -19.99 18.62
C THR H 89 39.72 -21.08 18.21
N ASP H 90 39.92 -22.08 19.07
CA ASP H 90 40.80 -23.20 18.75
C ASP H 90 40.28 -23.94 17.52
N PRO H 91 41.14 -24.17 16.51
CA PRO H 91 40.65 -24.79 15.26
C PRO H 91 40.00 -26.15 15.45
N THR H 92 40.54 -26.99 16.32
CA THR H 92 39.99 -28.33 16.50
C THR H 92 38.54 -28.26 16.99
N ILE H 93 38.27 -27.41 17.97
CA ILE H 93 36.91 -27.27 18.48
C ILE H 93 36.05 -26.48 17.51
N TYR H 94 36.62 -25.48 16.84
CA TYR H 94 35.82 -24.60 16.00
C TYR H 94 35.18 -25.38 14.84
N ARG H 95 35.88 -26.37 14.29
CA ARG H 95 35.33 -27.13 13.16
C ARG H 95 33.96 -27.69 13.47
N PHE H 96 33.76 -28.13 14.71
CA PHE H 96 32.44 -28.61 15.14
C PHE H 96 31.44 -27.45 15.26
N TYR H 97 31.92 -26.26 15.64
CA TYR H 97 31.07 -25.07 15.64
C TYR H 97 30.67 -24.70 14.21
N GLU H 98 31.59 -24.84 13.26
CA GLU H 98 31.27 -24.54 11.87
C GLU H 98 30.23 -25.51 11.33
N MET H 99 30.34 -26.78 11.68
CA MET H 99 29.32 -27.75 11.30
C MET H 99 27.94 -27.29 11.76
N LEU H 100 27.88 -26.74 12.98
CA LEU H 100 26.62 -26.21 13.49
C LEU H 100 26.14 -25.00 12.70
N GLN H 101 27.07 -24.17 12.23
CA GLN H 101 26.69 -22.95 11.52
C GLN H 101 26.07 -23.24 10.16
N VAL H 102 26.58 -24.25 9.45
CA VAL H 102 26.08 -24.52 8.11
C VAL H 102 24.83 -25.39 8.15
N TYR H 103 24.82 -26.41 9.01
CA TYR H 103 23.76 -27.40 9.04
C TYR H 103 22.78 -27.19 10.18
N GLY H 104 22.81 -26.03 10.84
CA GLY H 104 21.83 -25.76 11.88
C GLY H 104 20.42 -25.72 11.35
N SER H 105 20.19 -24.93 10.29
CA SER H 105 18.87 -24.92 9.65
C SER H 105 18.53 -26.31 9.11
N THR H 106 19.51 -27.03 8.57
CA THR H 106 19.26 -28.34 7.99
C THR H 106 18.87 -29.36 9.07
N LEU H 107 19.55 -29.32 10.22
CA LEU H 107 19.24 -30.26 11.29
C LEU H 107 17.84 -30.04 11.84
N LYS H 108 17.46 -28.78 12.06
CA LYS H 108 16.12 -28.50 12.56
C LYS H 108 15.05 -28.92 11.56
N ALA H 109 15.25 -28.61 10.28
CA ALA H 109 14.26 -28.95 9.25
C ALA H 109 14.04 -30.46 9.19
N LEU H 110 15.12 -31.23 9.18
CA LEU H 110 14.99 -32.68 9.04
C LEU H 110 14.52 -33.35 10.32
N VAL H 111 14.81 -32.76 11.48
CA VAL H 111 14.31 -33.32 12.73
C VAL H 111 12.78 -33.16 12.79
N HIS H 112 12.28 -31.99 12.41
CA HIS H 112 10.84 -31.79 12.42
C HIS H 112 10.13 -32.59 11.33
N GLU H 113 10.86 -32.96 10.27
CA GLU H 113 10.26 -33.78 9.21
C GLU H 113 10.26 -35.25 9.59
N GLN H 114 11.39 -35.75 10.08
CA GLN H 114 11.50 -37.17 10.40
C GLN H 114 10.91 -37.51 11.76
N PHE H 115 10.93 -36.57 12.71
CA PHE H 115 10.44 -36.81 14.06
C PHE H 115 9.20 -36.01 14.40
N GLY H 116 9.20 -34.71 14.14
CA GLY H 116 8.08 -33.85 14.47
C GLY H 116 8.51 -32.69 15.34
N ASP H 117 7.51 -31.98 15.87
CA ASP H 117 7.79 -30.86 16.76
C ASP H 117 8.42 -31.38 18.04
N GLY H 118 9.56 -30.80 18.41
CA GLY H 118 10.28 -31.21 19.59
C GLY H 118 11.77 -30.94 19.43
N ILE H 119 12.56 -31.70 20.18
CA ILE H 119 14.02 -31.54 20.19
C ILE H 119 14.68 -32.90 20.14
N ILE H 120 15.96 -32.90 19.79
CA ILE H 120 16.84 -34.04 19.99
C ILE H 120 17.69 -33.76 21.22
N SER H 121 17.54 -34.59 22.24
CA SER H 121 18.04 -34.26 23.57
C SER H 121 19.57 -34.18 23.62
N ALA H 122 20.07 -33.27 24.45
CA ALA H 122 21.47 -33.20 24.82
C ALA H 122 21.73 -33.74 26.21
N ILE H 123 20.69 -34.19 26.90
CA ILE H 123 20.80 -34.83 28.21
C ILE H 123 20.66 -36.34 28.12
N ASN H 124 19.62 -36.81 27.43
CA ASN H 124 19.48 -38.23 27.07
C ASN H 124 20.28 -38.46 25.79
N PHE H 125 21.60 -38.47 25.94
CA PHE H 125 22.50 -38.26 24.82
C PHE H 125 23.76 -39.11 24.97
N LYS H 126 24.24 -39.63 23.84
CA LYS H 126 25.47 -40.42 23.78
C LYS H 126 26.38 -39.84 22.71
N LEU H 127 27.68 -39.82 22.98
CA LEU H 127 28.68 -39.31 22.07
C LEU H 127 29.75 -40.38 21.80
N ASP H 128 30.16 -40.49 20.55
CA ASP H 128 31.15 -41.49 20.17
C ASP H 128 32.04 -40.96 19.06
N ILE H 129 33.35 -41.17 19.21
CA ILE H 129 34.35 -40.84 18.21
C ILE H 129 35.03 -42.13 17.79
N LYS H 130 35.05 -42.38 16.48
CA LYS H 130 35.62 -43.61 15.91
C LYS H 130 36.55 -43.25 14.77
N LYS H 131 37.71 -43.90 14.75
CA LYS H 131 38.71 -43.68 13.71
C LYS H 131 38.55 -44.70 12.59
N VAL H 132 38.39 -44.23 11.36
CA VAL H 132 38.24 -45.09 10.20
C VAL H 132 39.20 -44.61 9.11
N ALA H 133 39.52 -45.52 8.20
CA ALA H 133 40.46 -45.25 7.13
C ALA H 133 39.75 -44.56 5.97
N ASP H 134 40.39 -43.58 5.38
CA ASP H 134 39.80 -42.90 4.25
C ASP H 134 40.20 -43.63 2.96
N PRO H 135 39.23 -43.99 2.09
CA PRO H 135 39.56 -44.78 0.88
C PRO H 135 40.58 -44.11 -0.03
N ASP H 136 40.68 -42.77 0.01
CA ASP H 136 41.66 -42.02 -0.76
C ASP H 136 42.99 -41.89 -0.05
N GLY H 137 43.25 -42.75 0.94
CA GLY H 137 44.40 -42.62 1.81
C GLY H 137 44.20 -41.63 2.94
N GLY H 138 44.66 -41.96 4.13
CA GLY H 138 44.46 -41.11 5.29
C GLY H 138 43.38 -41.66 6.21
N GLU H 139 43.03 -40.84 7.20
CA GLU H 139 42.09 -41.24 8.24
C GLU H 139 40.90 -40.30 8.28
N ARG H 140 39.80 -40.80 8.88
CA ARG H 140 38.58 -40.03 9.04
C ARG H 140 38.04 -40.24 10.44
N ALA H 141 37.31 -39.24 10.94
CA ALA H 141 36.63 -39.34 12.22
C ALA H 141 35.13 -39.51 11.98
N VAL H 142 34.54 -40.46 12.67
CA VAL H 142 33.10 -40.72 12.59
C VAL H 142 32.52 -40.42 13.96
N ILE H 143 32.11 -39.17 14.17
CA ILE H 143 31.51 -38.75 15.42
C ILE H 143 30.02 -39.05 15.37
N THR H 144 29.52 -39.73 16.39
CA THR H 144 28.12 -40.14 16.44
C THR H 144 27.43 -39.44 17.60
N LEU H 145 26.32 -38.78 17.31
CA LEU H 145 25.49 -38.14 18.32
C LEU H 145 24.18 -38.90 18.40
N ASP H 146 23.92 -39.54 19.54
CA ASP H 146 22.71 -40.34 19.72
C ASP H 146 21.91 -39.71 20.86
N GLY H 147 20.88 -38.95 20.49
CA GLY H 147 20.05 -38.26 21.47
C GLY H 147 18.61 -38.68 21.36
N LYS H 148 17.94 -38.73 22.50
CA LYS H 148 16.53 -39.09 22.55
C LYS H 148 15.67 -37.99 21.95
N TYR H 149 14.63 -38.38 21.23
CA TYR H 149 13.68 -37.42 20.67
C TYR H 149 12.66 -37.07 21.76
N LEU H 150 12.63 -35.80 22.15
CA LEU H 150 11.64 -35.30 23.09
C LEU H 150 10.63 -34.44 22.35
N PRO H 151 9.37 -34.84 22.29
CA PRO H 151 8.38 -34.06 21.54
C PRO H 151 7.86 -32.86 22.32
N THR H 152 7.46 -31.84 21.56
CA THR H 152 6.73 -30.70 22.12
C THR H 152 5.25 -31.03 21.99
N LYS H 153 4.63 -31.39 23.10
CA LYS H 153 3.23 -31.72 22.94
C LYS H 153 2.36 -30.63 23.56
N PRO H 154 1.21 -30.34 22.95
CA PRO H 154 0.34 -29.29 23.48
C PRO H 154 -0.12 -29.60 24.90
N PHE H 155 -0.34 -28.55 25.68
CA PHE H 155 -0.88 -28.73 27.02
C PHE H 155 -2.08 -27.80 27.22
N THR I 1 20.77 -1.05 57.04
CA THR I 1 21.64 -2.19 57.25
C THR I 1 22.79 -2.08 56.23
N HIS I 2 23.91 -2.75 56.49
CA HIS I 2 25.10 -2.60 55.66
C HIS I 2 24.94 -3.32 54.32
N SER I 3 25.39 -2.66 53.26
CA SER I 3 25.34 -3.18 51.90
C SER I 3 26.75 -3.35 51.37
N LEU I 4 26.92 -4.27 50.42
CA LEU I 4 28.19 -4.44 49.73
C LEU I 4 28.10 -3.85 48.33
N HIS I 5 29.19 -3.22 47.89
CA HIS I 5 29.22 -2.58 46.58
C HIS I 5 29.65 -3.51 45.46
N ASN I 6 30.39 -4.57 45.78
CA ASN I 6 30.82 -5.55 44.79
C ASN I 6 30.42 -6.94 45.29
N ALA I 7 30.59 -7.93 44.41
CA ALA I 7 30.20 -9.30 44.72
C ALA I 7 31.35 -10.17 45.23
N ALA I 8 32.60 -9.74 45.03
CA ALA I 8 33.76 -10.53 45.45
C ALA I 8 33.73 -10.96 46.91
N PRO I 9 33.39 -10.10 47.89
CA PRO I 9 33.37 -10.58 49.28
C PRO I 9 32.36 -11.70 49.53
N ARG I 10 31.18 -11.63 48.92
CA ARG I 10 30.19 -12.68 49.12
C ARG I 10 30.47 -13.92 48.30
N GLU I 11 31.18 -13.80 47.18
CA GLU I 11 31.56 -14.98 46.41
C GLU I 11 32.59 -15.82 47.15
N ALA I 12 33.49 -15.19 47.89
CA ALA I 12 34.42 -15.95 48.71
C ALA I 12 33.70 -16.66 49.85
N LEU I 13 32.72 -16.00 50.47
CA LEU I 13 31.94 -16.64 51.51
C LEU I 13 31.16 -17.83 50.97
N THR I 14 30.57 -17.67 49.77
CA THR I 14 29.82 -18.78 49.18
C THR I 14 30.74 -19.96 48.84
N ASP I 15 31.97 -19.67 48.43
CA ASP I 15 32.92 -20.74 48.12
C ASP I 15 33.33 -21.50 49.38
N THR I 16 33.45 -20.80 50.51
CA THR I 16 33.75 -21.48 51.78
C THR I 16 32.53 -22.24 52.28
N ILE I 17 31.34 -21.64 52.13
CA ILE I 17 30.11 -22.30 52.57
C ILE I 17 29.89 -23.59 51.79
N MET I 18 30.13 -23.56 50.48
CA MET I 18 29.95 -24.76 49.68
C MET I 18 30.99 -25.81 50.03
N ALA I 19 32.23 -25.39 50.29
CA ALA I 19 33.27 -26.33 50.69
C ALA I 19 32.90 -27.04 51.98
N ALA I 20 32.43 -26.28 52.99
CA ALA I 20 32.01 -26.90 54.23
C ALA I 20 30.81 -27.82 54.03
N LYS I 21 29.90 -27.44 53.14
CA LYS I 21 28.72 -28.25 52.88
C LYS I 21 29.10 -29.61 52.29
N ILE I 22 30.08 -29.63 51.38
CA ILE I 22 30.46 -30.89 50.73
C ILE I 22 31.22 -31.79 51.70
N ARG I 23 32.13 -31.22 52.48
CA ARG I 23 33.00 -32.01 53.34
C ARG I 23 32.26 -32.61 54.52
N HIS I 24 31.28 -31.88 55.07
CA HIS I 24 30.46 -32.42 56.15
C HIS I 24 29.18 -33.10 55.66
N ASN I 25 28.99 -33.20 54.34
CA ASN I 25 27.82 -33.85 53.75
C ASN I 25 26.50 -33.34 54.33
N LEU I 26 26.30 -32.02 54.22
CA LEU I 26 25.08 -31.38 54.67
C LEU I 26 24.16 -31.06 53.49
N THR I 27 22.88 -30.94 53.80
CA THR I 27 21.86 -30.60 52.82
C THR I 27 21.43 -29.14 52.98
N PHE I 28 20.92 -28.56 51.88
CA PHE I 28 20.33 -27.23 52.00
C PHE I 28 19.05 -27.27 52.82
N GLU I 29 18.31 -28.38 52.74
CA GLU I 29 17.14 -28.53 53.58
C GLU I 29 17.55 -28.65 55.04
N ALA I 30 18.66 -29.37 55.28
CA ALA I 30 19.19 -29.48 56.65
C ALA I 30 19.73 -28.15 57.13
N LEU I 31 20.38 -27.38 56.25
CA LEU I 31 20.92 -26.09 56.64
C LEU I 31 19.82 -25.09 56.95
N ALA I 32 18.68 -25.19 56.25
CA ALA I 32 17.59 -24.24 56.45
C ALA I 32 16.70 -24.59 57.63
N GLN I 33 16.83 -25.79 58.21
CA GLN I 33 15.97 -26.16 59.33
C GLN I 33 16.35 -25.38 60.58
N GLY I 34 15.33 -24.98 61.34
CA GLY I 34 15.53 -24.21 62.54
C GLY I 34 15.84 -22.74 62.31
N THR I 35 15.64 -22.25 61.08
CA THR I 35 15.75 -20.82 60.82
C THR I 35 14.40 -20.14 60.70
N GLY I 36 13.32 -20.91 60.50
CA GLY I 36 12.02 -20.34 60.29
C GLY I 36 11.78 -19.85 58.87
N LEU I 37 12.79 -19.89 58.01
CA LEU I 37 12.70 -19.37 56.65
C LEU I 37 12.56 -20.51 55.64
N SER I 38 12.12 -20.14 54.45
CA SER I 38 11.88 -21.11 53.39
C SER I 38 13.19 -21.58 52.77
N LEU I 39 13.13 -22.77 52.17
CA LEU I 39 14.32 -23.36 51.54
C LEU I 39 14.89 -22.45 50.47
N ALA I 40 14.03 -21.88 49.62
CA ALA I 40 14.51 -21.06 48.51
C ALA I 40 15.23 -19.81 49.00
N PHE I 41 14.75 -19.21 50.10
CA PHE I 41 15.39 -17.99 50.59
C PHE I 41 16.78 -18.29 51.17
N VAL I 42 16.85 -19.27 52.08
CA VAL I 42 18.13 -19.56 52.74
C VAL I 42 19.17 -20.01 51.73
N THR I 43 18.76 -20.84 50.77
CA THR I 43 19.70 -21.29 49.75
C THR I 43 20.23 -20.11 48.94
N ALA I 44 19.36 -19.18 48.57
CA ALA I 44 19.80 -17.98 47.87
C ALA I 44 20.77 -17.16 48.73
N ALA I 45 20.48 -17.05 50.03
CA ALA I 45 21.35 -16.29 50.92
C ALA I 45 22.74 -16.91 51.02
N LEU I 46 22.81 -18.24 51.13
CA LEU I 46 24.12 -18.89 51.16
C LEU I 46 24.85 -18.71 49.83
N LEU I 47 24.11 -18.66 48.73
CA LEU I 47 24.68 -18.39 47.42
C LEU I 47 24.86 -16.91 47.13
N GLY I 48 24.79 -16.08 48.16
CA GLY I 48 25.15 -14.68 48.03
C GLY I 48 24.12 -13.77 47.39
N GLN I 49 22.86 -14.15 47.39
CA GLN I 49 21.82 -13.35 46.73
C GLN I 49 20.85 -12.70 47.71
N HIS I 50 21.00 -12.95 49.00
CA HIS I 50 20.11 -12.37 49.99
C HIS I 50 20.87 -12.19 51.29
N ALA I 51 20.33 -11.33 52.15
CA ALA I 51 20.87 -11.11 53.49
C ALA I 51 20.06 -11.91 54.50
N LEU I 52 20.76 -12.64 55.37
CA LEU I 52 20.09 -13.41 56.41
C LEU I 52 19.96 -12.58 57.69
N PRO I 53 18.81 -12.66 58.34
CA PRO I 53 18.71 -12.12 59.71
C PRO I 53 19.67 -12.87 60.62
N GLU I 54 20.14 -12.17 61.66
CA GLU I 54 21.21 -12.71 62.50
C GLU I 54 20.91 -14.09 63.09
N PRO I 55 19.69 -14.41 63.55
CA PRO I 55 19.45 -15.80 64.00
C PRO I 55 19.67 -16.83 62.93
N ALA I 56 19.20 -16.59 61.71
CA ALA I 56 19.44 -17.55 60.63
C ALA I 56 20.92 -17.62 60.27
N ALA I 57 21.60 -16.47 60.28
CA ALA I 57 23.04 -16.45 59.97
C ALA I 57 23.83 -17.25 60.99
N ARG I 58 23.42 -17.20 62.25
CA ARG I 58 24.13 -17.94 63.30
C ARG I 58 23.79 -19.43 63.26
N THR I 59 22.55 -19.77 62.90
CA THR I 59 22.17 -21.18 62.81
C THR I 59 22.94 -21.88 61.69
N VAL I 60 23.09 -21.22 60.54
CA VAL I 60 23.78 -21.84 59.42
C VAL I 60 25.29 -21.88 59.67
N ALA I 61 25.82 -20.83 60.31
CA ALA I 61 27.26 -20.81 60.58
C ALA I 61 27.64 -21.84 61.63
N ALA I 62 26.74 -22.15 62.55
CA ALA I 62 27.01 -23.20 63.53
C ALA I 62 27.04 -24.57 62.86
N LYS I 63 26.11 -24.80 61.94
CA LYS I 63 26.05 -26.08 61.23
C LYS I 63 27.27 -26.31 60.36
N LEU I 64 27.81 -25.25 59.76
CA LEU I 64 28.97 -25.34 58.89
C LEU I 64 30.28 -25.05 59.62
N GLY I 65 30.22 -24.60 60.87
CA GLY I 65 31.42 -24.25 61.62
C GLY I 65 32.16 -23.06 61.04
N LEU I 66 31.44 -21.97 60.82
CA LEU I 66 32.01 -20.76 60.24
C LEU I 66 32.32 -19.74 61.33
N ASP I 67 33.28 -18.86 61.05
CA ASP I 67 33.72 -17.84 61.99
C ASP I 67 32.66 -16.74 62.12
N GLU I 68 32.99 -15.74 62.94
CA GLU I 68 32.07 -14.63 63.19
C GLU I 68 32.06 -13.65 62.03
N GLU I 69 33.15 -13.57 61.26
CA GLU I 69 33.15 -12.76 60.05
C GLU I 69 32.24 -13.33 58.98
N ALA I 70 31.94 -14.63 59.03
CA ALA I 70 30.96 -15.21 58.12
C ALA I 70 29.54 -14.86 58.54
N VAL I 71 29.28 -14.80 59.84
CA VAL I 71 27.95 -14.45 60.33
C VAL I 71 27.63 -13.00 59.97
N LEU I 72 28.64 -12.12 60.03
CA LEU I 72 28.44 -10.73 59.67
C LEU I 72 28.25 -10.58 58.17
N LEU I 73 29.04 -11.31 57.38
CA LEU I 73 28.95 -11.21 55.93
C LEU I 73 27.64 -11.77 55.42
N LEU I 74 27.07 -12.75 56.12
CA LEU I 74 25.79 -13.32 55.74
C LEU I 74 24.63 -12.35 55.96
N GLN I 75 24.83 -11.32 56.78
CA GLN I 75 23.77 -10.36 57.08
C GLN I 75 23.82 -9.11 56.21
N THR I 76 24.84 -8.94 55.38
CA THR I 76 24.94 -7.74 54.56
C THR I 76 24.15 -7.92 53.28
N ILE I 77 23.56 -6.82 52.82
CA ILE I 77 22.82 -6.79 51.56
C ILE I 77 23.82 -6.93 50.40
N PRO I 78 23.69 -7.93 49.55
CA PRO I 78 24.68 -8.16 48.51
C PRO I 78 24.38 -7.42 47.21
N LEU I 79 25.35 -7.49 46.30
CA LEU I 79 25.18 -7.03 44.91
C LEU I 79 24.68 -8.23 44.12
N ARG I 80 23.39 -8.26 43.83
CA ARG I 80 22.75 -9.46 43.34
C ARG I 80 23.10 -9.74 41.87
N GLY I 81 22.96 -11.01 41.49
CA GLY I 81 23.33 -11.47 40.17
C GLY I 81 24.11 -12.77 40.25
N SER I 82 23.44 -13.89 39.96
CA SER I 82 24.04 -15.21 40.12
C SER I 82 24.50 -15.83 38.80
N ILE I 83 24.03 -15.35 37.66
CA ILE I 83 24.45 -15.90 36.39
C ILE I 83 25.45 -14.94 35.75
N PRO I 84 26.75 -15.27 35.75
CA PRO I 84 27.74 -14.37 35.12
C PRO I 84 27.50 -14.27 33.63
N GLY I 85 27.32 -13.03 33.16
CA GLY I 85 27.04 -12.78 31.76
C GLY I 85 25.57 -12.73 31.40
N GLY I 86 24.68 -13.00 32.36
CA GLY I 86 23.26 -12.92 32.11
C GLY I 86 22.66 -14.16 31.48
N VAL I 87 23.39 -14.79 30.56
CA VAL I 87 22.92 -15.97 29.84
C VAL I 87 23.72 -17.17 30.34
N PRO I 88 23.07 -18.21 30.84
CA PRO I 88 23.82 -19.36 31.36
C PRO I 88 24.22 -20.32 30.25
N THR I 89 25.23 -21.13 30.57
CA THR I 89 25.65 -22.24 29.73
C THR I 89 25.31 -23.59 30.33
N ASP I 90 25.26 -23.68 31.66
CA ASP I 90 24.89 -24.92 32.32
C ASP I 90 23.49 -25.35 31.90
N PRO I 91 23.29 -26.59 31.47
CA PRO I 91 21.97 -27.01 30.99
C PRO I 91 20.86 -26.83 32.02
N THR I 92 21.14 -27.14 33.28
CA THR I 92 20.11 -27.03 34.31
C THR I 92 19.60 -25.60 34.42
N ILE I 93 20.49 -24.62 34.41
CA ILE I 93 20.07 -23.23 34.50
C ILE I 93 19.48 -22.76 33.17
N TYR I 94 20.03 -23.23 32.05
CA TYR I 94 19.58 -22.73 30.75
C TYR I 94 18.11 -23.06 30.49
N ARG I 95 17.64 -24.22 30.96
CA ARG I 95 16.26 -24.61 30.73
C ARG I 95 15.29 -23.53 31.20
N PHE I 96 15.62 -22.87 32.32
CA PHE I 96 14.82 -21.76 32.80
C PHE I 96 14.96 -20.53 31.91
N TYR I 97 16.14 -20.32 31.33
CA TYR I 97 16.31 -19.26 30.34
C TYR I 97 15.51 -19.58 29.08
N GLU I 98 15.48 -20.86 28.68
CA GLU I 98 14.73 -21.25 27.49
C GLU I 98 13.24 -21.04 27.70
N MET I 99 12.72 -21.33 28.90
CA MET I 99 11.33 -21.03 29.20
C MET I 99 11.02 -19.56 28.98
N LEU I 100 11.95 -18.68 29.39
CA LEU I 100 11.77 -17.25 29.20
C LEU I 100 11.75 -16.88 27.72
N GLN I 101 12.53 -17.59 26.91
CA GLN I 101 12.61 -17.26 25.49
C GLN I 101 11.30 -17.57 24.77
N VAL I 102 10.64 -18.67 25.15
CA VAL I 102 9.41 -19.09 24.46
C VAL I 102 8.19 -18.37 25.01
N TYR I 103 8.08 -18.25 26.34
CA TYR I 103 6.89 -17.75 26.99
C TYR I 103 7.04 -16.31 27.48
N GLY I 104 8.11 -15.62 27.06
CA GLY I 104 8.28 -14.23 27.45
C GLY I 104 7.16 -13.35 26.91
N SER I 105 6.92 -13.43 25.60
CA SER I 105 5.81 -12.70 25.01
C SER I 105 4.48 -13.12 25.63
N THR I 106 4.33 -14.41 25.92
CA THR I 106 3.07 -14.90 26.49
C THR I 106 2.85 -14.37 27.90
N LEU I 107 3.90 -14.32 28.71
CA LEU I 107 3.73 -13.82 30.08
C LEU I 107 3.31 -12.36 30.10
N LYS I 108 3.94 -11.53 29.26
CA LYS I 108 3.56 -10.12 29.20
C LYS I 108 2.11 -9.95 28.73
N ALA I 109 1.74 -10.68 27.67
CA ALA I 109 0.39 -10.57 27.13
C ALA I 109 -0.66 -10.93 28.17
N LEU I 110 -0.44 -12.04 28.88
CA LEU I 110 -1.43 -12.50 29.85
C LEU I 110 -1.42 -11.66 31.12
N VAL I 111 -0.28 -11.06 31.47
CA VAL I 111 -0.24 -10.16 32.61
C VAL I 111 -1.08 -8.92 32.33
N HIS I 112 -0.96 -8.36 31.12
CA HIS I 112 -1.74 -7.18 30.77
C HIS I 112 -3.22 -7.49 30.60
N GLU I 113 -3.58 -8.73 30.30
CA GLU I 113 -4.99 -9.09 30.15
C GLU I 113 -5.63 -9.38 31.50
N GLN I 114 -4.97 -10.19 32.34
CA GLN I 114 -5.56 -10.58 33.61
C GLN I 114 -5.40 -9.51 34.69
N PHE I 115 -4.35 -8.70 34.61
CA PHE I 115 -4.06 -7.70 35.63
C PHE I 115 -4.19 -6.28 35.11
N GLY I 116 -3.59 -5.97 33.98
CA GLY I 116 -3.59 -4.64 33.42
C GLY I 116 -2.17 -4.17 33.14
N ASP I 117 -2.04 -2.87 32.85
CA ASP I 117 -0.73 -2.29 32.61
C ASP I 117 0.07 -2.30 33.90
N GLY I 118 1.28 -2.84 33.85
CA GLY I 118 2.13 -2.91 35.02
C GLY I 118 3.07 -4.10 34.92
N ILE I 119 3.53 -4.56 36.09
CA ILE I 119 4.50 -5.63 36.19
C ILE I 119 4.07 -6.60 37.28
N ILE I 120 4.68 -7.78 37.25
CA ILE I 120 4.67 -8.70 38.38
C ILE I 120 6.03 -8.61 39.06
N SER I 121 6.03 -8.17 40.31
CA SER I 121 7.27 -7.77 40.99
C SER I 121 8.18 -8.96 41.24
N ALA I 122 9.49 -8.69 41.18
CA ALA I 122 10.51 -9.65 41.58
C ALA I 122 11.10 -9.33 42.95
N ILE I 123 10.65 -8.26 43.59
CA ILE I 123 11.09 -7.90 44.94
C ILE I 123 10.05 -8.30 45.98
N ASN I 124 8.79 -7.97 45.73
CA ASN I 124 7.67 -8.50 46.51
C ASN I 124 7.31 -9.87 45.93
N PHE I 125 8.19 -10.84 46.21
CA PHE I 125 8.24 -12.05 45.41
C PHE I 125 8.60 -13.25 46.28
N LYS I 126 7.97 -14.40 46.00
CA LYS I 126 8.25 -15.66 46.67
C LYS I 126 8.49 -16.74 45.63
N LEU I 127 9.44 -17.63 45.91
CA LEU I 127 9.81 -18.72 45.01
C LEU I 127 9.70 -20.05 45.75
N ASP I 128 9.22 -21.08 45.05
CA ASP I 128 9.04 -22.39 45.65
C ASP I 128 9.26 -23.48 44.60
N ILE I 129 9.98 -24.52 44.99
CA ILE I 129 10.19 -25.71 44.17
C ILE I 129 9.60 -26.92 44.89
N LYS I 130 8.78 -27.69 44.18
CA LYS I 130 8.10 -28.86 44.73
C LYS I 130 8.29 -30.03 43.78
N LYS I 131 8.59 -31.20 44.35
CA LYS I 131 8.77 -32.42 43.57
C LYS I 131 7.48 -33.23 43.58
N VAL I 132 6.96 -33.53 42.39
CA VAL I 132 5.73 -34.32 42.23
C VAL I 132 5.97 -35.40 41.19
N ALA I 133 5.12 -36.43 41.24
CA ALA I 133 5.23 -37.59 40.37
C ALA I 133 4.51 -37.32 39.05
N ASP I 134 5.12 -37.80 37.95
CA ASP I 134 4.59 -37.71 36.59
C ASP I 134 3.67 -38.89 36.31
N PRO I 135 2.45 -38.66 35.80
CA PRO I 135 1.55 -39.79 35.52
C PRO I 135 2.13 -40.85 34.59
N ASP I 136 3.08 -40.52 33.72
CA ASP I 136 3.73 -41.51 32.88
C ASP I 136 4.93 -42.17 33.55
N GLY I 137 5.00 -42.13 34.88
CA GLY I 137 6.17 -42.61 35.61
C GLY I 137 7.28 -41.59 35.61
N GLY I 138 7.97 -41.43 36.73
CA GLY I 138 8.99 -40.42 36.85
C GLY I 138 8.53 -39.24 37.69
N GLU I 139 9.39 -38.23 37.75
CA GLU I 139 9.16 -37.07 38.60
C GLU I 139 9.11 -35.78 37.80
N ARG I 140 8.53 -34.76 38.41
CA ARG I 140 8.37 -33.44 37.81
C ARG I 140 8.69 -32.37 38.85
N ALA I 141 9.12 -31.21 38.38
CA ALA I 141 9.35 -30.05 39.23
C ALA I 141 8.22 -29.05 39.04
N VAL I 142 7.68 -28.55 40.14
CA VAL I 142 6.61 -27.55 40.12
C VAL I 142 7.17 -26.30 40.78
N ILE I 143 7.76 -25.42 39.98
CA ILE I 143 8.30 -24.15 40.45
C ILE I 143 7.21 -23.09 40.43
N THR I 144 7.06 -22.37 41.53
CA THR I 144 6.02 -21.37 41.70
C THR I 144 6.62 -19.99 41.84
N LEU I 145 6.15 -19.04 41.04
CA LEU I 145 6.55 -17.64 41.12
C LEU I 145 5.36 -16.84 41.63
N ASP I 146 5.50 -16.27 42.83
CA ASP I 146 4.42 -15.54 43.49
C ASP I 146 4.86 -14.08 43.65
N GLY I 147 4.39 -13.22 42.76
CA GLY I 147 4.79 -11.82 42.76
C GLY I 147 3.61 -10.88 42.87
N LYS I 148 3.82 -9.77 43.57
CA LYS I 148 2.79 -8.74 43.70
C LYS I 148 2.65 -7.97 42.38
N TYR I 149 1.41 -7.61 42.04
CA TYR I 149 1.14 -6.82 40.85
C TYR I 149 1.32 -5.33 41.15
N LEU I 150 2.24 -4.69 40.44
CA LEU I 150 2.41 -3.24 40.53
C LEU I 150 1.89 -2.59 39.25
N PRO I 151 0.82 -1.80 39.32
CA PRO I 151 0.27 -1.20 38.10
C PRO I 151 1.02 0.04 37.65
N THR I 152 1.05 0.23 36.33
CA THR I 152 1.53 1.47 35.70
C THR I 152 0.32 2.35 35.41
N LYS I 153 0.10 3.35 36.25
CA LYS I 153 -1.02 4.25 36.07
C LYS I 153 -0.53 5.66 35.77
N PRO I 154 -1.28 6.42 34.95
CA PRO I 154 -0.81 7.76 34.56
C PRO I 154 -0.61 8.68 35.76
N PHE I 155 0.32 9.61 35.60
CA PHE I 155 0.60 10.60 36.64
C PHE I 155 0.56 12.02 36.07
N THR J 1 46.09 18.37 39.44
CA THR J 1 46.00 17.38 40.52
C THR J 1 46.45 16.02 39.99
N HIS J 2 46.82 15.11 40.90
CA HIS J 2 47.29 13.79 40.50
C HIS J 2 46.13 12.91 40.05
N SER J 3 46.34 12.17 38.97
CA SER J 3 45.33 11.30 38.39
C SER J 3 45.77 9.85 38.46
N LEU J 4 44.78 8.95 38.50
CA LEU J 4 45.01 7.53 38.44
C LEU J 4 44.66 7.04 37.04
N HIS J 5 45.47 6.13 36.49
CA HIS J 5 45.28 5.68 35.12
C HIS J 5 44.37 4.47 35.01
N ASN J 6 44.28 3.64 36.04
CA ASN J 6 43.42 2.46 36.03
C ASN J 6 42.53 2.49 37.26
N ALA J 7 41.59 1.54 37.31
CA ALA J 7 40.62 1.49 38.39
C ALA J 7 41.03 0.58 39.53
N ALA J 8 42.00 -0.30 39.31
CA ALA J 8 42.45 -1.23 40.35
C ALA J 8 42.81 -0.56 41.67
N PRO J 9 43.57 0.55 41.70
CA PRO J 9 43.91 1.14 43.01
C PRO J 9 42.71 1.60 43.82
N ARG J 10 41.72 2.22 43.17
CA ARG J 10 40.55 2.69 43.91
C ARG J 10 39.56 1.57 44.22
N GLU J 11 39.57 0.49 43.44
CA GLU J 11 38.73 -0.65 43.77
C GLU J 11 39.19 -1.33 45.05
N ALA J 12 40.50 -1.39 45.28
CA ALA J 12 41.02 -1.95 46.52
C ALA J 12 40.70 -1.03 47.69
N LEU J 13 40.83 0.29 47.50
CA LEU J 13 40.49 1.23 48.56
C LEU J 13 39.01 1.15 48.92
N THR J 14 38.14 1.02 47.93
CA THR J 14 36.71 0.95 48.22
C THR J 14 36.36 -0.29 49.04
N ASP J 15 37.03 -1.42 48.78
CA ASP J 15 36.76 -2.61 49.57
C ASP J 15 37.22 -2.45 51.00
N THR J 16 38.33 -1.74 51.23
CA THR J 16 38.80 -1.49 52.59
C THR J 16 37.89 -0.50 53.31
N ILE J 17 37.43 0.53 52.59
CA ILE J 17 36.52 1.50 53.19
C ILE J 17 35.22 0.83 53.61
N MET J 18 34.68 -0.05 52.76
CA MET J 18 33.43 -0.71 53.10
C MET J 18 33.60 -1.69 54.25
N ALA J 19 34.70 -2.43 54.27
CA ALA J 19 34.98 -3.33 55.39
C ALA J 19 35.11 -2.54 56.69
N ALA J 20 35.87 -1.45 56.65
CA ALA J 20 36.02 -0.60 57.83
C ALA J 20 34.68 0.01 58.24
N LYS J 21 33.85 0.37 57.26
CA LYS J 21 32.55 0.96 57.57
C LYS J 21 31.70 0.00 58.38
N ILE J 22 31.74 -1.30 58.05
CA ILE J 22 30.96 -2.28 58.80
C ILE J 22 31.55 -2.49 60.19
N ARG J 23 32.89 -2.53 60.29
CA ARG J 23 33.50 -2.82 61.59
C ARG J 23 33.33 -1.67 62.57
N HIS J 24 33.25 -0.43 62.09
CA HIS J 24 32.94 0.68 62.98
C HIS J 24 31.44 0.87 63.15
N ASN J 25 30.65 0.07 62.43
CA ASN J 25 29.19 0.18 62.39
C ASN J 25 28.79 1.63 62.16
N LEU J 26 29.38 2.23 61.14
CA LEU J 26 29.12 3.61 60.76
C LEU J 26 28.26 3.67 59.50
N THR J 27 27.57 4.79 59.33
CA THR J 27 26.76 5.06 58.16
C THR J 27 27.45 6.07 57.26
N PHE J 28 27.02 6.11 56.00
CA PHE J 28 27.55 7.11 55.08
C PHE J 28 27.19 8.52 55.52
N GLU J 29 26.06 8.68 56.21
CA GLU J 29 25.72 9.98 56.77
C GLU J 29 26.68 10.39 57.88
N ALA J 30 27.07 9.43 58.72
CA ALA J 30 28.01 9.72 59.79
C ALA J 30 29.39 10.04 59.23
N LEU J 31 29.80 9.35 58.18
CA LEU J 31 31.11 9.60 57.59
C LEU J 31 31.18 10.96 56.92
N ALA J 32 30.08 11.41 56.32
CA ALA J 32 30.07 12.71 55.64
C ALA J 32 29.81 13.86 56.60
N GLN J 33 29.44 13.58 57.84
CA GLN J 33 29.09 14.65 58.76
C GLN J 33 30.34 15.41 59.18
N GLY J 34 30.25 16.73 59.20
CA GLY J 34 31.38 17.58 59.51
C GLY J 34 32.39 17.74 58.39
N THR J 35 32.03 17.36 57.16
CA THR J 35 32.91 17.57 56.02
C THR J 35 32.53 18.78 55.18
N GLY J 36 31.32 19.31 55.34
CA GLY J 36 30.87 20.43 54.54
C GLY J 36 30.36 20.06 53.17
N LEU J 37 30.48 18.80 52.76
CA LEU J 37 30.04 18.34 51.46
C LEU J 37 28.77 17.52 51.60
N SER J 38 28.08 17.34 50.47
CA SER J 38 26.81 16.63 50.45
C SER J 38 27.03 15.12 50.57
N LEU J 39 25.99 14.44 51.06
CA LEU J 39 26.06 12.99 51.27
C LEU J 39 26.41 12.25 49.99
N ALA J 40 25.74 12.59 48.89
CA ALA J 40 25.96 11.87 47.63
C ALA J 40 27.39 12.01 47.14
N PHE J 41 27.99 13.19 47.35
CA PHE J 41 29.36 13.41 46.88
C PHE J 41 30.36 12.58 47.70
N VAL J 42 30.29 12.67 49.03
CA VAL J 42 31.24 11.96 49.87
C VAL J 42 31.09 10.46 49.69
N THR J 43 29.84 9.98 49.61
CA THR J 43 29.61 8.55 49.38
C THR J 43 30.20 8.11 48.05
N ALA J 44 30.01 8.89 47.00
CA ALA J 44 30.59 8.56 45.70
C ALA J 44 32.11 8.53 45.78
N ALA J 45 32.71 9.49 46.50
CA ALA J 45 34.16 9.52 46.61
C ALA J 45 34.70 8.28 47.32
N LEU J 46 34.02 7.84 48.38
CA LEU J 46 34.45 6.61 49.06
C LEU J 46 34.28 5.40 48.14
N LEU J 47 33.27 5.41 47.28
CA LEU J 47 33.06 4.34 46.32
C LEU J 47 33.92 4.50 45.07
N GLY J 48 34.94 5.35 45.13
CA GLY J 48 35.93 5.45 44.08
C GLY J 48 35.55 6.24 42.86
N GLN J 49 34.57 7.13 42.98
CA GLN J 49 34.08 7.90 41.83
C GLN J 49 34.38 9.38 41.92
N HIS J 50 34.99 9.85 43.00
CA HIS J 50 35.27 11.28 43.14
C HIS J 50 36.53 11.46 43.99
N ALA J 51 37.13 12.64 43.85
CA ALA J 51 38.27 13.05 44.65
C ALA J 51 37.81 13.95 45.77
N LEU J 52 38.27 13.66 47.00
CA LEU J 52 37.93 14.47 48.15
C LEU J 52 38.99 15.55 48.39
N PRO J 53 38.59 16.77 48.74
CA PRO J 53 39.59 17.74 49.23
C PRO J 53 40.23 17.21 50.50
N GLU J 54 41.50 17.57 50.71
CA GLU J 54 42.27 16.98 51.81
C GLU J 54 41.61 17.14 53.18
N PRO J 55 41.03 18.29 53.53
CA PRO J 55 40.34 18.36 54.83
C PRO J 55 39.22 17.35 54.97
N ALA J 56 38.40 17.18 53.93
CA ALA J 56 37.37 16.15 53.96
C ALA J 56 37.99 14.76 53.97
N ALA J 57 39.08 14.57 53.21
CA ALA J 57 39.73 13.25 53.17
C ALA J 57 40.27 12.83 54.52
N ARG J 58 40.76 13.78 55.32
CA ARG J 58 41.27 13.45 56.64
C ARG J 58 40.16 13.22 57.64
N THR J 59 39.04 13.93 57.50
CA THR J 59 37.93 13.75 58.42
C THR J 59 37.33 12.36 58.27
N VAL J 60 37.18 11.88 57.02
CA VAL J 60 36.59 10.56 56.81
C VAL J 60 37.61 9.46 57.11
N ALA J 61 38.89 9.68 56.78
CA ALA J 61 39.90 8.66 57.04
C ALA J 61 40.17 8.47 58.52
N ALA J 62 40.03 9.53 59.32
CA ALA J 62 40.19 9.39 60.76
C ALA J 62 39.05 8.55 61.34
N LYS J 63 37.84 8.74 60.84
CA LYS J 63 36.69 7.99 61.36
C LYS J 63 36.83 6.50 61.06
N LEU J 64 37.41 6.16 59.91
CA LEU J 64 37.59 4.76 59.53
C LEU J 64 38.97 4.22 59.87
N GLY J 65 39.92 5.07 60.26
CA GLY J 65 41.24 4.58 60.58
C GLY J 65 41.96 4.02 59.36
N LEU J 66 42.07 4.83 58.32
CA LEU J 66 42.66 4.41 57.06
C LEU J 66 44.15 4.74 57.05
N ASP J 67 44.88 4.00 56.21
CA ASP J 67 46.31 4.21 56.14
C ASP J 67 46.59 5.57 55.52
N GLU J 68 47.86 5.92 55.40
CA GLU J 68 48.16 7.21 54.81
C GLU J 68 48.04 7.14 53.29
N GLU J 69 48.07 5.92 52.72
CA GLU J 69 47.83 5.76 51.29
C GLU J 69 46.39 6.07 50.92
N ALA J 70 45.43 5.54 51.70
CA ALA J 70 44.02 5.83 51.45
C ALA J 70 43.75 7.32 51.44
N VAL J 71 44.43 8.08 52.30
CA VAL J 71 44.22 9.52 52.34
C VAL J 71 44.68 10.17 51.05
N LEU J 72 45.81 9.71 50.50
CA LEU J 72 46.27 10.23 49.22
C LEU J 72 45.41 9.71 48.08
N LEU J 73 45.02 8.43 48.15
CA LEU J 73 44.19 7.83 47.10
C LEU J 73 42.80 8.44 47.07
N LEU J 74 42.28 8.88 48.22
CA LEU J 74 40.98 9.54 48.23
C LEU J 74 41.03 10.92 47.58
N GLN J 75 42.21 11.53 47.49
CA GLN J 75 42.35 12.85 46.91
C GLN J 75 42.74 12.83 45.44
N THR J 76 43.07 11.67 44.89
CA THR J 76 43.48 11.56 43.50
C THR J 76 42.26 11.39 42.60
N ILE J 77 42.36 11.95 41.41
CA ILE J 77 41.30 11.83 40.40
C ILE J 77 41.25 10.39 39.90
N PRO J 78 40.13 9.70 40.03
CA PRO J 78 40.05 8.29 39.65
C PRO J 78 39.62 8.10 38.19
N LEU J 79 39.68 6.84 37.76
CA LEU J 79 39.11 6.40 36.49
C LEU J 79 37.67 5.97 36.76
N ARG J 80 36.73 6.84 36.40
CA ARG J 80 35.35 6.69 36.88
C ARG J 80 34.62 5.56 36.16
N GLY J 81 33.57 5.08 36.81
CA GLY J 81 32.81 3.92 36.35
C GLY J 81 32.50 2.98 37.49
N SER J 82 31.26 3.01 37.97
CA SER J 82 30.86 2.22 39.12
C SER J 82 30.08 0.96 38.75
N ILE J 83 29.53 0.88 37.54
CA ILE J 83 28.80 -0.30 37.10
C ILE J 83 29.68 -1.09 36.14
N PRO J 84 30.28 -2.20 36.59
CA PRO J 84 31.09 -3.02 35.68
C PRO J 84 30.23 -3.65 34.60
N GLY J 85 30.61 -3.42 33.34
CA GLY J 85 29.85 -3.94 32.22
C GLY J 85 28.81 -2.99 31.66
N GLY J 86 28.64 -1.81 32.26
CA GLY J 86 27.71 -0.83 31.73
C GLY J 86 26.26 -1.02 32.13
N VAL J 87 25.81 -2.27 32.14
CA VAL J 87 24.43 -2.62 32.48
C VAL J 87 24.46 -3.40 33.80
N PRO J 88 23.73 -2.95 34.82
CA PRO J 88 23.78 -3.67 36.10
C PRO J 88 22.83 -4.85 36.11
N THR J 89 23.12 -5.78 37.02
CA THR J 89 22.25 -6.92 37.30
C THR J 89 21.56 -6.82 38.64
N ASP J 90 22.17 -6.13 39.59
CA ASP J 90 21.55 -5.92 40.90
C ASP J 90 20.22 -5.18 40.73
N PRO J 91 19.12 -5.68 41.31
CA PRO J 91 17.82 -5.03 41.10
C PRO J 91 17.78 -3.57 41.53
N THR J 92 18.41 -3.23 42.66
CA THR J 92 18.37 -1.86 43.15
C THR J 92 18.95 -0.87 42.15
N ILE J 93 20.08 -1.23 41.55
CA ILE J 93 20.70 -0.34 40.56
C ILE J 93 19.94 -0.39 39.25
N TYR J 94 19.39 -1.55 38.88
CA TYR J 94 18.74 -1.70 37.59
C TYR J 94 17.53 -0.79 37.45
N ARG J 95 16.78 -0.59 38.54
CA ARG J 95 15.59 0.25 38.48
C ARG J 95 15.93 1.62 37.92
N PHE J 96 17.11 2.15 38.26
CA PHE J 96 17.57 3.40 37.68
C PHE J 96 17.95 3.24 36.22
N TYR J 97 18.48 2.08 35.84
CA TYR J 97 18.74 1.79 34.43
C TYR J 97 17.42 1.71 33.67
N GLU J 98 16.39 1.11 34.29
CA GLU J 98 15.09 1.00 33.66
C GLU J 98 14.45 2.36 33.46
N MET J 99 14.62 3.26 34.44
CA MET J 99 14.17 4.64 34.26
C MET J 99 14.80 5.25 33.01
N LEU J 100 16.08 4.99 32.80
CA LEU J 100 16.76 5.50 31.60
C LEU J 100 16.20 4.86 30.33
N GLN J 101 15.81 3.59 30.40
CA GLN J 101 15.32 2.90 29.21
C GLN J 101 13.96 3.45 28.76
N VAL J 102 13.11 3.82 29.71
CA VAL J 102 11.76 4.27 29.36
C VAL J 102 11.74 5.75 29.01
N TYR J 103 12.43 6.58 29.80
CA TYR J 103 12.36 8.03 29.64
C TYR J 103 13.59 8.62 28.98
N GLY J 104 14.45 7.79 28.39
CA GLY J 104 15.63 8.32 27.70
C GLY J 104 15.25 9.20 26.52
N SER J 105 14.41 8.68 25.63
CA SER J 105 13.93 9.49 24.51
C SER J 105 13.16 10.71 25.00
N THR J 106 12.36 10.54 26.05
CA THR J 106 11.53 11.62 26.56
C THR J 106 12.38 12.75 27.13
N LEU J 107 13.46 12.41 27.85
CA LEU J 107 14.33 13.44 28.41
C LEU J 107 15.00 14.24 27.30
N LYS J 108 15.47 13.57 26.25
CA LYS J 108 16.08 14.28 25.13
C LYS J 108 15.08 15.23 24.48
N ALA J 109 13.84 14.76 24.26
CA ALA J 109 12.82 15.60 23.64
C ALA J 109 12.54 16.85 24.46
N LEU J 110 12.35 16.69 25.78
CA LEU J 110 11.99 17.84 26.60
C LEU J 110 13.16 18.76 26.87
N VAL J 111 14.39 18.23 26.87
CA VAL J 111 15.55 19.09 27.01
C VAL J 111 15.69 20.00 25.80
N HIS J 112 15.50 19.46 24.61
CA HIS J 112 15.58 20.27 23.40
C HIS J 112 14.39 21.23 23.27
N GLU J 113 13.26 20.92 23.90
CA GLU J 113 12.10 21.81 23.84
C GLU J 113 12.21 22.94 24.86
N GLN J 114 12.53 22.61 26.11
CA GLN J 114 12.57 23.62 27.16
C GLN J 114 13.88 24.39 27.17
N PHE J 115 14.99 23.78 26.76
CA PHE J 115 16.30 24.42 26.81
C PHE J 115 16.85 24.72 25.43
N GLY J 116 16.82 23.76 24.51
CA GLY J 116 17.35 23.91 23.18
C GLY J 116 18.35 22.81 22.88
N ASP J 117 19.06 22.97 21.77
CA ASP J 117 20.06 21.99 21.37
C ASP J 117 21.22 22.00 22.36
N GLY J 118 21.57 20.84 22.87
CA GLY J 118 22.63 20.74 23.85
C GLY J 118 22.42 19.55 24.76
N ILE J 119 22.98 19.65 25.96
CA ILE J 119 22.95 18.57 26.94
C ILE J 119 22.63 19.14 28.31
N ILE J 120 22.25 18.25 29.22
CA ILE J 120 22.22 18.53 30.65
C ILE J 120 23.45 17.87 31.26
N SER J 121 24.32 18.69 31.84
CA SER J 121 25.67 18.26 32.20
C SER J 121 25.66 17.19 33.29
N ALA J 122 26.61 16.28 33.21
CA ALA J 122 26.90 15.32 34.26
C ALA J 122 28.16 15.68 35.05
N ILE J 123 28.84 16.76 34.68
CA ILE J 123 30.01 17.24 35.41
C ILE J 123 29.66 18.45 36.28
N ASN J 124 28.96 19.43 35.70
CA ASN J 124 28.35 20.51 36.45
C ASN J 124 27.00 20.01 36.99
N PHE J 125 27.09 19.15 38.00
CA PHE J 125 25.97 18.29 38.35
C PHE J 125 25.91 18.09 39.85
N LYS J 126 24.69 18.09 40.39
CA LYS J 126 24.44 17.87 41.81
C LYS J 126 23.42 16.75 41.96
N LEU J 127 23.64 15.88 42.95
CA LEU J 127 22.74 14.76 43.20
C LEU J 127 22.28 14.75 44.65
N ASP J 128 21.00 14.47 44.87
CA ASP J 128 20.44 14.44 46.21
C ASP J 128 19.34 13.41 46.27
N ILE J 129 19.33 12.61 47.33
CA ILE J 129 18.26 11.66 47.62
C ILE J 129 17.61 12.02 48.95
N LYS J 130 16.28 12.10 48.95
CA LYS J 130 15.50 12.49 50.12
C LYS J 130 14.39 11.48 50.34
N LYS J 131 14.17 11.08 51.59
CA LYS J 131 13.11 10.14 51.92
C LYS J 131 11.85 10.89 52.33
N VAL J 132 10.73 10.56 51.68
CA VAL J 132 9.43 11.15 51.96
C VAL J 132 8.42 10.03 52.14
N ALA J 133 7.33 10.37 52.84
CA ALA J 133 6.28 9.40 53.15
C ALA J 133 5.27 9.31 52.03
N ASP J 134 4.81 8.09 51.76
CA ASP J 134 3.78 7.87 50.76
C ASP J 134 2.40 8.04 51.39
N PRO J 135 1.53 8.89 50.83
CA PRO J 135 0.18 9.02 51.40
C PRO J 135 -0.59 7.71 51.41
N ASP J 136 -0.23 6.77 50.51
CA ASP J 136 -0.80 5.44 50.46
C ASP J 136 -0.12 4.47 51.41
N GLY J 137 0.53 5.00 52.45
CA GLY J 137 1.31 4.17 53.35
C GLY J 137 2.65 3.80 52.74
N GLY J 138 3.70 3.84 53.53
CA GLY J 138 5.03 3.55 53.03
C GLY J 138 5.85 4.80 52.80
N GLU J 139 7.02 4.58 52.21
CA GLU J 139 8.01 5.61 51.98
C GLU J 139 8.31 5.73 50.49
N ARG J 140 8.88 6.88 50.13
CA ARG J 140 9.25 7.15 48.75
C ARG J 140 10.62 7.79 48.72
N ALA J 141 11.34 7.59 47.62
CA ALA J 141 12.62 8.23 47.38
C ALA J 141 12.43 9.34 46.35
N VAL J 142 12.95 10.51 46.64
CA VAL J 142 12.89 11.66 45.73
C VAL J 142 14.33 11.99 45.36
N ILE J 143 14.82 11.37 44.29
CA ILE J 143 16.17 11.62 43.78
C ILE J 143 16.13 12.78 42.81
N THR J 144 17.04 13.75 43.02
CA THR J 144 17.08 14.98 42.24
C THR J 144 18.38 15.06 41.45
N LEU J 145 18.25 15.32 40.15
CA LEU J 145 19.39 15.52 39.26
C LEU J 145 19.41 16.99 38.86
N ASP J 146 20.47 17.69 39.26
CA ASP J 146 20.60 19.13 38.98
C ASP J 146 21.83 19.34 38.10
N GLY J 147 21.62 19.51 36.80
CA GLY J 147 22.71 19.70 35.87
C GLY J 147 22.54 21.00 35.09
N LYS J 148 23.66 21.68 34.86
CA LYS J 148 23.62 22.91 34.08
C LYS J 148 23.45 22.59 32.59
N TYR J 149 22.70 23.44 31.90
CA TYR J 149 22.46 23.27 30.47
C TYR J 149 23.63 23.83 29.67
N LEU J 150 24.28 22.96 28.88
CA LEU J 150 25.32 23.39 27.96
C LEU J 150 24.77 23.37 26.56
N PRO J 151 24.64 24.52 25.89
CA PRO J 151 24.06 24.53 24.55
C PRO J 151 25.06 24.13 23.48
N THR J 152 24.53 23.53 22.42
CA THR J 152 25.30 23.25 21.20
C THR J 152 25.08 24.41 20.25
N LYS J 153 26.07 25.28 20.14
CA LYS J 153 25.97 26.42 19.25
C LYS J 153 26.92 26.24 18.07
N PRO J 154 26.53 26.70 16.88
CA PRO J 154 27.35 26.49 15.69
C PRO J 154 28.75 27.10 15.84
N PHE J 155 29.71 26.48 15.15
CA PHE J 155 31.07 27.02 15.12
C PHE J 155 31.54 27.17 13.69
N THR K 1 -2.05 30.94 -15.00
CA THR K 1 -1.93 30.04 -13.86
C THR K 1 -2.07 28.60 -14.39
N HIS K 2 -1.58 27.62 -13.64
CA HIS K 2 -1.60 26.25 -14.11
C HIS K 2 -3.00 25.66 -14.06
N SER K 3 -3.38 24.96 -15.13
CA SER K 3 -4.69 24.33 -15.23
C SER K 3 -4.55 22.83 -15.32
N LEU K 4 -5.58 22.12 -14.87
CA LEU K 4 -5.63 20.67 -14.95
C LEU K 4 -6.60 20.25 -16.07
N HIS K 5 -6.23 19.19 -16.79
CA HIS K 5 -7.05 18.70 -17.88
C HIS K 5 -8.07 17.67 -17.44
N ASN K 6 -7.82 16.97 -16.33
CA ASN K 6 -8.73 15.99 -15.79
C ASN K 6 -9.00 16.32 -14.32
N ALA K 7 -9.95 15.60 -13.72
CA ALA K 7 -10.31 15.86 -12.34
C ALA K 7 -9.60 14.97 -11.34
N ALA K 8 -9.03 13.85 -11.80
CA ALA K 8 -8.40 12.90 -10.88
C ALA K 8 -7.36 13.51 -9.95
N PRO K 9 -6.45 14.38 -10.39
CA PRO K 9 -5.47 14.93 -9.44
C PRO K 9 -6.10 15.74 -8.32
N ARG K 10 -7.14 16.54 -8.61
CA ARG K 10 -7.79 17.30 -7.54
C ARG K 10 -8.74 16.43 -6.72
N GLU K 11 -9.26 15.34 -7.30
CA GLU K 11 -10.09 14.43 -6.51
C GLU K 11 -9.26 13.69 -5.46
N ALA K 12 -8.00 13.37 -5.78
CA ALA K 12 -7.12 12.76 -4.79
C ALA K 12 -6.78 13.74 -3.69
N LEU K 13 -6.50 15.01 -4.06
CA LEU K 13 -6.24 16.03 -3.04
C LEU K 13 -7.44 16.24 -2.14
N THR K 14 -8.65 16.23 -2.71
CA THR K 14 -9.85 16.42 -1.92
C THR K 14 -10.05 15.29 -0.91
N ASP K 15 -9.71 14.06 -1.31
CA ASP K 15 -9.80 12.94 -0.37
C ASP K 15 -8.77 13.07 0.74
N THR K 16 -7.60 13.64 0.43
CA THR K 16 -6.61 13.88 1.46
C THR K 16 -7.01 15.05 2.36
N ILE K 17 -7.55 16.12 1.77
CA ILE K 17 -7.98 17.28 2.55
C ILE K 17 -9.12 16.89 3.49
N MET K 18 -10.10 16.14 2.99
CA MET K 18 -11.22 15.76 3.85
C MET K 18 -10.79 14.80 4.94
N ALA K 19 -9.89 13.88 4.62
CA ALA K 19 -9.36 12.99 5.66
C ALA K 19 -8.66 13.79 6.75
N ALA K 20 -7.83 14.76 6.35
CA ALA K 20 -7.19 15.63 7.33
C ALA K 20 -8.22 16.46 8.09
N LYS K 21 -9.27 16.93 7.39
CA LYS K 21 -10.30 17.73 8.06
C LYS K 21 -11.01 16.94 9.15
N ILE K 22 -11.34 15.68 8.88
CA ILE K 22 -12.03 14.86 9.86
C ILE K 22 -11.08 14.50 11.00
N ARG K 23 -9.82 14.20 10.67
CA ARG K 23 -8.87 13.74 11.67
C ARG K 23 -8.52 14.87 12.64
N HIS K 24 -8.54 16.12 12.18
CA HIS K 24 -8.32 17.25 13.06
C HIS K 24 -9.60 17.74 13.73
N ASN K 25 -10.73 17.12 13.42
CA ASN K 25 -12.05 17.56 13.89
C ASN K 25 -12.23 19.06 13.68
N LEU K 26 -11.97 19.50 12.45
CA LEU K 26 -12.14 20.89 12.05
C LEU K 26 -13.36 21.04 11.16
N THR K 27 -13.90 22.26 11.15
CA THR K 27 -15.03 22.63 10.31
C THR K 27 -14.57 23.47 9.14
N PHE K 28 -15.43 23.56 8.12
CA PHE K 28 -15.13 24.45 7.01
C PHE K 28 -15.12 25.91 7.44
N GLU K 29 -15.90 26.26 8.46
CA GLU K 29 -15.87 27.61 8.99
C GLU K 29 -14.53 27.90 9.65
N ALA K 30 -13.98 26.90 10.36
CA ALA K 30 -12.66 27.04 10.97
C ALA K 30 -11.56 27.12 9.92
N LEU K 31 -11.70 26.35 8.84
CA LEU K 31 -10.68 26.36 7.79
C LEU K 31 -10.67 27.68 7.04
N ALA K 32 -11.82 28.34 6.91
CA ALA K 32 -11.87 29.58 6.15
C ALA K 32 -11.48 30.82 6.94
N GLN K 33 -11.38 30.76 8.27
CA GLN K 33 -11.04 31.97 9.01
C GLN K 33 -9.58 32.31 8.84
N GLY K 34 -9.30 33.60 8.68
CA GLY K 34 -7.96 34.08 8.42
C GLY K 34 -7.49 33.88 7.00
N THR K 35 -8.40 33.57 6.08
CA THR K 35 -8.09 33.50 4.66
C THR K 35 -8.57 34.71 3.87
N GLY K 36 -9.51 35.49 4.41
CA GLY K 36 -10.08 36.60 3.71
C GLY K 36 -11.14 36.26 2.70
N LEU K 37 -11.39 34.97 2.46
CA LEU K 37 -12.35 34.53 1.47
C LEU K 37 -13.61 34.00 2.15
N SER K 38 -14.68 33.90 1.37
CA SER K 38 -15.96 33.47 1.88
C SER K 38 -15.98 31.97 2.12
N LEU K 39 -16.89 31.55 3.00
CA LEU K 39 -17.01 30.12 3.33
C LEU K 39 -17.30 29.28 2.10
N ALA K 40 -18.23 29.74 1.26
CA ALA K 40 -18.61 28.96 0.08
C ALA K 40 -17.46 28.81 -0.90
N PHE K 41 -16.65 29.86 -1.06
CA PHE K 41 -15.55 29.79 -2.01
C PHE K 41 -14.47 28.81 -1.56
N VAL K 42 -14.01 28.94 -0.31
CA VAL K 42 -12.93 28.08 0.16
C VAL K 42 -13.38 26.64 0.21
N THR K 43 -14.62 26.39 0.66
CA THR K 43 -15.13 25.03 0.70
C THR K 43 -15.20 24.44 -0.70
N ALA K 44 -15.67 25.22 -1.67
CA ALA K 44 -15.65 24.75 -3.06
C ALA K 44 -14.23 24.50 -3.54
N ALA K 45 -13.29 25.37 -3.15
CA ALA K 45 -11.90 25.18 -3.54
C ALA K 45 -11.31 23.91 -2.93
N LEU K 46 -11.61 23.65 -1.66
CA LEU K 46 -11.13 22.42 -1.04
C LEU K 46 -11.74 21.18 -1.68
N LEU K 47 -12.99 21.28 -2.14
CA LEU K 47 -13.65 20.18 -2.83
C LEU K 47 -13.31 20.13 -4.32
N GLY K 48 -12.25 20.82 -4.73
CA GLY K 48 -11.72 20.70 -6.07
C GLY K 48 -12.44 21.47 -7.15
N GLN K 49 -13.18 22.51 -6.80
CA GLN K 49 -13.96 23.27 -7.77
C GLN K 49 -13.44 24.68 -7.98
N HIS K 50 -12.41 25.10 -7.24
CA HIS K 50 -11.86 26.44 -7.37
C HIS K 50 -10.38 26.39 -7.05
N ALA K 51 -9.67 27.43 -7.49
CA ALA K 51 -8.26 27.61 -7.20
C ALA K 51 -8.10 28.59 -6.04
N LEU K 52 -7.28 28.23 -5.08
CA LEU K 52 -7.06 29.16 -3.97
C LEU K 52 -5.86 30.06 -4.27
N PRO K 53 -5.95 31.36 -3.95
CA PRO K 53 -4.75 32.19 -3.98
C PRO K 53 -3.70 31.65 -3.01
N GLU K 54 -2.44 31.85 -3.37
CA GLU K 54 -1.36 31.19 -2.62
C GLU K 54 -1.35 31.49 -1.12
N PRO K 55 -1.59 32.71 -0.64
CA PRO K 55 -1.63 32.91 0.82
C PRO K 55 -2.70 32.08 1.51
N ALA K 56 -3.91 32.01 0.94
CA ALA K 56 -4.97 31.20 1.53
C ALA K 56 -4.64 29.71 1.47
N ALA K 57 -3.99 29.26 0.39
CA ALA K 57 -3.67 27.84 0.26
C ALA K 57 -2.73 27.37 1.37
N ARG K 58 -1.78 28.22 1.78
CA ARG K 58 -0.89 27.85 2.87
C ARG K 58 -1.58 27.96 4.22
N THR K 59 -2.56 28.87 4.35
CA THR K 59 -3.29 28.96 5.61
C THR K 59 -4.05 27.68 5.90
N VAL K 60 -4.68 27.08 4.89
CA VAL K 60 -5.42 25.84 5.11
C VAL K 60 -4.48 24.65 5.20
N ALA K 61 -3.38 24.65 4.44
CA ALA K 61 -2.45 23.53 4.49
C ALA K 61 -1.71 23.49 5.82
N ALA K 62 -1.47 24.64 6.45
CA ALA K 62 -0.85 24.66 7.77
C ALA K 62 -1.80 24.12 8.82
N LYS K 63 -3.08 24.48 8.74
CA LYS K 63 -4.06 24.02 9.71
C LYS K 63 -4.26 22.51 9.64
N LEU K 64 -4.19 21.95 8.44
CA LEU K 64 -4.35 20.51 8.26
C LEU K 64 -3.01 19.78 8.23
N GLY K 65 -1.90 20.52 8.21
CA GLY K 65 -0.57 19.92 8.18
C GLY K 65 -0.29 19.16 6.91
N LEU K 66 -0.54 19.80 5.78
CA LEU K 66 -0.38 19.15 4.49
C LEU K 66 0.97 19.52 3.89
N ASP K 67 1.46 18.66 3.01
CA ASP K 67 2.74 18.95 2.38
C ASP K 67 2.55 20.10 1.39
N GLU K 68 3.64 20.49 0.74
CA GLU K 68 3.67 21.59 -0.21
C GLU K 68 3.15 21.21 -1.59
N GLU K 69 3.12 19.91 -1.92
CA GLU K 69 2.44 19.50 -3.14
C GLU K 69 0.95 19.81 -3.06
N ALA K 70 0.38 19.74 -1.86
CA ALA K 70 -1.02 20.13 -1.67
C ALA K 70 -1.20 21.63 -1.91
N VAL K 71 -0.24 22.44 -1.48
CA VAL K 71 -0.33 23.88 -1.70
C VAL K 71 -0.22 24.20 -3.18
N LEU K 72 0.60 23.43 -3.92
CA LEU K 72 0.69 23.65 -5.36
C LEU K 72 -0.59 23.22 -6.07
N LEU K 73 -1.14 22.07 -5.67
CA LEU K 73 -2.37 21.58 -6.29
C LEU K 73 -3.57 22.42 -5.92
N LEU K 74 -3.59 23.02 -4.72
CA LEU K 74 -4.71 23.87 -4.33
C LEU K 74 -4.80 25.15 -5.14
N GLN K 75 -3.70 25.55 -5.78
CA GLN K 75 -3.66 26.77 -6.57
C GLN K 75 -3.93 26.53 -8.04
N THR K 76 -4.06 25.27 -8.46
CA THR K 76 -4.26 24.96 -9.87
C THR K 76 -5.73 25.10 -10.24
N ILE K 77 -5.96 25.56 -11.48
CA ILE K 77 -7.31 25.65 -12.02
C ILE K 77 -7.78 24.23 -12.34
N PRO K 78 -8.87 23.78 -11.74
CA PRO K 78 -9.32 22.41 -11.96
C PRO K 78 -10.28 22.29 -13.14
N LEU K 79 -10.62 21.04 -13.46
CA LEU K 79 -11.69 20.73 -14.40
C LEU K 79 -12.97 20.59 -13.59
N ARG K 80 -13.83 21.59 -13.68
CA ARG K 80 -14.95 21.73 -12.75
C ARG K 80 -16.07 20.74 -13.07
N GLY K 81 -16.89 20.50 -12.05
CA GLY K 81 -17.94 19.50 -12.11
C GLY K 81 -17.99 18.68 -10.84
N SER K 82 -18.95 18.96 -9.96
CA SER K 82 -19.01 18.31 -8.67
C SER K 82 -20.05 17.19 -8.60
N ILE K 83 -20.99 17.13 -9.53
CA ILE K 83 -22.00 16.08 -9.56
C ILE K 83 -21.63 15.10 -10.67
N PRO K 84 -21.08 13.92 -10.35
CA PRO K 84 -20.82 12.92 -11.40
C PRO K 84 -22.12 12.43 -12.01
N GLY K 85 -22.21 12.54 -13.34
CA GLY K 85 -23.42 12.16 -14.05
C GLY K 85 -24.39 13.30 -14.29
N GLY K 86 -24.10 14.50 -13.81
CA GLY K 86 -24.93 15.66 -14.07
C GLY K 86 -26.14 15.76 -13.17
N VAL K 87 -26.78 14.64 -12.91
CA VAL K 87 -27.97 14.57 -12.07
C VAL K 87 -27.61 13.83 -10.80
N PRO K 88 -27.84 14.41 -9.62
CA PRO K 88 -27.46 13.73 -8.38
C PRO K 88 -28.51 12.72 -7.93
N THR K 89 -28.06 11.79 -7.09
CA THR K 89 -28.93 10.84 -6.42
C THR K 89 -29.03 11.09 -4.93
N ASP K 90 -27.99 11.67 -4.32
CA ASP K 90 -28.04 12.00 -2.91
C ASP K 90 -29.17 13.00 -2.64
N PRO K 91 -30.03 12.75 -1.66
CA PRO K 91 -31.19 13.64 -1.45
C PRO K 91 -30.80 15.08 -1.17
N THR K 92 -29.75 15.31 -0.40
CA THR K 92 -29.36 16.68 -0.04
C THR K 92 -29.03 17.49 -1.29
N ILE K 93 -28.30 16.91 -2.24
CA ILE K 93 -27.98 17.63 -3.46
C ILE K 93 -29.19 17.70 -4.38
N TYR K 94 -30.00 16.64 -4.40
CA TYR K 94 -31.13 16.59 -5.34
C TYR K 94 -32.14 17.69 -5.05
N ARG K 95 -32.35 18.03 -3.78
CA ARG K 95 -33.32 19.07 -3.43
C ARG K 95 -33.03 20.36 -4.18
N PHE K 96 -31.74 20.69 -4.34
CA PHE K 96 -31.34 21.85 -5.13
C PHE K 96 -31.57 21.60 -6.62
N TYR K 97 -31.38 20.37 -7.07
CA TYR K 97 -31.74 20.02 -8.45
C TYR K 97 -33.23 20.13 -8.68
N GLU K 98 -34.03 19.71 -7.68
CA GLU K 98 -35.48 19.81 -7.80
C GLU K 98 -35.94 21.27 -7.87
N MET K 99 -35.33 22.14 -7.07
CA MET K 99 -35.62 23.56 -7.15
C MET K 99 -35.44 24.08 -8.57
N LEU K 100 -34.38 23.62 -9.25
CA LEU K 100 -34.17 23.98 -10.65
C LEU K 100 -35.26 23.41 -11.54
N GLN K 101 -35.77 22.22 -11.21
CA GLN K 101 -36.78 21.59 -12.07
C GLN K 101 -38.11 22.34 -12.04
N VAL K 102 -38.49 22.87 -10.87
CA VAL K 102 -39.78 23.55 -10.77
C VAL K 102 -39.68 24.99 -11.23
N TYR K 103 -38.61 25.68 -10.84
CA TYR K 103 -38.48 27.12 -11.08
C TYR K 103 -37.52 27.46 -12.21
N GLY K 104 -37.12 26.48 -13.02
CA GLY K 104 -36.23 26.79 -14.14
C GLY K 104 -36.85 27.75 -15.14
N SER K 105 -38.06 27.41 -15.62
CA SER K 105 -38.78 28.33 -16.50
C SER K 105 -39.09 29.64 -15.79
N THR K 106 -39.42 29.58 -14.50
CA THR K 106 -39.80 30.79 -13.77
C THR K 106 -38.62 31.75 -13.63
N LEU K 107 -37.42 31.21 -13.38
CA LEU K 107 -36.23 32.05 -13.27
C LEU K 107 -35.93 32.74 -14.60
N LYS K 108 -36.04 32.00 -15.71
CA LYS K 108 -35.83 32.59 -17.02
C LYS K 108 -36.84 33.68 -17.31
N ALA K 109 -38.12 33.43 -17.00
CA ALA K 109 -39.18 34.40 -17.28
C ALA K 109 -38.92 35.73 -16.56
N LEU K 110 -38.60 35.67 -15.27
CA LEU K 110 -38.41 36.90 -14.51
C LEU K 110 -37.08 37.57 -14.81
N VAL K 111 -36.05 36.80 -15.19
CA VAL K 111 -34.77 37.39 -15.56
C VAL K 111 -34.92 38.22 -16.83
N HIS K 112 -35.61 37.69 -17.83
CA HIS K 112 -35.82 38.44 -19.06
C HIS K 112 -36.79 39.60 -18.86
N GLU K 113 -37.66 39.53 -17.84
CA GLU K 113 -38.59 40.61 -17.56
C GLU K 113 -37.95 41.71 -16.74
N GLN K 114 -37.24 41.35 -15.66
CA GLN K 114 -36.65 42.34 -14.80
C GLN K 114 -35.31 42.87 -15.32
N PHE K 115 -34.57 42.06 -16.07
CA PHE K 115 -33.27 42.46 -16.57
C PHE K 115 -33.24 42.62 -18.08
N GLY K 116 -33.75 41.64 -18.82
CA GLY K 116 -33.75 41.66 -20.26
C GLY K 116 -33.11 40.42 -20.83
N ASP K 117 -32.89 40.43 -22.14
CA ASP K 117 -32.28 39.30 -22.81
C ASP K 117 -30.85 39.15 -22.35
N GLY K 118 -30.49 37.94 -21.92
CA GLY K 118 -29.16 37.67 -21.43
C GLY K 118 -29.19 36.54 -20.42
N ILE K 119 -28.21 36.54 -19.53
CA ILE K 119 -28.05 35.50 -18.53
C ILE K 119 -27.72 36.14 -17.18
N ILE K 120 -27.89 35.35 -16.13
CA ILE K 120 -27.36 35.68 -14.81
C ILE K 120 -26.12 34.81 -14.61
N SER K 121 -24.97 35.46 -14.46
CA SER K 121 -23.70 34.75 -14.57
C SER K 121 -23.50 33.76 -13.42
N ALA K 122 -22.85 32.65 -13.76
CA ALA K 122 -22.38 31.68 -12.77
C ALA K 122 -20.88 31.79 -12.52
N ILE K 123 -20.19 32.67 -13.23
CA ILE K 123 -18.77 32.92 -13.02
C ILE K 123 -18.54 34.19 -12.23
N ASN K 124 -19.21 35.28 -12.62
CA ASN K 124 -19.27 36.49 -11.80
C ASN K 124 -20.37 36.29 -10.76
N PHE K 125 -20.06 35.44 -9.78
CA PHE K 125 -21.08 34.81 -8.97
C PHE K 125 -20.59 34.62 -7.54
N LYS K 126 -21.48 34.85 -6.58
CA LYS K 126 -21.21 34.62 -5.17
C LYS K 126 -22.31 33.76 -4.58
N LEU K 127 -21.93 32.85 -3.70
CA LEU K 127 -22.85 31.93 -3.04
C LEU K 127 -22.73 32.09 -1.54
N ASP K 128 -23.86 32.05 -0.85
CA ASP K 128 -23.88 32.22 0.60
C ASP K 128 -24.99 31.36 1.18
N ILE K 129 -24.66 30.65 2.27
CA ILE K 129 -25.64 29.87 3.01
C ILE K 129 -25.70 30.40 4.44
N LYS K 130 -26.92 30.66 4.91
CA LYS K 130 -27.16 31.24 6.22
C LYS K 130 -28.21 30.42 6.96
N LYS K 131 -27.96 30.15 8.23
CA LYS K 131 -28.89 29.41 9.08
C LYS K 131 -29.75 30.40 9.86
N VAL K 132 -31.07 30.28 9.73
CA VAL K 132 -32.01 31.16 10.41
C VAL K 132 -33.08 30.30 11.08
N ALA K 133 -33.74 30.88 12.09
CA ALA K 133 -34.76 30.17 12.83
C ALA K 133 -36.11 30.31 12.14
N ASP K 134 -36.85 29.19 12.08
CA ASP K 134 -38.18 29.06 11.50
C ASP K 134 -39.24 29.33 12.58
N PRO K 135 -40.20 30.22 12.33
CA PRO K 135 -41.23 30.50 13.34
C PRO K 135 -42.00 29.27 13.80
N ASP K 136 -42.05 28.20 13.01
CA ASP K 136 -42.74 26.99 13.44
C ASP K 136 -41.88 26.08 14.30
N GLY K 137 -40.81 26.60 14.91
CA GLY K 137 -39.87 25.76 15.62
C GLY K 137 -38.97 25.07 14.61
N GLY K 138 -37.68 25.00 14.88
CA GLY K 138 -36.76 24.43 13.93
C GLY K 138 -35.95 25.48 13.21
N GLU K 139 -35.18 25.00 12.23
CA GLU K 139 -34.23 25.83 11.50
C GLU K 139 -34.53 25.85 10.01
N ARG K 140 -33.99 26.87 9.35
CA ARG K 140 -34.14 27.06 7.92
C ARG K 140 -32.79 27.48 7.34
N ALA K 141 -32.60 27.14 6.06
CA ALA K 141 -31.43 27.57 5.31
C ALA K 141 -31.84 28.66 4.33
N VAL K 142 -31.07 29.74 4.28
CA VAL K 142 -31.29 30.83 3.34
C VAL K 142 -30.06 30.89 2.44
N ILE K 143 -30.11 30.15 1.33
CA ILE K 143 -29.03 30.14 0.37
C ILE K 143 -29.21 31.31 -0.58
N THR K 144 -28.16 32.09 -0.78
CA THR K 144 -28.22 33.31 -1.58
C THR K 144 -27.34 33.14 -2.81
N LEU K 145 -27.93 33.39 -3.99
CA LEU K 145 -27.22 33.34 -5.26
C LEU K 145 -27.13 34.76 -5.80
N ASP K 146 -25.91 35.29 -5.91
CA ASP K 146 -25.70 36.66 -6.39
C ASP K 146 -24.88 36.61 -7.66
N GLY K 147 -25.55 36.77 -8.80
CA GLY K 147 -24.91 36.71 -10.11
C GLY K 147 -25.12 37.99 -10.89
N LYS K 148 -24.09 38.39 -11.64
CA LYS K 148 -24.17 39.57 -12.48
C LYS K 148 -25.03 39.30 -13.71
N TYR K 149 -25.81 40.31 -14.12
CA TYR K 149 -26.61 40.22 -15.33
C TYR K 149 -25.75 40.56 -16.54
N LEU K 150 -25.59 39.60 -17.45
CA LEU K 150 -24.90 39.83 -18.71
C LEU K 150 -25.91 39.82 -19.85
N PRO K 151 -26.11 40.94 -20.55
CA PRO K 151 -27.10 40.96 -21.63
C PRO K 151 -26.59 40.37 -22.92
N THR K 152 -27.52 39.78 -23.67
CA THR K 152 -27.28 39.35 -25.05
C THR K 152 -27.74 40.48 -25.95
N LYS K 153 -26.80 41.22 -26.49
CA LYS K 153 -27.14 42.34 -27.35
C LYS K 153 -26.73 42.07 -28.80
N PRO K 154 -27.50 42.59 -29.75
CA PRO K 154 -27.20 42.32 -31.17
C PRO K 154 -25.82 42.80 -31.58
N PHE K 155 -25.24 42.09 -32.54
CA PHE K 155 -23.96 42.48 -33.12
C PHE K 155 -24.05 42.50 -34.64
N THR L 1 2.80 5.58 -40.34
CA THR L 1 3.31 5.60 -38.96
C THR L 1 2.36 4.86 -38.03
N HIS L 2 2.85 4.54 -36.83
CA HIS L 2 2.13 3.70 -35.91
C HIS L 2 0.93 4.44 -35.29
N SER L 3 -0.19 3.73 -35.17
CA SER L 3 -1.42 4.25 -34.59
C SER L 3 -1.78 3.48 -33.33
N LEU L 4 -2.50 4.14 -32.44
CA LEU L 4 -3.01 3.53 -31.22
C LEU L 4 -4.49 3.23 -31.35
N HIS L 5 -4.91 2.09 -30.79
CA HIS L 5 -6.31 1.67 -30.88
C HIS L 5 -7.18 2.19 -29.75
N ASN L 6 -6.60 2.52 -28.60
CA ASN L 6 -7.35 3.06 -27.47
C ASN L 6 -6.69 4.35 -27.00
N ALA L 7 -7.36 5.03 -26.06
CA ALA L 7 -6.86 6.31 -25.56
C ALA L 7 -6.04 6.17 -24.29
N ALA L 8 -6.14 5.05 -23.59
CA ALA L 8 -5.39 4.85 -22.35
C ALA L 8 -3.89 5.09 -22.47
N PRO L 9 -3.19 4.60 -23.50
CA PRO L 9 -1.74 4.86 -23.56
C PRO L 9 -1.40 6.34 -23.66
N ARG L 10 -2.14 7.11 -24.45
CA ARG L 10 -1.84 8.54 -24.56
C ARG L 10 -2.38 9.34 -23.38
N GLU L 11 -3.42 8.84 -22.71
CA GLU L 11 -3.87 9.51 -21.50
C GLU L 11 -2.85 9.37 -20.39
N ALA L 12 -2.14 8.24 -20.32
CA ALA L 12 -1.08 8.09 -19.34
C ALA L 12 0.08 9.04 -19.62
N LEU L 13 0.45 9.18 -20.89
CA LEU L 13 1.51 10.14 -21.25
C LEU L 13 1.09 11.56 -20.93
N THR L 14 -0.18 11.90 -21.18
CA THR L 14 -0.66 13.24 -20.90
C THR L 14 -0.59 13.55 -19.40
N ASP L 15 -0.84 12.55 -18.55
CA ASP L 15 -0.74 12.79 -17.11
C ASP L 15 0.69 13.05 -16.67
N THR L 16 1.66 12.38 -17.29
CA THR L 16 3.06 12.66 -16.97
C THR L 16 3.51 13.99 -17.56
N ILE L 17 3.07 14.29 -18.79
CA ILE L 17 3.44 15.57 -19.41
C ILE L 17 2.91 16.72 -18.58
N MET L 18 1.66 16.62 -18.13
CA MET L 18 1.09 17.70 -17.32
C MET L 18 1.75 17.77 -15.95
N ALA L 19 2.02 16.62 -15.33
CA ALA L 19 2.69 16.60 -14.04
C ALA L 19 4.07 17.25 -14.13
N ALA L 20 4.85 16.88 -15.15
CA ALA L 20 6.17 17.48 -15.35
C ALA L 20 6.06 18.98 -15.63
N LYS L 21 5.03 19.38 -16.40
CA LYS L 21 4.86 20.80 -16.69
C LYS L 21 4.64 21.61 -15.43
N ILE L 22 3.89 21.06 -14.47
CA ILE L 22 3.64 21.78 -13.23
C ILE L 22 4.90 21.87 -12.38
N ARG L 23 5.66 20.77 -12.29
CA ARG L 23 6.82 20.76 -11.41
C ARG L 23 7.96 21.64 -11.91
N HIS L 24 8.15 21.71 -13.22
CA HIS L 24 9.18 22.59 -13.76
C HIS L 24 8.66 23.99 -14.02
N ASN L 25 7.39 24.25 -13.71
CA ASN L 25 6.76 25.54 -13.91
C ASN L 25 6.99 26.04 -15.33
N LEU L 26 6.60 25.21 -16.29
CA LEU L 26 6.74 25.51 -17.70
C LEU L 26 5.40 25.94 -18.28
N THR L 27 5.48 26.71 -19.36
CA THR L 27 4.30 27.18 -20.07
C THR L 27 4.15 26.41 -21.37
N PHE L 28 2.93 26.41 -21.91
CA PHE L 28 2.69 25.82 -23.22
C PHE L 28 3.40 26.60 -24.31
N GLU L 29 3.60 27.90 -24.10
CA GLU L 29 4.35 28.70 -25.05
C GLU L 29 5.82 28.30 -25.07
N ALA L 30 6.40 28.00 -23.91
CA ALA L 30 7.79 27.57 -23.86
C ALA L 30 7.97 26.19 -24.49
N LEU L 31 6.99 25.30 -24.31
CA LEU L 31 7.10 23.97 -24.90
C LEU L 31 7.03 23.99 -26.41
N ALA L 32 6.26 24.93 -26.99
CA ALA L 32 6.07 24.98 -28.44
C ALA L 32 7.16 25.75 -29.18
N GLN L 33 7.98 26.54 -28.48
CA GLN L 33 9.00 27.33 -29.16
C GLN L 33 10.13 26.43 -29.66
N GLY L 34 10.60 26.71 -30.87
CA GLY L 34 11.65 25.91 -31.48
C GLY L 34 11.20 24.58 -32.04
N THR L 35 9.89 24.37 -32.18
CA THR L 35 9.38 23.17 -32.84
C THR L 35 8.94 23.43 -34.27
N GLY L 36 8.74 24.69 -34.65
CA GLY L 36 8.24 25.01 -35.97
C GLY L 36 6.74 24.89 -36.12
N LEU L 37 6.05 24.40 -35.09
CA LEU L 37 4.61 24.18 -35.13
C LEU L 37 3.88 25.25 -34.34
N SER L 38 2.57 25.35 -34.59
CA SER L 38 1.73 26.33 -33.94
C SER L 38 1.43 25.90 -32.49
N LEU L 39 1.09 26.89 -31.68
CA LEU L 39 0.79 26.63 -30.27
C LEU L 39 -0.36 25.63 -30.13
N ALA L 40 -1.42 25.82 -30.92
CA ALA L 40 -2.59 24.96 -30.80
C ALA L 40 -2.26 23.53 -31.17
N PHE L 41 -1.38 23.33 -32.16
CA PHE L 41 -1.03 21.97 -32.56
C PHE L 41 -0.22 21.27 -31.47
N VAL L 42 0.85 21.93 -30.99
CA VAL L 42 1.71 21.29 -30.01
C VAL L 42 0.95 21.04 -28.70
N THR L 43 0.12 22.00 -28.28
CA THR L 43 -0.66 21.81 -27.07
C THR L 43 -1.61 20.63 -27.21
N ALA L 44 -2.28 20.51 -28.36
CA ALA L 44 -3.17 19.38 -28.60
C ALA L 44 -2.41 18.05 -28.57
N ALA L 45 -1.19 18.04 -29.13
CA ALA L 45 -0.40 16.81 -29.13
C ALA L 45 -0.05 16.38 -27.71
N LEU L 46 0.30 17.34 -26.86
CA LEU L 46 0.59 17.01 -25.47
C LEU L 46 -0.64 16.46 -24.75
N LEU L 47 -1.82 16.97 -25.10
CA LEU L 47 -3.08 16.48 -24.56
C LEU L 47 -3.62 15.24 -25.30
N GLY L 48 -2.79 14.58 -26.09
CA GLY L 48 -3.15 13.29 -26.66
C GLY L 48 -4.02 13.33 -27.89
N GLN L 49 -4.06 14.45 -28.62
CA GLN L 49 -4.93 14.59 -29.77
C GLN L 49 -4.19 14.67 -31.10
N HIS L 50 -2.86 14.67 -31.08
CA HIS L 50 -2.09 14.76 -32.31
C HIS L 50 -0.77 14.02 -32.16
N ALA L 51 -0.18 13.69 -33.30
CA ALA L 51 1.12 13.04 -33.36
C ALA L 51 2.20 14.08 -33.61
N LEU L 52 3.25 14.05 -32.82
CA LEU L 52 4.30 15.02 -33.10
C LEU L 52 5.33 14.42 -34.04
N PRO L 53 5.80 15.19 -35.03
CA PRO L 53 6.98 14.76 -35.78
C PRO L 53 8.17 14.65 -34.83
N GLU L 54 9.07 13.72 -35.15
CA GLU L 54 10.13 13.37 -34.21
C GLU L 54 10.99 14.54 -33.75
N PRO L 55 11.39 15.49 -34.61
CA PRO L 55 12.14 16.64 -34.07
C PRO L 55 11.37 17.41 -33.00
N ALA L 56 10.08 17.67 -33.24
CA ALA L 56 9.28 18.35 -32.23
C ALA L 56 9.08 17.47 -31.01
N ALA L 57 8.92 16.17 -31.20
CA ALA L 57 8.71 15.27 -30.07
C ALA L 57 9.93 15.27 -29.14
N ARG L 58 11.13 15.36 -29.70
CA ARG L 58 12.33 15.35 -28.87
C ARG L 58 12.56 16.68 -28.18
N THR L 59 12.22 17.80 -28.82
CA THR L 59 12.40 19.10 -28.18
C THR L 59 11.49 19.25 -26.97
N VAL L 60 10.25 18.76 -27.07
CA VAL L 60 9.32 18.89 -25.96
C VAL L 60 9.67 17.89 -24.85
N ALA L 61 10.11 16.69 -25.23
CA ALA L 61 10.48 15.72 -24.21
C ALA L 61 11.76 16.14 -23.50
N ALA L 62 12.65 16.84 -24.18
CA ALA L 62 13.85 17.35 -23.53
C ALA L 62 13.50 18.46 -22.55
N LYS L 63 12.59 19.35 -22.93
CA LYS L 63 12.19 20.44 -22.04
C LYS L 63 11.48 19.92 -20.80
N LEU L 64 10.73 18.84 -20.93
CA LEU L 64 10.03 18.23 -19.81
C LEU L 64 10.83 17.10 -19.15
N GLY L 65 11.95 16.70 -19.75
CA GLY L 65 12.77 15.63 -19.23
C GLY L 65 12.10 14.27 -19.22
N LEU L 66 11.53 13.87 -20.36
CA LEU L 66 10.82 12.60 -20.48
C LEU L 66 11.71 11.54 -21.14
N ASP L 67 11.38 10.28 -20.86
CA ASP L 67 12.14 9.14 -21.36
C ASP L 67 11.90 8.95 -22.86
N GLU L 68 12.54 7.91 -23.41
CA GLU L 68 12.40 7.61 -24.84
C GLU L 68 11.10 6.90 -25.17
N GLU L 69 10.42 6.28 -24.19
CA GLU L 69 9.06 5.82 -24.42
C GLU L 69 8.11 6.99 -24.68
N ALA L 70 8.32 8.12 -24.01
CA ALA L 70 7.48 9.29 -24.25
C ALA L 70 7.67 9.87 -25.65
N VAL L 71 8.91 9.85 -26.14
CA VAL L 71 9.18 10.39 -27.48
C VAL L 71 8.51 9.51 -28.53
N LEU L 72 8.48 8.19 -28.32
CA LEU L 72 7.79 7.33 -29.27
C LEU L 72 6.28 7.51 -29.18
N LEU L 73 5.76 7.66 -27.96
CA LEU L 73 4.32 7.81 -27.78
C LEU L 73 3.83 9.14 -28.29
N LEU L 74 4.66 10.18 -28.25
CA LEU L 74 4.27 11.49 -28.76
C LEU L 74 4.18 11.52 -30.28
N GLN L 75 4.80 10.55 -30.96
CA GLN L 75 4.81 10.51 -32.42
C GLN L 75 3.72 9.63 -33.00
N THR L 76 2.97 8.91 -32.17
CA THR L 76 1.95 7.99 -32.66
C THR L 76 0.63 8.72 -32.88
N ILE L 77 -0.11 8.25 -33.90
CA ILE L 77 -1.44 8.77 -34.20
C ILE L 77 -2.39 8.31 -33.10
N PRO L 78 -3.03 9.21 -32.37
CA PRO L 78 -3.86 8.81 -31.24
C PRO L 78 -5.29 8.50 -31.65
N LEU L 79 -6.05 7.97 -30.69
CA LEU L 79 -7.49 7.81 -30.83
C LEU L 79 -8.12 9.08 -30.29
N ARG L 80 -8.54 9.97 -31.19
CA ARG L 80 -8.89 11.33 -30.82
C ARG L 80 -10.24 11.38 -30.12
N GLY L 81 -10.43 12.46 -29.35
CA GLY L 81 -11.59 12.63 -28.50
C GLY L 81 -11.19 13.16 -27.15
N SER L 82 -11.42 14.46 -26.93
CA SER L 82 -10.96 15.16 -25.73
C SER L 82 -12.02 15.37 -24.67
N ILE L 83 -13.30 15.27 -25.02
CA ILE L 83 -14.39 15.47 -24.07
C ILE L 83 -14.91 14.10 -23.66
N PRO L 84 -14.59 13.61 -22.46
CA PRO L 84 -15.15 12.33 -22.01
C PRO L 84 -16.66 12.46 -21.85
N GLY L 85 -17.40 11.64 -22.58
CA GLY L 85 -18.84 11.71 -22.57
C GLY L 85 -19.45 12.63 -23.61
N GLY L 86 -18.63 13.32 -24.39
CA GLY L 86 -19.13 14.16 -25.46
C GLY L 86 -19.59 15.54 -25.04
N VAL L 87 -20.25 15.63 -23.90
CA VAL L 87 -20.77 16.90 -23.39
C VAL L 87 -19.97 17.28 -22.14
N PRO L 88 -19.37 18.46 -22.09
CA PRO L 88 -18.59 18.85 -20.93
C PRO L 88 -19.44 19.43 -19.82
N THR L 89 -18.87 19.42 -18.61
CA THR L 89 -19.45 20.12 -17.46
C THR L 89 -18.62 21.32 -17.05
N ASP L 90 -17.32 21.29 -17.30
CA ASP L 90 -16.46 22.41 -16.96
C ASP L 90 -16.93 23.66 -17.72
N PRO L 91 -17.14 24.78 -17.03
CA PRO L 91 -17.68 25.97 -17.71
C PRO L 91 -16.84 26.47 -18.86
N THR L 92 -15.51 26.45 -18.74
CA THR L 92 -14.66 26.96 -19.80
C THR L 92 -14.87 26.21 -21.11
N ILE L 93 -14.95 24.88 -21.04
CA ILE L 93 -15.16 24.10 -22.25
C ILE L 93 -16.62 24.18 -22.69
N TYR L 94 -17.55 24.22 -21.73
CA TYR L 94 -18.97 24.20 -22.08
C TYR L 94 -19.37 25.40 -22.92
N ARG L 95 -18.77 26.56 -22.66
CA ARG L 95 -19.12 27.77 -23.40
C ARG L 95 -18.97 27.55 -24.90
N PHE L 96 -17.95 26.81 -25.31
CA PHE L 96 -17.77 26.46 -26.72
C PHE L 96 -18.84 25.48 -27.19
N TYR L 97 -19.31 24.61 -26.30
CA TYR L 97 -20.45 23.75 -26.62
C TYR L 97 -21.72 24.58 -26.81
N GLU L 98 -21.90 25.60 -25.96
CA GLU L 98 -23.08 26.46 -26.06
C GLU L 98 -23.09 27.26 -27.34
N MET L 99 -21.92 27.75 -27.78
CA MET L 99 -21.83 28.42 -29.07
C MET L 99 -22.38 27.53 -30.18
N LEU L 100 -22.04 26.25 -30.14
CA LEU L 100 -22.56 25.30 -31.12
C LEU L 100 -24.07 25.13 -30.97
N GLN L 101 -24.58 25.21 -29.73
CA GLN L 101 -26.00 25.03 -29.50
C GLN L 101 -26.81 26.19 -30.07
N VAL L 102 -26.29 27.41 -30.01
CA VAL L 102 -27.03 28.56 -30.53
C VAL L 102 -26.80 28.75 -32.02
N TYR L 103 -25.56 28.61 -32.49
CA TYR L 103 -25.19 28.92 -33.86
C TYR L 103 -24.99 27.70 -34.73
N GLY L 104 -25.43 26.52 -34.29
CA GLY L 104 -25.29 25.33 -35.10
C GLY L 104 -26.04 25.37 -36.43
N SER L 105 -27.36 25.62 -36.37
CA SER L 105 -28.12 25.80 -37.60
C SER L 105 -27.61 27.00 -38.40
N THR L 106 -27.19 28.05 -37.69
CA THR L 106 -26.73 29.26 -38.38
C THR L 106 -25.48 28.97 -39.19
N LEU L 107 -24.56 28.17 -38.64
CA LEU L 107 -23.35 27.83 -39.39
C LEU L 107 -23.69 27.01 -40.64
N LYS L 108 -24.59 26.03 -40.50
CA LYS L 108 -24.99 25.25 -41.67
C LYS L 108 -25.67 26.12 -42.71
N ALA L 109 -26.58 27.00 -42.28
CA ALA L 109 -27.30 27.85 -43.23
C ALA L 109 -26.34 28.74 -44.02
N LEU L 110 -25.39 29.40 -43.33
CA LEU L 110 -24.49 30.31 -44.00
C LEU L 110 -23.40 29.59 -44.78
N VAL L 111 -23.01 28.38 -44.37
CA VAL L 111 -22.05 27.61 -45.14
C VAL L 111 -22.66 27.22 -46.49
N HIS L 112 -23.93 26.80 -46.49
CA HIS L 112 -24.59 26.44 -47.74
C HIS L 112 -24.88 27.67 -48.59
N GLU L 113 -24.99 28.85 -47.99
CA GLU L 113 -25.28 30.05 -48.79
C GLU L 113 -24.00 30.63 -49.41
N GLN L 114 -22.94 30.77 -48.62
CA GLN L 114 -21.73 31.39 -49.13
C GLN L 114 -20.87 30.43 -49.92
N PHE L 115 -20.90 29.13 -49.59
CA PHE L 115 -20.06 28.13 -50.22
C PHE L 115 -20.85 27.15 -51.09
N GLY L 116 -21.93 26.60 -50.56
CA GLY L 116 -22.75 25.63 -51.25
C GLY L 116 -22.92 24.36 -50.44
N ASP L 117 -23.50 23.35 -51.09
CA ASP L 117 -23.73 22.06 -50.45
C ASP L 117 -22.40 21.38 -50.13
N GLY L 118 -22.23 20.98 -48.89
CA GLY L 118 -20.99 20.36 -48.47
C GLY L 118 -20.73 20.63 -46.99
N ILE L 119 -19.44 20.60 -46.64
CA ILE L 119 -19.00 20.78 -45.26
C ILE L 119 -17.82 21.74 -45.23
N ILE L 120 -17.53 22.24 -44.03
CA ILE L 120 -16.27 22.91 -43.74
C ILE L 120 -15.42 21.92 -42.96
N SER L 121 -14.27 21.56 -43.52
CA SER L 121 -13.52 20.43 -43.03
C SER L 121 -12.98 20.69 -41.61
N ALA L 122 -12.94 19.62 -40.82
CA ALA L 122 -12.27 19.63 -39.54
C ALA L 122 -10.91 18.93 -39.59
N ILE L 123 -10.53 18.39 -40.73
CA ILE L 123 -9.22 17.76 -40.92
C ILE L 123 -8.28 18.68 -41.70
N ASN L 124 -8.74 19.24 -42.82
CA ASN L 124 -8.00 20.29 -43.52
C ASN L 124 -8.32 21.61 -42.81
N PHE L 125 -7.77 21.73 -41.60
CA PHE L 125 -8.25 22.67 -40.61
C PHE L 125 -7.09 23.15 -39.75
N LYS L 126 -7.10 24.44 -39.41
CA LYS L 126 -6.13 25.01 -38.49
C LYS L 126 -6.88 25.80 -37.42
N LEU L 127 -6.37 25.74 -36.19
CA LEU L 127 -6.99 26.38 -35.04
C LEU L 127 -6.01 27.37 -34.43
N ASP L 128 -6.51 28.54 -34.04
CA ASP L 128 -5.68 29.59 -33.48
C ASP L 128 -6.47 30.35 -32.43
N ILE L 129 -5.84 30.64 -31.29
CA ILE L 129 -6.42 31.46 -30.25
C ILE L 129 -5.54 32.68 -30.04
N LYS L 130 -6.15 33.87 -30.05
CA LYS L 130 -5.43 35.13 -29.93
C LYS L 130 -6.10 36.01 -28.88
N LYS L 131 -5.28 36.65 -28.04
CA LYS L 131 -5.78 37.53 -26.99
C LYS L 131 -5.76 38.97 -27.49
N VAL L 132 -6.92 39.63 -27.44
CA VAL L 132 -7.07 41.02 -27.87
C VAL L 132 -7.79 41.80 -26.79
N ALA L 133 -7.63 43.12 -26.84
CA ALA L 133 -8.24 43.98 -25.84
C ALA L 133 -9.69 44.27 -26.23
N ASP L 134 -10.56 44.25 -25.27
CA ASP L 134 -11.94 44.53 -25.59
C ASP L 134 -12.19 46.04 -25.50
N PRO L 135 -12.79 46.66 -26.52
CA PRO L 135 -13.07 48.10 -26.45
C PRO L 135 -13.94 48.51 -25.26
N ASP L 136 -14.73 47.59 -24.71
CA ASP L 136 -15.58 47.85 -23.54
C ASP L 136 -14.82 47.66 -22.23
N GLY L 137 -13.49 47.71 -22.29
CA GLY L 137 -12.64 47.40 -21.15
C GLY L 137 -12.48 45.91 -20.96
N GLY L 138 -11.26 45.44 -20.72
CA GLY L 138 -11.04 44.02 -20.57
C GLY L 138 -10.46 43.41 -21.84
N GLU L 139 -10.36 42.09 -21.83
CA GLU L 139 -9.77 41.36 -22.94
C GLU L 139 -10.77 40.36 -23.52
N ARG L 140 -10.47 39.93 -24.75
CA ARG L 140 -11.31 39.01 -25.50
C ARG L 140 -10.46 37.93 -26.14
N ALA L 141 -11.09 36.79 -26.39
CA ALA L 141 -10.45 35.70 -27.12
C ALA L 141 -11.01 35.69 -28.54
N VAL L 142 -10.11 35.59 -29.51
CA VAL L 142 -10.48 35.53 -30.92
C VAL L 142 -10.00 34.17 -31.43
N ILE L 143 -10.87 33.18 -31.34
CA ILE L 143 -10.58 31.84 -31.84
C ILE L 143 -10.95 31.80 -33.31
N THR L 144 -10.04 31.30 -34.14
CA THR L 144 -10.24 31.26 -35.57
C THR L 144 -10.30 29.80 -36.02
N LEU L 145 -11.35 29.47 -36.77
CA LEU L 145 -11.52 28.15 -37.35
C LEU L 145 -11.32 28.30 -38.85
N ASP L 146 -10.24 27.69 -39.37
CA ASP L 146 -9.88 27.80 -40.78
C ASP L 146 -9.95 26.41 -41.39
N GLY L 147 -11.05 26.12 -42.06
CA GLY L 147 -11.25 24.81 -42.68
C GLY L 147 -11.52 24.98 -44.17
N LYS L 148 -11.00 24.04 -44.96
CA LYS L 148 -11.26 24.05 -46.39
C LYS L 148 -12.69 23.60 -46.67
N TYR L 149 -13.30 24.21 -47.67
CA TYR L 149 -14.65 23.85 -48.07
C TYR L 149 -14.62 22.63 -48.99
N LEU L 150 -15.27 21.54 -48.54
CA LEU L 150 -15.43 20.32 -49.34
C LEU L 150 -16.85 20.22 -49.84
N PRO L 151 -17.09 20.30 -51.14
CA PRO L 151 -18.46 20.24 -51.65
C PRO L 151 -19.00 18.83 -51.78
N THR L 152 -20.31 18.70 -51.59
CA THR L 152 -21.05 17.48 -51.90
C THR L 152 -21.62 17.60 -53.30
N LYS L 153 -20.99 16.94 -54.26
CA LYS L 153 -21.47 16.96 -55.64
C LYS L 153 -21.98 15.58 -56.07
N PRO L 154 -22.99 15.56 -56.94
CA PRO L 154 -23.58 14.28 -57.36
C PRO L 154 -22.57 13.35 -58.02
N PHE L 155 -22.81 12.05 -57.85
CA PHE L 155 -21.98 11.01 -58.46
C PHE L 155 -22.84 9.99 -59.20
N THR M 1 -14.82 -24.28 -29.90
CA THR M 1 -13.53 -23.73 -29.50
C THR M 1 -13.85 -22.83 -28.30
N HIS M 2 -12.85 -22.49 -27.49
CA HIS M 2 -13.12 -21.75 -26.26
C HIS M 2 -13.49 -20.29 -26.57
N SER M 3 -14.48 -19.79 -25.84
CA SER M 3 -14.99 -18.43 -26.00
C SER M 3 -14.73 -17.62 -24.73
N LEU M 4 -14.62 -16.30 -24.91
CA LEU M 4 -14.46 -15.37 -23.80
C LEU M 4 -15.76 -14.64 -23.50
N HIS M 5 -16.02 -14.42 -22.21
CA HIS M 5 -17.26 -13.78 -21.78
C HIS M 5 -17.14 -12.26 -21.71
N ASN M 6 -15.93 -11.73 -21.51
CA ASN M 6 -15.71 -10.29 -21.45
C ASN M 6 -14.59 -9.93 -22.42
N ALA M 7 -14.39 -8.62 -22.59
CA ALA M 7 -13.38 -8.12 -23.52
C ALA M 7 -12.06 -7.79 -22.84
N ALA M 8 -12.04 -7.66 -21.51
CA ALA M 8 -10.82 -7.32 -20.79
C ALA M 8 -9.63 -8.23 -21.10
N PRO M 9 -9.75 -9.56 -21.17
CA PRO M 9 -8.57 -10.37 -21.50
C PRO M 9 -7.99 -10.07 -22.88
N ARG M 10 -8.84 -9.86 -23.89
CA ARG M 10 -8.34 -9.55 -25.22
C ARG M 10 -7.93 -8.10 -25.36
N GLU M 11 -8.48 -7.20 -24.55
CA GLU M 11 -8.03 -5.81 -24.57
C GLU M 11 -6.62 -5.69 -23.99
N ALA M 12 -6.29 -6.50 -22.98
CA ALA M 12 -4.93 -6.51 -22.45
C ALA M 12 -3.95 -7.09 -23.45
N LEU M 13 -4.35 -8.17 -24.14
CA LEU M 13 -3.49 -8.74 -25.18
C LEU M 13 -3.28 -7.75 -26.32
N THR M 14 -4.33 -7.02 -26.70
CA THR M 14 -4.22 -6.04 -27.76
C THR M 14 -3.24 -4.94 -27.38
N ASP M 15 -3.22 -4.57 -26.10
CA ASP M 15 -2.30 -3.53 -25.64
C ASP M 15 -0.84 -3.99 -25.72
N THR M 16 -0.58 -5.28 -25.45
CA THR M 16 0.78 -5.80 -25.57
C THR M 16 1.17 -5.98 -27.04
N ILE M 17 0.22 -6.44 -27.88
CA ILE M 17 0.52 -6.64 -29.29
C ILE M 17 0.91 -5.32 -29.93
N MET M 18 0.21 -4.24 -29.61
CA MET M 18 0.56 -2.93 -30.16
C MET M 18 1.90 -2.45 -29.61
N ALA M 19 2.18 -2.72 -28.34
CA ALA M 19 3.47 -2.34 -27.78
C ALA M 19 4.62 -3.03 -28.51
N ALA M 20 4.50 -4.34 -28.73
CA ALA M 20 5.51 -5.05 -29.49
C ALA M 20 5.58 -4.58 -30.93
N LYS M 21 4.42 -4.26 -31.53
CA LYS M 21 4.38 -3.84 -32.93
C LYS M 21 5.15 -2.53 -33.14
N ILE M 22 4.99 -1.57 -32.22
CA ILE M 22 5.71 -0.31 -32.36
C ILE M 22 7.19 -0.50 -32.03
N ARG M 23 7.48 -1.31 -31.02
CA ARG M 23 8.87 -1.47 -30.59
C ARG M 23 9.69 -2.23 -31.63
N HIS M 24 9.07 -3.17 -32.33
CA HIS M 24 9.72 -3.88 -33.43
C HIS M 24 9.50 -3.18 -34.77
N ASN M 25 8.76 -2.07 -34.77
CA ASN M 25 8.43 -1.30 -35.97
C ASN M 25 7.89 -2.20 -37.08
N LEU M 26 6.85 -2.95 -36.76
CA LEU M 26 6.21 -3.84 -37.73
C LEU M 26 4.90 -3.24 -38.24
N THR M 27 4.50 -3.70 -39.43
CA THR M 27 3.25 -3.32 -40.05
C THR M 27 2.25 -4.46 -39.95
N PHE M 28 0.96 -4.12 -40.10
CA PHE M 28 -0.05 -5.15 -40.11
C PHE M 28 0.07 -6.05 -41.34
N GLU M 29 0.55 -5.50 -42.46
CA GLU M 29 0.76 -6.35 -43.62
C GLU M 29 1.90 -7.33 -43.39
N ALA M 30 2.95 -6.91 -42.68
CA ALA M 30 4.01 -7.85 -42.34
C ALA M 30 3.51 -8.94 -41.42
N LEU M 31 2.63 -8.59 -40.47
CA LEU M 31 2.10 -9.58 -39.55
C LEU M 31 1.16 -10.57 -40.23
N ALA M 32 0.42 -10.12 -41.24
CA ALA M 32 -0.52 -11.00 -41.94
C ALA M 32 0.14 -11.84 -43.01
N GLN M 33 1.40 -11.55 -43.36
CA GLN M 33 2.06 -12.31 -44.40
C GLN M 33 2.42 -13.71 -43.90
N GLY M 34 2.21 -14.70 -44.77
CA GLY M 34 2.49 -16.07 -44.42
C GLY M 34 1.50 -16.71 -43.47
N THR M 35 0.33 -16.11 -43.27
CA THR M 35 -0.71 -16.71 -42.47
C THR M 35 -1.81 -17.35 -43.31
N GLY M 36 -1.90 -16.98 -44.60
CA GLY M 36 -2.95 -17.46 -45.47
C GLY M 36 -4.26 -16.70 -45.39
N LEU M 37 -4.41 -15.78 -44.45
CA LEU M 37 -5.63 -15.01 -44.31
C LEU M 37 -5.42 -13.58 -44.81
N SER M 38 -6.54 -12.91 -45.08
CA SER M 38 -6.50 -11.55 -45.61
C SER M 38 -6.13 -10.56 -44.51
N LEU M 39 -5.62 -9.39 -44.93
CA LEU M 39 -5.19 -8.37 -43.99
C LEU M 39 -6.31 -7.95 -43.06
N ALA M 40 -7.53 -7.77 -43.59
CA ALA M 40 -8.64 -7.30 -42.77
C ALA M 40 -8.97 -8.27 -41.64
N PHE M 41 -8.88 -9.57 -41.91
CA PHE M 41 -9.18 -10.55 -40.87
C PHE M 41 -8.10 -10.55 -39.79
N VAL M 42 -6.84 -10.67 -40.19
CA VAL M 42 -5.75 -10.78 -39.22
C VAL M 42 -5.64 -9.52 -38.37
N THR M 43 -5.79 -8.35 -39.00
CA THR M 43 -5.74 -7.10 -38.23
C THR M 43 -6.86 -7.05 -37.20
N ALA M 44 -8.08 -7.43 -37.60
CA ALA M 44 -9.19 -7.48 -36.65
C ALA M 44 -8.91 -8.46 -35.51
N ALA M 45 -8.32 -9.62 -35.84
CA ALA M 45 -8.01 -10.61 -34.82
C ALA M 45 -7.00 -10.08 -33.81
N LEU M 46 -5.97 -9.39 -34.28
CA LEU M 46 -5.02 -8.79 -33.35
C LEU M 46 -5.67 -7.71 -32.50
N LEU M 47 -6.65 -6.99 -33.05
CA LEU M 47 -7.37 -5.98 -32.27
C LEU M 47 -8.53 -6.58 -31.46
N GLY M 48 -8.55 -7.90 -31.28
CA GLY M 48 -9.49 -8.51 -30.37
C GLY M 48 -10.89 -8.70 -30.88
N GLN M 49 -11.08 -8.72 -32.21
CA GLN M 49 -12.41 -8.84 -32.79
C GLN M 49 -12.63 -10.15 -33.52
N HIS M 50 -11.62 -11.01 -33.60
CA HIS M 50 -11.72 -12.28 -34.28
C HIS M 50 -10.78 -13.29 -33.63
N ALA M 51 -11.05 -14.57 -33.87
CA ALA M 51 -10.22 -15.65 -33.39
C ALA M 51 -9.28 -16.11 -34.50
N LEU M 52 -8.00 -16.27 -34.16
CA LEU M 52 -7.06 -16.74 -35.18
C LEU M 52 -6.97 -18.26 -35.15
N PRO M 53 -6.93 -18.87 -36.34
CA PRO M 53 -6.57 -20.28 -36.41
C PRO M 53 -5.17 -20.50 -35.87
N GLU M 54 -4.97 -21.69 -35.28
CA GLU M 54 -3.73 -21.95 -34.55
C GLU M 54 -2.46 -21.76 -35.37
N PRO M 55 -2.37 -22.16 -36.65
CA PRO M 55 -1.14 -21.85 -37.39
C PRO M 55 -0.84 -20.36 -37.51
N ALA M 56 -1.85 -19.54 -37.82
CA ALA M 56 -1.62 -18.10 -37.95
C ALA M 56 -1.28 -17.46 -36.60
N ALA M 57 -1.88 -17.93 -35.51
CA ALA M 57 -1.63 -17.35 -34.20
C ALA M 57 -0.17 -17.44 -33.79
N ARG M 58 0.51 -18.53 -34.18
CA ARG M 58 1.93 -18.65 -33.87
C ARG M 58 2.80 -17.83 -34.81
N THR M 59 2.38 -17.69 -36.07
CA THR M 59 3.15 -16.91 -37.02
C THR M 59 3.24 -15.46 -36.59
N VAL M 60 2.14 -14.92 -36.06
CA VAL M 60 2.15 -13.53 -35.61
C VAL M 60 2.86 -13.41 -34.26
N ALA M 61 2.69 -14.41 -33.38
CA ALA M 61 3.34 -14.35 -32.08
C ALA M 61 4.86 -14.53 -32.19
N ALA M 62 5.32 -15.32 -33.17
CA ALA M 62 6.77 -15.45 -33.38
C ALA M 62 7.37 -14.14 -33.86
N LYS M 63 6.66 -13.45 -34.77
CA LYS M 63 7.16 -12.18 -35.28
C LYS M 63 7.21 -11.11 -34.19
N LEU M 64 6.27 -11.14 -33.25
CA LEU M 64 6.23 -10.17 -32.17
C LEU M 64 6.90 -10.64 -30.89
N GLY M 65 7.30 -11.92 -30.82
CA GLY M 65 7.92 -12.44 -29.61
C GLY M 65 6.96 -12.49 -28.45
N LEU M 66 5.81 -13.11 -28.67
CA LEU M 66 4.74 -13.20 -27.68
C LEU M 66 4.78 -14.52 -26.92
N ASP M 67 4.14 -14.49 -25.74
CA ASP M 67 4.10 -15.60 -24.81
C ASP M 67 3.29 -16.77 -25.39
N GLU M 68 3.27 -17.87 -24.65
CA GLU M 68 2.50 -19.03 -25.04
C GLU M 68 1.04 -18.86 -24.66
N GLU M 69 0.76 -18.06 -23.62
CA GLU M 69 -0.62 -17.70 -23.35
C GLU M 69 -1.14 -16.73 -24.40
N ALA M 70 -0.25 -16.10 -25.17
CA ALA M 70 -0.68 -15.15 -26.18
C ALA M 70 -1.22 -15.86 -27.42
N VAL M 71 -0.60 -16.98 -27.81
CA VAL M 71 -1.10 -17.74 -28.95
C VAL M 71 -2.45 -18.35 -28.60
N LEU M 72 -2.62 -18.80 -27.35
CA LEU M 72 -3.89 -19.36 -26.91
C LEU M 72 -4.96 -18.29 -26.77
N LEU M 73 -4.59 -17.10 -26.28
CA LEU M 73 -5.58 -16.04 -26.17
C LEU M 73 -6.02 -15.54 -27.55
N LEU M 74 -5.13 -15.60 -28.54
CA LEU M 74 -5.47 -15.20 -29.90
C LEU M 74 -6.44 -16.15 -30.59
N GLN M 75 -6.57 -17.37 -30.08
CA GLN M 75 -7.42 -18.38 -30.68
C GLN M 75 -8.82 -18.43 -30.07
N THR M 76 -9.07 -17.65 -29.02
CA THR M 76 -10.36 -17.68 -28.36
C THR M 76 -11.37 -16.78 -29.07
N ILE M 77 -12.62 -17.21 -29.07
CA ILE M 77 -13.71 -16.41 -29.62
C ILE M 77 -13.93 -15.23 -28.68
N PRO M 78 -13.79 -14.00 -29.14
CA PRO M 78 -13.89 -12.85 -28.25
C PRO M 78 -15.33 -12.35 -28.12
N LEU M 79 -15.51 -11.42 -27.19
CA LEU M 79 -16.76 -10.67 -27.10
C LEU M 79 -16.58 -9.45 -27.98
N ARG M 80 -17.18 -9.49 -29.17
CA ARG M 80 -16.86 -8.50 -30.19
C ARG M 80 -17.45 -7.13 -29.86
N GLY M 81 -16.86 -6.11 -30.46
CA GLY M 81 -17.21 -4.73 -30.19
C GLY M 81 -15.98 -3.88 -30.03
N SER M 82 -15.64 -3.11 -31.06
CA SER M 82 -14.42 -2.32 -31.07
C SER M 82 -14.66 -0.85 -30.79
N ILE M 83 -15.90 -0.37 -30.90
CA ILE M 83 -16.22 1.03 -30.61
C ILE M 83 -16.88 1.11 -29.24
N PRO M 84 -16.15 1.55 -28.20
CA PRO M 84 -16.77 1.70 -26.87
C PRO M 84 -17.84 2.78 -26.89
N GLY M 85 -19.05 2.41 -26.49
CA GLY M 85 -20.16 3.34 -26.50
C GLY M 85 -20.99 3.34 -27.76
N GLY M 86 -20.62 2.55 -28.76
CA GLY M 86 -21.39 2.42 -29.98
C GLY M 86 -21.14 3.52 -31.01
N VAL M 87 -21.01 4.75 -30.55
CA VAL M 87 -20.77 5.89 -31.43
C VAL M 87 -19.36 6.41 -31.16
N PRO M 88 -18.49 6.47 -32.16
CA PRO M 88 -17.12 6.94 -31.95
C PRO M 88 -17.01 8.46 -32.02
N THR M 89 -15.92 8.96 -31.43
CA THR M 89 -15.54 10.36 -31.55
C THR M 89 -14.29 10.55 -32.39
N ASP M 90 -13.42 9.55 -32.48
CA ASP M 90 -12.24 9.65 -33.32
C ASP M 90 -12.67 9.91 -34.76
N PRO M 91 -12.11 10.93 -35.41
CA PRO M 91 -12.59 11.29 -36.77
C PRO M 91 -12.49 10.17 -37.78
N THR M 92 -11.40 9.41 -37.78
CA THR M 92 -11.21 8.37 -38.78
C THR M 92 -12.31 7.32 -38.72
N ILE M 93 -12.71 6.92 -37.52
CA ILE M 93 -13.77 5.93 -37.38
C ILE M 93 -15.14 6.57 -37.64
N TYR M 94 -15.32 7.83 -37.21
CA TYR M 94 -16.64 8.44 -37.34
C TYR M 94 -17.07 8.59 -38.79
N ARG M 95 -16.12 8.85 -39.69
CA ARG M 95 -16.45 9.02 -41.10
C ARG M 95 -17.23 7.83 -41.63
N PHE M 96 -16.87 6.62 -41.17
CA PHE M 96 -17.61 5.41 -41.54
C PHE M 96 -18.97 5.36 -40.86
N TYR M 97 -19.07 5.88 -39.64
CA TYR M 97 -20.37 6.02 -38.99
C TYR M 97 -21.27 6.99 -39.74
N GLU M 98 -20.68 8.09 -40.24
CA GLU M 98 -21.47 9.08 -40.97
C GLU M 98 -22.00 8.51 -42.28
N MET M 99 -21.20 7.69 -42.96
CA MET M 99 -21.69 7.01 -44.16
C MET M 99 -22.98 6.26 -43.86
N LEU M 100 -23.03 5.58 -42.72
CA LEU M 100 -24.25 4.87 -42.32
C LEU M 100 -25.39 5.84 -42.04
N GLN M 101 -25.09 7.03 -41.52
CA GLN M 101 -26.15 7.98 -41.17
C GLN M 101 -26.85 8.53 -42.41
N VAL M 102 -26.12 8.75 -43.49
CA VAL M 102 -26.70 9.33 -44.70
C VAL M 102 -27.35 8.26 -45.57
N TYR M 103 -26.68 7.12 -45.71
CA TYR M 103 -27.09 6.07 -46.64
C TYR M 103 -27.78 4.89 -45.95
N GLY M 104 -28.16 5.05 -44.69
CA GLY M 104 -28.91 3.99 -44.01
C GLY M 104 -30.24 3.71 -44.68
N SER M 105 -31.03 4.77 -44.90
CA SER M 105 -32.28 4.62 -45.65
C SER M 105 -32.00 4.10 -47.06
N THR M 106 -30.93 4.59 -47.68
CA THR M 106 -30.64 4.21 -49.06
C THR M 106 -30.27 2.73 -49.17
N LEU M 107 -29.48 2.22 -48.22
CA LEU M 107 -29.08 0.82 -48.27
C LEU M 107 -30.28 -0.11 -48.07
N LYS M 108 -31.15 0.20 -47.10
CA LYS M 108 -32.30 -0.66 -46.87
C LYS M 108 -33.22 -0.69 -48.08
N ALA M 109 -33.50 0.47 -48.66
CA ALA M 109 -34.39 0.55 -49.82
C ALA M 109 -33.85 -0.28 -50.98
N LEU M 110 -32.55 -0.14 -51.27
CA LEU M 110 -31.98 -0.81 -52.43
C LEU M 110 -31.79 -2.31 -52.19
N VAL M 111 -31.55 -2.72 -50.93
CA VAL M 111 -31.43 -4.14 -50.65
C VAL M 111 -32.76 -4.86 -50.87
N HIS M 112 -33.86 -4.26 -50.39
CA HIS M 112 -35.18 -4.86 -50.58
C HIS M 112 -35.63 -4.81 -52.03
N GLU M 113 -35.09 -3.88 -52.83
CA GLU M 113 -35.47 -3.81 -54.24
C GLU M 113 -34.66 -4.80 -55.08
N GLN M 114 -33.33 -4.84 -54.89
CA GLN M 114 -32.50 -5.71 -55.71
C GLN M 114 -32.47 -7.14 -55.20
N PHE M 115 -32.64 -7.35 -53.90
CA PHE M 115 -32.58 -8.69 -53.31
C PHE M 115 -33.92 -9.16 -52.78
N GLY M 116 -34.62 -8.34 -51.99
CA GLY M 116 -35.88 -8.69 -51.40
C GLY M 116 -35.86 -8.49 -49.90
N ASP M 117 -36.92 -8.98 -49.24
CA ASP M 117 -37.02 -8.86 -47.80
C ASP M 117 -35.95 -9.70 -47.13
N GLY M 118 -35.19 -9.09 -46.25
CA GLY M 118 -34.12 -9.79 -45.59
C GLY M 118 -33.01 -8.83 -45.19
N ILE M 119 -31.80 -9.39 -45.07
CA ILE M 119 -30.63 -8.66 -44.63
C ILE M 119 -29.44 -9.01 -45.52
N ILE M 120 -28.42 -8.16 -45.45
CA ILE M 120 -27.10 -8.47 -45.98
C ILE M 120 -26.23 -8.83 -44.78
N SER M 121 -25.72 -10.05 -44.77
CA SER M 121 -25.12 -10.59 -43.56
C SER M 121 -23.84 -9.84 -43.18
N ALA M 122 -23.63 -9.71 -41.88
CA ALA M 122 -22.37 -9.23 -41.33
C ALA M 122 -21.53 -10.36 -40.76
N ILE M 123 -22.02 -11.59 -40.82
CA ILE M 123 -21.28 -12.77 -40.39
C ILE M 123 -20.73 -13.54 -41.59
N ASN M 124 -21.57 -13.80 -42.58
CA ASN M 124 -21.12 -14.31 -43.87
C ASN M 124 -20.67 -13.11 -44.70
N PHE M 125 -19.52 -12.57 -44.31
CA PHE M 125 -19.12 -11.22 -44.68
C PHE M 125 -17.62 -11.16 -44.90
N LYS M 126 -17.21 -10.39 -45.90
CA LYS M 126 -15.81 -10.19 -46.23
C LYS M 126 -15.54 -8.70 -46.34
N LEU M 127 -14.40 -8.26 -45.83
CA LEU M 127 -14.03 -6.84 -45.84
C LEU M 127 -12.67 -6.67 -46.48
N ASP M 128 -12.53 -5.63 -47.30
CA ASP M 128 -11.27 -5.35 -47.98
C ASP M 128 -11.12 -3.85 -48.16
N ILE M 129 -9.92 -3.34 -47.88
CA ILE M 129 -9.57 -1.93 -48.09
C ILE M 129 -8.44 -1.87 -49.11
N LYS M 130 -8.63 -1.03 -50.12
CA LYS M 130 -7.67 -0.91 -51.22
C LYS M 130 -7.35 0.55 -51.48
N LYS M 131 -6.06 0.83 -51.68
CA LYS M 131 -5.59 2.18 -51.96
C LYS M 131 -5.47 2.38 -53.46
N VAL M 132 -6.18 3.39 -53.99
CA VAL M 132 -6.16 3.71 -55.41
C VAL M 132 -5.93 5.21 -55.57
N ALA M 133 -5.45 5.60 -56.74
CA ALA M 133 -5.14 6.98 -57.04
C ALA M 133 -6.37 7.73 -57.54
N ASP M 134 -6.54 8.97 -57.07
CA ASP M 134 -7.61 9.89 -57.45
C ASP M 134 -7.21 10.69 -58.68
N PRO M 135 -8.08 10.79 -59.69
CA PRO M 135 -7.73 11.56 -60.90
C PRO M 135 -7.34 13.00 -60.62
N ASP M 136 -7.77 13.58 -59.49
CA ASP M 136 -7.39 14.94 -59.11
C ASP M 136 -6.04 14.97 -58.36
N GLY M 137 -5.27 13.90 -58.44
CA GLY M 137 -4.06 13.82 -57.65
C GLY M 137 -4.39 13.45 -56.22
N GLY M 138 -3.58 12.59 -55.62
CA GLY M 138 -3.87 12.10 -54.29
C GLY M 138 -4.38 10.68 -54.32
N GLU M 139 -4.79 10.20 -53.14
CA GLU M 139 -5.21 8.83 -52.99
C GLU M 139 -6.63 8.73 -52.46
N ARG M 140 -7.23 7.55 -52.68
CA ARG M 140 -8.58 7.23 -52.27
C ARG M 140 -8.59 5.84 -51.67
N ALA M 141 -9.56 5.58 -50.79
CA ALA M 141 -9.79 4.26 -50.23
C ALA M 141 -11.02 3.65 -50.89
N VAL M 142 -10.89 2.39 -51.31
CA VAL M 142 -12.00 1.63 -51.91
C VAL M 142 -12.27 0.45 -50.98
N ILE M 143 -13.16 0.66 -50.01
CA ILE M 143 -13.53 -0.36 -49.05
C ILE M 143 -14.71 -1.17 -49.60
N THR M 144 -14.57 -2.50 -49.55
CA THR M 144 -15.56 -3.42 -50.11
C THR M 144 -16.21 -4.24 -49.01
N LEU M 145 -17.55 -4.25 -48.99
CA LEU M 145 -18.34 -5.04 -48.07
C LEU M 145 -19.02 -6.15 -48.86
N ASP M 146 -18.67 -7.39 -48.58
CA ASP M 146 -19.19 -8.54 -49.32
C ASP M 146 -19.97 -9.41 -48.33
N GLY M 147 -21.29 -9.28 -48.34
CA GLY M 147 -22.15 -10.03 -47.43
C GLY M 147 -23.16 -10.86 -48.19
N LYS M 148 -23.46 -12.05 -47.65
CA LYS M 148 -24.46 -12.92 -48.26
C LYS M 148 -25.84 -12.35 -48.01
N TYR M 149 -26.71 -12.48 -49.02
CA TYR M 149 -28.10 -12.05 -48.87
C TYR M 149 -28.88 -13.15 -48.17
N LEU M 150 -29.42 -12.83 -47.00
CA LEU M 150 -30.26 -13.76 -46.27
C LEU M 150 -31.70 -13.28 -46.33
N PRO M 151 -32.61 -14.02 -46.97
CA PRO M 151 -34.00 -13.55 -47.09
C PRO M 151 -34.85 -13.84 -45.86
N THR M 152 -35.78 -12.94 -45.59
CA THR M 152 -36.82 -13.16 -44.59
C THR M 152 -38.07 -13.67 -45.30
N LYS M 153 -38.35 -14.98 -45.18
CA LYS M 153 -39.50 -15.58 -45.83
C LYS M 153 -40.56 -15.99 -44.80
N PRO M 154 -41.85 -15.92 -45.13
CA PRO M 154 -42.88 -16.23 -44.14
C PRO M 154 -42.75 -17.67 -43.63
N PHE M 155 -43.14 -17.87 -42.39
CA PHE M 155 -43.11 -19.20 -41.78
C PHE M 155 -44.45 -19.55 -41.16
N THR N 1 -29.79 -17.29 3.16
CA THR N 1 -28.49 -17.47 2.54
C THR N 1 -27.84 -16.12 2.24
N HIS N 2 -26.53 -16.12 2.03
CA HIS N 2 -25.77 -14.88 1.85
C HIS N 2 -25.99 -14.29 0.46
N SER N 3 -26.14 -12.97 0.41
CA SER N 3 -26.34 -12.23 -0.83
C SER N 3 -25.18 -11.28 -1.08
N LEU N 4 -24.94 -10.98 -2.35
CA LEU N 4 -23.94 -10.01 -2.76
C LEU N 4 -24.61 -8.72 -3.20
N HIS N 5 -24.00 -7.59 -2.84
CA HIS N 5 -24.54 -6.29 -3.23
C HIS N 5 -24.00 -5.80 -4.56
N ASN N 6 -22.82 -6.26 -4.97
CA ASN N 6 -22.21 -5.88 -6.24
C ASN N 6 -21.81 -7.14 -7.01
N ALA N 7 -21.38 -6.93 -8.26
CA ALA N 7 -21.01 -8.02 -9.13
C ALA N 7 -19.51 -8.31 -9.14
N ALA N 8 -18.68 -7.38 -8.65
CA ALA N 8 -17.23 -7.53 -8.68
C ALA N 8 -16.72 -8.84 -8.08
N PRO N 9 -17.19 -9.31 -6.92
CA PRO N 9 -16.66 -10.58 -6.40
C PRO N 9 -16.92 -11.77 -7.32
N ARG N 10 -18.11 -11.83 -7.94
CA ARG N 10 -18.41 -12.91 -8.86
C ARG N 10 -17.79 -12.69 -10.23
N GLU N 11 -17.50 -11.44 -10.59
CA GLU N 11 -16.78 -11.19 -11.84
C GLU N 11 -15.35 -11.70 -11.75
N ALA N 12 -14.73 -11.57 -10.57
CA ALA N 12 -13.38 -12.09 -10.38
C ALA N 12 -13.38 -13.62 -10.39
N LEU N 13 -14.38 -14.24 -9.76
CA LEU N 13 -14.48 -15.69 -9.80
C LEU N 13 -14.69 -16.20 -11.21
N THR N 14 -15.51 -15.50 -12.00
CA THR N 14 -15.76 -15.91 -13.37
C THR N 14 -14.47 -15.88 -14.19
N ASP N 15 -13.61 -14.90 -13.94
CA ASP N 15 -12.34 -14.84 -14.65
C ASP N 15 -11.43 -16.00 -14.24
N THR N 16 -11.49 -16.42 -12.97
CA THR N 16 -10.72 -17.58 -12.54
C THR N 16 -11.30 -18.87 -13.09
N ILE N 17 -12.63 -18.98 -13.10
CA ILE N 17 -13.27 -20.19 -13.62
C ILE N 17 -12.96 -20.36 -15.10
N MET N 18 -13.08 -19.28 -15.87
CA MET N 18 -12.81 -19.37 -17.31
C MET N 18 -11.32 -19.60 -17.58
N ALA N 19 -10.45 -18.98 -16.78
CA ALA N 19 -9.02 -19.21 -16.92
C ALA N 19 -8.68 -20.68 -16.67
N ALA N 20 -9.22 -21.25 -15.60
CA ALA N 20 -9.02 -22.67 -15.33
C ALA N 20 -9.66 -23.54 -16.41
N LYS N 21 -10.82 -23.12 -16.92
CA LYS N 21 -11.50 -23.88 -17.96
C LYS N 21 -10.67 -23.97 -19.23
N ILE N 22 -10.02 -22.86 -19.62
CA ILE N 22 -9.19 -22.90 -20.82
C ILE N 22 -7.92 -23.70 -20.57
N ARG N 23 -7.32 -23.56 -19.39
CA ARG N 23 -6.06 -24.25 -19.13
C ARG N 23 -6.27 -25.76 -19.02
N HIS N 24 -7.43 -26.18 -18.50
CA HIS N 24 -7.77 -27.60 -18.43
C HIS N 24 -8.53 -28.10 -19.65
N ASN N 25 -8.83 -27.24 -20.62
CA ASN N 25 -9.58 -27.59 -21.83
C ASN N 25 -10.86 -28.38 -21.51
N LEU N 26 -11.70 -27.80 -20.67
CA LEU N 26 -12.96 -28.41 -20.29
C LEU N 26 -14.12 -27.75 -21.03
N THR N 27 -15.21 -28.50 -21.15
CA THR N 27 -16.43 -28.00 -21.76
C THR N 27 -17.45 -27.69 -20.68
N PHE N 28 -18.42 -26.84 -21.03
CA PHE N 28 -19.49 -26.55 -20.09
C PHE N 28 -20.37 -27.77 -19.83
N GLU N 29 -20.52 -28.65 -20.82
CA GLU N 29 -21.27 -29.87 -20.56
C GLU N 29 -20.52 -30.75 -19.58
N ALA N 30 -19.19 -30.84 -19.72
CA ALA N 30 -18.40 -31.63 -18.79
C ALA N 30 -18.44 -31.03 -17.39
N LEU N 31 -18.42 -29.69 -17.31
CA LEU N 31 -18.49 -29.05 -16.01
C LEU N 31 -19.86 -29.25 -15.38
N ALA N 32 -20.91 -29.32 -16.20
CA ALA N 32 -22.26 -29.53 -15.71
C ALA N 32 -22.57 -30.99 -15.44
N GLN N 33 -21.68 -31.90 -15.85
CA GLN N 33 -21.90 -33.33 -15.65
C GLN N 33 -21.77 -33.71 -14.18
N GLY N 34 -22.68 -34.56 -13.73
CA GLY N 34 -22.67 -35.02 -12.36
C GLY N 34 -23.14 -34.01 -11.33
N THR N 35 -23.78 -32.93 -11.75
CA THR N 35 -24.31 -31.95 -10.81
C THR N 35 -25.81 -32.09 -10.59
N GLY N 36 -26.51 -32.78 -11.49
CA GLY N 36 -27.95 -32.91 -11.41
C GLY N 36 -28.73 -31.74 -11.96
N LEU N 37 -28.07 -30.66 -12.36
CA LEU N 37 -28.72 -29.47 -12.87
C LEU N 37 -28.54 -29.38 -14.39
N SER N 38 -29.37 -28.56 -15.02
CA SER N 38 -29.32 -28.43 -16.46
C SER N 38 -28.11 -27.60 -16.89
N LEU N 39 -27.69 -27.82 -18.14
CA LEU N 39 -26.52 -27.14 -18.66
C LEU N 39 -26.67 -25.62 -18.61
N ALA N 40 -27.83 -25.10 -19.00
CA ALA N 40 -28.02 -23.66 -19.02
C ALA N 40 -27.92 -23.05 -17.63
N PHE N 41 -28.42 -23.76 -16.61
CA PHE N 41 -28.35 -23.25 -15.25
C PHE N 41 -26.92 -23.20 -14.74
N VAL N 42 -26.19 -24.31 -14.87
CA VAL N 42 -24.83 -24.38 -14.33
C VAL N 42 -23.93 -23.37 -15.03
N THR N 43 -24.08 -23.24 -16.35
CA THR N 43 -23.30 -22.26 -17.10
C THR N 43 -23.57 -20.84 -16.62
N ALA N 44 -24.84 -20.51 -16.37
CA ALA N 44 -25.17 -19.19 -15.84
C ALA N 44 -24.53 -18.95 -14.48
N ALA N 45 -24.50 -19.97 -13.62
CA ALA N 45 -23.89 -19.82 -12.30
C ALA N 45 -22.40 -19.54 -12.40
N LEU N 46 -21.71 -20.25 -13.30
CA LEU N 46 -20.29 -19.99 -13.49
C LEU N 46 -20.04 -18.59 -14.04
N LEU N 47 -20.95 -18.09 -14.85
CA LEU N 47 -20.88 -16.73 -15.38
C LEU N 47 -21.45 -15.70 -14.42
N GLY N 48 -21.64 -16.07 -13.15
CA GLY N 48 -21.98 -15.12 -12.12
C GLY N 48 -23.43 -14.69 -12.05
N GLN N 49 -24.35 -15.48 -12.59
CA GLN N 49 -25.76 -15.09 -12.64
C GLN N 49 -26.65 -15.93 -11.74
N HIS N 50 -26.10 -16.94 -11.05
CA HIS N 50 -26.88 -17.81 -10.20
C HIS N 50 -26.02 -18.33 -9.06
N ALA N 51 -26.70 -18.81 -8.02
CA ALA N 51 -26.05 -19.45 -6.88
C ALA N 51 -26.11 -20.95 -7.07
N LEU N 52 -24.97 -21.62 -6.92
CA LEU N 52 -25.04 -23.07 -7.02
C LEU N 52 -25.26 -23.67 -5.65
N PRO N 53 -26.09 -24.70 -5.55
CA PRO N 53 -26.12 -25.49 -4.31
C PRO N 53 -24.76 -26.12 -4.08
N GLU N 54 -24.42 -26.31 -2.80
CA GLU N 54 -23.08 -26.74 -2.43
C GLU N 54 -22.63 -28.01 -3.14
N PRO N 55 -23.48 -29.03 -3.35
CA PRO N 55 -23.02 -30.19 -4.14
C PRO N 55 -22.57 -29.85 -5.55
N ALA N 56 -23.33 -29.01 -6.26
CA ALA N 56 -22.92 -28.62 -7.61
C ALA N 56 -21.67 -27.76 -7.59
N ALA N 57 -21.54 -26.87 -6.60
CA ALA N 57 -20.37 -26.02 -6.50
C ALA N 57 -19.10 -26.82 -6.29
N ARG N 58 -19.18 -27.93 -5.55
CA ARG N 58 -18.01 -28.77 -5.32
C ARG N 58 -17.67 -29.60 -6.54
N THR N 59 -18.69 -30.01 -7.30
CA THR N 59 -18.42 -30.80 -8.51
C THR N 59 -17.68 -29.99 -9.56
N VAL N 60 -18.07 -28.73 -9.77
CA VAL N 60 -17.42 -27.91 -10.79
C VAL N 60 -16.07 -27.40 -10.31
N ALA N 61 -15.95 -27.06 -9.02
CA ALA N 61 -14.68 -26.57 -8.50
C ALA N 61 -13.63 -27.67 -8.46
N ALA N 62 -14.05 -28.92 -8.25
CA ALA N 62 -13.11 -30.02 -8.30
C ALA N 62 -12.59 -30.24 -9.71
N LYS N 63 -13.48 -30.11 -10.70
CA LYS N 63 -13.07 -30.28 -12.10
C LYS N 63 -12.07 -29.21 -12.52
N LEU N 64 -12.21 -27.99 -12.00
CA LEU N 64 -11.32 -26.89 -12.32
C LEU N 64 -10.18 -26.73 -11.32
N GLY N 65 -10.20 -27.46 -10.22
CA GLY N 65 -9.18 -27.35 -9.20
C GLY N 65 -9.14 -25.99 -8.53
N LEU N 66 -10.30 -25.54 -8.05
CA LEU N 66 -10.42 -24.24 -7.40
C LEU N 66 -10.41 -24.40 -5.90
N ASP N 67 -10.03 -23.32 -5.21
CA ASP N 67 -9.97 -23.36 -3.76
C ASP N 67 -11.39 -23.40 -3.19
N GLU N 68 -11.50 -23.50 -1.86
CA GLU N 68 -12.82 -23.56 -1.24
C GLU N 68 -13.45 -22.18 -1.04
N GLU N 69 -12.64 -21.11 -1.08
CA GLU N 69 -13.21 -19.76 -1.20
C GLU N 69 -13.96 -19.59 -2.52
N ALA N 70 -13.58 -20.36 -3.55
CA ALA N 70 -14.36 -20.37 -4.78
C ALA N 70 -15.66 -21.13 -4.60
N VAL N 71 -15.64 -22.21 -3.81
CA VAL N 71 -16.85 -22.99 -3.58
C VAL N 71 -17.87 -22.18 -2.79
N LEU N 72 -17.40 -21.38 -1.83
CA LEU N 72 -18.30 -20.54 -1.06
C LEU N 72 -18.86 -19.40 -1.90
N LEU N 73 -18.01 -18.80 -2.75
CA LEU N 73 -18.47 -17.69 -3.59
C LEU N 73 -19.47 -18.16 -4.64
N LEU N 74 -19.37 -19.41 -5.08
CA LEU N 74 -20.31 -19.94 -6.06
C LEU N 74 -21.71 -20.13 -5.47
N GLN N 75 -21.83 -20.15 -4.15
CA GLN N 75 -23.10 -20.36 -3.47
C GLN N 75 -23.79 -19.05 -3.11
N THR N 76 -23.16 -17.91 -3.35
CA THR N 76 -23.74 -16.63 -2.98
C THR N 76 -24.69 -16.13 -4.07
N ILE N 77 -25.77 -15.47 -3.65
CA ILE N 77 -26.72 -14.86 -4.57
C ILE N 77 -26.06 -13.63 -5.18
N PRO N 78 -25.92 -13.56 -6.51
CA PRO N 78 -25.23 -12.43 -7.12
C PRO N 78 -26.18 -11.29 -7.45
N LEU N 79 -25.60 -10.18 -7.89
CA LEU N 79 -26.36 -9.08 -8.47
C LEU N 79 -26.44 -9.34 -9.96
N ARG N 80 -27.61 -9.77 -10.42
CA ARG N 80 -27.74 -10.32 -11.76
C ARG N 80 -27.68 -9.22 -12.81
N GLY N 81 -27.33 -9.63 -14.03
CA GLY N 81 -27.08 -8.72 -15.13
C GLY N 81 -25.83 -9.13 -15.87
N SER N 82 -26.00 -9.72 -17.05
CA SER N 82 -24.88 -10.27 -17.81
C SER N 82 -24.41 -9.38 -18.96
N ILE N 83 -25.23 -8.45 -19.43
CA ILE N 83 -24.86 -7.55 -20.51
C ILE N 83 -24.56 -6.17 -19.92
N PRO N 84 -23.29 -5.77 -19.82
CA PRO N 84 -23.00 -4.41 -19.33
C PRO N 84 -23.54 -3.39 -20.30
N GLY N 85 -24.38 -2.50 -19.79
CA GLY N 85 -25.05 -1.51 -20.61
C GLY N 85 -26.43 -1.92 -21.09
N GLY N 86 -26.88 -3.14 -20.79
CA GLY N 86 -28.22 -3.56 -21.13
C GLY N 86 -28.38 -4.04 -22.56
N VAL N 87 -27.72 -3.37 -23.51
CA VAL N 87 -27.81 -3.71 -24.92
C VAL N 87 -26.45 -4.26 -25.35
N PRO N 88 -26.39 -5.46 -25.92
CA PRO N 88 -25.09 -6.03 -26.30
C PRO N 88 -24.61 -5.49 -27.63
N THR N 89 -23.31 -5.61 -27.83
CA THR N 89 -22.66 -5.32 -29.10
C THR N 89 -22.15 -6.56 -29.80
N ASP N 90 -21.81 -7.59 -29.04
CA ASP N 90 -21.35 -8.84 -29.61
C ASP N 90 -22.44 -9.42 -30.51
N PRO N 91 -22.11 -9.80 -31.75
CA PRO N 91 -23.15 -10.27 -32.67
C PRO N 91 -23.96 -11.45 -32.16
N THR N 92 -23.30 -12.41 -31.51
CA THR N 92 -24.01 -13.61 -31.05
C THR N 92 -25.09 -13.27 -30.04
N ILE N 93 -24.79 -12.39 -29.09
CA ILE N 93 -25.78 -12.01 -28.08
C ILE N 93 -26.82 -11.06 -28.68
N TYR N 94 -26.40 -10.19 -29.60
CA TYR N 94 -27.32 -9.19 -30.15
C TYR N 94 -28.49 -9.85 -30.88
N ARG N 95 -28.23 -10.97 -31.56
CA ARG N 95 -29.30 -11.64 -32.32
C ARG N 95 -30.50 -11.94 -31.45
N PHE N 96 -30.26 -12.33 -30.20
CA PHE N 96 -31.34 -12.56 -29.25
C PHE N 96 -32.02 -11.25 -28.85
N TYR N 97 -31.25 -10.16 -28.76
CA TYR N 97 -31.84 -8.85 -28.55
C TYR N 97 -32.68 -8.42 -29.73
N GLU N 98 -32.22 -8.73 -30.95
CA GLU N 98 -32.98 -8.37 -32.15
C GLU N 98 -34.29 -9.15 -32.21
N MET N 99 -34.27 -10.42 -31.84
CA MET N 99 -35.50 -11.20 -31.75
C MET N 99 -36.51 -10.52 -30.84
N LEU N 100 -36.05 -10.00 -29.70
CA LEU N 100 -36.95 -9.30 -28.78
C LEU N 100 -37.51 -8.02 -29.41
N GLN N 101 -36.71 -7.36 -30.26
CA GLN N 101 -37.16 -6.11 -30.86
C GLN N 101 -38.29 -6.33 -31.86
N VAL N 102 -38.22 -7.42 -32.63
CA VAL N 102 -39.23 -7.66 -33.66
C VAL N 102 -40.46 -8.34 -33.08
N TYR N 103 -40.27 -9.32 -32.21
CA TYR N 103 -41.35 -10.13 -31.70
C TYR N 103 -41.76 -9.75 -30.28
N GLY N 104 -41.30 -8.60 -29.79
CA GLY N 104 -41.74 -8.14 -28.48
C GLY N 104 -43.22 -7.86 -28.42
N SER N 105 -43.72 -7.06 -29.37
CA SER N 105 -45.15 -6.78 -29.44
C SER N 105 -45.96 -8.06 -29.63
N THR N 106 -45.47 -8.98 -30.46
CA THR N 106 -46.20 -10.21 -30.73
C THR N 106 -46.29 -11.09 -29.49
N LEU N 107 -45.22 -11.17 -28.71
CA LEU N 107 -45.24 -12.00 -27.51
C LEU N 107 -46.24 -11.48 -26.50
N LYS N 108 -46.27 -10.16 -26.27
CA LYS N 108 -47.24 -9.59 -25.35
C LYS N 108 -48.66 -9.83 -25.87
N ALA N 109 -48.89 -9.60 -27.17
CA ALA N 109 -50.21 -9.80 -27.74
C ALA N 109 -50.68 -11.24 -27.59
N LEU N 110 -49.82 -12.21 -27.91
CA LEU N 110 -50.22 -13.61 -27.85
C LEU N 110 -50.30 -14.13 -26.42
N VAL N 111 -49.51 -13.57 -25.51
CA VAL N 111 -49.62 -13.98 -24.11
C VAL N 111 -50.96 -13.56 -23.54
N HIS N 112 -51.41 -12.34 -23.83
CA HIS N 112 -52.70 -11.87 -23.34
C HIS N 112 -53.86 -12.57 -24.02
N GLU N 113 -53.66 -13.12 -25.22
CA GLU N 113 -54.73 -13.84 -25.90
C GLU N 113 -54.82 -15.27 -25.39
N GLN N 114 -53.69 -15.97 -25.31
CA GLN N 114 -53.69 -17.38 -24.92
C GLN N 114 -53.74 -17.57 -23.41
N PHE N 115 -53.20 -16.64 -22.63
CA PHE N 115 -53.14 -16.78 -21.18
C PHE N 115 -54.03 -15.78 -20.45
N GLY N 116 -53.93 -14.49 -20.79
CA GLY N 116 -54.67 -13.45 -20.14
C GLY N 116 -53.74 -12.37 -19.62
N ASP N 117 -54.31 -11.46 -18.83
CA ASP N 117 -53.53 -10.38 -18.25
C ASP N 117 -52.52 -10.94 -17.26
N GLY N 118 -51.26 -10.58 -17.43
CA GLY N 118 -50.21 -11.07 -16.58
C GLY N 118 -48.88 -11.10 -17.32
N ILE N 119 -47.98 -11.96 -16.85
CA ILE N 119 -46.63 -12.05 -17.38
C ILE N 119 -46.26 -13.51 -17.54
N ILE N 120 -45.19 -13.74 -18.32
CA ILE N 120 -44.51 -15.02 -18.35
C ILE N 120 -43.24 -14.86 -17.52
N SER N 121 -43.14 -15.63 -16.45
CA SER N 121 -42.13 -15.40 -15.43
C SER N 121 -40.72 -15.63 -15.96
N ALA N 122 -39.78 -14.84 -15.45
CA ALA N 122 -38.36 -15.05 -15.68
C ALA N 122 -37.66 -15.66 -14.48
N ILE N 123 -38.39 -15.90 -13.38
CA ILE N 123 -37.85 -16.55 -12.20
C ILE N 123 -38.29 -18.00 -12.14
N ASN N 124 -39.59 -18.26 -12.33
CA ASN N 124 -40.10 -19.61 -12.54
C ASN N 124 -39.94 -19.94 -14.03
N PHE N 125 -38.70 -20.19 -14.42
CA PHE N 125 -38.29 -20.14 -15.81
C PHE N 125 -37.23 -21.20 -16.07
N LYS N 126 -37.31 -21.81 -17.25
CA LYS N 126 -36.35 -22.81 -17.67
C LYS N 126 -35.81 -22.44 -19.04
N LEU N 127 -34.51 -22.66 -19.24
CA LEU N 127 -33.84 -22.36 -20.50
C LEU N 127 -33.16 -23.62 -21.01
N ASP N 128 -33.26 -23.85 -22.32
CA ASP N 128 -32.68 -25.02 -22.95
C ASP N 128 -32.23 -24.67 -24.35
N ILE N 129 -31.03 -25.11 -24.72
CA ILE N 129 -30.51 -24.97 -26.07
C ILE N 129 -30.25 -26.37 -26.61
N LYS N 130 -30.79 -26.64 -27.81
CA LYS N 130 -30.69 -27.95 -28.44
C LYS N 130 -30.24 -27.77 -29.88
N LYS N 131 -29.32 -28.63 -30.31
CA LYS N 131 -28.80 -28.60 -31.68
C LYS N 131 -29.57 -29.59 -32.53
N VAL N 132 -30.13 -29.11 -33.64
CA VAL N 132 -30.89 -29.95 -34.56
C VAL N 132 -30.38 -29.69 -35.98
N ALA N 133 -30.61 -30.66 -36.85
CA ALA N 133 -30.15 -30.58 -38.23
C ALA N 133 -31.15 -29.82 -39.09
N ASP N 134 -30.63 -28.98 -39.99
CA ASP N 134 -31.43 -28.20 -40.94
C ASP N 134 -31.67 -29.02 -42.20
N PRO N 135 -32.92 -29.17 -42.65
CA PRO N 135 -33.16 -30.00 -43.86
C PRO N 135 -32.42 -29.52 -45.10
N ASP N 136 -32.09 -28.23 -45.18
CA ASP N 136 -31.32 -27.68 -46.30
C ASP N 136 -29.82 -27.77 -46.09
N GLY N 137 -29.37 -28.68 -45.23
CA GLY N 137 -27.96 -28.75 -44.89
C GLY N 137 -27.57 -27.72 -43.85
N GLY N 138 -26.72 -28.12 -42.91
CA GLY N 138 -26.32 -27.24 -41.82
C GLY N 138 -26.99 -27.60 -40.51
N GLU N 139 -26.77 -26.74 -39.52
CA GLU N 139 -27.27 -26.98 -38.17
C GLU N 139 -28.19 -25.83 -37.76
N ARG N 140 -29.04 -26.12 -36.77
CA ARG N 140 -29.96 -25.15 -36.23
C ARG N 140 -29.98 -25.25 -34.71
N ALA N 141 -30.26 -24.13 -34.07
CA ALA N 141 -30.44 -24.07 -32.62
C ALA N 141 -31.91 -23.90 -32.30
N VAL N 142 -32.38 -24.69 -31.34
CA VAL N 142 -33.75 -24.61 -30.84
C VAL N 142 -33.66 -24.22 -29.37
N ILE N 143 -33.70 -22.91 -29.12
CA ILE N 143 -33.67 -22.38 -27.77
C ILE N 143 -35.10 -22.35 -27.24
N THR N 144 -35.32 -22.93 -26.06
CA THR N 144 -36.65 -23.06 -25.50
C THR N 144 -36.76 -22.27 -24.21
N LEU N 145 -37.79 -21.43 -24.11
CA LEU N 145 -38.08 -20.65 -22.91
C LEU N 145 -39.35 -21.20 -22.27
N ASP N 146 -39.23 -21.72 -21.06
CA ASP N 146 -40.34 -22.34 -20.34
C ASP N 146 -40.58 -21.51 -19.07
N GLY N 147 -41.57 -20.64 -19.11
CA GLY N 147 -41.87 -19.75 -18.01
C GLY N 147 -43.28 -19.94 -17.49
N LYS N 148 -43.44 -19.82 -16.18
CA LYS N 148 -44.76 -19.94 -15.57
C LYS N 148 -45.59 -18.71 -15.87
N TYR N 149 -46.88 -18.91 -16.13
CA TYR N 149 -47.80 -17.80 -16.32
C TYR N 149 -48.30 -17.33 -14.96
N LEU N 150 -48.01 -16.08 -14.62
CA LEU N 150 -48.54 -15.48 -13.40
C LEU N 150 -49.61 -14.46 -13.78
N PRO N 151 -50.86 -14.68 -13.41
CA PRO N 151 -51.91 -13.75 -13.80
C PRO N 151 -51.94 -12.51 -12.92
N THR N 152 -52.36 -11.41 -13.53
CA THR N 152 -52.66 -10.19 -12.79
C THR N 152 -54.14 -10.21 -12.47
N LYS N 153 -54.46 -10.48 -11.22
CA LYS N 153 -55.88 -10.54 -10.87
C LYS N 153 -56.25 -9.34 -10.02
N PRO N 154 -57.46 -8.81 -10.18
CA PRO N 154 -57.84 -7.60 -9.44
C PRO N 154 -57.80 -7.82 -7.93
N PHE N 155 -57.50 -6.75 -7.21
CA PHE N 155 -57.50 -6.81 -5.76
C PHE N 155 -58.32 -5.65 -5.20
N THR O 1 -22.75 16.30 11.76
CA THR O 1 -21.42 15.73 11.91
C THR O 1 -20.59 15.83 10.62
N HIS O 2 -19.52 15.05 10.53
CA HIS O 2 -18.66 15.10 9.35
C HIS O 2 -19.33 14.41 8.17
N SER O 3 -19.19 15.01 6.98
CA SER O 3 -19.82 14.48 5.79
C SER O 3 -18.78 13.98 4.80
N LEU O 4 -19.20 13.04 3.96
CA LEU O 4 -18.36 12.52 2.88
C LEU O 4 -18.78 13.14 1.55
N HIS O 5 -17.79 13.48 0.73
CA HIS O 5 -18.04 14.11 -0.55
C HIS O 5 -18.22 13.12 -1.68
N ASN O 6 -17.68 11.92 -1.57
CA ASN O 6 -17.80 10.90 -2.60
C ASN O 6 -18.33 9.62 -1.97
N ALA O 7 -18.68 8.66 -2.84
CA ALA O 7 -19.21 7.39 -2.38
C ALA O 7 -18.15 6.30 -2.29
N ALA O 8 -17.01 6.49 -2.94
CA ALA O 8 -15.95 5.48 -2.93
C ALA O 8 -15.52 5.03 -1.53
N PRO O 9 -15.32 5.91 -0.55
CA PRO O 9 -14.94 5.42 0.78
C PRO O 9 -15.98 4.52 1.41
N ARG O 10 -17.27 4.84 1.27
CA ARG O 10 -18.30 3.97 1.84
C ARG O 10 -18.58 2.76 0.98
N GLU O 11 -18.31 2.82 -0.33
CA GLU O 11 -18.45 1.63 -1.16
C GLU O 11 -17.39 0.60 -0.82
N ALA O 12 -16.17 1.06 -0.51
CA ALA O 12 -15.12 0.15 -0.08
C ALA O 12 -15.44 -0.46 1.27
N LEU O 13 -15.99 0.35 2.19
CA LEU O 13 -16.39 -0.18 3.49
C LEU O 13 -17.48 -1.23 3.34
N THR O 14 -18.45 -1.00 2.46
CA THR O 14 -19.49 -1.99 2.23
C THR O 14 -18.92 -3.27 1.66
N ASP O 15 -17.90 -3.15 0.79
CA ASP O 15 -17.27 -4.34 0.24
C ASP O 15 -16.52 -5.11 1.31
N THR O 16 -15.93 -4.40 2.28
CA THR O 16 -15.23 -5.07 3.38
C THR O 16 -16.23 -5.66 4.37
N ILE O 17 -17.32 -4.94 4.65
CA ILE O 17 -18.33 -5.44 5.57
C ILE O 17 -18.98 -6.71 5.04
N MET O 18 -19.32 -6.73 3.74
CA MET O 18 -19.95 -7.91 3.17
C MET O 18 -19.01 -9.10 3.15
N ALA O 19 -17.73 -8.86 2.83
CA ALA O 19 -16.75 -9.93 2.90
C ALA O 19 -16.61 -10.45 4.31
N ALA O 20 -16.54 -9.55 5.30
CA ALA O 20 -16.49 -9.97 6.69
C ALA O 20 -17.76 -10.68 7.10
N LYS O 21 -18.90 -10.24 6.58
CA LYS O 21 -20.17 -10.87 6.91
C LYS O 21 -20.21 -12.33 6.45
N ILE O 22 -19.68 -12.61 5.27
CA ILE O 22 -19.71 -13.98 4.77
C ILE O 22 -18.74 -14.87 5.55
N ARG O 23 -17.54 -14.38 5.86
CA ARG O 23 -16.59 -15.24 6.58
C ARG O 23 -17.01 -15.46 8.02
N HIS O 24 -17.67 -14.50 8.65
CA HIS O 24 -18.16 -14.73 10.00
C HIS O 24 -19.53 -15.39 10.00
N ASN O 25 -20.08 -15.67 8.80
CA ASN O 25 -21.38 -16.30 8.64
C ASN O 25 -22.42 -15.62 9.52
N LEU O 26 -22.47 -14.30 9.42
CA LEU O 26 -23.42 -13.50 10.19
C LEU O 26 -24.53 -13.00 9.29
N THR O 27 -25.67 -12.71 9.92
CA THR O 27 -26.82 -12.15 9.25
C THR O 27 -26.94 -10.67 9.57
N PHE O 28 -27.69 -9.95 8.73
CA PHE O 28 -27.97 -8.56 9.03
C PHE O 28 -28.85 -8.43 10.27
N GLU O 29 -29.67 -9.43 10.55
CA GLU O 29 -30.46 -9.44 11.77
C GLU O 29 -29.56 -9.55 12.99
N ALA O 30 -28.51 -10.37 12.90
CA ALA O 30 -27.55 -10.49 14.00
C ALA O 30 -26.70 -9.24 14.15
N LEU O 31 -26.37 -8.57 13.06
CA LEU O 31 -25.56 -7.36 13.17
C LEU O 31 -26.33 -6.23 13.84
N ALA O 32 -27.64 -6.15 13.62
CA ALA O 32 -28.45 -5.06 14.17
C ALA O 32 -28.91 -5.30 15.61
N GLN O 33 -28.75 -6.52 16.14
CA GLN O 33 -29.25 -6.80 17.49
C GLN O 33 -28.37 -6.11 18.53
N GLY O 34 -29.02 -5.57 19.57
CA GLY O 34 -28.32 -4.87 20.62
C GLY O 34 -27.85 -3.47 20.24
N THR O 35 -28.33 -2.93 19.13
CA THR O 35 -28.03 -1.56 18.77
C THR O 35 -29.17 -0.60 19.06
N GLY O 36 -30.38 -1.10 19.27
CA GLY O 36 -31.54 -0.26 19.48
C GLY O 36 -32.15 0.28 18.20
N LEU O 37 -31.54 0.04 17.05
CA LEU O 37 -32.02 0.56 15.78
C LEU O 37 -32.69 -0.55 14.98
N SER O 38 -33.48 -0.14 13.99
CA SER O 38 -34.24 -1.09 13.19
C SER O 38 -33.36 -1.83 12.19
N LEU O 39 -33.81 -3.01 11.79
CA LEU O 39 -33.07 -3.81 10.83
C LEU O 39 -32.86 -3.05 9.52
N ALA O 40 -33.92 -2.40 9.04
CA ALA O 40 -33.82 -1.68 7.77
C ALA O 40 -32.83 -0.53 7.87
N PHE O 41 -32.78 0.14 9.02
CA PHE O 41 -31.85 1.26 9.18
C PHE O 41 -30.41 0.76 9.22
N VAL O 42 -30.12 -0.25 10.06
CA VAL O 42 -28.76 -0.73 10.22
C VAL O 42 -28.24 -1.33 8.93
N THR O 43 -29.07 -2.11 8.25
CA THR O 43 -28.64 -2.72 6.99
C THR O 43 -28.32 -1.65 5.95
N ALA O 44 -29.14 -0.60 5.87
CA ALA O 44 -28.84 0.50 4.96
C ALA O 44 -27.52 1.18 5.33
N ALA O 45 -27.27 1.36 6.63
CA ALA O 45 -26.03 2.01 7.05
C ALA O 45 -24.81 1.20 6.65
N LEU O 46 -24.88 -0.13 6.80
CA LEU O 46 -23.78 -0.98 6.36
C LEU O 46 -23.59 -0.93 4.85
N LEU O 47 -24.68 -0.78 4.10
CA LEU O 47 -24.62 -0.66 2.66
C LEU O 47 -24.36 0.78 2.20
N GLY O 48 -23.89 1.64 3.11
CA GLY O 48 -23.42 2.97 2.76
C GLY O 48 -24.47 4.03 2.55
N GLN O 49 -25.66 3.86 3.11
CA GLN O 49 -26.75 4.80 2.90
C GLN O 49 -27.13 5.57 4.15
N HIS O 50 -26.51 5.28 5.30
CA HIS O 50 -26.84 5.98 6.53
C HIS O 50 -25.63 6.02 7.43
N ALA O 51 -25.66 6.95 8.38
CA ALA O 51 -24.63 7.07 9.41
C ALA O 51 -25.11 6.39 10.69
N LEU O 52 -24.25 5.57 11.26
CA LEU O 52 -24.65 4.93 12.51
C LEU O 52 -24.24 5.81 13.69
N PRO O 53 -25.07 5.92 14.73
CA PRO O 53 -24.59 6.54 15.97
C PRO O 53 -23.41 5.76 16.51
N GLU O 54 -22.52 6.49 17.18
CA GLU O 54 -21.21 5.95 17.51
C GLU O 54 -21.26 4.63 18.30
N PRO O 55 -22.17 4.43 19.26
CA PRO O 55 -22.26 3.11 19.90
C PRO O 55 -22.59 1.98 18.94
N ALA O 56 -23.53 2.19 18.02
CA ALA O 56 -23.91 1.13 17.09
C ALA O 56 -22.77 0.77 16.16
N ALA O 57 -21.97 1.75 15.74
CA ALA O 57 -20.87 1.48 14.81
C ALA O 57 -19.87 0.51 15.42
N ARG O 58 -19.67 0.60 16.73
CA ARG O 58 -18.74 -0.28 17.44
C ARG O 58 -19.34 -1.65 17.66
N THR O 59 -20.65 -1.72 17.90
CA THR O 59 -21.30 -3.01 18.12
C THR O 59 -21.21 -3.86 16.87
N VAL O 60 -21.42 -3.27 15.69
CA VAL O 60 -21.36 -4.04 14.45
C VAL O 60 -19.92 -4.31 14.04
N ALA O 61 -19.02 -3.34 14.28
CA ALA O 61 -17.62 -3.50 13.90
C ALA O 61 -16.90 -4.55 14.75
N ALA O 62 -17.29 -4.70 16.01
CA ALA O 62 -16.70 -5.74 16.84
C ALA O 62 -17.13 -7.12 16.35
N LYS O 63 -18.40 -7.25 15.95
CA LYS O 63 -18.91 -8.52 15.46
C LYS O 63 -18.19 -8.95 14.18
N LEU O 64 -17.86 -7.98 13.33
CA LEU O 64 -17.19 -8.25 12.07
C LEU O 64 -15.68 -8.07 12.15
N GLY O 65 -15.17 -7.49 13.24
CA GLY O 65 -13.75 -7.24 13.35
C GLY O 65 -13.26 -6.22 12.36
N LEU O 66 -13.89 -5.06 12.33
CA LEU O 66 -13.52 -4.03 11.38
C LEU O 66 -12.52 -3.09 12.04
N ASP O 67 -11.70 -2.45 11.21
CA ASP O 67 -10.67 -1.57 11.75
C ASP O 67 -11.33 -0.30 12.30
N GLU O 68 -10.50 0.58 12.85
CA GLU O 68 -11.02 1.80 13.44
C GLU O 68 -11.32 2.88 12.41
N GLU O 69 -10.79 2.73 11.19
CA GLU O 69 -11.26 3.58 10.10
C GLU O 69 -12.72 3.27 9.77
N ALA O 70 -13.07 1.99 9.75
CA ALA O 70 -14.44 1.59 9.46
C ALA O 70 -15.42 2.14 10.50
N VAL O 71 -15.00 2.19 11.77
CA VAL O 71 -15.88 2.72 12.80
C VAL O 71 -16.12 4.21 12.59
N LEU O 72 -15.10 4.93 12.12
CA LEU O 72 -15.29 6.35 11.81
C LEU O 72 -16.11 6.54 10.54
N LEU O 73 -15.85 5.73 9.51
CA LEU O 73 -16.56 5.88 8.25
C LEU O 73 -18.02 5.49 8.37
N LEU O 74 -18.35 4.56 9.26
CA LEU O 74 -19.75 4.17 9.44
C LEU O 74 -20.58 5.27 10.08
N GLN O 75 -19.94 6.23 10.75
CA GLN O 75 -20.65 7.31 11.42
C GLN O 75 -20.74 8.59 10.61
N THR O 76 -20.06 8.66 9.47
CA THR O 76 -20.08 9.85 8.64
C THR O 76 -21.26 9.81 7.68
N ILE O 77 -21.81 10.98 7.38
CA ILE O 77 -22.92 11.11 6.45
C ILE O 77 -22.42 10.79 5.04
N PRO O 78 -23.00 9.79 4.37
CA PRO O 78 -22.50 9.37 3.07
C PRO O 78 -23.16 10.16 1.93
N LEU O 79 -22.64 9.92 0.73
CA LEU O 79 -23.26 10.40 -0.51
C LEU O 79 -24.23 9.31 -0.96
N ARG O 80 -25.51 9.52 -0.71
CA ARG O 80 -26.49 8.45 -0.81
C ARG O 80 -26.80 8.09 -2.26
N GLY O 81 -27.27 6.86 -2.45
CA GLY O 81 -27.52 6.31 -3.76
C GLY O 81 -26.98 4.90 -3.88
N SER O 82 -27.87 3.90 -3.83
CA SER O 82 -27.46 2.51 -3.82
C SER O 82 -27.58 1.81 -5.17
N ILE O 83 -28.35 2.37 -6.10
CA ILE O 83 -28.50 1.77 -7.43
C ILE O 83 -27.67 2.55 -8.43
N PRO O 84 -26.52 2.03 -8.86
CA PRO O 84 -25.72 2.73 -9.88
C PRO O 84 -26.45 2.82 -11.20
N GLY O 85 -26.62 4.04 -11.70
CA GLY O 85 -27.33 4.28 -12.93
C GLY O 85 -28.81 4.57 -12.78
N GLY O 86 -29.36 4.50 -11.57
CA GLY O 86 -30.75 4.84 -11.35
C GLY O 86 -31.72 3.71 -11.62
N VAL O 87 -31.48 2.93 -12.67
CA VAL O 87 -32.35 1.83 -13.05
C VAL O 87 -31.61 0.52 -12.79
N PRO O 88 -32.16 -0.39 -11.99
CA PRO O 88 -31.46 -1.64 -11.69
C PRO O 88 -31.68 -2.68 -12.78
N THR O 89 -30.77 -3.65 -12.80
CA THR O 89 -30.89 -4.82 -13.67
C THR O 89 -31.18 -6.10 -12.89
N ASP O 90 -30.75 -6.17 -11.64
CA ASP O 90 -31.03 -7.33 -10.81
C ASP O 90 -32.54 -7.49 -10.65
N PRO O 91 -33.10 -8.68 -10.90
CA PRO O 91 -34.56 -8.83 -10.85
C PRO O 91 -35.16 -8.48 -9.49
N THR O 92 -34.50 -8.86 -8.40
CA THR O 92 -35.04 -8.60 -7.07
C THR O 92 -35.23 -7.10 -6.84
N ILE O 93 -34.26 -6.30 -7.26
CA ILE O 93 -34.38 -4.85 -7.10
C ILE O 93 -35.34 -4.29 -8.15
N TYR O 94 -35.34 -4.85 -9.36
CA TYR O 94 -36.15 -4.29 -10.43
C TYR O 94 -37.64 -4.33 -10.10
N ARG O 95 -38.09 -5.40 -9.43
CA ARG O 95 -39.51 -5.52 -9.09
C ARG O 95 -40.00 -4.29 -8.34
N PHE O 96 -39.16 -3.76 -7.46
CA PHE O 96 -39.49 -2.53 -6.74
C PHE O 96 -39.49 -1.33 -7.67
N TYR O 97 -38.63 -1.33 -8.68
CA TYR O 97 -38.69 -0.30 -9.72
C TYR O 97 -39.97 -0.43 -10.53
N GLU O 98 -40.39 -1.66 -10.83
CA GLU O 98 -41.60 -1.87 -11.61
C GLU O 98 -42.85 -1.46 -10.84
N MET O 99 -42.89 -1.73 -9.54
CA MET O 99 -44.00 -1.27 -8.71
C MET O 99 -44.18 0.24 -8.87
N LEU O 100 -43.06 0.97 -8.87
CA LEU O 100 -43.11 2.42 -9.09
C LEU O 100 -43.59 2.76 -10.50
N GLN O 101 -43.25 1.92 -11.49
CA GLN O 101 -43.62 2.21 -12.86
C GLN O 101 -45.12 2.09 -13.07
N VAL O 102 -45.77 1.13 -12.41
CA VAL O 102 -47.20 0.91 -12.61
C VAL O 102 -48.03 1.82 -11.73
N TYR O 103 -47.65 1.97 -10.46
CA TYR O 103 -48.46 2.71 -9.50
C TYR O 103 -47.90 4.09 -9.17
N GLY O 104 -46.93 4.58 -9.94
CA GLY O 104 -46.40 5.91 -9.69
C GLY O 104 -47.45 6.99 -9.87
N SER O 105 -48.14 6.99 -11.02
CA SER O 105 -49.24 7.91 -11.24
C SER O 105 -50.34 7.71 -10.21
N THR O 106 -50.60 6.45 -9.84
CA THR O 106 -51.66 6.16 -8.88
C THR O 106 -51.33 6.71 -7.50
N LEU O 107 -50.06 6.59 -7.08
CA LEU O 107 -49.66 7.10 -5.76
C LEU O 107 -49.78 8.62 -5.70
N LYS O 108 -49.34 9.32 -6.74
CA LYS O 108 -49.48 10.77 -6.75
C LYS O 108 -50.95 11.17 -6.70
N ALA O 109 -51.79 10.51 -7.49
CA ALA O 109 -53.22 10.82 -7.51
C ALA O 109 -53.84 10.65 -6.12
N LEU O 110 -53.52 9.55 -5.45
CA LEU O 110 -54.13 9.27 -4.15
C LEU O 110 -53.51 10.12 -3.04
N VAL O 111 -52.25 10.52 -3.17
CA VAL O 111 -51.64 11.39 -2.17
C VAL O 111 -52.30 12.76 -2.17
N HIS O 112 -52.54 13.32 -3.36
CA HIS O 112 -53.19 14.61 -3.47
C HIS O 112 -54.66 14.56 -3.07
N GLU O 113 -55.29 13.40 -3.18
CA GLU O 113 -56.70 13.28 -2.79
C GLU O 113 -56.83 13.09 -1.28
N GLN O 114 -56.02 12.21 -0.70
CA GLN O 114 -56.14 11.95 0.74
C GLN O 114 -55.42 12.99 1.59
N PHE O 115 -54.35 13.59 1.07
CA PHE O 115 -53.55 14.55 1.84
C PHE O 115 -53.62 15.97 1.30
N GLY O 116 -53.44 16.16 -0.01
CA GLY O 116 -53.46 17.46 -0.62
C GLY O 116 -52.18 17.69 -1.42
N ASP O 117 -52.01 18.93 -1.87
CA ASP O 117 -50.82 19.27 -2.63
C ASP O 117 -49.59 19.20 -1.74
N GLY O 118 -48.59 18.49 -2.19
CA GLY O 118 -47.39 18.30 -1.42
C GLY O 118 -46.74 16.98 -1.78
N ILE O 119 -45.96 16.46 -0.82
CA ILE O 119 -45.23 15.22 -1.01
C ILE O 119 -45.37 14.35 0.22
N ILE O 120 -45.03 13.08 0.06
CA ILE O 120 -44.79 12.17 1.17
C ILE O 120 -43.28 12.03 1.29
N SER O 121 -42.72 12.48 2.42
CA SER O 121 -41.29 12.66 2.54
C SER O 121 -40.54 11.33 2.49
N ALA O 122 -39.35 11.36 1.90
CA ALA O 122 -38.42 10.25 1.92
C ALA O 122 -37.30 10.45 2.93
N ILE O 123 -37.30 11.57 3.65
CA ILE O 123 -36.33 11.84 4.70
C ILE O 123 -36.94 11.61 6.08
N ASN O 124 -38.14 12.16 6.31
CA ASN O 124 -38.94 11.82 7.48
C ASN O 124 -39.69 10.54 7.18
N PHE O 125 -38.94 9.44 7.16
CA PHE O 125 -39.37 8.21 6.52
C PHE O 125 -38.86 7.01 7.30
N LYS O 126 -39.71 5.99 7.41
CA LYS O 126 -39.38 4.74 8.06
C LYS O 126 -39.76 3.60 7.13
N LEU O 127 -38.91 2.58 7.06
CA LEU O 127 -39.13 1.45 6.18
C LEU O 127 -39.11 0.16 6.99
N ASP O 128 -39.99 -0.78 6.63
CA ASP O 128 -40.12 -2.03 7.34
C ASP O 128 -40.45 -3.13 6.34
N ILE O 129 -39.77 -4.26 6.48
CA ILE O 129 -40.08 -5.45 5.69
C ILE O 129 -40.45 -6.58 6.65
N LYS O 130 -41.59 -7.21 6.41
CA LYS O 130 -42.12 -8.26 7.28
C LYS O 130 -42.53 -9.47 6.46
N LYS O 131 -42.17 -10.66 6.95
CA LYS O 131 -42.51 -11.92 6.30
C LYS O 131 -43.78 -12.50 6.90
N VAL O 132 -44.77 -12.77 6.06
CA VAL O 132 -46.05 -13.35 6.47
C VAL O 132 -46.40 -14.50 5.54
N ALA O 133 -47.29 -15.37 6.02
CA ALA O 133 -47.68 -16.56 5.28
C ALA O 133 -48.79 -16.25 4.30
N ASP O 134 -48.69 -16.85 3.11
CA ASP O 134 -49.67 -16.75 2.02
C ASP O 134 -50.74 -17.82 2.14
N PRO O 135 -52.03 -17.47 2.08
CA PRO O 135 -53.08 -18.50 2.20
C PRO O 135 -53.01 -19.64 1.18
N ASP O 136 -52.42 -19.43 0.00
CA ASP O 136 -52.28 -20.51 -0.98
C ASP O 136 -51.03 -21.36 -0.73
N GLY O 137 -50.47 -21.30 0.48
CA GLY O 137 -49.20 -21.95 0.74
C GLY O 137 -48.06 -21.10 0.23
N GLY O 138 -46.99 -20.98 1.00
CA GLY O 138 -45.88 -20.13 0.64
C GLY O 138 -45.87 -18.86 1.46
N GLU O 139 -44.95 -17.96 1.10
CA GLU O 139 -44.71 -16.76 1.88
C GLU O 139 -44.91 -15.49 1.06
N ARG O 140 -45.10 -14.39 1.78
CA ARG O 140 -45.27 -13.06 1.20
C ARG O 140 -44.44 -12.05 1.98
N ALA O 141 -44.05 -10.98 1.31
CA ALA O 141 -43.35 -9.87 1.93
C ALA O 141 -44.30 -8.68 2.07
N VAL O 142 -44.30 -8.06 3.24
CA VAL O 142 -45.12 -6.89 3.52
C VAL O 142 -44.18 -5.72 3.83
N ILE O 143 -43.80 -4.99 2.79
CA ILE O 143 -42.93 -3.81 2.94
C ILE O 143 -43.81 -2.60 3.24
N THR O 144 -43.46 -1.85 4.29
CA THR O 144 -44.25 -0.71 4.74
C THR O 144 -43.43 0.57 4.59
N LEU O 145 -44.01 1.56 3.94
CA LEU O 145 -43.40 2.88 3.76
C LEU O 145 -44.18 3.90 4.59
N ASP O 146 -43.54 4.48 5.60
CA ASP O 146 -44.16 5.42 6.53
C ASP O 146 -43.47 6.77 6.38
N GLY O 147 -44.09 7.69 5.65
CA GLY O 147 -43.53 9.01 5.41
C GLY O 147 -44.44 10.12 5.87
N LYS O 148 -43.84 11.20 6.37
CA LYS O 148 -44.60 12.37 6.79
C LYS O 148 -45.11 13.15 5.58
N TYR O 149 -46.32 13.69 5.70
CA TYR O 149 -46.89 14.52 4.64
C TYR O 149 -46.41 15.96 4.77
N LEU O 150 -45.74 16.45 3.73
CA LEU O 150 -45.33 17.85 3.64
C LEU O 150 -46.18 18.57 2.61
N PRO O 151 -46.99 19.55 3.00
CA PRO O 151 -47.82 20.26 2.03
C PRO O 151 -47.04 21.34 1.29
N THR O 152 -47.45 21.57 0.03
CA THR O 152 -47.00 22.70 -0.77
C THR O 152 -48.02 23.82 -0.64
N LYS O 153 -47.70 24.81 0.17
CA LYS O 153 -48.64 25.89 0.34
C LYS O 153 -48.09 27.17 -0.30
N PRO O 154 -48.95 28.00 -0.87
CA PRO O 154 -48.48 29.21 -1.56
C PRO O 154 -47.67 30.11 -0.64
N PHE O 155 -46.73 30.83 -1.25
CA PHE O 155 -45.92 31.80 -0.50
C PHE O 155 -45.97 33.16 -1.21
N THR P 1 -39.95 -6.24 -53.75
CA THR P 1 -41.20 -5.66 -53.27
C THR P 1 -40.94 -4.34 -52.54
N HIS P 2 -42.00 -3.56 -52.36
CA HIS P 2 -41.87 -2.21 -51.83
C HIS P 2 -41.55 -2.22 -50.32
N SER P 3 -40.62 -1.37 -49.93
CA SER P 3 -40.18 -1.23 -48.55
C SER P 3 -40.51 0.17 -48.04
N LEU P 4 -40.67 0.27 -46.72
CA LEU P 4 -40.92 1.55 -46.05
C LEU P 4 -39.65 2.05 -45.38
N HIS P 5 -39.45 3.37 -45.44
CA HIS P 5 -38.26 3.99 -44.86
C HIS P 5 -38.46 4.38 -43.40
N ASN P 6 -39.71 4.60 -42.98
CA ASN P 6 -40.02 4.97 -41.61
C ASN P 6 -41.09 4.02 -41.07
N ALA P 7 -41.34 4.13 -39.78
CA ALA P 7 -42.32 3.28 -39.11
C ALA P 7 -43.70 3.91 -38.98
N ALA P 8 -43.80 5.24 -39.15
CA ALA P 8 -45.08 5.93 -39.00
C ALA P 8 -46.20 5.35 -39.85
N PRO P 9 -46.02 5.03 -41.14
CA PRO P 9 -47.14 4.47 -41.91
C PRO P 9 -47.67 3.15 -41.38
N ARG P 10 -46.79 2.25 -40.94
CA ARG P 10 -47.26 0.97 -40.40
C ARG P 10 -47.75 1.08 -38.97
N GLU P 11 -47.32 2.09 -38.23
CA GLU P 11 -47.85 2.29 -36.87
C GLU P 11 -49.31 2.73 -36.91
N ALA P 12 -49.67 3.55 -37.90
CA ALA P 12 -51.07 3.96 -38.03
C ALA P 12 -51.97 2.80 -38.43
N LEU P 13 -51.49 1.97 -39.37
CA LEU P 13 -52.26 0.79 -39.76
C LEU P 13 -52.43 -0.17 -38.60
N THR P 14 -51.38 -0.34 -37.79
CA THR P 14 -51.48 -1.25 -36.65
C THR P 14 -52.53 -0.77 -35.66
N ASP P 15 -52.61 0.54 -35.44
CA ASP P 15 -53.63 1.07 -34.55
C ASP P 15 -55.03 0.91 -35.13
N THR P 16 -55.15 0.99 -36.46
CA THR P 16 -56.45 0.77 -37.09
C THR P 16 -56.84 -0.70 -37.07
N ILE P 17 -55.87 -1.60 -37.28
CA ILE P 17 -56.16 -3.03 -37.24
C ILE P 17 -56.64 -3.44 -35.86
N MET P 18 -55.99 -2.91 -34.81
CA MET P 18 -56.35 -3.29 -33.44
C MET P 18 -57.73 -2.76 -33.06
N ALA P 19 -58.07 -1.55 -33.50
CA ALA P 19 -59.39 -0.99 -33.21
C ALA P 19 -60.49 -1.88 -33.79
N ALA P 20 -60.34 -2.29 -35.05
CA ALA P 20 -61.30 -3.19 -35.66
C ALA P 20 -61.32 -4.54 -34.95
N LYS P 21 -60.16 -5.01 -34.50
CA LYS P 21 -60.08 -6.31 -33.84
C LYS P 21 -60.90 -6.32 -32.55
N ILE P 22 -60.86 -5.23 -31.80
CA ILE P 22 -61.64 -5.14 -30.56
C ILE P 22 -63.13 -4.99 -30.88
N ARG P 23 -63.47 -4.18 -31.88
CA ARG P 23 -64.89 -3.93 -32.15
C ARG P 23 -65.59 -5.16 -32.73
N HIS P 24 -64.88 -5.96 -33.51
CA HIS P 24 -65.42 -7.21 -34.02
C HIS P 24 -65.16 -8.39 -33.10
N ASN P 25 -64.49 -8.16 -31.98
CA ASN P 25 -64.12 -9.18 -31.00
C ASN P 25 -63.48 -10.40 -31.67
N LEU P 26 -62.41 -10.12 -32.43
CA LEU P 26 -61.66 -11.16 -33.12
C LEU P 26 -60.37 -11.46 -32.36
N THR P 27 -59.87 -12.68 -32.59
CA THR P 27 -58.60 -13.12 -32.03
C THR P 27 -57.55 -13.13 -33.13
N PHE P 28 -56.28 -13.11 -32.72
CA PHE P 28 -55.20 -13.25 -33.69
C PHE P 28 -55.23 -14.63 -34.35
N GLU P 29 -55.70 -15.64 -33.62
CA GLU P 29 -55.85 -16.96 -34.20
C GLU P 29 -56.95 -16.96 -35.27
N ALA P 30 -58.02 -16.20 -35.02
CA ALA P 30 -59.07 -16.07 -36.03
C ALA P 30 -58.59 -15.27 -37.22
N LEU P 31 -57.75 -14.26 -36.98
CA LEU P 31 -57.21 -13.49 -38.10
C LEU P 31 -56.24 -14.33 -38.93
N ALA P 32 -55.54 -15.27 -38.28
CA ALA P 32 -54.56 -16.11 -38.96
C ALA P 32 -55.15 -17.33 -39.67
N GLN P 33 -56.42 -17.66 -39.46
CA GLN P 33 -56.98 -18.86 -40.08
C GLN P 33 -57.14 -18.64 -41.58
N GLY P 34 -56.81 -19.67 -42.36
CA GLY P 34 -56.90 -19.60 -43.80
C GLY P 34 -55.82 -18.79 -44.48
N THR P 35 -54.72 -18.48 -43.78
CA THR P 35 -53.60 -17.79 -44.41
C THR P 35 -52.44 -18.71 -44.77
N GLY P 36 -52.36 -19.90 -44.18
CA GLY P 36 -51.26 -20.80 -44.44
C GLY P 36 -49.98 -20.49 -43.68
N LEU P 37 -49.94 -19.37 -42.97
CA LEU P 37 -48.76 -18.93 -42.24
C LEU P 37 -48.94 -19.15 -40.75
N SER P 38 -47.82 -19.13 -40.02
CA SER P 38 -47.86 -19.41 -38.60
C SER P 38 -48.44 -18.22 -37.83
N LEU P 39 -48.96 -18.52 -36.63
CA LEU P 39 -49.58 -17.50 -35.80
C LEU P 39 -48.60 -16.38 -35.50
N ALA P 40 -47.35 -16.72 -35.16
CA ALA P 40 -46.38 -15.70 -34.79
C ALA P 40 -46.07 -14.77 -35.96
N PHE P 41 -46.02 -15.30 -37.18
CA PHE P 41 -45.70 -14.47 -38.34
C PHE P 41 -46.83 -13.48 -38.63
N VAL P 42 -48.06 -13.97 -38.75
CA VAL P 42 -49.18 -13.12 -39.13
C VAL P 42 -49.43 -12.07 -38.05
N THR P 43 -49.35 -12.47 -36.79
CA THR P 43 -49.53 -11.51 -35.69
C THR P 43 -48.45 -10.44 -35.72
N ALA P 44 -47.20 -10.84 -35.94
CA ALA P 44 -46.11 -9.87 -36.06
C ALA P 44 -46.34 -8.94 -37.26
N ALA P 45 -46.82 -9.49 -38.38
CA ALA P 45 -47.07 -8.68 -39.56
C ALA P 45 -48.14 -7.63 -39.29
N LEU P 46 -49.21 -8.01 -38.58
CA LEU P 46 -50.26 -7.04 -38.25
C LEU P 46 -49.72 -5.94 -37.34
N LEU P 47 -48.76 -6.26 -36.47
CA LEU P 47 -48.13 -5.29 -35.60
C LEU P 47 -46.99 -4.53 -36.29
N GLY P 48 -46.90 -4.60 -37.62
CA GLY P 48 -45.97 -3.79 -38.37
C GLY P 48 -44.54 -4.29 -38.41
N GLN P 49 -44.30 -5.58 -38.19
CA GLN P 49 -42.95 -6.12 -38.16
C GLN P 49 -42.65 -7.06 -39.33
N HIS P 50 -43.63 -7.34 -40.19
CA HIS P 50 -43.43 -8.25 -41.31
C HIS P 50 -44.34 -7.85 -42.45
N ALA P 51 -44.00 -8.32 -43.65
CA ALA P 51 -44.81 -8.13 -44.84
C ALA P 51 -45.64 -9.37 -45.11
N LEU P 52 -46.94 -9.17 -45.34
CA LEU P 52 -47.80 -10.30 -45.69
C LEU P 52 -47.88 -10.47 -47.19
N PRO P 53 -47.83 -11.71 -47.70
CA PRO P 53 -48.18 -11.94 -49.10
C PRO P 53 -49.63 -11.53 -49.36
N GLU P 54 -49.88 -11.08 -50.60
CA GLU P 54 -51.17 -10.47 -50.92
C GLU P 54 -52.39 -11.36 -50.62
N PRO P 55 -52.38 -12.66 -50.91
CA PRO P 55 -53.55 -13.46 -50.50
C PRO P 55 -53.81 -13.44 -49.00
N ALA P 56 -52.77 -13.58 -48.19
CA ALA P 56 -52.96 -13.50 -46.75
C ALA P 56 -53.37 -12.09 -46.33
N ALA P 57 -52.79 -11.07 -46.96
CA ALA P 57 -53.13 -9.69 -46.61
C ALA P 57 -54.60 -9.38 -46.91
N ARG P 58 -55.16 -9.96 -47.97
CA ARG P 58 -56.55 -9.73 -48.30
C ARG P 58 -57.50 -10.47 -47.38
N THR P 59 -57.11 -11.65 -46.88
CA THR P 59 -57.97 -12.39 -45.97
C THR P 59 -58.18 -11.64 -44.66
N VAL P 60 -57.13 -11.01 -44.12
CA VAL P 60 -57.28 -10.30 -42.85
C VAL P 60 -58.02 -8.99 -43.03
N ALA P 61 -57.81 -8.31 -44.17
CA ALA P 61 -58.52 -7.06 -44.41
C ALA P 61 -60.00 -7.31 -44.60
N ALA P 62 -60.37 -8.46 -45.16
CA ALA P 62 -61.77 -8.83 -45.27
C ALA P 62 -62.39 -9.11 -43.92
N LYS P 63 -61.65 -9.81 -43.05
CA LYS P 63 -62.16 -10.15 -41.72
C LYS P 63 -62.36 -8.92 -40.86
N LEU P 64 -61.48 -7.92 -40.99
CA LEU P 64 -61.59 -6.68 -40.22
C LEU P 64 -62.29 -5.56 -40.99
N GLY P 65 -62.58 -5.76 -42.28
CA GLY P 65 -63.22 -4.73 -43.08
C GLY P 65 -62.34 -3.52 -43.30
N LEU P 66 -61.12 -3.74 -43.79
CA LEU P 66 -60.16 -2.68 -44.03
C LEU P 66 -60.15 -2.25 -45.48
N ASP P 67 -59.68 -1.03 -45.71
CA ASP P 67 -59.65 -0.42 -47.04
C ASP P 67 -58.61 -1.10 -47.93
N GLU P 68 -58.53 -0.60 -49.16
CA GLU P 68 -57.59 -1.11 -50.15
C GLU P 68 -56.18 -0.59 -49.93
N GLU P 69 -56.01 0.52 -49.21
CA GLU P 69 -54.67 0.96 -48.85
C GLU P 69 -54.08 0.17 -47.69
N ALA P 70 -54.91 -0.47 -46.86
CA ALA P 70 -54.39 -1.35 -45.81
C ALA P 70 -53.78 -2.61 -46.41
N VAL P 71 -54.39 -3.15 -47.47
CA VAL P 71 -53.83 -4.34 -48.09
C VAL P 71 -52.49 -4.01 -48.73
N LEU P 72 -52.34 -2.80 -49.28
CA LEU P 72 -51.04 -2.41 -49.83
C LEU P 72 -50.04 -2.18 -48.72
N LEU P 73 -50.47 -1.55 -47.62
CA LEU P 73 -49.56 -1.28 -46.52
C LEU P 73 -49.18 -2.57 -45.79
N LEU P 74 -50.08 -3.56 -45.77
CA LEU P 74 -49.77 -4.83 -45.12
C LEU P 74 -48.74 -5.64 -45.90
N GLN P 75 -48.54 -5.33 -47.19
CA GLN P 75 -47.61 -6.07 -48.02
C GLN P 75 -46.23 -5.45 -48.10
N THR P 76 -46.04 -4.26 -47.52
CA THR P 76 -44.77 -3.57 -47.61
C THR P 76 -43.82 -4.05 -46.52
N ILE P 77 -42.54 -4.10 -46.86
CA ILE P 77 -41.49 -4.43 -45.89
C ILE P 77 -41.35 -3.24 -44.94
N PRO P 78 -41.53 -3.43 -43.64
CA PRO P 78 -41.52 -2.31 -42.71
C PRO P 78 -40.13 -1.99 -42.19
N LEU P 79 -40.06 -0.88 -41.43
CA LEU P 79 -38.87 -0.55 -40.65
C LEU P 79 -39.07 -1.21 -39.30
N ARG P 80 -38.38 -2.32 -39.06
CA ARG P 80 -38.71 -3.18 -37.94
C ARG P 80 -38.27 -2.55 -36.63
N GLY P 81 -38.90 -2.99 -35.55
CA GLY P 81 -38.69 -2.44 -34.24
C GLY P 81 -39.99 -2.19 -33.52
N SER P 82 -40.36 -3.09 -32.61
CA SER P 82 -41.65 -3.02 -31.93
C SER P 82 -41.57 -2.45 -30.53
N ILE P 83 -40.38 -2.40 -29.92
CA ILE P 83 -40.23 -1.84 -28.59
C ILE P 83 -39.64 -0.44 -28.70
N PRO P 84 -40.45 0.61 -28.53
CA PRO P 84 -39.89 1.98 -28.58
C PRO P 84 -38.91 2.21 -27.44
N GLY P 85 -37.70 2.60 -27.80
CA GLY P 85 -36.64 2.82 -26.84
C GLY P 85 -35.73 1.63 -26.59
N GLY P 86 -36.01 0.48 -27.21
CA GLY P 86 -35.14 -0.67 -27.05
C GLY P 86 -35.38 -1.46 -25.78
N VAL P 87 -35.65 -0.76 -24.69
CA VAL P 87 -35.90 -1.38 -23.38
C VAL P 87 -37.36 -1.17 -23.02
N PRO P 88 -38.12 -2.22 -22.74
CA PRO P 88 -39.53 -2.05 -22.42
C PRO P 88 -39.74 -1.68 -20.96
N THR P 89 -40.91 -1.10 -20.71
CA THR P 89 -41.37 -0.81 -19.35
C THR P 89 -42.54 -1.69 -18.95
N ASP P 90 -43.34 -2.13 -19.92
CA ASP P 90 -44.45 -3.02 -19.64
C ASP P 90 -43.94 -4.31 -19.02
N PRO P 91 -44.52 -4.76 -17.90
CA PRO P 91 -43.99 -5.97 -17.23
C PRO P 91 -43.97 -7.21 -18.12
N THR P 92 -45.00 -7.40 -18.95
CA THR P 92 -45.06 -8.60 -19.79
C THR P 92 -43.87 -8.67 -20.73
N ILE P 93 -43.52 -7.55 -21.37
CA ILE P 93 -42.40 -7.56 -22.31
C ILE P 93 -41.08 -7.58 -21.56
N TYR P 94 -41.00 -6.90 -20.41
CA TYR P 94 -39.72 -6.79 -19.72
C TYR P 94 -39.18 -8.14 -19.30
N ARG P 95 -40.07 -9.06 -18.91
CA ARG P 95 -39.63 -10.38 -18.47
C ARG P 95 -38.75 -11.05 -19.54
N PHE P 96 -39.11 -10.85 -20.81
CA PHE P 96 -38.28 -11.36 -21.90
C PHE P 96 -36.97 -10.59 -22.02
N TYR P 97 -36.98 -9.29 -21.73
CA TYR P 97 -35.74 -8.54 -21.66
C TYR P 97 -34.86 -9.03 -20.52
N GLU P 98 -35.49 -9.36 -19.38
CA GLU P 98 -34.75 -9.84 -18.23
C GLU P 98 -34.11 -11.20 -18.50
N MET P 99 -34.83 -12.08 -19.22
CA MET P 99 -34.25 -13.35 -19.62
C MET P 99 -32.95 -13.15 -20.39
N LEU P 100 -32.93 -12.17 -21.30
CA LEU P 100 -31.70 -11.87 -22.04
C LEU P 100 -30.62 -11.29 -21.13
N GLN P 101 -31.01 -10.51 -20.12
CA GLN P 101 -30.02 -9.89 -19.25
C GLN P 101 -29.30 -10.93 -18.39
N VAL P 102 -30.01 -11.96 -17.95
CA VAL P 102 -29.40 -12.97 -17.09
C VAL P 102 -28.69 -14.04 -17.90
N TYR P 103 -29.27 -14.49 -19.02
CA TYR P 103 -28.68 -15.60 -19.76
C TYR P 103 -27.96 -15.16 -21.03
N GLY P 104 -27.62 -13.88 -21.15
CA GLY P 104 -26.86 -13.44 -22.31
C GLY P 104 -25.50 -14.10 -22.41
N SER P 105 -24.71 -14.05 -21.33
CA SER P 105 -23.43 -14.74 -21.32
C SER P 105 -23.60 -16.24 -21.54
N THR P 106 -24.65 -16.82 -20.95
CA THR P 106 -24.85 -18.26 -21.05
C THR P 106 -25.15 -18.67 -22.48
N LEU P 107 -25.96 -17.89 -23.19
CA LEU P 107 -26.31 -18.22 -24.56
C LEU P 107 -25.08 -18.18 -25.47
N LYS P 108 -24.26 -17.14 -25.34
CA LYS P 108 -23.06 -17.02 -26.17
C LYS P 108 -22.09 -18.16 -25.89
N ALA P 109 -21.85 -18.47 -24.62
CA ALA P 109 -20.91 -19.52 -24.25
C ALA P 109 -21.33 -20.87 -24.84
N LEU P 110 -22.62 -21.21 -24.70
CA LEU P 110 -23.09 -22.51 -25.16
C LEU P 110 -23.22 -22.57 -26.68
N VAL P 111 -23.48 -21.44 -27.33
CA VAL P 111 -23.53 -21.42 -28.79
C VAL P 111 -22.14 -21.68 -29.36
N HIS P 112 -21.12 -21.04 -28.78
CA HIS P 112 -19.74 -21.26 -29.25
C HIS P 112 -19.23 -22.64 -28.89
N GLU P 113 -19.78 -23.28 -27.87
CA GLU P 113 -19.34 -24.63 -27.51
C GLU P 113 -20.02 -25.67 -28.39
N GLN P 114 -21.34 -25.58 -28.54
CA GLN P 114 -22.07 -26.59 -29.30
C GLN P 114 -22.00 -26.36 -30.80
N PHE P 115 -21.86 -25.12 -31.24
CA PHE P 115 -21.83 -24.80 -32.67
C PHE P 115 -20.48 -24.29 -33.13
N GLY P 116 -19.91 -23.32 -32.43
CA GLY P 116 -18.64 -22.72 -32.80
C GLY P 116 -18.77 -21.22 -32.96
N ASP P 117 -17.72 -20.62 -33.51
CA ASP P 117 -17.73 -19.19 -33.73
C ASP P 117 -18.78 -18.81 -34.77
N GLY P 118 -19.62 -17.86 -34.43
CA GLY P 118 -20.67 -17.43 -35.32
C GLY P 118 -21.85 -16.91 -34.50
N ILE P 119 -23.03 -17.00 -35.11
CA ILE P 119 -24.27 -16.50 -34.53
C ILE P 119 -25.35 -17.55 -34.71
N ILE P 120 -26.43 -17.40 -33.96
CA ILE P 120 -27.69 -18.07 -34.24
C ILE P 120 -28.61 -17.04 -34.88
N SER P 121 -29.01 -17.29 -36.12
CA SER P 121 -29.63 -16.24 -36.92
C SER P 121 -30.97 -15.81 -36.33
N ALA P 122 -31.27 -14.52 -36.46
CA ALA P 122 -32.56 -13.98 -36.09
C ALA P 122 -33.46 -13.68 -37.28
N ILE P 123 -32.98 -13.87 -38.51
CA ILE P 123 -33.81 -13.73 -39.70
C ILE P 123 -34.17 -15.08 -40.30
N ASN P 124 -33.20 -16.01 -40.39
CA ASN P 124 -33.48 -17.40 -40.71
C ASN P 124 -33.96 -18.06 -39.42
N PHE P 125 -35.17 -17.67 -39.03
CA PHE P 125 -35.62 -17.82 -37.67
C PHE P 125 -37.12 -18.08 -37.66
N LYS P 126 -37.56 -18.95 -36.77
CA LYS P 126 -38.96 -19.28 -36.58
C LYS P 126 -39.29 -19.13 -35.11
N LEU P 127 -40.47 -18.59 -34.82
CA LEU P 127 -40.90 -18.38 -33.45
C LEU P 127 -42.27 -19.03 -33.22
N ASP P 128 -42.43 -19.65 -32.06
CA ASP P 128 -43.64 -20.35 -31.69
C ASP P 128 -43.87 -20.21 -30.20
N ILE P 129 -45.11 -19.94 -29.82
CA ILE P 129 -45.51 -19.88 -28.41
C ILE P 129 -46.57 -20.95 -28.17
N LYS P 130 -46.37 -21.75 -27.13
CA LYS P 130 -47.26 -22.87 -26.82
C LYS P 130 -47.67 -22.82 -25.37
N LYS P 131 -48.96 -23.04 -25.12
CA LYS P 131 -49.51 -23.06 -23.77
C LYS P 131 -49.58 -24.50 -23.28
N VAL P 132 -48.96 -24.76 -22.13
CA VAL P 132 -48.94 -26.09 -21.52
C VAL P 132 -49.30 -25.95 -20.05
N ALA P 133 -49.75 -27.07 -19.47
CA ALA P 133 -50.16 -27.09 -18.08
C ALA P 133 -48.96 -27.36 -17.17
N ASP P 134 -48.91 -26.66 -16.04
CA ASP P 134 -47.85 -26.86 -15.07
C ASP P 134 -48.23 -28.00 -14.13
N PRO P 135 -47.38 -29.03 -13.98
CA PRO P 135 -47.74 -30.15 -13.11
C PRO P 135 -48.04 -29.74 -11.68
N ASP P 136 -47.47 -28.62 -11.21
CA ASP P 136 -47.75 -28.10 -9.89
C ASP P 136 -48.96 -27.17 -9.87
N GLY P 137 -49.88 -27.31 -10.82
CA GLY P 137 -51.01 -26.41 -10.94
C GLY P 137 -50.66 -25.12 -11.64
N GLY P 138 -51.56 -24.66 -12.51
CA GLY P 138 -51.31 -23.46 -13.28
C GLY P 138 -50.94 -23.77 -14.72
N GLU P 139 -50.57 -22.71 -15.44
CA GLU P 139 -50.24 -22.79 -16.85
C GLU P 139 -48.81 -22.31 -17.08
N ARG P 140 -48.24 -22.72 -18.20
CA ARG P 140 -46.89 -22.33 -18.57
C ARG P 140 -46.84 -21.99 -20.05
N ALA P 141 -45.91 -21.11 -20.41
CA ALA P 141 -45.65 -20.76 -21.81
C ALA P 141 -44.36 -21.43 -22.24
N VAL P 142 -44.39 -22.08 -23.40
CA VAL P 142 -43.22 -22.72 -23.98
C VAL P 142 -42.94 -22.02 -25.30
N ILE P 143 -42.12 -20.97 -25.24
CA ILE P 143 -41.72 -20.22 -26.40
C ILE P 143 -40.49 -20.87 -27.02
N THR P 144 -40.52 -21.09 -28.33
CA THR P 144 -39.47 -21.78 -29.04
C THR P 144 -38.78 -20.84 -30.02
N LEU P 145 -37.45 -20.79 -29.95
CA LEU P 145 -36.62 -19.99 -30.86
C LEU P 145 -35.85 -20.94 -31.76
N ASP P 146 -36.12 -20.90 -33.06
CA ASP P 146 -35.50 -21.79 -34.03
C ASP P 146 -34.67 -20.97 -35.02
N GLY P 147 -33.36 -20.95 -34.82
CA GLY P 147 -32.47 -20.16 -35.67
C GLY P 147 -31.39 -20.99 -36.32
N LYS P 148 -31.06 -20.64 -37.56
CA LYS P 148 -29.98 -21.30 -38.28
C LYS P 148 -28.63 -20.82 -37.75
N TYR P 149 -27.67 -21.73 -37.67
CA TYR P 149 -26.32 -21.39 -37.24
C TYR P 149 -25.51 -20.89 -38.43
N LEU P 150 -25.04 -19.64 -38.36
CA LEU P 150 -24.13 -19.09 -39.35
C LEU P 150 -22.75 -18.98 -38.74
N PRO P 151 -21.76 -19.73 -39.22
CA PRO P 151 -20.44 -19.69 -38.59
C PRO P 151 -19.60 -18.49 -39.01
N THR P 152 -18.76 -18.03 -38.08
CA THR P 152 -17.74 -17.03 -38.37
C THR P 152 -16.44 -17.77 -38.63
N LYS P 153 -16.08 -17.93 -39.90
CA LYS P 153 -14.84 -18.58 -40.31
C LYS P 153 -13.94 -17.58 -41.04
N PRO P 154 -12.61 -17.72 -40.92
CA PRO P 154 -11.71 -16.70 -41.49
C PRO P 154 -11.89 -16.51 -42.99
N PHE P 155 -11.58 -15.29 -43.44
CA PHE P 155 -11.63 -14.94 -44.85
C PHE P 155 -10.30 -14.31 -45.29
N THR Q 1 -27.10 27.30 -52.84
CA THR Q 1 -28.44 26.79 -53.10
C THR Q 1 -29.17 26.79 -51.75
N HIS Q 2 -30.50 26.72 -51.78
CA HIS Q 2 -31.28 26.83 -50.55
C HIS Q 2 -31.14 25.56 -49.72
N SER Q 3 -30.98 25.75 -48.41
CA SER Q 3 -30.85 24.65 -47.47
C SER Q 3 -32.04 24.64 -46.52
N LEU Q 4 -32.34 23.46 -45.99
CA LEU Q 4 -33.41 23.30 -45.02
C LEU Q 4 -32.81 23.16 -43.62
N HIS Q 5 -33.48 23.76 -42.64
CA HIS Q 5 -32.96 23.75 -41.27
C HIS Q 5 -33.39 22.52 -40.48
N ASN Q 6 -34.51 21.92 -40.85
CA ASN Q 6 -35.00 20.71 -40.19
C ASN Q 6 -35.28 19.65 -41.25
N ALA Q 7 -35.58 18.44 -40.77
CA ALA Q 7 -35.85 17.32 -41.67
C ALA Q 7 -37.33 17.11 -41.92
N ALA Q 8 -38.20 17.69 -41.09
CA ALA Q 8 -39.65 17.49 -41.23
C ALA Q 8 -40.20 17.79 -42.61
N PRO Q 9 -39.85 18.89 -43.29
CA PRO Q 9 -40.39 19.10 -44.64
C PRO Q 9 -39.97 18.02 -45.63
N ARG Q 10 -38.73 17.55 -45.56
CA ARG Q 10 -38.29 16.49 -46.47
C ARG Q 10 -38.79 15.12 -46.06
N GLU Q 11 -39.10 14.92 -44.78
CA GLU Q 11 -39.69 13.65 -44.36
C GLU Q 11 -41.10 13.53 -44.91
N ALA Q 12 -41.83 14.64 -44.99
CA ALA Q 12 -43.16 14.62 -45.59
C ALA Q 12 -43.05 14.40 -47.10
N LEU Q 13 -42.07 15.01 -47.76
CA LEU Q 13 -41.85 14.78 -49.18
C LEU Q 13 -41.51 13.32 -49.44
N THR Q 14 -40.70 12.72 -48.58
CA THR Q 14 -40.34 11.31 -48.76
C THR Q 14 -41.57 10.40 -48.62
N ASP Q 15 -42.48 10.74 -47.72
CA ASP Q 15 -43.70 9.94 -47.56
C ASP Q 15 -44.62 10.05 -48.77
N THR Q 16 -44.70 11.22 -49.39
CA THR Q 16 -45.53 11.35 -50.58
C THR Q 16 -44.89 10.66 -51.78
N ILE Q 17 -43.56 10.76 -51.89
CA ILE Q 17 -42.85 10.11 -52.99
C ILE Q 17 -43.04 8.60 -52.94
N MET Q 18 -42.90 8.02 -51.74
CA MET Q 18 -43.03 6.58 -51.59
C MET Q 18 -44.47 6.11 -51.81
N ALA Q 19 -45.45 6.91 -51.34
CA ALA Q 19 -46.85 6.59 -51.60
C ALA Q 19 -47.13 6.55 -53.10
N ALA Q 20 -46.63 7.55 -53.82
CA ALA Q 20 -46.74 7.55 -55.27
C ALA Q 20 -45.96 6.38 -55.88
N LYS Q 21 -44.82 6.05 -55.28
CA LYS Q 21 -44.02 4.94 -55.78
C LYS Q 21 -44.79 3.62 -55.65
N ILE Q 22 -45.52 3.43 -54.55
CA ILE Q 22 -46.28 2.20 -54.38
C ILE Q 22 -47.47 2.16 -55.32
N ARG Q 23 -48.17 3.29 -55.47
CA ARG Q 23 -49.41 3.32 -56.25
C ARG Q 23 -49.12 3.12 -57.74
N HIS Q 24 -47.99 3.64 -58.23
CA HIS Q 24 -47.57 3.46 -59.61
C HIS Q 24 -46.68 2.24 -59.83
N ASN Q 25 -46.31 1.54 -58.76
CA ASN Q 25 -45.42 0.38 -58.82
C ASN Q 25 -44.13 0.66 -59.62
N LEU Q 26 -43.41 1.69 -59.20
CA LEU Q 26 -42.12 2.01 -59.79
C LEU Q 26 -40.99 1.55 -58.88
N THR Q 27 -39.83 1.32 -59.49
CA THR Q 27 -38.61 0.94 -58.77
C THR Q 27 -37.67 2.13 -58.74
N PHE Q 28 -36.75 2.10 -57.77
CA PHE Q 28 -35.76 3.17 -57.67
C PHE Q 28 -34.84 3.21 -58.89
N GLU Q 29 -34.60 2.06 -59.53
CA GLU Q 29 -33.83 2.08 -60.76
C GLU Q 29 -34.59 2.79 -61.87
N ALA Q 30 -35.92 2.61 -61.90
CA ALA Q 30 -36.74 3.32 -62.88
C ALA Q 30 -36.77 4.82 -62.60
N LEU Q 31 -36.79 5.20 -61.32
CA LEU Q 31 -36.77 6.61 -60.95
C LEU Q 31 -35.43 7.25 -61.30
N ALA Q 32 -34.33 6.50 -61.22
CA ALA Q 32 -33.00 7.04 -61.51
C ALA Q 32 -32.64 7.00 -62.99
N GLN Q 33 -33.40 6.28 -63.83
CA GLN Q 33 -33.05 6.20 -65.24
C GLN Q 33 -33.32 7.53 -65.93
N GLY Q 34 -32.40 7.92 -66.80
CA GLY Q 34 -32.51 9.16 -67.53
C GLY Q 34 -32.20 10.40 -66.73
N THR Q 35 -31.58 10.25 -65.55
CA THR Q 35 -31.11 11.38 -64.77
C THR Q 35 -29.61 11.62 -64.90
N GLY Q 36 -28.86 10.62 -65.37
CA GLY Q 36 -27.42 10.72 -65.47
C GLY Q 36 -26.68 10.45 -64.18
N LEU Q 37 -27.37 10.26 -63.07
CA LEU Q 37 -26.75 10.07 -61.77
C LEU Q 37 -26.82 8.61 -61.35
N SER Q 38 -25.99 8.25 -60.36
CA SER Q 38 -25.93 6.88 -59.89
C SER Q 38 -27.15 6.53 -59.06
N LEU Q 39 -27.45 5.23 -59.01
CA LEU Q 39 -28.62 4.75 -58.28
C LEU Q 39 -28.56 5.17 -56.81
N ALA Q 40 -27.40 5.02 -56.19
CA ALA Q 40 -27.27 5.31 -54.76
C ALA Q 40 -27.53 6.79 -54.46
N PHE Q 41 -27.09 7.68 -55.35
CA PHE Q 41 -27.28 9.11 -55.12
C PHE Q 41 -28.75 9.49 -55.24
N VAL Q 42 -29.40 9.10 -56.34
CA VAL Q 42 -30.79 9.50 -56.56
C VAL Q 42 -31.69 8.91 -55.50
N THR Q 43 -31.45 7.65 -55.11
CA THR Q 43 -32.24 7.03 -54.06
C THR Q 43 -32.08 7.78 -52.74
N ALA Q 44 -30.85 8.15 -52.40
CA ALA Q 44 -30.62 8.92 -51.18
C ALA Q 44 -31.33 10.26 -51.22
N ALA Q 45 -31.32 10.91 -52.38
CA ALA Q 45 -31.98 12.21 -52.51
C ALA Q 45 -33.49 12.10 -52.31
N LEU Q 46 -34.10 11.05 -52.86
CA LEU Q 46 -35.54 10.85 -52.68
C LEU Q 46 -35.89 10.61 -51.23
N LEU Q 47 -35.00 9.94 -50.49
CA LEU Q 47 -35.17 9.69 -49.07
C LEU Q 47 -34.71 10.86 -48.20
N GLY Q 48 -34.52 12.04 -48.79
CA GLY Q 48 -34.22 13.24 -48.02
C GLY Q 48 -32.79 13.38 -47.57
N GLN Q 49 -31.85 12.71 -48.23
CA GLN Q 49 -30.45 12.73 -47.82
C GLN Q 49 -29.54 13.44 -48.80
N HIS Q 50 -30.06 13.92 -49.94
CA HIS Q 50 -29.24 14.63 -50.91
C HIS Q 50 -30.12 15.60 -51.67
N ALA Q 51 -29.48 16.58 -52.31
CA ALA Q 51 -30.16 17.54 -53.16
C ALA Q 51 -30.04 17.12 -54.61
N LEU Q 52 -31.17 17.10 -55.31
CA LEU Q 52 -31.07 16.75 -56.72
C LEU Q 52 -30.89 18.01 -57.56
N PRO Q 53 -30.01 17.99 -58.56
CA PRO Q 53 -30.02 19.07 -59.55
C PRO Q 53 -31.36 19.11 -60.26
N GLU Q 54 -31.78 20.31 -60.64
CA GLU Q 54 -33.13 20.47 -61.18
C GLU Q 54 -33.41 19.60 -62.40
N PRO Q 55 -32.47 19.34 -63.33
CA PRO Q 55 -32.81 18.40 -64.42
C PRO Q 55 -33.21 17.03 -63.91
N ALA Q 56 -32.47 16.49 -62.94
CA ALA Q 56 -32.83 15.20 -62.35
C ALA Q 56 -34.15 15.31 -61.59
N ALA Q 57 -34.37 16.44 -60.92
CA ALA Q 57 -35.61 16.65 -60.19
C ALA Q 57 -36.83 16.65 -61.12
N ARG Q 58 -36.66 17.09 -62.36
CA ARG Q 58 -37.78 17.13 -63.29
C ARG Q 58 -38.15 15.75 -63.78
N THR Q 59 -37.16 14.90 -64.03
CA THR Q 59 -37.45 13.54 -64.50
C THR Q 59 -38.13 12.71 -63.41
N VAL Q 60 -37.70 12.86 -62.16
CA VAL Q 60 -38.25 12.04 -61.08
C VAL Q 60 -39.66 12.50 -60.70
N ALA Q 61 -39.90 13.81 -60.66
CA ALA Q 61 -41.22 14.29 -60.29
C ALA Q 61 -42.28 14.01 -61.35
N ALA Q 62 -41.88 13.98 -62.62
CA ALA Q 62 -42.82 13.68 -63.69
C ALA Q 62 -43.31 12.23 -63.61
N LYS Q 63 -42.40 11.31 -63.27
CA LYS Q 63 -42.74 9.90 -63.19
C LYS Q 63 -43.76 9.63 -62.08
N LEU Q 64 -43.68 10.39 -60.98
CA LEU Q 64 -44.60 10.23 -59.86
C LEU Q 64 -45.77 11.19 -59.90
N GLY Q 65 -45.77 12.16 -60.81
CA GLY Q 65 -46.85 13.14 -60.88
C GLY Q 65 -46.91 14.01 -59.64
N LEU Q 66 -45.78 14.61 -59.30
CA LEU Q 66 -45.64 15.42 -58.09
C LEU Q 66 -45.79 16.91 -58.41
N ASP Q 67 -46.16 17.69 -57.39
CA ASP Q 67 -46.33 19.11 -57.57
C ASP Q 67 -44.96 19.77 -57.78
N GLU Q 68 -44.92 21.07 -58.08
CA GLU Q 68 -43.58 21.67 -58.27
C GLU Q 68 -42.94 22.02 -56.94
N GLU Q 69 -43.75 22.23 -55.90
CA GLU Q 69 -43.27 22.35 -54.54
C GLU Q 69 -42.47 21.13 -54.11
N ALA Q 70 -42.75 19.98 -54.72
CA ALA Q 70 -41.91 18.81 -54.52
C ALA Q 70 -40.62 18.92 -55.31
N VAL Q 71 -40.68 19.49 -56.52
CA VAL Q 71 -39.46 19.66 -57.32
C VAL Q 71 -38.53 20.68 -56.67
N LEU Q 72 -39.10 21.73 -56.10
CA LEU Q 72 -38.29 22.73 -55.42
C LEU Q 72 -37.71 22.18 -54.13
N LEU Q 73 -38.51 21.40 -53.39
CA LEU Q 73 -38.03 20.79 -52.16
C LEU Q 73 -36.97 19.72 -52.45
N LEU Q 74 -37.05 19.06 -53.61
CA LEU Q 74 -36.06 18.07 -53.99
C LEU Q 74 -34.71 18.68 -54.31
N GLN Q 75 -34.67 19.98 -54.58
CA GLN Q 75 -33.43 20.68 -54.93
C GLN Q 75 -32.77 21.31 -53.71
N THR Q 76 -33.43 21.27 -52.55
CA THR Q 76 -32.91 21.92 -51.36
C THR Q 76 -31.93 20.99 -50.64
N ILE Q 77 -30.90 21.60 -50.06
CA ILE Q 77 -29.92 20.88 -49.24
C ILE Q 77 -30.60 20.50 -47.93
N PRO Q 78 -30.68 19.21 -47.60
CA PRO Q 78 -31.40 18.79 -46.40
C PRO Q 78 -30.50 18.79 -45.16
N LEU Q 79 -31.13 18.55 -44.03
CA LEU Q 79 -30.43 18.31 -42.77
C LEU Q 79 -30.24 16.79 -42.67
N ARG Q 80 -29.02 16.33 -42.97
CA ARG Q 80 -28.81 14.90 -43.19
C ARG Q 80 -28.88 14.11 -41.90
N GLY Q 81 -29.17 12.82 -42.04
CA GLY Q 81 -29.38 11.92 -40.93
C GLY Q 81 -30.61 11.07 -41.18
N SER Q 82 -30.38 9.81 -41.55
CA SER Q 82 -31.47 8.92 -41.94
C SER Q 82 -31.87 7.93 -40.86
N ILE Q 83 -31.02 7.70 -39.87
CA ILE Q 83 -31.33 6.76 -38.78
C ILE Q 83 -31.75 7.57 -37.56
N PRO Q 84 -33.03 7.61 -37.22
CA PRO Q 84 -33.45 8.33 -36.01
C PRO Q 84 -32.86 7.69 -34.76
N GLY Q 85 -32.16 8.50 -33.98
CA GLY Q 85 -31.49 8.03 -32.80
C GLY Q 85 -30.06 7.59 -32.99
N GLY Q 86 -29.55 7.62 -34.22
CA GLY Q 86 -28.17 7.27 -34.48
C GLY Q 86 -27.88 5.79 -34.61
N VAL Q 87 -28.52 4.98 -33.78
CA VAL Q 87 -28.33 3.52 -33.78
C VAL Q 87 -29.61 2.88 -34.30
N PRO Q 88 -29.55 2.06 -35.35
CA PRO Q 88 -30.77 1.49 -35.90
C PRO Q 88 -31.22 0.25 -35.14
N THR Q 89 -32.50 -0.05 -35.27
CA THR Q 89 -33.05 -1.31 -34.77
C THR Q 89 -33.50 -2.25 -35.87
N ASP Q 90 -33.87 -1.72 -37.03
CA ASP Q 90 -34.25 -2.56 -38.16
C ASP Q 90 -33.09 -3.47 -38.52
N PRO Q 91 -33.31 -4.79 -38.64
CA PRO Q 91 -32.19 -5.71 -38.88
C PRO Q 91 -31.38 -5.38 -40.12
N THR Q 92 -32.06 -4.99 -41.22
CA THR Q 92 -31.35 -4.71 -42.46
C THR Q 92 -30.33 -3.60 -42.29
N ILE Q 93 -30.69 -2.52 -41.59
CA ILE Q 93 -29.76 -1.42 -41.38
C ILE Q 93 -28.72 -1.78 -40.32
N TYR Q 94 -29.12 -2.53 -39.29
CA TYR Q 94 -28.20 -2.81 -38.19
C TYR Q 94 -26.99 -3.62 -38.66
N ARG Q 95 -27.17 -4.52 -39.63
CA ARG Q 95 -26.05 -5.33 -40.10
C ARG Q 95 -24.89 -4.46 -40.53
N PHE Q 96 -25.20 -3.32 -41.17
CA PHE Q 96 -24.17 -2.36 -41.54
C PHE Q 96 -23.59 -1.67 -40.31
N TYR Q 97 -24.41 -1.43 -39.29
CA TYR Q 97 -23.91 -0.91 -38.02
C TYR Q 97 -23.00 -1.91 -37.35
N GLU Q 98 -23.35 -3.20 -37.43
CA GLU Q 98 -22.52 -4.24 -36.82
C GLU Q 98 -21.18 -4.34 -37.51
N MET Q 99 -21.15 -4.22 -38.84
CA MET Q 99 -19.87 -4.20 -39.56
C MET Q 99 -18.95 -3.13 -39.00
N LEU Q 100 -19.50 -1.95 -38.70
CA LEU Q 100 -18.71 -0.87 -38.11
C LEU Q 100 -18.25 -1.23 -36.70
N GLN Q 101 -19.06 -1.98 -35.96
CA GLN Q 101 -18.70 -2.30 -34.57
C GLN Q 101 -17.52 -3.25 -34.50
N VAL Q 102 -17.43 -4.22 -35.41
CA VAL Q 102 -16.36 -5.20 -35.36
C VAL Q 102 -15.08 -4.70 -36.04
N TYR Q 103 -15.22 -4.05 -37.19
CA TYR Q 103 -14.10 -3.61 -38.01
C TYR Q 103 -13.81 -2.12 -37.89
N GLY Q 104 -14.41 -1.44 -36.91
CA GLY Q 104 -14.12 -0.03 -36.72
C GLY Q 104 -12.68 0.22 -36.35
N SER Q 105 -12.19 -0.48 -35.32
CA SER Q 105 -10.78 -0.37 -34.95
C SER Q 105 -9.89 -0.80 -36.11
N THR Q 106 -10.29 -1.85 -36.82
CA THR Q 106 -9.47 -2.38 -37.92
C THR Q 106 -9.36 -1.38 -39.06
N LEU Q 107 -10.47 -0.70 -39.38
CA LEU Q 107 -10.43 0.29 -40.45
C LEU Q 107 -9.51 1.45 -40.09
N LYS Q 108 -9.57 1.93 -38.84
CA LYS Q 108 -8.69 3.01 -38.42
C LYS Q 108 -7.23 2.60 -38.51
N ALA Q 109 -6.91 1.39 -38.02
CA ALA Q 109 -5.53 0.92 -38.04
C ALA Q 109 -4.99 0.83 -39.46
N LEU Q 110 -5.77 0.26 -40.38
CA LEU Q 110 -5.28 0.05 -41.74
C LEU Q 110 -5.24 1.34 -42.54
N VAL Q 111 -6.12 2.30 -42.24
CA VAL Q 111 -6.06 3.59 -42.93
C VAL Q 111 -4.78 4.33 -42.56
N HIS Q 112 -4.42 4.31 -41.27
CA HIS Q 112 -3.21 4.99 -40.83
C HIS Q 112 -1.95 4.27 -41.32
N GLU Q 113 -2.04 2.98 -41.61
CA GLU Q 113 -0.87 2.25 -42.11
C GLU Q 113 -0.70 2.44 -43.61
N GLN Q 114 -1.77 2.28 -44.38
CA GLN Q 114 -1.65 2.35 -45.83
C GLN Q 114 -1.66 3.78 -46.36
N PHE Q 115 -2.31 4.70 -45.67
CA PHE Q 115 -2.44 6.08 -46.12
C PHE Q 115 -1.66 7.06 -45.25
N GLY Q 116 -1.82 6.98 -43.93
CA GLY Q 116 -1.19 7.86 -42.98
C GLY Q 116 -2.21 8.51 -42.08
N ASP Q 117 -1.77 9.48 -41.30
CA ASP Q 117 -2.66 10.18 -40.39
C ASP Q 117 -3.67 11.00 -41.18
N GLY Q 118 -4.95 10.81 -40.86
CA GLY Q 118 -6.01 11.50 -41.55
C GLY Q 118 -7.28 10.68 -41.52
N ILE Q 119 -8.14 10.94 -42.51
CA ILE Q 119 -9.44 10.30 -42.62
C ILE Q 119 -9.68 9.89 -44.07
N ILE Q 120 -10.64 9.00 -44.24
CA ILE Q 120 -11.22 8.71 -45.56
C ILE Q 120 -12.56 9.43 -45.61
N SER Q 121 -12.68 10.37 -46.54
CA SER Q 121 -13.79 11.30 -46.52
C SER Q 121 -15.12 10.59 -46.74
N ALA Q 122 -16.16 11.10 -46.07
CA ALA Q 122 -17.53 10.70 -46.32
C ALA Q 122 -18.29 11.74 -47.14
N ILE Q 123 -17.63 12.82 -47.53
CA ILE Q 123 -18.22 13.85 -48.38
C ILE Q 123 -17.71 13.73 -49.82
N ASN Q 124 -16.40 13.60 -49.99
CA ASN Q 124 -15.83 13.23 -51.29
C ASN Q 124 -15.93 11.72 -51.42
N PHE Q 125 -17.16 11.26 -51.65
CA PHE Q 125 -17.54 9.88 -51.38
C PHE Q 125 -18.52 9.38 -52.43
N LYS Q 126 -18.33 8.12 -52.81
CA LYS Q 126 -19.20 7.42 -53.76
C LYS Q 126 -19.66 6.11 -53.12
N LEU Q 127 -20.92 5.75 -53.35
CA LEU Q 127 -21.48 4.53 -52.80
C LEU Q 127 -22.07 3.69 -53.90
N ASP Q 128 -21.86 2.38 -53.83
CA ASP Q 128 -22.37 1.46 -54.84
C ASP Q 128 -22.72 0.13 -54.19
N ILE Q 129 -23.88 -0.41 -54.56
CA ILE Q 129 -24.30 -1.74 -54.15
C ILE Q 129 -24.48 -2.57 -55.42
N LYS Q 130 -23.87 -3.76 -55.43
CA LYS Q 130 -23.89 -4.63 -56.59
C LYS Q 130 -24.32 -6.03 -56.18
N LYS Q 131 -25.17 -6.65 -57.00
CA LYS Q 131 -25.67 -8.00 -56.76
C LYS Q 131 -24.80 -9.00 -57.50
N VAL Q 132 -24.27 -9.97 -56.76
CA VAL Q 132 -23.44 -11.04 -57.30
C VAL Q 132 -23.94 -12.36 -56.76
N ALA Q 133 -23.67 -13.43 -57.52
CA ALA Q 133 -24.10 -14.77 -57.17
C ALA Q 133 -23.09 -15.42 -56.24
N ASP Q 134 -23.59 -16.15 -55.27
CA ASP Q 134 -22.71 -16.87 -54.36
C ASP Q 134 -22.36 -18.23 -54.96
N PRO Q 135 -21.07 -18.57 -55.07
CA PRO Q 135 -20.71 -19.89 -55.63
C PRO Q 135 -21.31 -21.04 -54.86
N ASP Q 136 -21.58 -20.85 -53.57
CA ASP Q 136 -22.22 -21.84 -52.71
C ASP Q 136 -23.75 -21.77 -52.79
N GLY Q 137 -24.28 -21.23 -53.87
CA GLY Q 137 -25.72 -21.02 -54.00
C GLY Q 137 -26.18 -19.78 -53.26
N GLY Q 138 -27.07 -19.03 -53.87
CA GLY Q 138 -27.53 -17.79 -53.29
C GLY Q 138 -26.92 -16.57 -53.93
N GLU Q 139 -27.21 -15.43 -53.32
CA GLU Q 139 -26.77 -14.14 -53.82
C GLU Q 139 -25.93 -13.44 -52.76
N ARG Q 140 -25.14 -12.46 -53.21
CA ARG Q 140 -24.31 -11.68 -52.32
C ARG Q 140 -24.39 -10.21 -52.73
N ALA Q 141 -24.22 -9.32 -51.76
CA ALA Q 141 -24.16 -7.89 -51.99
C ALA Q 141 -22.72 -7.42 -51.88
N VAL Q 142 -22.29 -6.61 -52.85
CA VAL Q 142 -20.94 -6.03 -52.86
C VAL Q 142 -21.12 -4.53 -52.75
N ILE Q 143 -21.13 -4.01 -51.52
CA ILE Q 143 -21.23 -2.58 -51.28
C ILE Q 143 -19.84 -1.99 -51.33
N THR Q 144 -19.68 -0.91 -52.10
CA THR Q 144 -18.40 -0.28 -52.33
C THR Q 144 -18.39 1.13 -51.74
N LEU Q 145 -17.39 1.42 -50.92
CA LEU Q 145 -17.20 2.73 -50.32
C LEU Q 145 -15.96 3.37 -50.96
N ASP Q 146 -16.16 4.48 -51.66
CA ASP Q 146 -15.10 5.16 -52.39
C ASP Q 146 -14.93 6.55 -51.79
N GLY Q 147 -13.94 6.71 -50.92
CA GLY Q 147 -13.70 7.98 -50.24
C GLY Q 147 -12.30 8.52 -50.46
N LYS Q 148 -12.20 9.84 -50.59
CA LYS Q 148 -10.91 10.51 -50.73
C LYS Q 148 -10.18 10.56 -49.40
N TYR Q 149 -8.86 10.38 -49.45
CA TYR Q 149 -8.02 10.48 -48.26
C TYR Q 149 -7.65 11.94 -47.98
N LEU Q 150 -8.05 12.45 -46.82
CA LEU Q 150 -7.65 13.77 -46.36
C LEU Q 150 -6.65 13.60 -45.22
N PRO Q 151 -5.40 14.03 -45.39
CA PRO Q 151 -4.42 13.85 -44.33
C PRO Q 151 -4.55 14.89 -43.24
N THR Q 152 -4.22 14.48 -42.02
CA THR Q 152 -4.06 15.40 -40.89
C THR Q 152 -2.57 15.69 -40.76
N LYS Q 153 -2.14 16.84 -41.25
CA LYS Q 153 -0.74 17.22 -41.17
C LYS Q 153 -0.56 18.42 -40.25
N PRO Q 154 0.58 18.50 -39.57
CA PRO Q 154 0.80 19.58 -38.60
C PRO Q 154 0.69 20.96 -39.22
N PHE Q 155 0.27 21.91 -38.41
CA PHE Q 155 0.19 23.31 -38.81
C PHE Q 155 0.91 24.21 -37.81
N THR R 1 -38.53 42.67 -21.83
CA THR R 1 -39.06 42.19 -23.10
C THR R 1 -39.74 40.84 -22.89
N HIS R 2 -40.65 40.47 -23.78
CA HIS R 2 -41.42 39.24 -23.63
C HIS R 2 -40.55 38.03 -23.95
N SER R 3 -40.67 36.99 -23.13
CA SER R 3 -39.90 35.76 -23.31
C SER R 3 -40.83 34.60 -23.57
N LEU R 4 -40.32 33.60 -24.30
CA LEU R 4 -41.04 32.36 -24.55
C LEU R 4 -40.46 31.26 -23.68
N HIS R 5 -41.33 30.39 -23.17
CA HIS R 5 -40.87 29.30 -22.32
C HIS R 5 -40.50 28.06 -23.11
N ASN R 6 -41.03 27.90 -24.31
CA ASN R 6 -40.73 26.77 -25.18
C ASN R 6 -40.31 27.30 -26.55
N ALA R 7 -39.83 26.38 -27.39
CA ALA R 7 -39.35 26.74 -28.72
C ALA R 7 -40.40 26.54 -29.81
N ALA R 8 -41.48 25.81 -29.52
CA ALA R 8 -42.51 25.52 -30.52
C ALA R 8 -43.03 26.75 -31.23
N PRO R 9 -43.36 27.87 -30.56
CA PRO R 9 -43.82 29.05 -31.32
C PRO R 9 -42.78 29.58 -32.29
N ARG R 10 -41.51 29.62 -31.88
CA ARG R 10 -40.45 30.10 -32.78
C ARG R 10 -40.02 29.06 -33.78
N GLU R 11 -40.20 27.77 -33.48
CA GLU R 11 -39.89 26.74 -34.45
C GLU R 11 -40.90 26.74 -35.60
N ALA R 12 -42.16 27.02 -35.30
CA ALA R 12 -43.17 27.12 -36.35
C ALA R 12 -42.92 28.34 -37.23
N LEU R 13 -42.55 29.47 -36.62
CA LEU R 13 -42.23 30.66 -37.39
C LEU R 13 -41.04 30.42 -38.32
N THR R 14 -40.04 29.67 -37.85
CA THR R 14 -38.88 29.38 -38.68
C THR R 14 -39.28 28.56 -39.90
N ASP R 15 -40.24 27.65 -39.75
CA ASP R 15 -40.69 26.86 -40.90
C ASP R 15 -41.40 27.74 -41.92
N THR R 16 -42.16 28.75 -41.46
CA THR R 16 -42.77 29.68 -42.39
C THR R 16 -41.74 30.64 -42.97
N ILE R 17 -40.79 31.08 -42.15
CA ILE R 17 -39.74 31.97 -42.64
C ILE R 17 -38.92 31.28 -43.72
N MET R 18 -38.57 30.01 -43.49
CA MET R 18 -37.81 29.29 -44.50
C MET R 18 -38.65 29.04 -45.75
N ALA R 19 -39.93 28.73 -45.57
CA ALA R 19 -40.81 28.53 -46.72
C ALA R 19 -40.90 29.79 -47.57
N ALA R 20 -41.09 30.94 -46.94
CA ALA R 20 -41.12 32.19 -47.68
C ALA R 20 -39.78 32.47 -48.34
N LYS R 21 -38.67 32.16 -47.65
CA LYS R 21 -37.35 32.38 -48.22
C LYS R 21 -37.14 31.51 -49.45
N ILE R 22 -37.63 30.28 -49.42
CA ILE R 22 -37.52 29.40 -50.57
C ILE R 22 -38.44 29.91 -51.68
N ARG R 23 -39.64 30.35 -51.31
CA ARG R 23 -40.62 30.76 -52.32
C ARG R 23 -40.25 32.07 -53.01
N HIS R 24 -39.65 33.00 -52.28
CA HIS R 24 -39.23 34.28 -52.83
C HIS R 24 -37.81 34.29 -53.38
N ASN R 25 -37.10 33.16 -53.33
CA ASN R 25 -35.71 33.08 -53.77
C ASN R 25 -34.84 34.18 -53.16
N LEU R 26 -34.88 34.27 -51.84
CA LEU R 26 -34.09 35.23 -51.08
C LEU R 26 -32.92 34.55 -50.39
N THR R 27 -31.86 35.32 -50.12
CA THR R 27 -30.70 34.83 -49.38
C THR R 27 -30.71 35.40 -47.97
N PHE R 28 -29.98 34.73 -47.07
CA PHE R 28 -29.86 35.24 -45.71
C PHE R 28 -29.11 36.57 -45.66
N GLU R 29 -28.16 36.80 -46.57
CA GLU R 29 -27.52 38.09 -46.63
C GLU R 29 -28.48 39.17 -47.09
N ALA R 30 -29.40 38.83 -48.00
CA ALA R 30 -30.37 39.81 -48.47
C ALA R 30 -31.36 40.21 -47.38
N LEU R 31 -31.80 39.25 -46.55
CA LEU R 31 -32.72 39.59 -45.47
C LEU R 31 -32.04 40.44 -44.40
N ALA R 32 -30.75 40.24 -44.18
CA ALA R 32 -30.02 41.00 -43.17
C ALA R 32 -29.61 42.37 -43.66
N GLN R 33 -29.80 42.66 -44.95
CA GLN R 33 -29.37 43.93 -45.50
C GLN R 33 -30.26 45.05 -44.99
N GLY R 34 -29.63 46.16 -44.62
CA GLY R 34 -30.37 47.29 -44.08
C GLY R 34 -30.88 47.13 -42.68
N THR R 35 -30.39 46.15 -41.92
CA THR R 35 -30.79 46.02 -40.53
C THR R 35 -29.79 46.60 -39.55
N GLY R 36 -28.55 46.83 -39.98
CA GLY R 36 -27.52 47.31 -39.10
C GLY R 36 -26.85 46.24 -38.27
N LEU R 37 -27.33 45.01 -38.33
CA LEU R 37 -26.81 43.90 -37.54
C LEU R 37 -26.00 42.96 -38.43
N SER R 38 -25.20 42.11 -37.79
CA SER R 38 -24.35 41.20 -38.53
C SER R 38 -25.16 40.05 -39.12
N LEU R 39 -24.60 39.45 -40.17
CA LEU R 39 -25.27 38.35 -40.85
C LEU R 39 -25.55 37.20 -39.89
N ALA R 40 -24.56 36.85 -39.07
CA ALA R 40 -24.71 35.72 -38.16
C ALA R 40 -25.82 35.96 -37.13
N PHE R 41 -25.96 37.21 -36.68
CA PHE R 41 -26.99 37.50 -35.69
C PHE R 41 -28.40 37.37 -36.29
N VAL R 42 -28.64 38.05 -37.42
CA VAL R 42 -29.98 38.06 -38.01
C VAL R 42 -30.37 36.65 -38.46
N THR R 43 -29.43 35.91 -39.05
CA THR R 43 -29.72 34.54 -39.47
C THR R 43 -30.08 33.66 -38.28
N ALA R 44 -29.35 33.80 -37.16
CA ALA R 44 -29.69 33.07 -35.95
C ALA R 44 -31.08 33.44 -35.46
N ALA R 45 -31.43 34.72 -35.53
CA ALA R 45 -32.75 35.15 -35.08
C ALA R 45 -33.85 34.54 -35.93
N LEU R 46 -33.63 34.46 -37.25
CA LEU R 46 -34.61 33.81 -38.11
C LEU R 46 -34.77 32.33 -37.80
N LEU R 47 -33.69 31.68 -37.38
CA LEU R 47 -33.73 30.28 -36.97
C LEU R 47 -34.13 30.11 -35.50
N GLY R 48 -34.69 31.15 -34.88
CA GLY R 48 -35.26 31.03 -33.56
C GLY R 48 -34.29 31.09 -32.40
N GLN R 49 -33.11 31.67 -32.58
CA GLN R 49 -32.09 31.70 -31.53
C GLN R 49 -31.82 33.10 -30.98
N HIS R 50 -32.45 34.13 -31.51
CA HIS R 50 -32.23 35.48 -31.03
C HIS R 50 -33.47 36.33 -31.23
N ALA R 51 -33.54 37.43 -30.50
CA ALA R 51 -34.63 38.40 -30.62
C ALA R 51 -34.20 39.55 -31.50
N LEU R 52 -35.06 39.91 -32.46
CA LEU R 52 -34.76 41.04 -33.32
C LEU R 52 -35.39 42.31 -32.76
N PRO R 53 -34.65 43.43 -32.79
CA PRO R 53 -35.29 44.72 -32.52
C PRO R 53 -36.37 45.01 -33.55
N GLU R 54 -37.38 45.77 -33.14
CA GLU R 54 -38.56 45.98 -33.98
C GLU R 54 -38.25 46.52 -35.37
N PRO R 55 -37.34 47.49 -35.55
CA PRO R 55 -37.03 47.91 -36.93
C PRO R 55 -36.49 46.79 -37.81
N ALA R 56 -35.55 45.99 -37.29
CA ALA R 56 -35.03 44.87 -38.07
C ALA R 56 -36.09 43.80 -38.28
N ALA R 57 -36.93 43.57 -37.27
CA ALA R 57 -37.98 42.57 -37.39
C ALA R 57 -39.00 42.92 -38.46
N ARG R 58 -39.29 44.22 -38.63
CA ARG R 58 -40.27 44.63 -39.62
C ARG R 58 -39.73 44.59 -41.04
N THR R 59 -38.45 44.90 -41.24
CA THR R 59 -37.89 44.85 -42.58
C THR R 59 -37.82 43.42 -43.10
N VAL R 60 -37.48 42.46 -42.23
CA VAL R 60 -37.39 41.08 -42.68
C VAL R 60 -38.78 40.52 -42.93
N ALA R 61 -39.75 40.90 -42.10
CA ALA R 61 -41.11 40.44 -42.34
C ALA R 61 -41.67 41.08 -43.60
N ALA R 62 -41.23 42.30 -43.92
CA ALA R 62 -41.63 42.93 -45.17
C ALA R 62 -40.99 42.25 -46.37
N LYS R 63 -39.71 41.88 -46.25
CA LYS R 63 -39.02 41.22 -47.37
C LYS R 63 -39.62 39.86 -47.67
N LEU R 64 -40.08 39.14 -46.64
CA LEU R 64 -40.69 37.84 -46.84
C LEU R 64 -42.21 37.91 -46.95
N GLY R 65 -42.79 39.08 -46.71
CA GLY R 65 -44.23 39.27 -46.75
C GLY R 65 -44.95 38.49 -45.67
N LEU R 66 -44.50 38.64 -44.43
CA LEU R 66 -45.04 37.93 -43.27
C LEU R 66 -46.01 38.81 -42.48
N ASP R 67 -46.87 38.14 -41.71
CA ASP R 67 -47.90 38.78 -40.91
C ASP R 67 -47.30 39.54 -39.72
N GLU R 68 -48.18 40.16 -38.93
CA GLU R 68 -47.73 40.92 -37.77
C GLU R 68 -47.42 40.01 -36.59
N GLU R 69 -48.06 38.84 -36.52
CA GLU R 69 -47.69 37.84 -35.51
C GLU R 69 -46.26 37.37 -35.69
N ALA R 70 -45.74 37.39 -36.92
CA ALA R 70 -44.33 37.12 -37.13
C ALA R 70 -43.48 38.27 -36.63
N VAL R 71 -43.96 39.52 -36.79
CA VAL R 71 -43.19 40.66 -36.32
C VAL R 71 -43.07 40.66 -34.80
N LEU R 72 -44.15 40.26 -34.11
CA LEU R 72 -44.09 40.18 -32.66
C LEU R 72 -43.26 38.99 -32.20
N LEU R 73 -43.41 37.85 -32.86
CA LEU R 73 -42.69 36.65 -32.45
C LEU R 73 -41.20 36.77 -32.72
N LEU R 74 -40.82 37.52 -33.77
CA LEU R 74 -39.40 37.73 -34.06
C LEU R 74 -38.72 38.61 -33.04
N GLN R 75 -39.48 39.37 -32.26
CA GLN R 75 -38.93 40.27 -31.24
C GLN R 75 -38.87 39.63 -29.86
N THR R 76 -39.42 38.44 -29.70
CA THR R 76 -39.47 37.77 -28.41
C THR R 76 -38.17 37.00 -28.16
N ILE R 77 -37.78 36.95 -26.88
CA ILE R 77 -36.63 36.16 -26.44
C ILE R 77 -37.00 34.69 -26.53
N PRO R 78 -36.26 33.89 -27.29
CA PRO R 78 -36.62 32.48 -27.48
C PRO R 78 -36.00 31.60 -26.40
N LEU R 79 -36.40 30.33 -26.43
CA LEU R 79 -35.73 29.29 -25.65
C LEU R 79 -34.64 28.70 -26.53
N ARG R 80 -33.40 29.06 -26.27
CA ARG R 80 -32.32 28.77 -27.20
C ARG R 80 -31.96 27.29 -27.19
N GLY R 81 -31.33 26.86 -28.28
CA GLY R 81 -31.01 25.47 -28.52
C GLY R 81 -31.34 25.10 -29.95
N SER R 82 -30.31 25.00 -30.78
CA SER R 82 -30.50 24.77 -32.22
C SER R 82 -30.23 23.33 -32.64
N ILE R 83 -29.53 22.54 -31.84
CA ILE R 83 -29.27 21.15 -32.20
C ILE R 83 -30.16 20.22 -31.39
N PRO R 84 -31.21 19.65 -31.98
CA PRO R 84 -32.04 18.69 -31.25
C PRO R 84 -31.22 17.45 -30.91
N GLY R 85 -31.16 17.13 -29.61
CA GLY R 85 -30.36 16.02 -29.13
C GLY R 85 -28.95 16.36 -28.71
N GLY R 86 -28.51 17.60 -28.86
CA GLY R 86 -27.20 18.02 -28.41
C GLY R 86 -26.06 17.69 -29.34
N VAL R 87 -26.09 16.51 -29.93
CA VAL R 87 -25.06 16.03 -30.85
C VAL R 87 -25.68 15.96 -32.25
N PRO R 88 -25.11 16.63 -33.24
CA PRO R 88 -25.71 16.64 -34.57
C PRO R 88 -25.37 15.39 -35.37
N THR R 89 -26.21 15.14 -36.38
CA THR R 89 -25.95 14.10 -37.37
C THR R 89 -25.61 14.67 -38.73
N ASP R 90 -26.12 15.86 -39.05
CA ASP R 90 -25.80 16.50 -40.31
C ASP R 90 -24.30 16.73 -40.41
N PRO R 91 -23.65 16.32 -41.51
CA PRO R 91 -22.20 16.48 -41.60
C PRO R 91 -21.72 17.91 -41.47
N THR R 92 -22.46 18.87 -42.05
CA THR R 92 -22.04 20.26 -42.00
C THR R 92 -21.93 20.76 -40.56
N ILE R 93 -22.90 20.41 -39.72
CA ILE R 93 -22.87 20.83 -38.33
C ILE R 93 -21.89 19.98 -37.52
N TYR R 94 -21.79 18.69 -37.83
CA TYR R 94 -20.95 17.80 -37.01
C TYR R 94 -19.49 18.20 -37.07
N ARG R 95 -19.01 18.67 -38.22
CA ARG R 95 -17.61 19.06 -38.33
C ARG R 95 -17.23 20.09 -37.27
N PHE R 96 -18.15 21.00 -36.96
CA PHE R 96 -17.95 21.95 -35.87
C PHE R 96 -18.02 21.27 -34.50
N TYR R 97 -18.86 20.25 -34.36
CA TYR R 97 -18.86 19.43 -33.15
C TYR R 97 -17.54 18.68 -33.02
N GLU R 98 -16.99 18.21 -34.14
CA GLU R 98 -15.73 17.48 -34.13
C GLU R 98 -14.58 18.38 -33.71
N MET R 99 -14.55 19.63 -34.18
CA MET R 99 -13.54 20.57 -33.73
C MET R 99 -13.54 20.70 -32.22
N LEU R 100 -14.73 20.79 -31.62
CA LEU R 100 -14.83 20.86 -30.17
C LEU R 100 -14.35 19.58 -29.50
N GLN R 101 -14.58 18.43 -30.15
CA GLN R 101 -14.21 17.15 -29.54
C GLN R 101 -12.70 16.98 -29.44
N VAL R 102 -11.95 17.45 -30.43
CA VAL R 102 -10.50 17.26 -30.43
C VAL R 102 -9.78 18.36 -29.63
N TYR R 103 -10.21 19.61 -29.77
CA TYR R 103 -9.50 20.76 -29.20
C TYR R 103 -10.17 21.30 -27.93
N GLY R 104 -11.09 20.54 -27.33
CA GLY R 104 -11.72 21.00 -26.10
C GLY R 104 -10.73 21.20 -24.97
N SER R 105 -9.93 20.17 -24.68
CA SER R 105 -8.88 20.31 -23.67
C SER R 105 -7.87 21.38 -24.06
N THR R 106 -7.54 21.46 -25.36
CA THR R 106 -6.56 22.44 -25.80
C THR R 106 -7.05 23.87 -25.59
N LEU R 107 -8.33 24.12 -25.85
CA LEU R 107 -8.88 25.46 -25.64
C LEU R 107 -8.86 25.84 -24.16
N LYS R 108 -9.26 24.92 -23.29
CA LYS R 108 -9.23 25.21 -21.85
C LYS R 108 -7.81 25.46 -21.36
N ALA R 109 -6.86 24.64 -21.80
CA ALA R 109 -5.48 24.81 -21.37
C ALA R 109 -4.95 26.17 -21.78
N LEU R 110 -5.18 26.57 -23.03
CA LEU R 110 -4.64 27.83 -23.52
C LEU R 110 -5.43 29.03 -22.99
N VAL R 111 -6.72 28.86 -22.70
CA VAL R 111 -7.48 29.96 -22.11
C VAL R 111 -6.98 30.27 -20.70
N HIS R 112 -6.72 29.23 -19.91
CA HIS R 112 -6.24 29.48 -18.55
C HIS R 112 -4.81 30.02 -18.54
N GLU R 113 -4.02 29.75 -19.56
CA GLU R 113 -2.67 30.27 -19.60
C GLU R 113 -2.63 31.69 -20.14
N GLN R 114 -3.32 31.95 -21.26
CA GLN R 114 -3.27 33.26 -21.89
C GLN R 114 -4.17 34.27 -21.21
N PHE R 115 -5.28 33.82 -20.60
CA PHE R 115 -6.24 34.71 -19.97
C PHE R 115 -6.28 34.54 -18.46
N GLY R 116 -6.37 33.31 -17.98
CA GLY R 116 -6.44 33.02 -16.56
C GLY R 116 -7.66 32.18 -16.24
N ASP R 117 -7.92 32.05 -14.94
CA ASP R 117 -9.07 31.30 -14.49
C ASP R 117 -10.34 32.05 -14.88
N GLY R 118 -11.24 31.36 -15.54
CA GLY R 118 -12.46 31.98 -16.00
C GLY R 118 -13.00 31.27 -17.23
N ILE R 119 -13.76 32.01 -18.04
CA ILE R 119 -14.41 31.47 -19.22
C ILE R 119 -14.25 32.45 -20.37
N ILE R 120 -14.49 31.94 -21.58
CA ILE R 120 -14.69 32.76 -22.76
C ILE R 120 -16.18 32.80 -23.04
N SER R 121 -16.76 34.00 -22.99
CA SER R 121 -18.21 34.12 -22.97
C SER R 121 -18.81 33.61 -24.27
N ALA R 122 -19.98 32.97 -24.17
CA ALA R 122 -20.75 32.59 -25.34
C ALA R 122 -21.96 33.48 -25.57
N ILE R 123 -22.23 34.43 -24.68
CA ILE R 123 -23.29 35.40 -24.86
C ILE R 123 -22.73 36.77 -25.22
N ASN R 124 -21.68 37.21 -24.52
CA ASN R 124 -20.91 38.38 -24.94
C ASN R 124 -19.95 37.91 -26.03
N PHE R 125 -20.53 37.66 -27.20
CA PHE R 125 -19.89 36.83 -28.21
C PHE R 125 -20.29 37.32 -29.59
N LYS R 126 -19.34 37.31 -30.52
CA LYS R 126 -19.62 37.63 -31.91
C LYS R 126 -19.09 36.52 -32.81
N LEU R 127 -19.84 36.22 -33.85
CA LEU R 127 -19.51 35.18 -34.80
C LEU R 127 -19.43 35.77 -36.20
N ASP R 128 -18.44 35.33 -36.95
CA ASP R 128 -18.21 35.82 -38.30
C ASP R 128 -17.68 34.67 -39.14
N ILE R 129 -18.23 34.52 -40.34
CA ILE R 129 -17.74 33.55 -41.31
C ILE R 129 -17.27 34.31 -42.54
N LYS R 130 -16.06 34.01 -42.99
CA LYS R 130 -15.44 34.72 -44.10
C LYS R 130 -14.90 33.71 -45.11
N LYS R 131 -15.15 33.98 -46.39
CA LYS R 131 -14.70 33.11 -47.48
C LYS R 131 -13.37 33.63 -48.02
N VAL R 132 -12.35 32.78 -48.02
CA VAL R 132 -11.03 33.10 -48.54
C VAL R 132 -10.56 31.98 -49.46
N ALA R 133 -9.59 32.31 -50.32
CA ALA R 133 -9.08 31.35 -51.29
C ALA R 133 -7.95 30.53 -50.69
N ASP R 134 -7.93 29.23 -51.02
CA ASP R 134 -6.89 28.28 -50.60
C ASP R 134 -5.74 28.28 -51.59
N PRO R 135 -4.49 28.44 -51.17
CA PRO R 135 -3.38 28.47 -52.15
C PRO R 135 -3.26 27.23 -53.03
N ASP R 136 -3.74 26.07 -52.57
CA ASP R 136 -3.75 24.87 -53.40
C ASP R 136 -5.00 24.74 -54.26
N GLY R 137 -5.66 25.85 -54.57
CA GLY R 137 -6.92 25.81 -55.30
C GLY R 137 -8.09 25.48 -54.41
N GLY R 138 -9.22 26.14 -54.65
CA GLY R 138 -10.40 25.96 -53.84
C GLY R 138 -10.64 27.12 -52.89
N GLU R 139 -11.63 26.92 -52.03
CA GLU R 139 -12.08 27.95 -51.09
C GLU R 139 -11.92 27.44 -49.67
N ARG R 140 -11.89 28.39 -48.74
CA ARG R 140 -11.78 28.09 -47.31
C ARG R 140 -12.76 28.94 -46.54
N ALA R 141 -13.18 28.43 -45.39
CA ALA R 141 -14.01 29.18 -44.46
C ALA R 141 -13.17 29.64 -43.28
N VAL R 142 -13.31 30.91 -42.92
CA VAL R 142 -12.61 31.50 -41.79
C VAL R 142 -13.69 31.94 -40.80
N ILE R 143 -14.07 31.04 -39.91
CA ILE R 143 -15.04 31.31 -38.87
C ILE R 143 -14.32 31.91 -37.67
N THR R 144 -14.82 33.03 -37.17
CA THR R 144 -14.19 33.77 -36.08
C THR R 144 -15.09 33.72 -34.86
N LEU R 145 -14.53 33.32 -33.72
CA LEU R 145 -15.23 33.31 -32.44
C LEU R 145 -14.62 34.42 -31.58
N ASP R 146 -15.42 35.44 -31.29
CA ASP R 146 -14.97 36.61 -30.55
C ASP R 146 -15.76 36.70 -29.26
N GLY R 147 -15.17 36.25 -28.16
CA GLY R 147 -15.83 36.22 -26.87
C GLY R 147 -15.08 36.99 -25.80
N LYS R 148 -15.82 37.65 -24.93
CA LYS R 148 -15.23 38.37 -23.81
C LYS R 148 -14.68 37.39 -22.77
N TYR R 149 -13.54 37.73 -22.20
CA TYR R 149 -12.97 36.92 -21.13
C TYR R 149 -13.62 37.31 -19.80
N LEU R 150 -14.29 36.37 -19.16
CA LEU R 150 -14.86 36.57 -17.84
C LEU R 150 -14.04 35.80 -16.81
N PRO R 151 -13.36 36.48 -15.90
CA PRO R 151 -12.54 35.78 -14.91
C PRO R 151 -13.34 35.24 -13.74
N THR R 152 -12.85 34.14 -13.17
CA THR R 152 -13.36 33.59 -11.92
C THR R 152 -12.53 34.18 -10.79
N LYS R 153 -13.11 35.15 -10.08
CA LYS R 153 -12.35 35.81 -9.04
C LYS R 153 -12.89 35.44 -7.66
N PRO R 154 -12.02 35.30 -6.66
CA PRO R 154 -12.47 34.90 -5.33
C PRO R 154 -13.44 35.92 -4.74
N PHE R 155 -14.35 35.43 -3.90
CA PHE R 155 -15.30 36.32 -3.22
C PHE R 155 -15.31 36.08 -1.72
N THR S 1 -57.89 18.13 -3.26
CA THR S 1 -58.21 18.86 -4.48
C THR S 1 -57.73 18.08 -5.70
N HIS S 2 -58.24 18.46 -6.87
CA HIS S 2 -57.98 17.70 -8.08
C HIS S 2 -56.54 17.89 -8.57
N SER S 3 -55.94 16.79 -9.00
CA SER S 3 -54.58 16.78 -9.52
C SER S 3 -54.62 16.33 -10.98
N LEU S 4 -53.62 16.75 -11.74
CA LEU S 4 -53.45 16.32 -13.13
C LEU S 4 -52.38 15.25 -13.20
N HIS S 5 -52.59 14.26 -14.05
CA HIS S 5 -51.66 13.13 -14.17
C HIS S 5 -50.55 13.38 -15.17
N ASN S 6 -50.77 14.24 -16.16
CA ASN S 6 -49.77 14.56 -17.17
C ASN S 6 -49.62 16.08 -17.26
N ALA S 7 -48.62 16.51 -18.03
CA ALA S 7 -48.32 17.93 -18.16
C ALA S 7 -48.97 18.59 -19.38
N ALA S 8 -49.46 17.80 -20.34
CA ALA S 8 -50.06 18.36 -21.55
C ALA S 8 -51.15 19.39 -21.29
N PRO S 9 -52.11 19.17 -20.38
CA PRO S 9 -53.11 20.22 -20.15
C PRO S 9 -52.51 21.52 -19.65
N ARG S 10 -51.51 21.46 -18.77
CA ARG S 10 -50.92 22.71 -18.28
C ARG S 10 -49.94 23.31 -19.28
N GLU S 11 -49.34 22.49 -20.15
CA GLU S 11 -48.48 23.03 -21.20
C GLU S 11 -49.29 23.79 -22.24
N ALA S 12 -50.50 23.32 -22.54
CA ALA S 12 -51.36 24.07 -23.46
C ALA S 12 -51.81 25.38 -22.83
N LEU S 13 -52.15 25.36 -21.54
CA LEU S 13 -52.49 26.58 -20.84
C LEU S 13 -51.31 27.55 -20.79
N THR S 14 -50.10 27.03 -20.56
CA THR S 14 -48.93 27.90 -20.50
C THR S 14 -48.67 28.56 -21.84
N ASP S 15 -48.89 27.83 -22.95
CA ASP S 15 -48.71 28.41 -24.27
C ASP S 15 -49.76 29.47 -24.58
N THR S 16 -50.99 29.28 -24.07
CA THR S 16 -52.03 30.29 -24.25
C THR S 16 -51.75 31.54 -23.42
N ILE S 17 -51.24 31.35 -22.20
CA ILE S 17 -50.89 32.49 -21.37
C ILE S 17 -49.83 33.35 -22.04
N MET S 18 -48.83 32.70 -22.66
CA MET S 18 -47.76 33.47 -23.30
C MET S 18 -48.27 34.28 -24.48
N ALA S 19 -49.15 33.69 -25.31
CA ALA S 19 -49.71 34.44 -26.41
C ALA S 19 -50.54 35.62 -25.92
N ALA S 20 -51.40 35.39 -24.93
CA ALA S 20 -52.21 36.46 -24.37
C ALA S 20 -51.36 37.51 -23.67
N LYS S 21 -50.29 37.08 -22.98
CA LYS S 21 -49.44 38.03 -22.27
C LYS S 21 -48.78 39.01 -23.23
N ILE S 22 -48.34 38.52 -24.40
CA ILE S 22 -47.71 39.40 -25.38
C ILE S 22 -48.75 40.34 -25.99
N ARG S 23 -49.95 39.84 -26.27
CA ARG S 23 -50.95 40.67 -26.93
C ARG S 23 -51.46 41.78 -26.04
N HIS S 24 -51.57 41.55 -24.74
CA HIS S 24 -51.92 42.63 -23.82
C HIS S 24 -50.71 43.39 -23.32
N ASN S 25 -49.50 42.98 -23.72
CA ASN S 25 -48.26 43.57 -23.24
C ASN S 25 -48.27 43.70 -21.72
N LEU S 26 -48.52 42.58 -21.07
CA LEU S 26 -48.53 42.51 -19.62
C LEU S 26 -47.25 41.87 -19.13
N THR S 27 -46.89 42.20 -17.89
CA THR S 27 -45.73 41.62 -17.23
C THR S 27 -46.19 40.60 -16.20
N PHE S 28 -45.28 39.73 -15.81
CA PHE S 28 -45.60 38.81 -14.72
C PHE S 28 -45.83 39.55 -13.42
N GLU S 29 -45.17 40.70 -13.24
CA GLU S 29 -45.44 41.53 -12.07
C GLU S 29 -46.85 42.10 -12.12
N ALA S 30 -47.31 42.51 -13.31
CA ALA S 30 -48.66 43.03 -13.45
C ALA S 30 -49.69 41.94 -13.25
N LEU S 31 -49.42 40.73 -13.75
CA LEU S 31 -50.35 39.63 -13.58
C LEU S 31 -50.46 39.18 -12.14
N ALA S 32 -49.37 39.27 -11.38
CA ALA S 32 -49.38 38.82 -9.99
C ALA S 32 -49.90 39.87 -9.02
N GLN S 33 -50.06 41.12 -9.44
CA GLN S 33 -50.48 42.15 -8.50
C GLN S 33 -51.95 41.97 -8.14
N GLY S 34 -52.26 42.16 -6.86
CA GLY S 34 -53.61 41.99 -6.36
C GLY S 34 -54.04 40.56 -6.16
N THR S 35 -53.12 39.61 -6.18
CA THR S 35 -53.42 38.22 -5.86
C THR S 35 -53.04 37.84 -4.44
N GLY S 36 -52.21 38.64 -3.78
CA GLY S 36 -51.72 38.34 -2.46
C GLY S 36 -50.55 37.40 -2.41
N LEU S 37 -50.14 36.84 -3.54
CA LEU S 37 -49.06 35.88 -3.63
C LEU S 37 -47.79 36.52 -4.21
N SER S 38 -46.67 35.83 -4.02
CA SER S 38 -45.38 36.32 -4.47
C SER S 38 -45.23 36.20 -5.98
N LEU S 39 -44.35 37.03 -6.53
CA LEU S 39 -44.10 37.03 -7.98
C LEU S 39 -43.64 35.66 -8.46
N ALA S 40 -42.69 35.06 -7.74
CA ALA S 40 -42.14 33.77 -8.16
C ALA S 40 -43.20 32.68 -8.11
N PHE S 41 -44.10 32.75 -7.13
CA PHE S 41 -45.14 31.73 -7.01
C PHE S 41 -46.14 31.82 -8.17
N VAL S 42 -46.67 33.01 -8.42
CA VAL S 42 -47.68 33.18 -9.46
C VAL S 42 -47.09 32.86 -10.82
N THR S 43 -45.86 33.31 -11.08
CA THR S 43 -45.21 33.02 -12.35
C THR S 43 -45.01 31.53 -12.54
N ALA S 44 -44.56 30.83 -11.49
CA ALA S 44 -44.42 29.38 -11.57
C ALA S 44 -45.77 28.72 -11.82
N ALA S 45 -46.83 29.21 -11.15
CA ALA S 45 -48.15 28.63 -11.34
C ALA S 45 -48.65 28.85 -12.77
N LEU S 46 -48.44 30.04 -13.32
CA LEU S 46 -48.83 30.28 -14.70
C LEU S 46 -48.06 29.41 -15.67
N LEU S 47 -46.79 29.11 -15.35
CA LEU S 47 -45.99 28.20 -16.14
C LEU S 47 -46.25 26.73 -15.81
N GLY S 48 -47.34 26.43 -15.11
CA GLY S 48 -47.76 25.07 -14.89
C GLY S 48 -47.06 24.33 -13.78
N GLN S 49 -46.47 25.03 -12.81
CA GLN S 49 -45.71 24.38 -11.75
C GLN S 49 -46.37 24.51 -10.38
N HIS S 50 -47.49 25.22 -10.26
CA HIS S 50 -48.18 25.39 -9.00
C HIS S 50 -49.67 25.59 -9.24
N ALA S 51 -50.45 25.36 -8.20
CA ALA S 51 -51.89 25.58 -8.23
C ALA S 51 -52.22 26.93 -7.61
N LEU S 52 -53.01 27.73 -8.31
CA LEU S 52 -53.47 29.03 -7.83
C LEU S 52 -54.79 28.88 -7.09
N PRO S 53 -54.97 29.60 -5.98
CA PRO S 53 -56.30 29.68 -5.39
C PRO S 53 -57.29 30.30 -6.36
N GLU S 54 -58.54 29.87 -6.25
CA GLU S 54 -59.55 30.29 -7.21
C GLU S 54 -59.72 31.80 -7.32
N PRO S 55 -59.69 32.60 -6.24
CA PRO S 55 -59.73 34.06 -6.44
C PRO S 55 -58.55 34.57 -7.25
N ALA S 56 -57.33 34.12 -6.96
CA ALA S 56 -56.18 34.56 -7.75
C ALA S 56 -56.24 34.04 -9.17
N ALA S 57 -56.73 32.80 -9.36
CA ALA S 57 -56.82 32.22 -10.68
C ALA S 57 -57.76 33.02 -11.58
N ARG S 58 -58.83 33.57 -11.00
CA ARG S 58 -59.76 34.39 -11.79
C ARG S 58 -59.19 35.78 -12.07
N THR S 59 -58.39 36.33 -11.16
CA THR S 59 -57.80 37.63 -11.41
C THR S 59 -56.85 37.57 -12.61
N VAL S 60 -56.07 36.49 -12.72
CA VAL S 60 -55.13 36.38 -13.83
C VAL S 60 -55.84 36.01 -15.12
N ALA S 61 -56.87 35.15 -15.03
CA ALA S 61 -57.59 34.76 -16.24
C ALA S 61 -58.41 35.90 -16.83
N ALA S 62 -58.91 36.80 -15.99
CA ALA S 62 -59.63 37.97 -16.49
C ALA S 62 -58.69 38.93 -17.19
N LYS S 63 -57.49 39.14 -16.63
CA LYS S 63 -56.54 40.08 -17.23
C LYS S 63 -56.08 39.61 -18.60
N LEU S 64 -55.92 38.31 -18.78
CA LEU S 64 -55.45 37.78 -20.06
C LEU S 64 -56.60 37.35 -20.97
N GLY S 65 -57.83 37.32 -20.47
CA GLY S 65 -58.94 36.89 -21.30
C GLY S 65 -58.83 35.42 -21.66
N LEU S 66 -58.67 34.58 -20.65
CA LEU S 66 -58.52 33.14 -20.83
C LEU S 66 -59.89 32.49 -20.67
N ASP S 67 -60.05 31.32 -21.28
CA ASP S 67 -61.34 30.67 -21.19
C ASP S 67 -61.58 30.19 -19.75
N GLU S 68 -62.75 29.62 -19.53
CA GLU S 68 -63.14 29.14 -18.21
C GLU S 68 -62.53 27.79 -17.87
N GLU S 69 -62.13 26.98 -18.86
CA GLU S 69 -61.34 25.80 -18.53
C GLU S 69 -59.94 26.17 -18.05
N ALA S 70 -59.45 27.34 -18.42
CA ALA S 70 -58.14 27.80 -17.96
C ALA S 70 -58.14 28.06 -16.46
N VAL S 71 -59.24 28.60 -15.93
CA VAL S 71 -59.31 28.87 -14.50
C VAL S 71 -59.28 27.58 -13.70
N LEU S 72 -59.90 26.52 -14.21
CA LEU S 72 -59.86 25.25 -13.50
C LEU S 72 -58.46 24.63 -13.55
N LEU S 73 -57.82 24.71 -14.72
CA LEU S 73 -56.49 24.12 -14.85
C LEU S 73 -55.46 24.87 -14.04
N LEU S 74 -55.67 26.17 -13.83
CA LEU S 74 -54.74 26.94 -13.01
C LEU S 74 -54.87 26.56 -11.53
N GLN S 75 -55.99 25.96 -11.14
CA GLN S 75 -56.24 25.58 -9.75
C GLN S 75 -55.91 24.13 -9.45
N THR S 76 -55.59 23.32 -10.46
CA THR S 76 -55.30 21.91 -10.25
C THR S 76 -53.83 21.70 -9.90
N ILE S 77 -53.57 20.70 -9.06
CA ILE S 77 -52.20 20.34 -8.71
C ILE S 77 -51.55 19.75 -9.96
N PRO S 78 -50.46 20.32 -10.45
CA PRO S 78 -49.89 19.86 -11.72
C PRO S 78 -48.88 18.74 -11.53
N LEU S 79 -48.44 18.20 -12.66
CA LEU S 79 -47.30 17.28 -12.71
C LEU S 79 -46.07 18.14 -12.95
N ARG S 80 -45.28 18.36 -11.89
CA ARG S 80 -44.23 19.36 -11.93
C ARG S 80 -43.03 18.88 -12.75
N GLY S 81 -42.26 19.86 -13.23
CA GLY S 81 -41.14 19.61 -14.11
C GLY S 81 -41.14 20.56 -15.29
N SER S 82 -40.29 21.58 -15.23
CA SER S 82 -40.27 22.63 -16.25
C SER S 82 -39.14 22.48 -17.26
N ILE S 83 -38.10 21.70 -16.95
CA ILE S 83 -36.99 21.48 -17.88
C ILE S 83 -37.13 20.12 -18.54
N PRO S 84 -37.56 20.03 -19.79
CA PRO S 84 -37.64 18.73 -20.48
C PRO S 84 -36.25 18.13 -20.67
N GLY S 85 -36.07 16.90 -20.19
CA GLY S 85 -34.79 16.23 -20.28
C GLY S 85 -33.90 16.39 -19.07
N GLY S 86 -34.33 17.17 -18.08
CA GLY S 86 -33.58 17.34 -16.85
C GLY S 86 -32.46 18.35 -16.92
N VAL S 87 -31.74 18.39 -18.04
CA VAL S 87 -30.63 19.30 -18.25
C VAL S 87 -31.03 20.30 -19.34
N PRO S 88 -30.97 21.59 -19.08
CA PRO S 88 -31.41 22.57 -20.08
C PRO S 88 -30.31 22.88 -21.09
N THR S 89 -30.75 23.41 -22.22
CA THR S 89 -29.85 23.93 -23.25
C THR S 89 -29.89 25.45 -23.36
N ASP S 90 -31.02 26.07 -22.99
CA ASP S 90 -31.10 27.52 -22.97
C ASP S 90 -30.06 28.09 -22.00
N PRO S 91 -29.25 29.06 -22.43
CA PRO S 91 -28.18 29.56 -21.55
C PRO S 91 -28.70 30.12 -20.24
N THR S 92 -29.82 30.85 -20.27
CA THR S 92 -30.33 31.47 -19.04
C THR S 92 -30.63 30.43 -17.97
N ILE S 93 -31.22 29.30 -18.35
CA ILE S 93 -31.50 28.25 -17.39
C ILE S 93 -30.23 27.47 -17.04
N TYR S 94 -29.35 27.27 -18.02
CA TYR S 94 -28.18 26.42 -17.78
C TYR S 94 -27.27 27.01 -16.70
N ARG S 95 -27.15 28.34 -16.64
CA ARG S 95 -26.28 28.96 -15.63
C ARG S 95 -26.66 28.50 -14.22
N PHE S 96 -27.97 28.36 -13.96
CA PHE S 96 -28.41 27.83 -12.68
C PHE S 96 -28.06 26.36 -12.54
N TYR S 97 -28.10 25.61 -13.64
CA TYR S 97 -27.63 24.23 -13.63
C TYR S 97 -26.13 24.17 -13.36
N GLU S 98 -25.38 25.10 -13.95
CA GLU S 98 -23.93 25.14 -13.75
C GLU S 98 -23.59 25.49 -12.31
N MET S 99 -24.33 26.44 -11.71
CA MET S 99 -24.16 26.72 -10.30
C MET S 99 -24.30 25.45 -9.47
N LEU S 100 -25.30 24.62 -9.81
CA LEU S 100 -25.47 23.33 -9.15
C LEU S 100 -24.29 22.40 -9.44
N GLN S 101 -23.71 22.50 -10.64
CA GLN S 101 -22.60 21.61 -11.00
C GLN S 101 -21.34 21.92 -10.20
N VAL S 102 -21.07 23.19 -9.94
CA VAL S 102 -19.84 23.57 -9.24
C VAL S 102 -19.99 23.49 -7.73
N TYR S 103 -21.12 23.96 -7.19
CA TYR S 103 -21.31 24.10 -5.76
C TYR S 103 -22.19 23.02 -5.15
N GLY S 104 -22.49 21.96 -5.88
CA GLY S 104 -23.30 20.88 -5.33
C GLY S 104 -22.63 20.19 -4.15
N SER S 105 -21.39 19.75 -4.33
CA SER S 105 -20.64 19.15 -3.22
C SER S 105 -20.49 20.14 -2.08
N THR S 106 -20.28 21.42 -2.39
CA THR S 106 -20.11 22.44 -1.36
C THR S 106 -21.40 22.64 -0.57
N LEU S 107 -22.55 22.64 -1.25
CA LEU S 107 -23.83 22.82 -0.57
C LEU S 107 -24.11 21.66 0.37
N LYS S 108 -23.84 20.43 -0.08
CA LYS S 108 -24.04 19.27 0.80
C LYS S 108 -23.13 19.33 2.02
N ALA S 109 -21.86 19.67 1.81
CA ALA S 109 -20.91 19.73 2.92
C ALA S 109 -21.34 20.75 3.96
N LEU S 110 -21.72 21.96 3.51
CA LEU S 110 -22.08 23.02 4.44
C LEU S 110 -23.46 22.79 5.08
N VAL S 111 -24.38 22.14 4.37
CA VAL S 111 -25.66 21.83 4.97
C VAL S 111 -25.49 20.82 6.09
N HIS S 112 -24.67 19.79 5.87
CA HIS S 112 -24.42 18.80 6.91
C HIS S 112 -23.58 19.38 8.05
N GLU S 113 -22.82 20.45 7.80
CA GLU S 113 -22.00 21.06 8.85
C GLU S 113 -22.83 22.00 9.72
N GLN S 114 -23.61 22.89 9.09
CA GLN S 114 -24.36 23.88 9.85
C GLN S 114 -25.65 23.31 10.42
N PHE S 115 -26.25 22.32 9.76
CA PHE S 115 -27.52 21.74 10.18
C PHE S 115 -27.38 20.31 10.66
N GLY S 116 -26.70 19.46 9.89
CA GLY S 116 -26.56 18.07 10.23
C GLY S 116 -27.05 17.18 9.11
N ASP S 117 -27.19 15.90 9.44
CA ASP S 117 -27.69 14.93 8.47
C ASP S 117 -29.14 15.25 8.15
N GLY S 118 -29.45 15.34 6.86
CA GLY S 118 -30.78 15.67 6.43
C GLY S 118 -30.73 16.37 5.09
N ILE S 119 -31.79 17.15 4.83
CA ILE S 119 -31.96 17.86 3.57
C ILE S 119 -32.43 19.28 3.86
N ILE S 120 -32.30 20.13 2.84
CA ILE S 120 -32.95 21.42 2.79
C ILE S 120 -34.15 21.29 1.86
N SER S 121 -35.35 21.49 2.40
CA SER S 121 -36.56 21.14 1.70
C SER S 121 -36.76 22.00 0.46
N ALA S 122 -37.32 21.40 -0.58
CA ALA S 122 -37.78 22.11 -1.75
C ALA S 122 -39.29 22.27 -1.78
N ILE S 123 -39.98 21.74 -0.79
CA ILE S 123 -41.44 21.88 -0.67
C ILE S 123 -41.80 22.93 0.38
N ASN S 124 -41.19 22.86 1.55
CA ASN S 124 -41.28 23.92 2.54
C ASN S 124 -40.25 24.98 2.15
N PHE S 125 -40.57 25.69 1.08
CA PHE S 125 -39.58 26.43 0.31
C PHE S 125 -40.20 27.70 -0.26
N LYS S 126 -39.42 28.78 -0.25
CA LYS S 126 -39.81 30.05 -0.83
C LYS S 126 -38.69 30.51 -1.75
N LEU S 127 -39.07 31.11 -2.89
CA LEU S 127 -38.12 31.58 -3.88
C LEU S 127 -38.32 33.07 -4.14
N ASP S 128 -37.22 33.79 -4.28
CA ASP S 128 -37.27 35.24 -4.49
C ASP S 128 -36.13 35.67 -5.39
N ILE S 129 -36.44 36.55 -6.34
CA ILE S 129 -35.44 37.18 -7.20
C ILE S 129 -35.51 38.69 -7.00
N LYS S 130 -34.35 39.31 -6.74
CA LYS S 130 -34.26 40.74 -6.49
C LYS S 130 -33.15 41.34 -7.33
N LYS S 131 -33.43 42.50 -7.92
CA LYS S 131 -32.46 43.21 -8.74
C LYS S 131 -31.74 44.24 -7.88
N VAL S 132 -30.41 44.16 -7.83
CA VAL S 132 -29.59 45.08 -7.07
C VAL S 132 -28.47 45.59 -7.97
N ALA S 133 -27.91 46.74 -7.60
CA ALA S 133 -26.89 47.38 -8.42
C ALA S 133 -25.50 46.82 -8.12
N ASP S 134 -24.70 46.67 -9.18
CA ASP S 134 -23.31 46.24 -9.11
C ASP S 134 -22.41 47.45 -8.86
N PRO S 135 -21.59 47.42 -7.82
CA PRO S 135 -20.71 48.57 -7.57
C PRO S 135 -19.74 48.84 -8.71
N ASP S 136 -19.40 47.82 -9.49
CA ASP S 136 -18.52 47.96 -10.65
C ASP S 136 -19.29 48.33 -11.91
N GLY S 137 -20.47 48.94 -11.77
CA GLY S 137 -21.32 49.24 -12.91
C GLY S 137 -22.08 48.01 -13.35
N GLY S 138 -23.35 48.18 -13.68
CA GLY S 138 -24.22 47.10 -14.08
C GLY S 138 -25.17 46.68 -12.97
N GLU S 139 -25.90 45.60 -13.24
CA GLU S 139 -26.91 45.08 -12.34
C GLU S 139 -26.59 43.64 -11.97
N ARG S 140 -27.20 43.19 -10.87
CA ARG S 140 -27.01 41.85 -10.37
C ARG S 140 -28.35 41.26 -9.97
N ALA S 141 -28.45 39.95 -10.04
CA ALA S 141 -29.62 39.23 -9.56
C ALA S 141 -29.27 38.56 -8.25
N VAL S 142 -30.14 38.71 -7.26
CA VAL S 142 -29.96 38.12 -5.93
C VAL S 142 -31.11 37.15 -5.74
N ILE S 143 -30.90 35.90 -6.14
CA ILE S 143 -31.89 34.85 -5.99
C ILE S 143 -31.75 34.23 -4.60
N THR S 144 -32.86 34.13 -3.88
CA THR S 144 -32.87 33.66 -2.50
C THR S 144 -33.63 32.34 -2.42
N LEU S 145 -32.99 31.32 -1.84
CA LEU S 145 -33.59 30.02 -1.62
C LEU S 145 -33.81 29.83 -0.12
N ASP S 146 -35.07 29.74 0.30
CA ASP S 146 -35.43 29.62 1.71
C ASP S 146 -36.14 28.28 1.93
N GLY S 147 -35.42 27.30 2.45
CA GLY S 147 -35.95 25.97 2.66
C GLY S 147 -35.84 25.53 4.10
N LYS S 148 -36.85 24.79 4.56
CA LYS S 148 -36.83 24.22 5.91
C LYS S 148 -35.84 23.07 5.99
N TYR S 149 -35.14 22.97 7.12
CA TYR S 149 -34.23 21.85 7.36
C TYR S 149 -35.00 20.67 7.92
N LEU S 150 -35.01 19.56 7.18
CA LEU S 150 -35.59 18.31 7.63
C LEU S 150 -34.47 17.34 7.94
N PRO S 151 -34.28 16.93 9.19
CA PRO S 151 -33.16 16.05 9.53
C PRO S 151 -33.44 14.58 9.21
N THR S 152 -32.37 13.86 8.89
CA THR S 152 -32.40 12.42 8.80
C THR S 152 -31.97 11.86 10.15
N LYS S 153 -32.94 11.39 10.92
CA LYS S 153 -32.63 10.85 12.23
C LYS S 153 -32.83 9.34 12.24
N PRO S 154 -32.01 8.61 12.99
CA PRO S 154 -32.10 7.15 12.97
C PRO S 154 -33.45 6.63 13.43
N PHE S 155 -33.84 5.49 12.86
CA PHE S 155 -35.05 4.80 13.30
C PHE S 155 -34.74 3.33 13.57
N THR T 1 -58.13 -12.12 -23.36
CA THR T 1 -58.76 -10.79 -23.37
C THR T 1 -58.00 -9.91 -24.35
N HIS T 2 -58.62 -8.83 -24.81
CA HIS T 2 -57.96 -7.97 -25.80
C HIS T 2 -56.85 -7.16 -25.14
N SER T 3 -55.71 -7.08 -25.82
CA SER T 3 -54.56 -6.34 -25.34
C SER T 3 -54.26 -5.19 -26.29
N LEU T 4 -53.65 -4.15 -25.75
CA LEU T 4 -53.20 -3.03 -26.57
C LEU T 4 -51.69 -3.11 -26.76
N HIS T 5 -51.23 -2.78 -27.96
CA HIS T 5 -49.81 -2.89 -28.26
C HIS T 5 -49.04 -1.61 -27.92
N ASN T 6 -49.72 -0.47 -27.88
CA ASN T 6 -49.10 0.80 -27.55
C ASN T 6 -49.88 1.46 -26.42
N ALA T 7 -49.31 2.55 -25.89
CA ALA T 7 -49.92 3.26 -24.78
C ALA T 7 -50.76 4.46 -25.21
N ALA T 8 -50.60 4.94 -26.44
CA ALA T 8 -51.37 6.09 -26.92
C ALA T 8 -52.87 5.94 -26.77
N PRO T 9 -53.50 4.81 -27.13
CA PRO T 9 -54.96 4.71 -26.95
C PRO T 9 -55.43 4.82 -25.51
N ARG T 10 -54.71 4.25 -24.54
CA ARG T 10 -55.12 4.37 -23.15
C ARG T 10 -54.75 5.73 -22.55
N GLU T 11 -53.78 6.44 -23.13
CA GLU T 11 -53.51 7.79 -22.66
C GLU T 11 -54.66 8.72 -23.01
N ALA T 12 -55.29 8.50 -24.18
CA ALA T 12 -56.45 9.29 -24.55
C ALA T 12 -57.65 8.96 -23.64
N LEU T 13 -57.86 7.68 -23.34
CA LEU T 13 -58.92 7.31 -22.41
C LEU T 13 -58.67 7.88 -21.02
N THR T 14 -57.42 7.84 -20.56
CA THR T 14 -57.09 8.39 -19.25
C THR T 14 -57.32 9.89 -19.20
N ASP T 15 -57.07 10.58 -20.31
CA ASP T 15 -57.27 12.02 -20.35
C ASP T 15 -58.75 12.38 -20.24
N THR T 16 -59.62 11.59 -20.87
CA THR T 16 -61.06 11.83 -20.76
C THR T 16 -61.59 11.39 -19.39
N ILE T 17 -61.10 10.27 -18.87
CA ILE T 17 -61.55 9.81 -17.55
C ILE T 17 -61.21 10.82 -16.48
N MET T 18 -59.99 11.38 -16.52
CA MET T 18 -59.62 12.40 -15.54
C MET T 18 -60.41 13.67 -15.74
N ALA T 19 -60.67 14.05 -17.00
CA ALA T 19 -61.54 15.19 -17.24
C ALA T 19 -62.92 14.95 -16.65
N ALA T 20 -63.47 13.75 -16.87
CA ALA T 20 -64.77 13.43 -16.30
C ALA T 20 -64.73 13.45 -14.77
N LYS T 21 -63.63 12.98 -14.17
CA LYS T 21 -63.52 12.97 -12.72
C LYS T 21 -63.56 14.39 -12.15
N ILE T 22 -62.85 15.33 -12.78
CA ILE T 22 -62.85 16.70 -12.29
C ILE T 22 -64.19 17.37 -12.58
N ARG T 23 -64.75 17.11 -13.77
CA ARG T 23 -65.97 17.78 -14.20
C ARG T 23 -67.16 17.32 -13.37
N HIS T 24 -67.14 16.08 -12.89
CA HIS T 24 -68.17 15.57 -11.98
C HIS T 24 -67.83 15.87 -10.53
N ASN T 25 -66.66 16.49 -10.28
CA ASN T 25 -66.15 16.73 -8.94
C ASN T 25 -66.25 15.47 -8.08
N LEU T 26 -65.71 14.38 -8.62
CA LEU T 26 -65.67 13.10 -7.94
C LEU T 26 -64.27 12.79 -7.42
N THR T 27 -64.22 11.91 -6.43
CA THR T 27 -62.98 11.41 -5.86
C THR T 27 -62.74 10.01 -6.38
N PHE T 28 -61.48 9.56 -6.30
CA PHE T 28 -61.18 8.18 -6.68
C PHE T 28 -61.85 7.19 -5.75
N GLU T 29 -62.07 7.56 -4.49
CA GLU T 29 -62.80 6.66 -3.59
C GLU T 29 -64.26 6.55 -4.02
N ALA T 30 -64.85 7.65 -4.49
CA ALA T 30 -66.24 7.61 -4.93
C ALA T 30 -66.38 6.76 -6.18
N LEU T 31 -65.40 6.84 -7.09
CA LEU T 31 -65.45 6.02 -8.30
C LEU T 31 -65.25 4.55 -7.98
N ALA T 32 -64.47 4.23 -6.94
CA ALA T 32 -64.21 2.85 -6.60
C ALA T 32 -65.29 2.22 -5.73
N GLN T 33 -66.18 3.02 -5.14
CA GLN T 33 -67.20 2.44 -4.27
C GLN T 33 -68.23 1.71 -5.10
N GLY T 34 -68.65 0.54 -4.64
CA GLY T 34 -69.58 -0.28 -5.39
C GLY T 34 -68.97 -1.02 -6.55
N THR T 35 -67.64 -1.10 -6.62
CA THR T 35 -66.95 -1.89 -7.63
C THR T 35 -66.44 -3.23 -7.10
N GLY T 36 -66.30 -3.36 -5.78
CA GLY T 36 -65.75 -4.56 -5.19
C GLY T 36 -64.24 -4.64 -5.20
N LEU T 37 -63.55 -3.68 -5.82
CA LEU T 37 -62.10 -3.69 -5.92
C LEU T 37 -61.50 -2.65 -4.99
N SER T 38 -60.20 -2.80 -4.74
CA SER T 38 -59.50 -1.90 -3.83
C SER T 38 -59.24 -0.56 -4.49
N LEU T 39 -59.04 0.46 -3.65
CA LEU T 39 -58.83 1.83 -4.15
C LEU T 39 -57.63 1.90 -5.09
N ALA T 40 -56.52 1.27 -4.71
CA ALA T 40 -55.31 1.36 -5.52
C ALA T 40 -55.50 0.73 -6.89
N PHE T 41 -56.27 -0.37 -6.96
CA PHE T 41 -56.46 -1.05 -8.24
C PHE T 41 -57.31 -0.21 -9.21
N VAL T 42 -58.46 0.28 -8.75
CA VAL T 42 -59.36 1.00 -9.64
C VAL T 42 -58.69 2.29 -10.14
N THR T 43 -57.98 2.97 -9.24
CA THR T 43 -57.28 4.19 -9.64
C THR T 43 -56.22 3.90 -10.69
N ALA T 44 -55.46 2.81 -10.50
CA ALA T 44 -54.47 2.44 -11.51
C ALA T 44 -55.11 2.13 -12.85
N ALA T 45 -56.27 1.43 -12.83
CA ALA T 45 -56.94 1.11 -14.08
C ALA T 45 -57.44 2.36 -14.80
N LEU T 46 -57.98 3.32 -14.06
CA LEU T 46 -58.42 4.57 -14.67
C LEU T 46 -57.25 5.33 -15.27
N LEU T 47 -56.07 5.24 -14.67
CA LEU T 47 -54.87 5.86 -15.18
C LEU T 47 -54.16 5.02 -16.24
N GLY T 48 -54.85 4.02 -16.79
CA GLY T 48 -54.34 3.27 -17.92
C GLY T 48 -53.33 2.19 -17.58
N GLN T 49 -53.32 1.71 -16.34
CA GLN T 49 -52.33 0.73 -15.91
C GLN T 49 -52.94 -0.63 -15.61
N HIS T 50 -54.26 -0.76 -15.73
CA HIS T 50 -54.93 -2.03 -15.45
C HIS T 50 -56.19 -2.11 -16.30
N ALA T 51 -56.69 -3.33 -16.47
CA ALA T 51 -57.94 -3.58 -17.15
C ALA T 51 -59.04 -3.79 -16.12
N LEU T 52 -60.16 -3.11 -16.31
CA LEU T 52 -61.27 -3.31 -15.37
C LEU T 52 -62.19 -4.41 -15.87
N PRO T 53 -62.67 -5.27 -14.97
CA PRO T 53 -63.75 -6.19 -15.34
C PRO T 53 -65.00 -5.43 -15.75
N GLU T 54 -65.77 -6.06 -16.65
CA GLU T 54 -66.91 -5.41 -17.27
C GLU T 54 -67.93 -4.83 -16.28
N PRO T 55 -68.30 -5.48 -15.18
CA PRO T 55 -69.18 -4.79 -14.21
C PRO T 55 -68.57 -3.52 -13.63
N ALA T 56 -67.29 -3.56 -13.24
CA ALA T 56 -66.67 -2.35 -12.68
C ALA T 56 -66.55 -1.26 -13.74
N ALA T 57 -66.27 -1.64 -14.99
CA ALA T 57 -66.14 -0.65 -16.06
C ALA T 57 -67.43 0.11 -16.29
N ARG T 58 -68.58 -0.57 -16.22
CA ARG T 58 -69.85 0.12 -16.43
C ARG T 58 -70.31 0.92 -15.21
N THR T 59 -70.01 0.48 -13.99
CA THR T 59 -70.34 1.33 -12.85
C THR T 59 -69.54 2.63 -12.91
N VAL T 60 -68.28 2.55 -13.35
CA VAL T 60 -67.46 3.74 -13.49
C VAL T 60 -67.93 4.55 -14.68
N ALA T 61 -68.36 3.88 -15.75
CA ALA T 61 -68.85 4.59 -16.92
C ALA T 61 -70.18 5.28 -16.63
N ALA T 62 -71.01 4.71 -15.76
CA ALA T 62 -72.27 5.36 -15.40
C ALA T 62 -72.02 6.62 -14.58
N LYS T 63 -71.09 6.55 -13.62
CA LYS T 63 -70.81 7.72 -12.79
C LYS T 63 -70.17 8.85 -13.59
N LEU T 64 -69.31 8.51 -14.55
CA LEU T 64 -68.64 9.50 -15.36
C LEU T 64 -69.32 9.77 -16.69
N GLY T 65 -70.33 8.98 -17.06
CA GLY T 65 -71.03 9.19 -18.32
C GLY T 65 -70.13 8.96 -19.52
N LEU T 66 -69.47 7.81 -19.58
CA LEU T 66 -68.53 7.54 -20.65
C LEU T 66 -69.25 6.76 -21.75
N ASP T 67 -68.78 6.93 -22.99
CA ASP T 67 -69.41 6.23 -24.10
C ASP T 67 -69.05 4.76 -24.06
N GLU T 68 -69.54 4.01 -25.03
CA GLU T 68 -69.28 2.57 -25.04
C GLU T 68 -67.88 2.25 -25.56
N GLU T 69 -67.26 3.17 -26.31
CA GLU T 69 -65.86 2.98 -26.70
C GLU T 69 -64.94 3.10 -25.49
N ALA T 70 -65.25 4.02 -24.57
CA ALA T 70 -64.47 4.13 -23.34
C ALA T 70 -64.62 2.89 -22.48
N VAL T 71 -65.81 2.28 -22.47
CA VAL T 71 -66.03 1.07 -21.68
C VAL T 71 -65.22 -0.09 -22.25
N LEU T 72 -65.04 -0.13 -23.58
CA LEU T 72 -64.24 -1.20 -24.17
C LEU T 72 -62.76 -1.03 -23.86
N LEU T 73 -62.24 0.20 -23.91
CA LEU T 73 -60.83 0.42 -23.61
C LEU T 73 -60.51 0.18 -22.15
N LEU T 74 -61.48 0.40 -21.25
CA LEU T 74 -61.23 0.14 -19.84
C LEU T 74 -61.08 -1.34 -19.54
N GLN T 75 -61.57 -2.21 -20.42
CA GLN T 75 -61.48 -3.64 -20.22
C GLN T 75 -60.29 -4.27 -20.93
N THR T 76 -59.56 -3.51 -21.74
CA THR T 76 -58.43 -4.05 -22.47
C THR T 76 -57.17 -4.02 -21.62
N ILE T 77 -56.34 -5.03 -21.80
CA ILE T 77 -55.04 -5.11 -21.12
C ILE T 77 -54.14 -4.05 -21.73
N PRO T 78 -53.63 -3.11 -20.94
CA PRO T 78 -52.84 -2.00 -21.50
C PRO T 78 -51.36 -2.32 -21.59
N LEU T 79 -50.63 -1.41 -22.24
CA LEU T 79 -49.17 -1.42 -22.24
C LEU T 79 -48.74 -0.57 -21.06
N ARG T 80 -48.31 -1.24 -19.99
CA ARG T 80 -48.13 -0.57 -18.71
C ARG T 80 -46.87 0.30 -18.70
N GLY T 81 -46.88 1.27 -17.78
CA GLY T 81 -45.84 2.27 -17.68
C GLY T 81 -46.44 3.65 -17.48
N SER T 82 -46.39 4.15 -16.25
CA SER T 82 -47.01 5.42 -15.92
C SER T 82 -46.03 6.57 -15.81
N ILE T 83 -44.74 6.29 -15.65
CA ILE T 83 -43.73 7.35 -15.58
C ILE T 83 -43.01 7.43 -16.91
N PRO T 84 -43.29 8.45 -17.73
CA PRO T 84 -42.56 8.60 -19.00
C PRO T 84 -41.09 8.86 -18.76
N GLY T 85 -40.24 8.02 -19.34
CA GLY T 85 -38.81 8.14 -19.16
C GLY T 85 -38.24 7.33 -18.03
N GLY T 86 -39.06 6.65 -17.24
CA GLY T 86 -38.55 5.81 -16.18
C GLY T 86 -38.23 6.55 -14.90
N VAL T 87 -37.66 7.74 -15.01
CA VAL T 87 -37.30 8.55 -13.85
C VAL T 87 -38.23 9.75 -13.80
N PRO T 88 -38.98 9.95 -12.72
CA PRO T 88 -39.89 11.08 -12.65
C PRO T 88 -39.18 12.35 -12.21
N THR T 89 -39.80 13.48 -12.55
CA THR T 89 -39.37 14.78 -12.06
C THR T 89 -40.34 15.40 -11.09
N ASP T 90 -41.62 15.05 -11.15
CA ASP T 90 -42.59 15.57 -10.19
C ASP T 90 -42.17 15.14 -8.78
N PRO T 91 -42.12 16.08 -7.82
CA PRO T 91 -41.63 15.72 -6.48
C PRO T 91 -42.42 14.60 -5.82
N THR T 92 -43.74 14.58 -5.97
CA THR T 92 -44.55 13.57 -5.30
C THR T 92 -44.16 12.17 -5.73
N ILE T 93 -43.93 11.96 -7.03
CA ILE T 93 -43.54 10.64 -7.51
C ILE T 93 -42.07 10.38 -7.20
N TYR T 94 -41.22 11.41 -7.29
CA TYR T 94 -39.78 11.19 -7.14
C TYR T 94 -39.43 10.68 -5.75
N ARG T 95 -40.14 11.14 -4.72
CA ARG T 95 -39.84 10.69 -3.36
C ARG T 95 -39.87 9.17 -3.27
N PHE T 96 -40.82 8.54 -3.98
CA PHE T 96 -40.89 7.09 -4.06
C PHE T 96 -39.74 6.52 -4.88
N TYR T 97 -39.31 7.24 -5.91
CA TYR T 97 -38.11 6.85 -6.65
C TYR T 97 -36.87 6.98 -5.76
N GLU T 98 -36.82 8.03 -4.94
CA GLU T 98 -35.68 8.22 -4.05
C GLU T 98 -35.63 7.14 -2.97
N MET T 99 -36.79 6.75 -2.44
CA MET T 99 -36.84 5.62 -1.52
C MET T 99 -36.18 4.40 -2.13
N LEU T 100 -36.46 4.14 -3.41
CA LEU T 100 -35.81 3.04 -4.11
C LEU T 100 -34.31 3.26 -4.25
N GLN T 101 -33.88 4.52 -4.38
CA GLN T 101 -32.47 4.82 -4.55
C GLN T 101 -31.67 4.52 -3.28
N VAL T 102 -32.25 4.78 -2.11
CA VAL T 102 -31.53 4.58 -0.86
C VAL T 102 -31.65 3.14 -0.36
N TYR T 103 -32.85 2.56 -0.44
CA TYR T 103 -33.13 1.25 0.15
C TYR T 103 -33.19 0.13 -0.87
N GLY T 104 -32.75 0.38 -2.11
CA GLY T 104 -32.75 -0.68 -3.11
C GLY T 104 -31.84 -1.84 -2.73
N SER T 105 -30.58 -1.54 -2.40
CA SER T 105 -29.67 -2.57 -1.94
C SER T 105 -30.16 -3.24 -0.67
N THR T 106 -30.73 -2.44 0.25
CA THR T 106 -31.20 -2.98 1.52
C THR T 106 -32.34 -3.95 1.32
N LEU T 107 -33.26 -3.63 0.39
CA LEU T 107 -34.38 -4.53 0.11
C LEU T 107 -33.89 -5.86 -0.45
N LYS T 108 -32.93 -5.82 -1.38
CA LYS T 108 -32.39 -7.05 -1.93
C LYS T 108 -31.70 -7.89 -0.86
N ALA T 109 -30.88 -7.25 -0.01
CA ALA T 109 -30.18 -7.98 1.04
C ALA T 109 -31.16 -8.65 2.00
N LEU T 110 -32.17 -7.91 2.45
CA LEU T 110 -33.09 -8.45 3.44
C LEU T 110 -34.07 -9.45 2.85
N VAL T 111 -34.43 -9.30 1.57
CA VAL T 111 -35.29 -10.30 0.92
C VAL T 111 -34.56 -11.63 0.80
N HIS T 112 -33.28 -11.58 0.40
CA HIS T 112 -32.50 -12.81 0.31
C HIS T 112 -32.19 -13.39 1.69
N GLU T 113 -32.20 -12.56 2.74
CA GLU T 113 -31.95 -13.06 4.08
C GLU T 113 -33.20 -13.67 4.70
N GLN T 114 -34.33 -12.97 4.62
CA GLN T 114 -35.55 -13.46 5.25
C GLN T 114 -36.28 -14.49 4.41
N PHE T 115 -36.18 -14.40 3.08
CA PHE T 115 -36.90 -15.29 2.17
C PHE T 115 -35.98 -16.23 1.42
N GLY T 116 -34.92 -15.73 0.81
CA GLY T 116 -34.01 -16.54 0.05
C GLY T 116 -33.86 -15.98 -1.35
N ASP T 117 -33.20 -16.77 -2.20
CA ASP T 117 -32.96 -16.37 -3.58
C ASP T 117 -34.29 -16.30 -4.33
N GLY T 118 -34.54 -15.18 -4.97
CA GLY T 118 -35.78 -14.99 -5.67
C GLY T 118 -36.15 -13.52 -5.73
N ILE T 119 -37.45 -13.27 -5.87
CA ILE T 119 -37.98 -11.93 -6.00
C ILE T 119 -39.23 -11.80 -5.13
N ILE T 120 -39.62 -10.55 -4.89
CA ILE T 120 -40.93 -10.23 -4.34
C ILE T 120 -41.77 -9.73 -5.51
N SER T 121 -42.85 -10.42 -5.83
CA SER T 121 -43.54 -10.23 -7.09
C SER T 121 -44.16 -8.84 -7.20
N ALA T 122 -44.15 -8.30 -8.41
CA ALA T 122 -44.88 -7.08 -8.76
C ALA T 122 -46.16 -7.38 -9.51
N ILE T 123 -46.45 -8.65 -9.77
CA ILE T 123 -47.69 -9.07 -10.42
C ILE T 123 -48.67 -9.66 -9.41
N ASN T 124 -48.19 -10.58 -8.57
CA ASN T 124 -48.95 -11.08 -7.42
C ASN T 124 -48.73 -10.11 -6.26
N PHE T 125 -49.37 -8.96 -6.37
CA PHE T 125 -48.99 -7.80 -5.57
C PHE T 125 -50.24 -6.99 -5.23
N LYS T 126 -50.26 -6.46 -4.00
CA LYS T 126 -51.32 -5.58 -3.55
C LYS T 126 -50.70 -4.32 -2.96
N LEU T 127 -51.33 -3.19 -3.23
CA LEU T 127 -50.87 -1.89 -2.76
C LEU T 127 -51.97 -1.19 -1.98
N ASP T 128 -51.59 -0.52 -0.89
CA ASP T 128 -52.53 0.16 -0.03
C ASP T 128 -51.89 1.42 0.53
N ILE T 129 -52.64 2.53 0.51
CA ILE T 129 -52.22 3.78 1.13
C ILE T 129 -53.22 4.15 2.21
N LYS T 130 -52.71 4.44 3.40
CA LYS T 130 -53.53 4.75 4.57
C LYS T 130 -53.03 6.03 5.22
N LYS T 131 -53.97 6.90 5.59
CA LYS T 131 -53.66 8.15 6.25
C LYS T 131 -53.74 7.98 7.76
N VAL T 132 -52.64 8.31 8.45
CA VAL T 132 -52.57 8.20 9.90
C VAL T 132 -52.01 9.51 10.45
N ALA T 133 -52.27 9.73 11.74
CA ALA T 133 -51.84 10.94 12.42
C ALA T 133 -50.41 10.79 12.90
N ASP T 134 -49.64 11.82 12.73
CA ASP T 134 -48.27 11.82 13.22
C ASP T 134 -48.24 12.34 14.65
N PRO T 135 -47.57 11.66 15.59
CA PRO T 135 -47.53 12.16 16.98
C PRO T 135 -47.04 13.59 17.12
N ASP T 136 -46.25 14.11 16.15
CA ASP T 136 -45.77 15.49 16.16
C ASP T 136 -46.79 16.47 15.57
N GLY T 137 -48.05 16.07 15.47
CA GLY T 137 -49.07 16.88 14.81
C GLY T 137 -48.94 16.81 13.31
N GLY T 138 -50.05 16.69 12.60
CA GLY T 138 -49.99 16.51 11.16
C GLY T 138 -50.25 15.07 10.77
N GLU T 139 -50.02 14.79 9.49
CA GLU T 139 -50.38 13.49 8.93
C GLU T 139 -49.18 12.74 8.34
N ARG T 140 -49.38 11.44 8.19
CA ARG T 140 -48.40 10.53 7.61
C ARG T 140 -49.11 9.60 6.64
N ALA T 141 -48.37 9.12 5.66
CA ALA T 141 -48.86 8.12 4.73
C ALA T 141 -48.23 6.78 5.07
N VAL T 142 -49.05 5.75 5.09
CA VAL T 142 -48.61 4.37 5.35
C VAL T 142 -48.88 3.58 4.07
N ILE T 143 -47.92 3.56 3.17
CA ILE T 143 -48.01 2.80 1.93
C ILE T 143 -47.53 1.38 2.21
N THR T 144 -48.33 0.40 1.82
CA THR T 144 -48.04 -1.01 2.08
C THR T 144 -47.83 -1.74 0.77
N LEU T 145 -46.73 -2.47 0.68
CA LEU T 145 -46.42 -3.30 -0.49
C LEU T 145 -46.52 -4.75 -0.05
N ASP T 146 -47.49 -5.48 -0.60
CA ASP T 146 -47.73 -6.87 -0.24
C ASP T 146 -47.53 -7.71 -1.49
N GLY T 147 -46.35 -8.31 -1.62
CA GLY T 147 -46.00 -9.09 -2.79
C GLY T 147 -45.64 -10.52 -2.44
N LYS T 148 -46.00 -11.44 -3.33
CA LYS T 148 -45.66 -12.85 -3.13
C LYS T 148 -44.18 -13.09 -3.38
N TYR T 149 -43.59 -13.96 -2.57
CA TYR T 149 -42.20 -14.36 -2.75
C TYR T 149 -42.13 -15.49 -3.77
N LEU T 150 -41.42 -15.26 -4.87
CA LEU T 150 -41.15 -16.29 -5.85
C LEU T 150 -39.70 -16.73 -5.75
N PRO T 151 -39.41 -17.97 -5.38
CA PRO T 151 -38.01 -18.39 -5.22
C PRO T 151 -37.36 -18.72 -6.55
N THR T 152 -36.05 -18.48 -6.61
CA THR T 152 -35.24 -18.94 -7.74
C THR T 152 -34.65 -20.29 -7.37
N LYS T 153 -35.22 -21.34 -7.94
CA LYS T 153 -34.68 -22.67 -7.68
C LYS T 153 -34.04 -23.24 -8.94
N PRO T 154 -32.97 -24.01 -8.79
CA PRO T 154 -32.28 -24.58 -9.96
C PRO T 154 -33.17 -25.48 -10.79
N PHE T 155 -32.86 -25.55 -12.09
CA PHE T 155 -33.59 -26.43 -12.98
C PHE T 155 -32.64 -27.33 -13.76
CL CL U . 10.03 -1.44 40.17
CL CL V . 30.72 17.78 27.43
CL CL W . 48.59 1.29 7.45
CL CL X . 38.03 -27.71 7.36
CL CL Y . 17.44 -31.91 26.47
CL CL Z . 14.29 -29.68 27.83
CL CL AA . 48.46 4.47 10.03
CL CL BA . 41.69 -26.00 7.41
CL CL CA . 10.00 -5.31 40.79
CL CL DA . 28.93 17.07 30.83
CL CL EA . -21.61 32.84 -16.86
CL CL FA . -13.55 17.02 -42.66
CL CL GA . -25.94 -11.33 -40.19
CL CL HA . -15.14 13.90 -44.44
CL CL IA . -41.10 -12.96 -12.85
CL CL JA . -38.50 14.50 1.19
CL CL KA . -43.00 -10.14 -10.73
CL CL LA . -29.21 -13.02 -38.23
CL CL MA . -21.09 33.15 -21.11
CL CL NA . -38.14 18.38 0.21
#